data_6TV9
#
_entry.id   6TV9
#
_cell.length_a   101.197
_cell.length_b   149.443
_cell.length_c   110.174
_cell.angle_alpha   90.000
_cell.angle_beta   98.480
_cell.angle_gamma   90.000
#
_symmetry.space_group_name_H-M   'P 1 21 1'
#
loop_
_entity.id
_entity.type
_entity.pdbx_description
1 polymer 'Protein NirF,Protein NirF'
2 non-polymer 'HEME D'
3 water water
#
_entity_poly.entity_id   1
_entity_poly.type   'polypeptide(L)'
_entity_poly.pdbx_seq_one_letter_code
;HMMSQQPPLRGSGDLGVLIERADGSVQILDGTAKTSLARVEGLGDLSHASLVFSRDQRYAYVFGRDGGLTKLDLLAQRID
KRLIQGGNSIGGAISQDGRLVAVSNYEPGGVKVFDSRTLELVAEIPATRLPGQDRNSRVVGLVDAPGQRFVFSLFDSGEI
WIADFSQGDTPHLTRFRDIGKQPYDALISPDGRYYMAGLFGEDGMAQLDLWHPERGVRRVLGDYGRGQRKLPVYKMPHLE
GWTIASDQAFVPAVGHHQVLVLDARDWKQTDAIDVAGQPVFVMTRPDDRQIWVNFAYPDNDKVQVIDSETHEVIETLRPG
PGVLHMEFSGRGDQVWISVRDADQLQVWDPYRLKRIGSLPARSPSGIFFSHRAQHIGL
;
_entity_poly.pdbx_strand_id   A,B,C,D,E,F,G,H
#
loop_
_chem_comp.id
_chem_comp.type
_chem_comp.name
_chem_comp.formula
DHE non-polymer 'HEME D' 'C34 H32 Fe N4 O10'
#
# COMPACT_ATOMS: atom_id res chain seq x y z
N PRO A 7 -39.06 -1.37 9.39
CA PRO A 7 -39.91 -1.12 10.55
C PRO A 7 -41.32 -0.69 10.12
N PRO A 8 -42.26 -0.64 11.06
CA PRO A 8 -43.65 -0.31 10.70
C PRO A 8 -43.81 1.17 10.41
N LEU A 9 -45.00 1.52 9.93
CA LEU A 9 -45.31 2.91 9.61
C LEU A 9 -45.23 3.77 10.87
N ARG A 10 -44.78 5.00 10.70
CA ARG A 10 -44.70 5.93 11.81
C ARG A 10 -44.65 7.34 11.25
N GLY A 11 -45.12 8.30 12.07
CA GLY A 11 -45.02 9.68 11.67
C GLY A 11 -43.60 10.19 11.78
N SER A 12 -43.31 11.24 10.99
CA SER A 12 -42.00 11.87 11.01
C SER A 12 -41.98 13.14 11.85
N GLY A 13 -43.11 13.54 12.42
CA GLY A 13 -43.22 14.85 13.06
C GLY A 13 -42.51 14.95 14.39
N ASP A 14 -42.31 13.82 15.08
CA ASP A 14 -41.69 13.81 16.38
C ASP A 14 -40.38 13.07 16.41
N LEU A 15 -39.76 12.86 15.25
CA LEU A 15 -38.51 12.12 15.17
C LEU A 15 -37.33 13.07 15.35
N GLY A 16 -36.33 12.62 16.10
CA GLY A 16 -35.16 13.41 16.37
C GLY A 16 -33.91 12.61 16.13
N VAL A 17 -32.80 13.33 15.97
CA VAL A 17 -31.50 12.72 15.70
C VAL A 17 -30.52 13.22 16.75
N LEU A 18 -29.87 12.31 17.45
CA LEU A 18 -28.91 12.60 18.49
C LEU A 18 -27.53 12.18 18.02
N ILE A 19 -26.60 13.13 18.01
CA ILE A 19 -25.21 12.85 17.65
C ILE A 19 -24.53 12.17 18.84
N GLU A 20 -23.87 11.05 18.59
CA GLU A 20 -23.02 10.41 19.59
C GLU A 20 -21.58 10.75 19.24
N ARG A 21 -20.96 11.55 20.09
CA ARG A 21 -19.81 12.36 19.68
C ARG A 21 -18.55 11.54 19.44
N ALA A 22 -18.36 10.46 20.21
CA ALA A 22 -17.09 9.76 20.19
C ALA A 22 -17.05 8.53 19.30
N ASP A 23 -18.19 8.10 18.76
CA ASP A 23 -18.26 6.87 17.98
C ASP A 23 -18.79 7.06 16.56
N GLY A 24 -18.97 8.30 16.13
CA GLY A 24 -19.51 8.51 14.79
C GLY A 24 -20.83 7.80 14.56
N SER A 25 -21.70 7.80 15.56
CA SER A 25 -22.99 7.14 15.47
C SER A 25 -24.09 8.12 15.89
N VAL A 26 -25.33 7.77 15.55
CA VAL A 26 -26.49 8.57 15.92
C VAL A 26 -27.56 7.65 16.45
N GLN A 27 -28.46 8.23 17.24
CA GLN A 27 -29.66 7.55 17.68
C GLN A 27 -30.88 8.25 17.10
N ILE A 28 -31.79 7.49 16.55
CA ILE A 28 -33.06 8.01 16.05
C ILE A 28 -34.06 7.92 17.17
N LEU A 29 -34.72 9.04 17.48
CA LEU A 29 -35.54 9.19 18.67
C LEU A 29 -37.01 9.35 18.33
N ASP A 30 -37.87 8.79 19.17
CA ASP A 30 -39.31 9.00 19.11
C ASP A 30 -39.65 10.06 20.14
N GLY A 31 -39.98 11.27 19.68
CA GLY A 31 -40.21 12.38 20.58
C GLY A 31 -41.42 12.19 21.47
N THR A 32 -42.50 11.62 20.95
CA THR A 32 -43.72 11.43 21.73
C THR A 32 -43.52 10.37 22.80
N ALA A 33 -42.98 9.22 22.43
CA ALA A 33 -42.75 8.16 23.40
C ALA A 33 -41.54 8.41 24.27
N LYS A 34 -40.68 9.35 23.88
CA LYS A 34 -39.43 9.61 24.58
C LYS A 34 -38.57 8.35 24.64
N THR A 35 -38.43 7.69 23.50
CA THR A 35 -37.67 6.45 23.39
C THR A 35 -36.66 6.55 22.26
N SER A 36 -35.73 5.60 22.22
CA SER A 36 -34.74 5.49 21.17
C SER A 36 -35.21 4.41 20.20
N LEU A 37 -35.34 4.77 18.91
CA LEU A 37 -35.80 3.83 17.92
C LEU A 37 -34.67 2.96 17.40
N ALA A 38 -33.44 3.47 17.34
CA ALA A 38 -32.34 2.72 16.77
C ALA A 38 -31.08 3.53 16.90
N ARG A 39 -29.94 2.85 16.81
CA ARG A 39 -28.64 3.46 16.64
C ARG A 39 -28.12 3.12 15.26
N VAL A 40 -27.60 4.13 14.55
CA VAL A 40 -27.00 3.95 13.24
C VAL A 40 -25.52 4.31 13.36
N GLU A 41 -24.67 3.47 12.77
CA GLU A 41 -23.22 3.66 12.81
C GLU A 41 -22.71 4.02 11.43
N GLY A 42 -21.43 4.36 11.37
CA GLY A 42 -20.76 4.59 10.11
C GLY A 42 -20.73 6.02 9.62
N LEU A 43 -20.92 7.01 10.49
CA LEU A 43 -20.90 8.40 10.09
C LEU A 43 -19.55 9.06 10.33
N GLY A 44 -18.52 8.29 10.68
CA GLY A 44 -17.18 8.78 10.74
C GLY A 44 -16.89 9.71 11.91
N ASP A 45 -16.41 10.91 11.62
CA ASP A 45 -15.95 11.84 12.64
C ASP A 45 -17.09 12.83 12.92
N LEU A 46 -17.91 12.51 13.93
CA LEU A 46 -18.93 13.41 14.41
C LEU A 46 -18.50 14.10 15.69
N SER A 47 -17.18 14.31 15.87
CA SER A 47 -16.69 15.10 16.99
C SER A 47 -17.35 16.46 17.00
N HIS A 48 -17.52 17.06 15.83
CA HIS A 48 -18.32 18.28 15.66
C HIS A 48 -19.22 18.06 14.47
N ALA A 49 -20.55 18.19 14.68
CA ALA A 49 -21.49 17.84 13.63
C ALA A 49 -22.71 18.73 13.69
N SER A 50 -23.34 18.90 12.52
CA SER A 50 -24.60 19.63 12.38
C SER A 50 -25.47 18.86 11.40
N LEU A 51 -26.75 19.20 11.34
CA LEU A 51 -27.61 18.53 10.38
C LEU A 51 -28.83 19.38 10.06
N VAL A 52 -29.44 19.11 8.89
CA VAL A 52 -30.69 19.65 8.47
C VAL A 52 -31.58 18.52 8.06
N PHE A 53 -32.87 18.82 7.84
CA PHE A 53 -33.87 17.81 7.51
C PHE A 53 -34.49 18.07 6.14
N SER A 54 -34.86 16.98 5.45
CA SER A 54 -35.59 17.10 4.20
C SER A 54 -37.03 17.56 4.47
N ARG A 55 -37.65 18.14 3.43
CA ARG A 55 -38.92 18.83 3.61
C ARG A 55 -40.06 17.88 3.97
N ASP A 56 -39.92 16.57 3.71
CA ASP A 56 -40.88 15.59 4.19
C ASP A 56 -40.51 15.04 5.56
N GLN A 57 -39.37 15.45 6.12
CA GLN A 57 -38.91 15.08 7.46
C GLN A 57 -38.51 13.63 7.56
N ARG A 58 -38.31 12.95 6.44
CA ARG A 58 -37.86 11.57 6.47
C ARG A 58 -36.36 11.44 6.58
N TYR A 59 -35.60 12.37 6.00
CA TYR A 59 -34.16 12.28 5.98
C TYR A 59 -33.51 13.40 6.78
N ALA A 60 -32.38 13.09 7.37
CA ALA A 60 -31.48 14.05 7.95
C ALA A 60 -30.20 14.08 7.14
N TYR A 61 -29.69 15.27 6.88
CA TYR A 61 -28.41 15.45 6.19
C TYR A 61 -27.40 15.83 7.25
N VAL A 62 -26.53 14.89 7.59
CA VAL A 62 -25.58 15.05 8.69
C VAL A 62 -24.24 15.54 8.14
N PHE A 63 -23.75 16.64 8.69
CA PHE A 63 -22.47 17.23 8.29
C PHE A 63 -21.44 16.97 9.38
N GLY A 64 -20.38 16.24 9.05
CA GLY A 64 -19.35 15.90 10.01
C GLY A 64 -18.06 16.67 9.82
N ARG A 65 -17.19 16.67 10.82
CA ARG A 65 -15.93 17.38 10.70
C ARG A 65 -14.92 16.66 9.81
N ASP A 66 -15.19 15.41 9.43
CA ASP A 66 -14.39 14.72 8.42
C ASP A 66 -14.80 15.08 6.99
N GLY A 67 -15.63 16.12 6.82
CA GLY A 67 -16.15 16.44 5.52
C GLY A 67 -17.22 15.49 5.03
N GLY A 68 -17.70 14.61 5.89
CA GLY A 68 -18.71 13.64 5.47
C GLY A 68 -20.12 14.24 5.44
N LEU A 69 -20.87 13.86 4.43
CA LEU A 69 -22.27 14.24 4.27
C LEU A 69 -23.08 12.96 4.20
N THR A 70 -23.86 12.69 5.22
CA THR A 70 -24.62 11.46 5.35
C THR A 70 -26.09 11.77 5.20
N LYS A 71 -26.70 11.28 4.12
CA LYS A 71 -28.17 11.33 3.96
C LYS A 71 -28.75 10.17 4.76
N LEU A 72 -29.35 10.48 5.91
CA LEU A 72 -29.77 9.48 6.85
C LEU A 72 -31.27 9.25 6.76
N ASP A 73 -31.67 8.02 6.47
CA ASP A 73 -33.09 7.67 6.34
C ASP A 73 -33.63 7.38 7.73
N LEU A 74 -34.48 8.28 8.25
CA LEU A 74 -34.94 8.19 9.61
C LEU A 74 -35.98 7.08 9.77
N LEU A 75 -36.74 6.78 8.74
CA LEU A 75 -37.81 5.79 8.85
C LEU A 75 -37.31 4.37 8.61
N ALA A 76 -36.36 4.19 7.70
CA ALA A 76 -35.71 2.90 7.52
C ALA A 76 -34.53 2.70 8.46
N GLN A 77 -34.11 3.75 9.17
CA GLN A 77 -33.07 3.65 10.22
C GLN A 77 -31.75 3.19 9.63
N ARG A 78 -31.32 3.84 8.56
CA ARG A 78 -30.14 3.41 7.84
C ARG A 78 -29.53 4.60 7.10
N ILE A 79 -28.24 4.47 6.77
CA ILE A 79 -27.59 5.42 5.87
C ILE A 79 -28.15 5.17 4.46
N ASP A 80 -28.88 6.14 3.92
CA ASP A 80 -29.36 6.03 2.56
C ASP A 80 -28.23 6.24 1.57
N LYS A 81 -27.51 7.36 1.70
CA LYS A 81 -26.36 7.65 0.84
C LYS A 81 -25.37 8.47 1.64
N ARG A 82 -24.09 8.39 1.27
CA ARG A 82 -23.06 9.08 2.02
C ARG A 82 -21.86 9.36 1.14
N LEU A 83 -21.30 10.56 1.29
CA LEU A 83 -20.06 10.95 0.65
C LEU A 83 -19.15 11.58 1.68
N ILE A 84 -17.84 11.60 1.38
CA ILE A 84 -16.86 12.22 2.25
C ILE A 84 -15.95 13.07 1.38
N GLN A 85 -15.81 14.35 1.73
CA GLN A 85 -14.97 15.29 1.00
C GLN A 85 -14.14 16.06 2.01
N GLY A 86 -12.88 15.66 2.19
CA GLY A 86 -11.98 16.41 3.02
C GLY A 86 -12.06 17.88 2.70
N GLY A 87 -11.98 18.73 3.71
CA GLY A 87 -12.09 20.15 3.50
C GLY A 87 -13.50 20.69 3.52
N ASN A 88 -14.51 19.81 3.70
CA ASN A 88 -15.89 20.25 3.89
C ASN A 88 -16.11 20.56 5.36
N SER A 89 -16.67 21.74 5.64
CA SER A 89 -16.99 22.16 6.99
CA SER A 89 -16.98 22.12 7.01
C SER A 89 -18.41 21.70 7.35
N ILE A 90 -18.83 21.97 8.57
CA ILE A 90 -20.19 21.65 9.01
C ILE A 90 -21.04 22.91 8.91
N GLY A 91 -22.30 22.81 9.35
CA GLY A 91 -23.20 23.95 9.26
C GLY A 91 -23.85 24.15 7.91
N GLY A 92 -24.03 23.06 7.14
CA GLY A 92 -24.67 23.16 5.86
C GLY A 92 -26.13 23.53 5.97
N ALA A 93 -26.75 23.75 4.81
CA ALA A 93 -28.11 24.25 4.73
C ALA A 93 -28.86 23.56 3.60
N ILE A 94 -30.20 23.60 3.68
CA ILE A 94 -31.07 23.02 2.67
C ILE A 94 -31.93 24.13 2.07
N SER A 95 -32.23 23.98 0.78
CA SER A 95 -32.86 25.04 0.02
C SER A 95 -34.36 25.14 0.38
N GLN A 96 -34.97 26.24 -0.09
CA GLN A 96 -36.37 26.52 0.25
C GLN A 96 -37.28 25.43 -0.27
N ASP A 97 -37.05 24.97 -1.49
CA ASP A 97 -37.85 23.88 -2.09
C ASP A 97 -37.32 22.50 -1.74
N GLY A 98 -36.27 22.40 -0.92
CA GLY A 98 -35.79 21.13 -0.41
C GLY A 98 -34.97 20.33 -1.39
N ARG A 99 -34.68 20.85 -2.58
CA ARG A 99 -34.01 20.09 -3.62
C ARG A 99 -32.48 20.22 -3.59
N LEU A 100 -31.92 21.19 -2.85
CA LEU A 100 -30.51 21.45 -2.84
C LEU A 100 -29.96 21.51 -1.41
N VAL A 101 -28.82 20.88 -1.20
CA VAL A 101 -28.09 20.89 0.05
C VAL A 101 -26.75 21.55 -0.20
N ALA A 102 -26.48 22.64 0.52
CA ALA A 102 -25.24 23.39 0.36
C ALA A 102 -24.33 23.16 1.57
N VAL A 103 -23.02 23.04 1.29
CA VAL A 103 -22.04 22.79 2.32
C VAL A 103 -20.84 23.69 2.07
N SER A 104 -20.28 24.25 3.15
CA SER A 104 -19.08 25.07 3.06
C SER A 104 -17.84 24.19 2.97
N ASN A 105 -16.74 24.80 2.51
CA ASN A 105 -15.45 24.15 2.50
C ASN A 105 -14.36 25.21 2.67
N TYR A 106 -13.30 24.86 3.40
CA TYR A 106 -12.16 25.74 3.55
C TYR A 106 -11.02 25.41 2.59
N GLU A 107 -10.97 24.19 2.13
CA GLU A 107 -9.99 23.73 1.12
C GLU A 107 -10.79 23.25 -0.09
N PRO A 108 -10.71 23.90 -1.26
CA PRO A 108 -9.99 25.12 -1.62
C PRO A 108 -10.52 26.37 -0.94
N GLY A 109 -11.79 26.33 -0.55
CA GLY A 109 -12.48 27.49 -0.02
C GLY A 109 -13.64 27.89 -0.90
N GLY A 110 -14.86 27.69 -0.43
CA GLY A 110 -16.02 28.04 -1.23
C GLY A 110 -17.26 27.31 -0.73
N VAL A 111 -18.17 27.04 -1.66
CA VAL A 111 -19.45 26.38 -1.36
C VAL A 111 -19.72 25.35 -2.44
N LYS A 112 -20.17 24.17 -2.03
CA LYS A 112 -20.61 23.11 -2.95
C LYS A 112 -22.08 22.83 -2.67
N VAL A 113 -22.88 22.73 -3.72
CA VAL A 113 -24.32 22.45 -3.61
C VAL A 113 -24.57 21.08 -4.23
N PHE A 114 -25.30 20.23 -3.51
CA PHE A 114 -25.58 18.88 -3.92
C PHE A 114 -27.07 18.62 -4.07
N ASP A 115 -27.42 17.68 -4.93
CA ASP A 115 -28.78 17.20 -5.04
C ASP A 115 -29.19 16.54 -3.74
N SER A 116 -30.34 16.92 -3.18
CA SER A 116 -30.77 16.37 -1.90
C SER A 116 -31.19 14.91 -2.02
N ARG A 117 -31.56 14.46 -3.18
CA ARG A 117 -32.01 13.08 -3.39
C ARG A 117 -30.86 12.14 -3.64
N THR A 118 -29.93 12.51 -4.50
CA THR A 118 -28.85 11.65 -4.92
C THR A 118 -27.48 12.05 -4.38
N LEU A 119 -27.38 13.23 -3.74
CA LEU A 119 -26.13 13.74 -3.22
C LEU A 119 -25.08 13.86 -4.33
N GLU A 120 -25.52 14.05 -5.57
CA GLU A 120 -24.63 14.32 -6.67
C GLU A 120 -24.34 15.81 -6.74
N LEU A 121 -23.10 16.15 -7.05
CA LEU A 121 -22.70 17.55 -7.09
C LEU A 121 -23.48 18.29 -8.17
N VAL A 122 -24.04 19.45 -7.78
CA VAL A 122 -24.86 20.25 -8.68
C VAL A 122 -24.15 21.52 -9.11
N ALA A 123 -23.45 22.20 -8.19
CA ALA A 123 -22.71 23.41 -8.52
C ALA A 123 -21.61 23.59 -7.51
N GLU A 124 -20.51 24.19 -7.97
CA GLU A 124 -19.39 24.57 -7.12
C GLU A 124 -19.16 26.07 -7.25
N ILE A 125 -19.13 26.76 -6.11
CA ILE A 125 -18.91 28.21 -6.09
C ILE A 125 -17.59 28.49 -5.41
N PRO A 126 -16.50 28.69 -6.15
CA PRO A 126 -15.20 28.92 -5.50
C PRO A 126 -15.15 30.30 -4.84
N ALA A 127 -14.54 30.35 -3.67
CA ALA A 127 -14.42 31.60 -2.95
C ALA A 127 -13.35 32.49 -3.59
N THR A 128 -13.28 33.72 -3.11
CA THR A 128 -12.27 34.67 -3.58
C THR A 128 -10.87 34.16 -3.31
N ARG A 129 -10.01 34.30 -4.30
CA ARG A 129 -8.63 33.83 -4.19
C ARG A 129 -7.85 34.65 -3.17
N LEU A 130 -6.91 33.99 -2.50
CA LEU A 130 -6.02 34.64 -1.57
C LEU A 130 -4.62 34.74 -2.16
N PRO A 131 -3.88 35.79 -1.86
CA PRO A 131 -2.53 35.92 -2.42
C PRO A 131 -1.54 34.99 -1.74
N GLY A 132 -0.56 34.55 -2.52
CA GLY A 132 0.50 33.72 -1.98
C GLY A 132 0.07 32.36 -1.50
N GLN A 133 -1.15 31.95 -1.81
CA GLN A 133 -1.68 30.64 -1.42
C GLN A 133 -2.35 29.98 -2.61
N ASP A 134 -2.24 28.66 -2.68
CA ASP A 134 -3.03 27.87 -3.62
C ASP A 134 -4.41 27.57 -2.98
N ARG A 135 -5.09 28.65 -2.59
CA ARG A 135 -6.30 28.53 -1.81
C ARG A 135 -7.21 29.72 -2.09
N ASN A 136 -8.48 29.53 -1.74
CA ASN A 136 -9.48 30.59 -1.73
C ASN A 136 -9.75 31.02 -0.28
N SER A 137 -10.68 31.93 -0.11
CA SER A 137 -11.07 32.35 1.22
C SER A 137 -11.92 31.28 1.89
N ARG A 138 -11.72 31.13 3.19
CA ARG A 138 -12.58 30.29 4.01
C ARG A 138 -14.00 30.86 4.03
N VAL A 139 -14.99 29.98 4.07
CA VAL A 139 -16.40 30.37 4.04
C VAL A 139 -17.04 29.99 5.35
N VAL A 140 -17.76 30.96 5.96
CA VAL A 140 -18.49 30.74 7.19
C VAL A 140 -19.92 31.29 7.02
N GLY A 141 -20.76 31.04 8.02
CA GLY A 141 -22.08 31.64 8.06
C GLY A 141 -22.95 31.28 6.89
N LEU A 142 -22.89 30.03 6.43
CA LEU A 142 -23.76 29.57 5.35
C LEU A 142 -25.17 29.34 5.88
N VAL A 143 -26.16 29.94 5.20
CA VAL A 143 -27.55 29.81 5.55
C VAL A 143 -28.38 29.74 4.28
N ASP A 144 -29.56 29.16 4.40
CA ASP A 144 -30.58 29.24 3.36
C ASP A 144 -31.43 30.48 3.59
N ALA A 145 -32.12 30.92 2.54
CA ALA A 145 -32.88 32.15 2.59
C ALA A 145 -34.07 32.06 1.65
N PRO A 146 -35.12 32.85 1.90
CA PRO A 146 -36.25 32.89 0.98
C PRO A 146 -35.80 33.24 -0.41
N GLY A 147 -36.59 32.79 -1.41
CA GLY A 147 -36.27 33.04 -2.79
C GLY A 147 -35.25 32.12 -3.38
N GLN A 148 -35.14 30.91 -2.85
CA GLN A 148 -34.22 29.89 -3.38
C GLN A 148 -32.79 30.43 -3.41
N ARG A 149 -32.33 30.88 -2.25
CA ARG A 149 -31.00 31.47 -2.10
C ARG A 149 -30.23 30.75 -1.02
N PHE A 150 -28.89 30.79 -1.14
CA PHE A 150 -27.98 30.56 -0.04
C PHE A 150 -27.19 31.85 0.16
N VAL A 151 -26.84 32.15 1.42
CA VAL A 151 -26.03 33.34 1.76
C VAL A 151 -24.91 32.89 2.66
N PHE A 152 -23.73 33.49 2.48
CA PHE A 152 -22.54 33.04 3.22
C PHE A 152 -21.49 34.15 3.18
N SER A 153 -20.52 34.05 4.08
CA SER A 153 -19.49 35.05 4.24
C SER A 153 -18.11 34.46 4.01
N LEU A 154 -17.18 35.32 3.59
CA LEU A 154 -15.80 34.93 3.31
C LEU A 154 -14.92 35.51 4.40
N PHE A 155 -14.33 34.65 5.22
CA PHE A 155 -13.59 35.09 6.39
C PHE A 155 -12.33 35.84 5.98
N ASP A 156 -11.53 35.27 5.07
CA ASP A 156 -10.24 35.84 4.77
C ASP A 156 -10.38 37.12 3.95
N SER A 157 -11.36 37.18 3.06
CA SER A 157 -11.49 38.32 2.15
C SER A 157 -12.49 39.36 2.60
N GLY A 158 -13.37 39.03 3.55
CA GLY A 158 -14.31 39.99 4.09
C GLY A 158 -15.43 40.33 3.14
N GLU A 159 -16.27 39.34 2.82
CA GLU A 159 -17.33 39.53 1.84
C GLU A 159 -18.55 38.73 2.26
N ILE A 160 -19.71 39.20 1.82
CA ILE A 160 -20.98 38.46 1.93
C ILE A 160 -21.49 38.21 0.54
N TRP A 161 -21.77 36.96 0.22
CA TRP A 161 -22.26 36.57 -1.10
C TRP A 161 -23.67 36.00 -1.00
N ILE A 162 -24.46 36.23 -2.04
CA ILE A 162 -25.74 35.58 -2.24
C ILE A 162 -25.62 34.69 -3.47
N ALA A 163 -25.95 33.41 -3.32
CA ALA A 163 -26.05 32.48 -4.44
C ALA A 163 -27.54 32.21 -4.68
N ASP A 164 -28.05 32.73 -5.78
CA ASP A 164 -29.47 32.64 -6.12
C ASP A 164 -29.68 31.49 -7.10
N PHE A 165 -30.35 30.44 -6.64
CA PHE A 165 -30.64 29.27 -7.46
C PHE A 165 -32.07 29.27 -7.98
N SER A 166 -32.72 30.43 -8.04
CA SER A 166 -34.12 30.48 -8.48
C SER A 166 -34.27 29.95 -9.91
N GLN A 167 -33.28 30.19 -10.76
CA GLN A 167 -33.41 29.88 -12.20
C GLN A 167 -32.76 28.56 -12.58
N GLY A 168 -32.49 27.69 -11.60
CA GLY A 168 -31.99 26.35 -11.89
C GLY A 168 -30.63 26.11 -11.27
N ASP A 169 -29.86 25.23 -11.92
CA ASP A 169 -28.63 24.71 -11.34
C ASP A 169 -27.47 25.67 -11.40
N THR A 170 -27.48 26.64 -12.32
CA THR A 170 -26.41 27.61 -12.41
C THR A 170 -26.79 28.83 -11.59
N PRO A 171 -26.12 29.11 -10.47
CA PRO A 171 -26.58 30.20 -9.61
C PRO A 171 -26.15 31.57 -10.09
N HIS A 172 -26.92 32.57 -9.68
CA HIS A 172 -26.62 33.97 -9.95
C HIS A 172 -26.08 34.61 -8.68
N LEU A 173 -24.83 35.10 -8.74
CA LEU A 173 -24.12 35.57 -7.57
C LEU A 173 -24.27 37.09 -7.40
N THR A 174 -24.42 37.51 -6.15
CA THR A 174 -24.35 38.92 -5.77
C THR A 174 -23.29 39.02 -4.67
N ARG A 175 -22.21 39.72 -4.95
CA ARG A 175 -21.06 39.80 -4.07
C ARG A 175 -20.98 41.18 -3.44
N PHE A 176 -20.82 41.22 -2.11
CA PHE A 176 -20.66 42.47 -1.36
C PHE A 176 -19.27 42.48 -0.75
N ARG A 177 -18.42 43.39 -1.22
CA ARG A 177 -17.06 43.50 -0.71
CA ARG A 177 -17.07 43.48 -0.68
C ARG A 177 -17.02 44.51 0.45
N ASP A 178 -15.91 44.51 1.15
CA ASP A 178 -15.66 45.46 2.24
C ASP A 178 -16.83 45.52 3.22
N ILE A 179 -17.17 44.35 3.79
CA ILE A 179 -18.25 44.28 4.77
C ILE A 179 -17.74 44.28 6.20
N GLY A 180 -16.45 44.11 6.41
CA GLY A 180 -15.86 44.06 7.76
C GLY A 180 -14.77 43.01 7.78
N LYS A 181 -13.79 43.21 8.66
CA LYS A 181 -12.63 42.34 8.70
C LYS A 181 -13.00 41.00 9.35
N GLN A 182 -12.74 39.91 8.63
CA GLN A 182 -12.87 38.55 9.12
C GLN A 182 -14.21 38.28 9.78
N PRO A 183 -15.29 38.15 9.00
CA PRO A 183 -16.54 37.60 9.56
C PRO A 183 -16.35 36.13 9.90
N TYR A 184 -16.57 35.78 11.16
CA TYR A 184 -16.27 34.45 11.66
C TYR A 184 -17.48 33.53 11.62
N ASP A 185 -18.69 34.06 11.54
CA ASP A 185 -19.91 33.29 11.60
C ASP A 185 -21.05 34.21 11.16
N ALA A 186 -22.25 33.66 11.05
CA ALA A 186 -23.38 34.47 10.66
C ALA A 186 -24.67 33.73 11.00
N LEU A 187 -25.78 34.46 10.90
CA LEU A 187 -27.10 33.89 11.13
C LEU A 187 -28.10 34.60 10.23
N ILE A 188 -29.26 34.00 10.09
CA ILE A 188 -30.39 34.61 9.38
C ILE A 188 -31.53 34.81 10.37
N SER A 189 -32.16 35.98 10.31
CA SER A 189 -33.25 36.27 11.24
C SER A 189 -34.36 35.25 11.09
N PRO A 190 -35.19 35.07 12.12
CA PRO A 190 -36.27 34.08 12.04
C PRO A 190 -37.17 34.27 10.84
N ASP A 191 -37.50 35.52 10.49
CA ASP A 191 -38.36 35.77 9.35
C ASP A 191 -37.66 35.55 8.02
N GLY A 192 -36.34 35.36 8.03
CA GLY A 192 -35.61 35.16 6.80
C GLY A 192 -35.30 36.41 6.05
N ARG A 193 -35.42 37.58 6.68
CA ARG A 193 -35.19 38.84 5.98
C ARG A 193 -33.79 39.39 6.14
N TYR A 194 -33.20 39.24 7.32
CA TYR A 194 -31.93 39.88 7.63
C TYR A 194 -30.84 38.84 7.86
N TYR A 195 -29.72 39.03 7.20
CA TYR A 195 -28.53 38.20 7.34
C TYR A 195 -27.48 39.02 8.05
N MET A 196 -26.94 38.47 9.14
CA MET A 196 -25.99 39.18 10.00
C MET A 196 -24.79 38.29 10.26
N ALA A 197 -23.60 38.82 9.96
CA ALA A 197 -22.33 38.12 10.16
C ALA A 197 -21.55 38.83 11.25
N GLY A 198 -21.04 38.06 12.22
CA GLY A 198 -20.23 38.64 13.26
C GLY A 198 -18.80 38.83 12.80
N LEU A 199 -18.19 39.94 13.24
CA LEU A 199 -16.86 40.33 12.80
C LEU A 199 -15.83 40.00 13.89
N PHE A 200 -14.72 39.41 13.45
CA PHE A 200 -13.62 39.03 14.34
C PHE A 200 -12.45 40.02 14.28
N GLY A 201 -12.13 40.53 13.11
CA GLY A 201 -11.06 41.52 12.99
C GLY A 201 -11.47 42.92 13.39
N GLU A 202 -12.74 43.11 13.69
CA GLU A 202 -13.23 44.37 14.24
C GLU A 202 -14.59 44.06 14.90
N ASP A 203 -15.21 45.08 15.48
CA ASP A 203 -16.43 44.90 16.24
C ASP A 203 -17.65 45.25 15.40
N GLY A 204 -18.77 44.71 15.78
CA GLY A 204 -20.03 44.95 15.13
C GLY A 204 -20.48 43.77 14.28
N MET A 205 -21.66 43.93 13.68
CA MET A 205 -22.26 42.94 12.81
CA MET A 205 -22.28 42.94 12.81
C MET A 205 -22.46 43.54 11.43
N ALA A 206 -22.26 42.73 10.39
CA ALA A 206 -22.53 43.14 9.03
C ALA A 206 -23.97 42.69 8.73
N GLN A 207 -24.89 43.63 8.70
CA GLN A 207 -26.30 43.35 8.45
C GLN A 207 -26.62 43.53 6.98
N LEU A 208 -27.32 42.54 6.40
CA LEU A 208 -27.71 42.59 5.00
C LEU A 208 -29.22 42.37 4.92
N ASP A 209 -29.94 43.36 4.38
CA ASP A 209 -31.37 43.25 4.17
C ASP A 209 -31.62 42.51 2.85
N LEU A 210 -32.01 41.25 2.94
CA LEU A 210 -32.21 40.44 1.75
C LEU A 210 -33.42 40.89 0.94
N TRP A 211 -34.35 41.65 1.53
CA TRP A 211 -35.42 42.25 0.75
C TRP A 211 -34.90 43.36 -0.15
N HIS A 212 -33.79 44.00 0.23
CA HIS A 212 -33.23 45.13 -0.51
C HIS A 212 -31.73 45.01 -0.55
N PRO A 213 -31.21 44.00 -1.27
CA PRO A 213 -29.76 43.88 -1.38
C PRO A 213 -29.10 45.06 -2.03
N GLU A 214 -29.85 45.85 -2.81
CA GLU A 214 -29.29 47.00 -3.49
C GLU A 214 -28.84 48.07 -2.52
N ARG A 215 -29.37 48.08 -1.30
CA ARG A 215 -28.94 49.04 -0.30
C ARG A 215 -27.61 48.69 0.34
N GLY A 216 -27.04 47.52 0.04
CA GLY A 216 -25.75 47.15 0.55
C GLY A 216 -25.81 46.58 1.96
N VAL A 217 -24.68 46.65 2.63
CA VAL A 217 -24.49 46.06 3.95
C VAL A 217 -24.40 47.19 4.98
N ARG A 218 -24.93 46.92 6.17
CA ARG A 218 -25.06 47.89 7.24
C ARG A 218 -24.36 47.38 8.49
N ARG A 219 -23.59 48.26 9.13
CA ARG A 219 -22.95 47.95 10.41
C ARG A 219 -23.94 48.22 11.53
N VAL A 220 -24.10 47.26 12.45
CA VAL A 220 -25.01 47.37 13.58
C VAL A 220 -24.36 46.75 14.80
N LEU A 221 -24.87 47.12 15.96
CA LEU A 221 -24.36 46.58 17.23
C LEU A 221 -22.86 46.78 17.33
N GLY A 222 -22.43 48.04 17.18
CA GLY A 222 -21.02 48.37 17.03
C GLY A 222 -20.15 47.99 18.20
N ASP A 223 -20.72 47.84 19.39
CA ASP A 223 -19.93 47.56 20.59
C ASP A 223 -19.71 46.06 20.83
N TYR A 224 -20.36 45.19 20.06
CA TYR A 224 -20.33 43.77 20.32
C TYR A 224 -19.16 43.14 19.56
N GLY A 225 -18.30 42.46 20.28
CA GLY A 225 -17.13 41.83 19.70
C GLY A 225 -16.04 41.68 20.75
N ARG A 226 -14.87 41.27 20.28
CA ARG A 226 -13.74 41.10 21.16
C ARG A 226 -13.06 42.42 21.53
N GLY A 227 -13.45 43.52 20.89
CA GLY A 227 -12.82 44.79 21.17
C GLY A 227 -11.33 44.73 20.88
N GLN A 228 -10.54 45.26 21.81
CA GLN A 228 -9.08 45.20 21.69
C GLN A 228 -8.50 43.94 22.33
N ARG A 229 -9.34 43.10 22.92
CA ARG A 229 -8.87 41.83 23.47
C ARG A 229 -8.40 40.91 22.34
N LYS A 230 -7.29 40.22 22.59
CA LYS A 230 -6.69 39.35 21.59
C LYS A 230 -7.18 37.92 21.74
N LEU A 231 -8.51 37.74 21.83
CA LEU A 231 -9.07 36.40 21.93
C LEU A 231 -8.95 35.68 20.60
N PRO A 232 -8.62 34.38 20.61
CA PRO A 232 -8.58 33.64 19.34
C PRO A 232 -9.97 33.44 18.77
N VAL A 233 -10.03 33.26 17.45
CA VAL A 233 -11.30 33.26 16.75
C VAL A 233 -12.21 32.14 17.22
N TYR A 234 -11.65 31.08 17.81
CA TYR A 234 -12.50 29.99 18.27
C TYR A 234 -13.11 30.24 19.64
N LYS A 235 -12.85 31.40 20.25
CA LYS A 235 -13.55 31.82 21.45
C LYS A 235 -14.60 32.88 21.16
N MET A 236 -14.91 33.10 19.88
CA MET A 236 -16.04 33.94 19.51
C MET A 236 -17.34 33.11 19.62
N PRO A 237 -18.46 33.77 19.86
CA PRO A 237 -19.69 33.02 20.09
C PRO A 237 -20.15 32.22 18.89
N HIS A 238 -20.86 31.13 19.17
CA HIS A 238 -21.71 30.49 18.19
C HIS A 238 -22.90 31.43 17.91
N LEU A 239 -23.04 31.88 16.67
CA LEU A 239 -24.19 32.73 16.32
C LEU A 239 -25.49 31.91 16.19
N GLU A 240 -25.40 30.58 16.10
CA GLU A 240 -26.55 29.75 16.36
C GLU A 240 -26.94 29.78 17.83
N GLY A 241 -26.04 30.23 18.70
CA GLY A 241 -26.35 30.49 20.08
C GLY A 241 -27.11 31.77 20.34
N TRP A 242 -27.36 32.56 19.32
CA TRP A 242 -28.29 33.66 19.42
C TRP A 242 -29.73 33.15 19.37
N THR A 243 -30.61 33.87 20.02
CA THR A 243 -32.06 33.67 19.86
C THR A 243 -32.69 35.05 19.72
N ILE A 244 -33.43 35.25 18.62
CA ILE A 244 -34.00 36.55 18.27
C ILE A 244 -35.50 36.45 18.39
N ALA A 245 -36.11 37.44 19.04
CA ALA A 245 -37.56 37.52 19.21
C ALA A 245 -38.09 38.76 18.46
N SER A 246 -39.34 39.10 18.73
CA SER A 246 -39.95 40.23 18.04
C SER A 246 -39.28 41.54 18.43
N ASP A 247 -39.24 41.83 19.73
CA ASP A 247 -38.65 43.07 20.22
C ASP A 247 -37.24 42.91 20.77
N GLN A 248 -36.89 41.72 21.27
CA GLN A 248 -35.61 41.52 21.92
C GLN A 248 -34.85 40.34 21.32
N ALA A 249 -33.54 40.35 21.52
CA ALA A 249 -32.69 39.22 21.25
C ALA A 249 -31.88 38.91 22.50
N PHE A 250 -31.72 37.64 22.81
CA PHE A 250 -30.92 37.18 23.93
C PHE A 250 -29.70 36.46 23.36
N VAL A 251 -28.51 36.96 23.69
CA VAL A 251 -27.30 36.51 22.99
C VAL A 251 -26.16 36.35 24.00
N PRO A 252 -25.22 35.47 23.72
CA PRO A 252 -24.07 35.32 24.57
C PRO A 252 -23.10 36.49 24.44
N ALA A 253 -22.57 36.93 25.57
CA ALA A 253 -21.53 37.93 25.56
C ALA A 253 -20.23 37.35 25.02
N VAL A 254 -19.37 38.23 24.52
CA VAL A 254 -18.05 37.83 23.99
C VAL A 254 -17.09 37.88 25.16
N GLY A 255 -16.75 36.71 25.72
CA GLY A 255 -15.75 36.63 26.77
C GLY A 255 -16.17 37.17 28.09
N HIS A 256 -17.47 37.22 28.38
CA HIS A 256 -17.96 37.64 29.68
C HIS A 256 -19.07 36.67 30.10
N HIS A 257 -19.29 36.59 31.41
CA HIS A 257 -20.28 35.70 31.99
C HIS A 257 -21.64 36.39 32.04
N GLN A 258 -22.10 36.82 30.85
CA GLN A 258 -23.31 37.61 30.71
C GLN A 258 -24.12 37.13 29.53
N VAL A 259 -25.45 37.14 29.67
CA VAL A 259 -26.37 37.04 28.56
C VAL A 259 -26.88 38.45 28.26
N LEU A 260 -26.60 38.96 27.07
CA LEU A 260 -27.01 40.30 26.67
C LEU A 260 -28.42 40.29 26.13
N VAL A 261 -29.20 41.32 26.50
CA VAL A 261 -30.52 41.55 25.94
C VAL A 261 -30.41 42.72 24.99
N LEU A 262 -30.81 42.51 23.73
CA LEU A 262 -30.66 43.49 22.68
C LEU A 262 -32.03 43.96 22.21
N ASP A 263 -32.15 45.24 21.90
CA ASP A 263 -33.30 45.76 21.19
C ASP A 263 -33.17 45.35 19.73
N ALA A 264 -34.07 44.48 19.26
CA ALA A 264 -33.93 43.89 17.94
C ALA A 264 -34.32 44.83 16.82
N ARG A 265 -34.96 45.96 17.11
CA ARG A 265 -35.32 46.93 16.08
C ARG A 265 -34.19 47.88 15.79
N ASP A 266 -33.48 48.34 16.83
CA ASP A 266 -32.34 49.23 16.66
C ASP A 266 -31.00 48.52 16.79
N TRP A 267 -31.01 47.27 17.23
CA TRP A 267 -29.80 46.48 17.43
C TRP A 267 -28.80 47.22 18.32
N LYS A 268 -29.21 47.36 19.57
CA LYS A 268 -28.40 47.95 20.62
C LYS A 268 -28.68 47.21 21.92
N GLN A 269 -27.65 47.00 22.73
CA GLN A 269 -27.82 46.33 24.00
C GLN A 269 -28.57 47.23 24.97
N THR A 270 -29.58 46.66 25.66
CA THR A 270 -30.32 47.35 26.69
C THR A 270 -30.15 46.73 28.07
N ASP A 271 -29.61 45.51 28.17
CA ASP A 271 -29.42 44.86 29.47
C ASP A 271 -28.32 43.83 29.34
N ALA A 272 -27.82 43.40 30.49
CA ALA A 272 -26.79 42.36 30.57
C ALA A 272 -27.06 41.53 31.81
N ILE A 273 -27.42 40.28 31.62
CA ILE A 273 -27.83 39.41 32.73
C ILE A 273 -26.64 38.59 33.18
N ASP A 274 -26.26 38.73 34.44
CA ASP A 274 -25.17 37.93 35.00
C ASP A 274 -25.59 36.47 35.07
N VAL A 275 -24.73 35.59 34.57
CA VAL A 275 -25.02 34.16 34.49
C VAL A 275 -23.83 33.38 35.04
N ALA A 276 -24.06 32.10 35.30
CA ALA A 276 -23.12 31.25 36.04
C ALA A 276 -21.95 30.77 35.19
N GLY A 277 -21.63 31.43 34.08
CA GLY A 277 -20.52 31.02 33.25
C GLY A 277 -20.54 31.73 31.92
N GLN A 278 -19.58 31.37 31.09
CA GLN A 278 -19.54 31.88 29.73
C GLN A 278 -20.63 31.21 28.94
N PRO A 279 -21.70 31.92 28.54
CA PRO A 279 -22.77 31.24 27.81
C PRO A 279 -22.33 30.85 26.41
N VAL A 280 -22.82 29.70 25.96
CA VAL A 280 -22.61 29.23 24.59
C VAL A 280 -23.87 29.38 23.78
N PHE A 281 -24.93 28.65 24.13
CA PHE A 281 -26.20 28.71 23.43
C PHE A 281 -27.22 29.39 24.30
N VAL A 282 -27.82 30.47 23.79
CA VAL A 282 -28.94 31.14 24.43
C VAL A 282 -30.16 30.88 23.56
N MET A 283 -31.12 30.12 24.05
N MET A 283 -31.10 30.11 24.07
CA MET A 283 -32.31 29.79 23.28
CA MET A 283 -32.30 29.72 23.34
C MET A 283 -33.55 30.02 24.10
C MET A 283 -33.52 30.23 24.09
N THR A 284 -34.66 30.22 23.42
CA THR A 284 -35.93 30.62 24.00
C THR A 284 -36.90 29.48 23.96
N ARG A 285 -37.67 29.31 25.04
CA ARG A 285 -38.83 28.45 24.99
C ARG A 285 -39.70 28.91 23.82
N PRO A 286 -40.36 28.01 23.09
CA PRO A 286 -41.08 28.45 21.89
C PRO A 286 -42.13 29.51 22.17
N ASP A 287 -42.68 29.59 23.39
CA ASP A 287 -43.64 30.61 23.74
C ASP A 287 -42.99 31.91 24.16
N ASP A 288 -41.65 31.99 24.11
CA ASP A 288 -40.87 33.21 24.36
C ASP A 288 -40.90 33.67 25.81
N ARG A 289 -41.45 32.87 26.74
CA ARG A 289 -41.52 33.31 28.13
C ARG A 289 -40.21 33.13 28.86
N GLN A 290 -39.43 32.09 28.51
CA GLN A 290 -38.20 31.78 29.21
C GLN A 290 -37.03 31.75 28.23
N ILE A 291 -35.83 31.99 28.76
CA ILE A 291 -34.58 31.91 28.00
C ILE A 291 -33.73 30.85 28.67
N TRP A 292 -33.33 29.83 27.89
CA TRP A 292 -32.52 28.72 28.39
C TRP A 292 -31.08 28.91 27.92
N VAL A 293 -30.13 28.68 28.82
CA VAL A 293 -28.72 28.97 28.58
C VAL A 293 -27.89 27.80 29.04
N ASN A 294 -26.98 27.33 28.19
CA ASN A 294 -25.93 26.39 28.58
C ASN A 294 -24.59 27.10 28.56
N PHE A 295 -23.58 26.48 29.17
CA PHE A 295 -22.34 27.16 29.46
C PHE A 295 -21.14 26.35 28.97
N ALA A 296 -20.00 27.06 28.85
CA ALA A 296 -18.75 26.44 28.47
C ALA A 296 -17.98 25.98 29.69
N TYR A 297 -17.15 24.97 29.50
CA TYR A 297 -16.29 24.47 30.58
C TYR A 297 -15.61 25.64 31.26
N PRO A 298 -15.42 25.60 32.60
CA PRO A 298 -15.71 24.53 33.57
C PRO A 298 -17.09 24.57 34.18
N ASP A 299 -17.99 25.39 33.62
CA ASP A 299 -19.34 25.54 34.14
C ASP A 299 -20.38 24.78 33.33
N ASN A 300 -19.94 23.85 32.48
CA ASN A 300 -20.84 23.18 31.55
C ASN A 300 -21.57 22.02 32.22
N ASP A 301 -21.82 22.12 33.51
CA ASP A 301 -22.70 21.18 34.22
C ASP A 301 -24.03 21.80 34.60
N LYS A 302 -24.30 23.02 34.12
CA LYS A 302 -25.47 23.78 34.52
C LYS A 302 -26.26 24.23 33.30
N VAL A 303 -27.57 24.38 33.50
CA VAL A 303 -28.47 25.05 32.56
C VAL A 303 -29.30 26.03 33.37
N GLN A 304 -29.32 27.30 32.96
CA GLN A 304 -30.04 28.35 33.65
C GLN A 304 -31.25 28.77 32.84
N VAL A 305 -32.37 28.98 33.53
CA VAL A 305 -33.62 29.42 32.94
C VAL A 305 -33.85 30.86 33.37
N ILE A 306 -34.11 31.73 32.41
CA ILE A 306 -34.22 33.17 32.64
C ILE A 306 -35.61 33.64 32.20
N ASP A 307 -36.22 34.49 33.00
CA ASP A 307 -37.50 35.08 32.65
C ASP A 307 -37.28 36.14 31.59
N SER A 308 -37.96 35.99 30.45
CA SER A 308 -37.77 36.93 29.35
C SER A 308 -38.27 38.32 29.68
N GLU A 309 -39.15 38.46 30.67
CA GLU A 309 -39.72 39.74 31.05
C GLU A 309 -38.90 40.45 32.14
N THR A 310 -38.60 39.75 33.25
CA THR A 310 -37.85 40.34 34.32
C THR A 310 -36.34 40.26 34.14
N HIS A 311 -35.85 39.47 33.18
CA HIS A 311 -34.44 39.25 32.92
C HIS A 311 -33.72 38.58 34.06
N GLU A 312 -34.46 38.03 35.02
CA GLU A 312 -33.86 37.42 36.21
C GLU A 312 -33.77 35.92 36.07
N VAL A 313 -32.66 35.35 36.53
CA VAL A 313 -32.51 33.90 36.56
C VAL A 313 -33.52 33.33 37.53
N ILE A 314 -34.35 32.41 37.07
CA ILE A 314 -35.39 31.83 37.92
C ILE A 314 -35.07 30.42 38.39
N GLU A 315 -34.12 29.74 37.76
CA GLU A 315 -33.64 28.48 38.31
C GLU A 315 -32.34 28.09 37.63
N THR A 316 -31.48 27.42 38.37
CA THR A 316 -30.23 26.87 37.87
C THR A 316 -30.35 25.34 37.89
N LEU A 317 -30.45 24.73 36.72
CA LEU A 317 -30.55 23.28 36.61
C LEU A 317 -29.14 22.68 36.57
N ARG A 318 -29.04 21.45 37.07
CA ARG A 318 -27.78 20.69 37.06
C ARG A 318 -28.05 19.30 36.51
N PRO A 319 -28.26 19.19 35.20
CA PRO A 319 -28.51 17.86 34.61
C PRO A 319 -27.37 16.89 34.82
N GLY A 320 -26.13 17.38 34.83
CA GLY A 320 -24.98 16.53 34.96
C GLY A 320 -23.78 17.13 34.26
N PRO A 321 -22.66 16.40 34.24
CA PRO A 321 -21.45 16.94 33.62
C PRO A 321 -21.54 16.96 32.11
N GLY A 322 -21.06 18.04 31.52
CA GLY A 322 -20.92 18.13 30.09
C GLY A 322 -22.21 18.31 29.33
N VAL A 323 -22.99 19.32 29.69
CA VAL A 323 -24.23 19.64 28.98
C VAL A 323 -23.84 20.45 27.75
N LEU A 324 -24.03 19.87 26.56
CA LEU A 324 -23.55 20.46 25.31
C LEU A 324 -24.64 21.17 24.50
N HIS A 325 -25.85 20.61 24.44
CA HIS A 325 -26.85 21.14 23.52
C HIS A 325 -28.22 20.94 24.11
N MET A 326 -29.17 21.76 23.65
CA MET A 326 -30.57 21.74 24.08
C MET A 326 -31.45 21.93 22.86
N GLU A 327 -32.59 21.24 22.86
CA GLU A 327 -33.55 21.33 21.76
C GLU A 327 -34.96 21.22 22.32
N PHE A 328 -35.83 22.13 21.92
CA PHE A 328 -37.24 22.08 22.31
C PHE A 328 -38.06 21.31 21.28
N SER A 329 -39.26 20.90 21.71
CA SER A 329 -40.23 20.33 20.79
C SER A 329 -40.90 21.44 19.99
N GLY A 330 -41.65 21.06 18.95
CA GLY A 330 -42.29 22.04 18.12
C GLY A 330 -43.15 23.01 18.89
N ARG A 331 -44.01 22.49 19.77
CA ARG A 331 -44.94 23.32 20.54
C ARG A 331 -44.44 23.68 21.93
N GLY A 332 -43.35 23.08 22.38
CA GLY A 332 -42.72 23.51 23.62
C GLY A 332 -43.02 22.68 24.83
N ASP A 333 -43.75 21.57 24.69
CA ASP A 333 -44.04 20.72 25.85
C ASP A 333 -42.81 20.00 26.37
N GLN A 334 -41.73 19.95 25.59
CA GLN A 334 -40.51 19.25 25.98
C GLN A 334 -39.30 20.11 25.68
N VAL A 335 -38.26 19.94 26.48
CA VAL A 335 -36.91 20.42 26.16
C VAL A 335 -35.96 19.25 26.37
N TRP A 336 -35.11 18.98 25.38
CA TRP A 336 -34.20 17.86 25.40
C TRP A 336 -32.80 18.36 25.67
N ILE A 337 -32.13 17.75 26.65
CA ILE A 337 -30.83 18.22 27.13
C ILE A 337 -29.86 17.07 27.08
N SER A 338 -28.80 17.21 26.26
CA SER A 338 -27.76 16.19 26.15
C SER A 338 -26.73 16.41 27.23
N VAL A 339 -26.38 15.34 27.95
CA VAL A 339 -25.39 15.37 29.01
C VAL A 339 -24.29 14.42 28.58
N ARG A 340 -23.19 14.97 28.04
CA ARG A 340 -22.17 14.16 27.40
C ARG A 340 -21.52 13.20 28.39
N ASP A 341 -20.90 13.75 29.43
CA ASP A 341 -20.10 12.94 30.35
C ASP A 341 -20.94 12.15 31.35
N ALA A 342 -22.26 12.22 31.27
CA ALA A 342 -23.15 11.31 31.98
C ALA A 342 -23.71 10.23 31.07
N ASP A 343 -23.45 10.29 29.77
CA ASP A 343 -23.98 9.33 28.81
C ASP A 343 -25.50 9.25 28.92
N GLN A 344 -26.16 10.42 28.90
CA GLN A 344 -27.60 10.49 28.96
C GLN A 344 -28.10 11.54 27.99
N LEU A 345 -29.30 11.32 27.47
CA LEU A 345 -30.10 12.35 26.82
C LEU A 345 -31.34 12.52 27.67
N GLN A 346 -31.43 13.65 28.40
CA GLN A 346 -32.51 13.87 29.33
C GLN A 346 -33.63 14.67 28.67
N VAL A 347 -34.86 14.30 29.00
CA VAL A 347 -36.07 15.05 28.62
C VAL A 347 -36.57 15.78 29.84
N TRP A 348 -36.92 17.06 29.67
CA TRP A 348 -37.39 17.89 30.77
C TRP A 348 -38.71 18.56 30.39
N ASP A 349 -39.52 18.83 31.40
CA ASP A 349 -40.75 19.62 31.24
C ASP A 349 -40.36 21.07 31.42
N PRO A 350 -40.43 21.92 30.38
CA PRO A 350 -39.98 23.29 30.53
C PRO A 350 -40.93 24.17 31.34
N TYR A 351 -42.15 23.71 31.64
CA TYR A 351 -43.10 24.47 32.43
C TYR A 351 -43.06 24.08 33.90
N ARG A 352 -42.83 22.81 34.21
CA ARG A 352 -42.64 22.35 35.57
C ARG A 352 -41.17 22.35 35.99
N LEU A 353 -40.24 22.53 35.06
CA LEU A 353 -38.81 22.52 35.33
C LEU A 353 -38.42 21.25 36.09
N LYS A 354 -38.92 20.12 35.59
CA LYS A 354 -38.64 18.80 36.16
C LYS A 354 -38.23 17.86 35.03
N ARG A 355 -37.41 16.88 35.36
CA ARG A 355 -37.00 15.88 34.37
C ARG A 355 -38.09 14.84 34.20
N ILE A 356 -38.38 14.50 32.94
CA ILE A 356 -39.44 13.56 32.61
C ILE A 356 -38.92 12.35 31.87
N GLY A 357 -37.63 12.06 31.97
CA GLY A 357 -37.04 10.86 31.38
C GLY A 357 -35.65 11.07 30.83
N SER A 358 -34.85 10.01 30.88
CA SER A 358 -33.49 10.01 30.35
C SER A 358 -33.31 8.81 29.42
N LEU A 359 -32.33 8.93 28.53
CA LEU A 359 -32.04 7.89 27.55
C LEU A 359 -30.54 7.62 27.52
N PRO A 360 -30.09 6.38 27.56
CA PRO A 360 -28.67 6.11 27.45
C PRO A 360 -28.12 6.53 26.09
N ALA A 361 -26.95 7.18 26.11
CA ALA A 361 -26.27 7.57 24.90
C ALA A 361 -24.78 7.59 25.16
N ARG A 362 -23.98 7.44 24.10
CA ARG A 362 -22.54 7.45 24.21
C ARG A 362 -22.03 8.84 23.86
N SER A 363 -21.53 9.57 24.84
CA SER A 363 -21.01 10.93 24.66
C SER A 363 -21.99 11.75 23.80
N PRO A 364 -23.22 11.91 24.22
CA PRO A 364 -24.18 12.64 23.39
C PRO A 364 -23.82 14.11 23.29
N SER A 365 -24.05 14.69 22.09
CA SER A 365 -23.83 16.12 21.89
C SER A 365 -25.06 16.76 21.27
N GLY A 366 -25.05 16.99 19.98
CA GLY A 366 -26.14 17.68 19.33
C GLY A 366 -27.41 16.84 19.29
N ILE A 367 -28.52 17.46 19.61
CA ILE A 367 -29.85 16.83 19.55
C ILE A 367 -30.74 17.73 18.68
N PHE A 368 -31.29 17.16 17.61
CA PHE A 368 -32.05 17.88 16.62
C PHE A 368 -33.36 17.17 16.36
N PHE A 369 -34.43 17.92 16.16
CA PHE A 369 -35.75 17.37 15.95
C PHE A 369 -36.30 17.84 14.61
N SER A 370 -37.02 16.92 13.93
CA SER A 370 -37.37 17.05 12.55
C SER A 370 -38.32 18.22 12.24
N HIS A 371 -38.93 18.82 13.26
CA HIS A 371 -39.76 20.01 12.98
C HIS A 371 -38.92 21.13 12.39
N ARG A 372 -37.59 21.10 12.53
CA ARG A 372 -36.73 22.07 11.89
C ARG A 372 -36.94 22.11 10.40
N ALA A 373 -37.41 20.99 9.80
CA ALA A 373 -37.54 20.92 8.35
C ALA A 373 -38.39 22.04 7.80
N GLN A 374 -39.31 22.58 8.59
CA GLN A 374 -40.31 23.51 8.11
C GLN A 374 -39.90 24.96 8.28
N HIS A 375 -38.65 25.23 8.69
CA HIS A 375 -38.23 26.56 9.10
C HIS A 375 -37.04 27.01 8.26
N ILE A 376 -37.18 28.17 7.63
CA ILE A 376 -36.04 28.81 6.96
C ILE A 376 -34.92 29.00 7.98
N GLY A 377 -33.71 28.69 7.56
CA GLY A 377 -32.53 28.85 8.43
C GLY A 377 -32.31 27.73 9.40
N LEU A 378 -33.08 26.65 9.33
CA LEU A 378 -32.89 25.52 10.23
C LEU A 378 -32.84 24.23 9.43
N PRO B 7 19.05 -4.39 66.58
CA PRO B 7 19.25 -2.97 66.30
C PRO B 7 20.67 -2.50 66.00
N PRO B 8 21.54 -3.38 65.49
CA PRO B 8 22.68 -2.88 64.69
C PRO B 8 22.17 -2.35 63.35
N LEU B 9 22.77 -1.26 62.89
CA LEU B 9 22.36 -0.66 61.63
C LEU B 9 22.35 -1.71 60.53
N ARG B 10 21.22 -1.82 59.84
CA ARG B 10 21.04 -2.84 58.82
C ARG B 10 20.32 -2.24 57.63
N GLY B 11 20.66 -2.72 56.45
CA GLY B 11 19.92 -2.36 55.26
C GLY B 11 18.60 -3.08 55.21
N SER B 12 17.63 -2.45 54.54
CA SER B 12 16.30 -3.01 54.38
C SER B 12 16.11 -3.72 53.06
N GLY B 13 17.16 -3.81 52.23
CA GLY B 13 16.99 -4.31 50.86
C GLY B 13 16.72 -5.79 50.79
N ASP B 14 17.22 -6.57 51.76
CA ASP B 14 17.14 -8.03 51.69
C ASP B 14 16.29 -8.61 52.81
N LEU B 15 15.43 -7.82 53.44
CA LEU B 15 14.66 -8.26 54.57
C LEU B 15 13.39 -8.96 54.12
N GLY B 16 13.13 -10.15 54.66
CA GLY B 16 11.94 -10.92 54.33
C GLY B 16 11.04 -11.10 55.54
N VAL B 17 9.76 -11.30 55.28
CA VAL B 17 8.77 -11.56 56.32
C VAL B 17 8.12 -12.91 56.02
N LEU B 18 7.99 -13.74 57.05
CA LEU B 18 7.48 -15.10 56.92
C LEU B 18 6.21 -15.24 57.75
N ILE B 19 5.11 -15.54 57.09
CA ILE B 19 3.85 -15.75 57.79
C ILE B 19 3.87 -17.14 58.40
N GLU B 20 3.57 -17.22 59.70
CA GLU B 20 3.38 -18.49 60.40
C GLU B 20 1.88 -18.64 60.66
N ARG B 21 1.27 -19.56 59.93
CA ARG B 21 -0.19 -19.55 59.78
C ARG B 21 -0.89 -19.87 61.09
N ALA B 22 -0.43 -20.89 61.82
CA ALA B 22 -1.17 -21.37 62.96
C ALA B 22 -1.00 -20.48 64.18
N ASP B 23 0.19 -19.90 64.36
CA ASP B 23 0.55 -19.24 65.61
C ASP B 23 0.28 -17.74 65.61
N GLY B 24 -0.37 -17.20 64.60
CA GLY B 24 -0.56 -15.76 64.54
C GLY B 24 0.75 -15.03 64.67
N SER B 25 1.82 -15.60 64.09
CA SER B 25 3.19 -15.12 64.28
C SER B 25 3.84 -14.87 62.92
N VAL B 26 4.99 -14.22 62.96
CA VAL B 26 5.80 -13.98 61.75
C VAL B 26 7.26 -14.04 62.13
N GLN B 27 8.11 -14.11 61.11
CA GLN B 27 9.54 -14.08 61.29
C GLN B 27 10.14 -13.04 60.35
N ILE B 28 11.28 -12.49 60.74
CA ILE B 28 11.99 -11.48 59.97
C ILE B 28 13.30 -12.09 59.51
N LEU B 29 13.55 -12.05 58.20
CA LEU B 29 14.64 -12.81 57.60
C LEU B 29 15.68 -11.90 56.99
N ASP B 30 16.88 -12.43 56.82
CA ASP B 30 18.03 -11.73 56.25
C ASP B 30 18.38 -12.42 54.95
N GLY B 31 17.91 -11.88 53.82
CA GLY B 31 18.08 -12.56 52.56
C GLY B 31 19.53 -12.84 52.22
N THR B 32 20.41 -11.85 52.41
CA THR B 32 21.80 -12.02 52.00
C THR B 32 22.49 -13.11 52.80
N ALA B 33 22.08 -13.31 54.05
CA ALA B 33 22.72 -14.29 54.92
C ALA B 33 21.88 -15.55 55.12
N LYS B 34 20.62 -15.55 54.69
CA LYS B 34 19.76 -16.72 54.81
C LYS B 34 19.59 -17.13 56.26
N THR B 35 19.30 -16.14 57.12
CA THR B 35 19.15 -16.35 58.55
C THR B 35 17.90 -15.65 59.05
N SER B 36 17.47 -16.01 60.26
CA SER B 36 16.29 -15.44 60.89
C SER B 36 16.70 -14.45 61.95
N LEU B 37 16.26 -13.19 61.81
CA LEU B 37 16.61 -12.16 62.77
C LEU B 37 15.70 -12.18 63.99
N ALA B 38 14.40 -12.44 63.80
CA ALA B 38 13.46 -12.31 64.89
C ALA B 38 12.21 -13.11 64.60
N ARG B 39 11.50 -13.45 65.67
CA ARG B 39 10.11 -13.91 65.61
C ARG B 39 9.28 -12.89 66.38
N VAL B 40 8.20 -12.41 65.77
CA VAL B 40 7.36 -11.37 66.36
C VAL B 40 5.93 -11.92 66.46
N GLU B 41 5.39 -11.92 67.67
CA GLU B 41 4.09 -12.49 67.96
C GLU B 41 3.06 -11.40 68.17
N GLY B 42 1.81 -11.81 68.31
CA GLY B 42 0.72 -10.88 68.57
C GLY B 42 -0.02 -10.39 67.35
N LEU B 43 0.04 -11.09 66.23
CA LEU B 43 -0.60 -10.65 65.00
C LEU B 43 -1.96 -11.30 64.78
N GLY B 44 -2.49 -11.99 65.77
CA GLY B 44 -3.87 -12.44 65.71
C GLY B 44 -4.04 -13.66 64.82
N ASP B 45 -5.06 -13.62 63.97
CA ASP B 45 -5.41 -14.75 63.11
C ASP B 45 -4.68 -14.62 61.78
N LEU B 46 -3.56 -15.34 61.64
CA LEU B 46 -2.82 -15.38 60.39
C LEU B 46 -3.07 -16.68 59.64
N SER B 47 -4.26 -17.29 59.80
CA SER B 47 -4.58 -18.47 59.01
C SER B 47 -4.62 -18.13 57.52
N HIS B 48 -4.92 -16.87 57.20
CA HIS B 48 -4.79 -16.36 55.83
C HIS B 48 -4.28 -14.94 55.95
N ALA B 49 -3.17 -14.64 55.31
CA ALA B 49 -2.53 -13.34 55.51
C ALA B 49 -1.85 -12.85 54.25
N SER B 50 -1.92 -11.54 54.04
CA SER B 50 -1.21 -10.83 52.97
C SER B 50 -0.47 -9.66 53.61
N LEU B 51 0.46 -9.06 52.86
CA LEU B 51 1.18 -7.91 53.39
C LEU B 51 1.77 -7.09 52.27
N VAL B 52 2.14 -5.85 52.60
CA VAL B 52 2.86 -4.95 51.70
C VAL B 52 3.86 -4.17 52.53
N PHE B 53 4.81 -3.53 51.85
CA PHE B 53 5.91 -2.83 52.50
C PHE B 53 5.81 -1.33 52.29
N SER B 54 6.34 -0.58 53.28
CA SER B 54 6.46 0.87 53.11
C SER B 54 7.59 1.17 52.12
N ARG B 55 7.49 2.35 51.49
CA ARG B 55 8.42 2.71 50.42
C ARG B 55 9.86 2.72 50.89
N ASP B 56 10.12 2.89 52.17
CA ASP B 56 11.47 2.85 52.70
C ASP B 56 11.90 1.45 53.09
N GLN B 57 11.01 0.47 52.99
CA GLN B 57 11.28 -0.94 53.29
C GLN B 57 11.59 -1.18 54.76
N ARG B 58 11.21 -0.26 55.65
CA ARG B 58 11.36 -0.47 57.08
C ARG B 58 10.18 -1.16 57.71
N TYR B 59 8.96 -0.92 57.23
CA TYR B 59 7.77 -1.47 57.83
C TYR B 59 7.08 -2.44 56.87
N ALA B 60 6.54 -3.53 57.43
CA ALA B 60 5.64 -4.42 56.73
C ALA B 60 4.25 -4.29 57.33
N TYR B 61 3.26 -4.10 56.48
CA TYR B 61 1.86 -4.00 56.90
C TYR B 61 1.19 -5.33 56.63
N VAL B 62 0.74 -6.01 57.69
CA VAL B 62 0.22 -7.37 57.61
C VAL B 62 -1.28 -7.32 57.73
N PHE B 63 -1.97 -7.99 56.80
CA PHE B 63 -3.43 -8.06 56.77
C PHE B 63 -3.86 -9.48 57.10
N GLY B 64 -4.78 -9.62 58.05
CA GLY B 64 -5.13 -10.92 58.62
C GLY B 64 -6.59 -11.29 58.41
N ARG B 65 -6.87 -12.57 58.64
CA ARG B 65 -8.24 -13.08 58.48
C ARG B 65 -9.16 -12.59 59.58
N ASP B 66 -8.62 -12.32 60.76
CA ASP B 66 -9.39 -11.71 61.85
C ASP B 66 -9.75 -10.25 61.58
N GLY B 67 -9.36 -9.69 60.43
CA GLY B 67 -9.56 -8.30 60.16
C GLY B 67 -8.48 -7.40 60.69
N GLY B 68 -7.36 -7.96 61.16
CA GLY B 68 -6.31 -7.16 61.73
C GLY B 68 -5.44 -6.51 60.69
N LEU B 69 -4.81 -5.40 61.09
CA LEU B 69 -3.84 -4.68 60.27
C LEU B 69 -2.65 -4.36 61.18
N THR B 70 -1.57 -5.12 61.04
CA THR B 70 -0.39 -4.97 61.86
C THR B 70 0.68 -4.25 61.07
N LYS B 71 1.14 -3.12 61.59
CA LYS B 71 2.28 -2.40 61.03
C LYS B 71 3.53 -2.87 61.79
N LEU B 72 4.33 -3.69 61.17
CA LEU B 72 5.43 -4.37 61.85
C LEU B 72 6.75 -3.76 61.46
N ASP B 73 7.56 -3.40 62.45
CA ASP B 73 8.85 -2.74 62.25
C ASP B 73 9.91 -3.81 61.99
N LEU B 74 10.40 -3.88 60.75
CA LEU B 74 11.42 -4.87 60.41
C LEU B 74 12.76 -4.56 61.05
N LEU B 75 13.06 -3.27 61.25
CA LEU B 75 14.37 -2.90 61.79
C LEU B 75 14.39 -2.99 63.31
N ALA B 76 13.36 -2.46 63.97
CA ALA B 76 13.24 -2.59 65.41
C ALA B 76 12.68 -3.94 65.85
N GLN B 77 12.26 -4.78 64.90
CA GLN B 77 11.84 -6.16 65.17
C GLN B 77 10.74 -6.20 66.22
N ARG B 78 9.64 -5.54 65.90
CA ARG B 78 8.52 -5.45 66.83
C ARG B 78 7.30 -4.95 66.08
N ILE B 79 6.14 -5.07 66.72
CA ILE B 79 4.92 -4.43 66.23
C ILE B 79 5.00 -2.95 66.56
N ASP B 80 5.03 -2.10 65.52
CA ASP B 80 4.95 -0.67 65.75
C ASP B 80 3.52 -0.23 66.10
N LYS B 81 2.54 -0.75 65.37
CA LYS B 81 1.14 -0.45 65.63
C LYS B 81 0.29 -1.61 65.14
N ARG B 82 -0.91 -1.73 65.71
CA ARG B 82 -1.82 -2.80 65.33
C ARG B 82 -3.24 -2.38 65.61
N LEU B 83 -4.14 -2.71 64.69
CA LEU B 83 -5.57 -2.51 64.87
C LEU B 83 -6.30 -3.79 64.46
N ILE B 84 -7.61 -3.81 64.71
CA ILE B 84 -8.46 -4.93 64.34
C ILE B 84 -9.81 -4.38 63.90
N GLN B 85 -10.31 -4.86 62.77
CA GLN B 85 -11.65 -4.50 62.29
C GLN B 85 -12.26 -5.75 61.70
N GLY B 86 -13.23 -6.33 62.40
CA GLY B 86 -13.73 -7.67 62.11
C GLY B 86 -13.94 -7.99 60.65
N GLY B 87 -14.73 -7.19 59.95
CA GLY B 87 -15.07 -7.48 58.58
C GLY B 87 -14.10 -6.90 57.57
N ASN B 88 -12.81 -7.16 57.74
CA ASN B 88 -11.79 -6.71 56.82
C ASN B 88 -11.16 -7.91 56.15
N SER B 89 -11.19 -7.94 54.82
CA SER B 89 -10.52 -8.98 54.05
C SER B 89 -9.03 -8.66 53.99
N ILE B 90 -8.26 -9.63 53.50
CA ILE B 90 -6.82 -9.44 53.34
C ILE B 90 -6.57 -8.92 51.94
N GLY B 91 -5.31 -8.98 51.50
CA GLY B 91 -4.95 -8.49 50.18
C GLY B 91 -5.02 -6.99 50.04
N GLY B 92 -4.70 -6.25 51.09
CA GLY B 92 -4.74 -4.82 51.06
C GLY B 92 -3.59 -4.25 50.22
N ALA B 93 -3.60 -2.92 50.08
CA ALA B 93 -2.71 -2.24 49.18
C ALA B 93 -2.12 -1.02 49.84
N ILE B 94 -0.99 -0.54 49.30
CA ILE B 94 -0.35 0.68 49.75
C ILE B 94 -0.23 1.64 48.57
N SER B 95 -0.36 2.92 48.83
CA SER B 95 -0.49 3.91 47.79
C SER B 95 0.85 4.17 47.10
N GLN B 96 0.79 4.91 45.98
CA GLN B 96 1.97 5.20 45.20
C GLN B 96 2.97 6.07 45.98
N ASP B 97 2.47 7.00 46.78
CA ASP B 97 3.33 7.83 47.62
C ASP B 97 3.64 7.22 48.96
N GLY B 98 3.10 6.02 49.25
CA GLY B 98 3.34 5.37 50.53
C GLY B 98 2.59 5.95 51.69
N ARG B 99 1.70 6.92 51.46
CA ARG B 99 0.99 7.58 52.55
C ARG B 99 -0.25 6.81 52.99
N LEU B 100 -0.91 6.10 52.08
CA LEU B 100 -2.20 5.48 52.35
C LEU B 100 -2.12 3.97 52.24
N VAL B 101 -2.92 3.30 53.05
CA VAL B 101 -3.01 1.84 53.05
C VAL B 101 -4.50 1.46 53.05
N ALA B 102 -4.94 0.81 51.98
CA ALA B 102 -6.34 0.43 51.80
C ALA B 102 -6.54 -1.05 52.11
N VAL B 103 -7.72 -1.37 52.64
CA VAL B 103 -8.09 -2.74 52.97
C VAL B 103 -9.54 -2.98 52.57
N SER B 104 -9.80 -4.14 51.97
CA SER B 104 -11.15 -4.54 51.61
C SER B 104 -11.98 -4.84 52.86
N ASN B 105 -13.29 -4.69 52.73
CA ASN B 105 -14.21 -5.12 53.78
C ASN B 105 -15.47 -5.68 53.16
N TYR B 106 -16.08 -6.62 53.87
CA TYR B 106 -17.42 -7.11 53.55
C TYR B 106 -18.45 -6.66 54.58
N GLU B 107 -18.03 -5.90 55.60
CA GLU B 107 -18.86 -5.54 56.74
C GLU B 107 -18.52 -4.09 57.06
N PRO B 108 -19.25 -3.12 56.46
CA PRO B 108 -20.52 -3.13 55.77
C PRO B 108 -20.44 -3.36 54.25
N GLY B 109 -19.23 -3.52 53.72
CA GLY B 109 -19.04 -3.62 52.30
C GLY B 109 -18.43 -2.37 51.70
N GLY B 110 -17.17 -2.44 51.35
CA GLY B 110 -16.44 -1.31 50.81
C GLY B 110 -14.95 -1.47 51.09
N VAL B 111 -14.27 -0.31 51.21
CA VAL B 111 -12.85 -0.28 51.49
C VAL B 111 -12.57 0.84 52.47
N LYS B 112 -11.69 0.58 53.43
CA LYS B 112 -11.22 1.59 54.36
C LYS B 112 -9.76 1.94 54.04
N VAL B 113 -9.43 3.22 54.14
CA VAL B 113 -8.08 3.70 53.88
C VAL B 113 -7.52 4.24 55.18
N PHE B 114 -6.32 3.81 55.53
CA PHE B 114 -5.66 4.19 56.76
C PHE B 114 -4.45 5.06 56.46
N ASP B 115 -3.84 5.58 57.53
CA ASP B 115 -2.59 6.31 57.43
C ASP B 115 -1.44 5.32 57.53
N SER B 116 -0.46 5.47 56.64
CA SER B 116 0.65 4.52 56.61
C SER B 116 1.48 4.59 57.88
N ARG B 117 1.48 5.72 58.58
CA ARG B 117 2.29 5.90 59.78
C ARG B 117 1.51 5.69 61.07
N THR B 118 0.36 6.32 61.21
CA THR B 118 -0.41 6.23 62.45
C THR B 118 -1.36 5.03 62.48
N LEU B 119 -1.80 4.54 61.33
CA LEU B 119 -2.84 3.54 61.18
C LEU B 119 -4.22 4.09 61.51
N GLU B 120 -4.36 5.41 61.64
CA GLU B 120 -5.65 6.02 61.89
C GLU B 120 -6.49 6.01 60.63
N LEU B 121 -7.80 5.86 60.80
CA LEU B 121 -8.71 5.89 59.66
C LEU B 121 -8.76 7.29 59.08
N VAL B 122 -8.73 7.39 57.74
CA VAL B 122 -8.78 8.68 57.09
C VAL B 122 -9.82 8.71 55.98
N ALA B 123 -10.31 7.53 55.58
CA ALA B 123 -11.35 7.48 54.57
C ALA B 123 -12.06 6.14 54.63
N GLU B 124 -13.36 6.16 54.31
CA GLU B 124 -14.14 4.94 54.18
C GLU B 124 -15.05 5.11 52.97
N ILE B 125 -14.96 4.16 52.04
CA ILE B 125 -15.82 4.16 50.84
C ILE B 125 -16.70 2.90 50.91
N PRO B 126 -18.01 3.03 51.04
CA PRO B 126 -18.86 1.85 51.07
C PRO B 126 -19.34 1.42 49.70
N ALA B 127 -19.53 0.11 49.57
CA ALA B 127 -19.99 -0.47 48.32
C ALA B 127 -21.48 -0.20 48.12
N THR B 128 -21.99 -0.59 46.95
CA THR B 128 -23.40 -0.44 46.65
C THR B 128 -24.23 -1.33 47.57
N ARG B 129 -25.41 -0.82 47.94
CA ARG B 129 -26.28 -1.54 48.87
C ARG B 129 -26.85 -2.80 48.25
N LEU B 130 -27.01 -3.82 49.08
CA LEU B 130 -27.65 -5.07 48.69
C LEU B 130 -29.08 -5.11 49.21
N PRO B 131 -30.06 -5.47 48.40
CA PRO B 131 -31.46 -5.43 48.87
C PRO B 131 -31.71 -6.44 49.97
N GLY B 132 -32.60 -6.07 50.88
CA GLY B 132 -33.03 -6.97 51.93
C GLY B 132 -31.92 -7.41 52.88
N GLN B 133 -30.91 -6.58 53.05
CA GLN B 133 -29.77 -6.93 53.90
C GLN B 133 -29.20 -5.67 54.51
N ASP B 134 -28.61 -5.82 55.69
CA ASP B 134 -27.92 -4.70 56.34
C ASP B 134 -26.44 -4.71 55.95
N ARG B 135 -26.22 -4.64 54.63
CA ARG B 135 -24.87 -4.76 54.09
C ARG B 135 -24.81 -4.17 52.70
N ASN B 136 -23.58 -3.91 52.25
CA ASN B 136 -23.29 -3.50 50.89
C ASN B 136 -22.54 -4.63 50.18
N SER B 137 -22.24 -4.42 48.91
CA SER B 137 -21.52 -5.43 48.13
C SER B 137 -20.14 -5.67 48.72
N ARG B 138 -19.75 -6.93 48.78
CA ARG B 138 -18.41 -7.26 49.28
C ARG B 138 -17.37 -6.94 48.21
N VAL B 139 -16.17 -6.57 48.65
CA VAL B 139 -15.13 -6.01 47.79
C VAL B 139 -14.02 -7.03 47.62
N VAL B 140 -13.55 -7.17 46.36
CA VAL B 140 -12.47 -8.09 46.02
C VAL B 140 -11.51 -7.38 45.08
N GLY B 141 -10.34 -7.99 44.89
CA GLY B 141 -9.37 -7.53 43.91
C GLY B 141 -8.91 -6.11 44.09
N LEU B 142 -8.55 -5.75 45.33
CA LEU B 142 -8.07 -4.40 45.63
C LEU B 142 -6.61 -4.29 45.23
N VAL B 143 -6.29 -3.25 44.45
CA VAL B 143 -4.91 -3.00 44.01
C VAL B 143 -4.63 -1.51 44.07
N ASP B 144 -3.35 -1.17 44.16
CA ASP B 144 -2.87 0.19 43.95
C ASP B 144 -2.55 0.39 42.48
N ALA B 145 -2.63 1.63 42.03
CA ALA B 145 -2.41 1.95 40.63
C ALA B 145 -1.75 3.32 40.52
N PRO B 146 -1.09 3.61 39.41
CA PRO B 146 -0.50 4.94 39.25
C PRO B 146 -1.56 6.01 39.36
N GLY B 147 -1.12 7.22 39.68
CA GLY B 147 -2.03 8.32 39.90
C GLY B 147 -2.62 8.36 41.29
N GLN B 148 -1.97 7.75 42.26
CA GLN B 148 -2.46 7.75 43.65
C GLN B 148 -3.87 7.19 43.71
N ARG B 149 -4.04 6.02 43.14
CA ARG B 149 -5.35 5.39 42.99
C ARG B 149 -5.39 4.05 43.72
N PHE B 150 -6.60 3.67 44.12
CA PHE B 150 -6.91 2.30 44.50
C PHE B 150 -8.04 1.82 43.61
N VAL B 151 -7.92 0.61 43.10
CA VAL B 151 -8.94 0.02 42.23
C VAL B 151 -9.41 -1.28 42.85
N PHE B 152 -10.73 -1.51 42.84
CA PHE B 152 -11.30 -2.70 43.45
C PHE B 152 -12.59 -3.05 42.72
N SER B 153 -13.06 -4.26 42.97
CA SER B 153 -14.26 -4.79 42.32
C SER B 153 -15.30 -5.19 43.37
N LEU B 154 -16.56 -5.07 43.00
CA LEU B 154 -17.69 -5.39 43.88
C LEU B 154 -18.27 -6.73 43.43
N PHE B 155 -18.16 -7.74 44.30
CA PHE B 155 -18.54 -9.09 43.90
C PHE B 155 -20.05 -9.20 43.68
N ASP B 156 -20.86 -8.53 44.51
CA ASP B 156 -22.30 -8.78 44.51
C ASP B 156 -23.01 -7.99 43.42
N SER B 157 -22.65 -6.73 43.20
CA SER B 157 -23.32 -5.90 42.21
C SER B 157 -22.64 -5.89 40.86
N GLY B 158 -21.46 -6.51 40.73
CA GLY B 158 -20.75 -6.57 39.47
C GLY B 158 -20.27 -5.22 38.97
N GLU B 159 -19.40 -4.57 39.75
CA GLU B 159 -18.89 -3.26 39.39
C GLU B 159 -17.37 -3.22 39.58
N ILE B 160 -16.75 -2.24 38.95
CA ILE B 160 -15.32 -1.92 39.13
C ILE B 160 -15.23 -0.45 39.48
N TRP B 161 -14.59 -0.15 40.62
CA TRP B 161 -14.50 1.22 41.13
C TRP B 161 -13.06 1.68 41.16
N ILE B 162 -12.84 2.94 40.76
CA ILE B 162 -11.55 3.62 40.91
C ILE B 162 -11.69 4.68 41.99
N ALA B 163 -10.83 4.62 43.01
CA ALA B 163 -10.79 5.59 44.08
C ALA B 163 -9.52 6.45 43.90
N ASP B 164 -9.68 7.61 43.28
CA ASP B 164 -8.56 8.50 43.01
C ASP B 164 -8.31 9.35 44.25
N PHE B 165 -7.14 9.16 44.87
CA PHE B 165 -6.76 9.88 46.08
C PHE B 165 -5.73 10.98 45.78
N SER B 166 -5.76 11.55 44.58
CA SER B 166 -4.76 12.55 44.20
C SER B 166 -4.89 13.81 45.03
N GLN B 167 -6.12 14.20 45.38
CA GLN B 167 -6.36 15.51 46.00
C GLN B 167 -6.42 15.44 47.51
N GLY B 168 -6.18 14.30 48.12
CA GLY B 168 -6.07 14.22 49.57
C GLY B 168 -6.86 13.13 50.24
N ASP B 169 -7.34 13.41 51.45
CA ASP B 169 -8.01 12.39 52.25
C ASP B 169 -9.31 11.91 51.61
N THR B 170 -9.99 12.77 50.86
CA THR B 170 -11.30 12.45 50.33
C THR B 170 -11.17 12.04 48.87
N PRO B 171 -11.50 10.80 48.50
CA PRO B 171 -11.24 10.34 47.14
C PRO B 171 -12.28 10.81 46.14
N HIS B 172 -11.88 10.78 44.89
CA HIS B 172 -12.80 10.96 43.76
C HIS B 172 -13.07 9.57 43.17
N LEU B 173 -14.36 9.26 42.96
CA LEU B 173 -14.79 7.92 42.64
C LEU B 173 -15.27 7.83 41.21
N THR B 174 -14.78 6.83 40.48
CA THR B 174 -15.25 6.49 39.13
C THR B 174 -15.83 5.08 39.21
N ARG B 175 -17.14 4.97 38.98
CA ARG B 175 -17.84 3.70 39.14
C ARG B 175 -18.24 3.15 37.78
N PHE B 176 -17.93 1.87 37.55
CA PHE B 176 -18.20 1.20 36.30
C PHE B 176 -19.23 0.10 36.56
N ARG B 177 -20.40 0.22 35.90
CA ARG B 177 -21.51 -0.69 36.13
C ARG B 177 -21.49 -1.80 35.08
N ASP B 178 -22.06 -2.94 35.45
CA ASP B 178 -22.33 -4.02 34.51
C ASP B 178 -21.06 -4.53 33.84
N ILE B 179 -19.97 -4.62 34.61
CA ILE B 179 -18.70 -5.10 34.07
C ILE B 179 -18.74 -6.62 33.84
N GLY B 180 -19.69 -7.31 34.46
CA GLY B 180 -19.74 -8.75 34.43
C GLY B 180 -20.25 -9.28 35.75
N LYS B 181 -20.80 -10.50 35.70
CA LYS B 181 -21.46 -11.07 36.86
C LYS B 181 -20.45 -11.63 37.86
N GLN B 182 -20.42 -11.05 39.05
CA GLN B 182 -19.74 -11.64 40.19
C GLN B 182 -18.24 -11.78 39.96
N PRO B 183 -17.47 -10.69 40.04
CA PRO B 183 -16.02 -10.79 40.02
C PRO B 183 -15.49 -11.31 41.35
N TYR B 184 -14.66 -12.34 41.30
CA TYR B 184 -14.15 -12.98 42.50
C TYR B 184 -12.79 -12.47 42.92
N ASP B 185 -12.03 -11.84 42.02
CA ASP B 185 -10.66 -11.41 42.28
C ASP B 185 -10.27 -10.48 41.14
N ALA B 186 -9.07 -9.92 41.24
CA ALA B 186 -8.56 -9.04 40.21
C ALA B 186 -7.06 -8.92 40.36
N LEU B 187 -6.42 -8.37 39.32
CA LEU B 187 -5.00 -8.09 39.32
C LEU B 187 -4.77 -6.82 38.52
N ILE B 188 -3.55 -6.30 38.62
CA ILE B 188 -3.12 -5.16 37.81
C ILE B 188 -1.85 -5.57 37.09
N SER B 189 -1.76 -5.26 35.80
CA SER B 189 -0.60 -5.66 35.00
C SER B 189 0.66 -5.06 35.61
N PRO B 190 1.81 -5.67 35.35
CA PRO B 190 3.06 -5.19 35.97
C PRO B 190 3.35 -3.73 35.67
N ASP B 191 3.01 -3.25 34.48
CA ASP B 191 3.22 -1.84 34.15
C ASP B 191 2.23 -0.92 34.80
N GLY B 192 1.25 -1.45 35.53
CA GLY B 192 0.26 -0.64 36.18
C GLY B 192 -0.79 -0.03 35.28
N ARG B 193 -0.92 -0.54 34.04
CA ARG B 193 -1.87 0.05 33.10
C ARG B 193 -3.24 -0.61 33.12
N TYR B 194 -3.30 -1.94 33.24
CA TYR B 194 -4.54 -2.67 33.03
C TYR B 194 -5.01 -3.34 34.30
N TYR B 195 -6.28 -3.16 34.64
CA TYR B 195 -6.94 -3.82 35.75
C TYR B 195 -7.82 -4.93 35.18
N MET B 196 -7.56 -6.17 35.58
CA MET B 196 -8.24 -7.34 35.04
C MET B 196 -8.97 -8.04 36.17
N ALA B 197 -10.31 -8.09 36.06
CA ALA B 197 -11.17 -8.74 37.05
C ALA B 197 -11.68 -10.05 36.48
N GLY B 198 -11.51 -11.14 37.23
CA GLY B 198 -12.10 -12.39 36.87
C GLY B 198 -13.62 -12.36 37.06
N LEU B 199 -14.27 -13.43 36.62
CA LEU B 199 -15.72 -13.54 36.71
C LEU B 199 -16.08 -14.94 37.21
N PHE B 200 -16.95 -14.99 38.22
CA PHE B 200 -17.46 -16.26 38.74
C PHE B 200 -18.85 -16.58 38.21
N GLY B 201 -19.69 -15.58 37.96
CA GLY B 201 -21.02 -15.81 37.43
C GLY B 201 -21.06 -16.05 35.95
N GLU B 202 -19.95 -15.88 35.27
CA GLU B 202 -19.85 -16.15 33.85
C GLU B 202 -18.36 -16.25 33.53
N ASP B 203 -18.05 -16.59 32.28
CA ASP B 203 -16.67 -16.81 31.88
C ASP B 203 -16.05 -15.51 31.38
N GLY B 204 -14.71 -15.47 31.41
CA GLY B 204 -13.96 -14.34 30.91
C GLY B 204 -13.47 -13.45 32.04
N MET B 205 -12.78 -12.38 31.62
CA MET B 205 -12.20 -11.39 32.51
CA MET B 205 -12.25 -11.40 32.53
C MET B 205 -12.62 -10.00 32.05
N ALA B 206 -12.81 -9.10 33.00
CA ALA B 206 -13.18 -7.72 32.72
C ALA B 206 -11.92 -6.88 32.78
N GLN B 207 -11.51 -6.34 31.64
CA GLN B 207 -10.27 -5.58 31.53
C GLN B 207 -10.58 -4.10 31.46
N LEU B 208 -9.95 -3.32 32.34
CA LEU B 208 -10.10 -1.87 32.37
C LEU B 208 -8.76 -1.24 32.05
N ASP B 209 -8.76 -0.25 31.14
CA ASP B 209 -7.56 0.46 30.75
C ASP B 209 -7.45 1.71 31.63
N LEU B 210 -6.61 1.64 32.67
CA LEU B 210 -6.51 2.74 33.60
C LEU B 210 -5.93 4.01 32.93
N TRP B 211 -5.26 3.88 31.81
CA TRP B 211 -4.88 5.07 31.05
C TRP B 211 -6.11 5.73 30.44
N HIS B 212 -7.10 4.93 30.04
CA HIS B 212 -8.29 5.41 29.31
C HIS B 212 -9.53 4.87 29.97
N PRO B 213 -9.86 5.34 31.17
CA PRO B 213 -11.11 4.91 31.81
C PRO B 213 -12.36 5.31 31.04
N GLU B 214 -12.27 6.32 30.18
CA GLU B 214 -13.45 6.74 29.41
C GLU B 214 -13.92 5.65 28.46
N ARG B 215 -13.01 4.78 28.01
CA ARG B 215 -13.35 3.73 27.07
C ARG B 215 -14.16 2.60 27.69
N GLY B 216 -14.24 2.55 29.02
CA GLY B 216 -15.04 1.53 29.67
C GLY B 216 -14.27 0.24 29.89
N VAL B 217 -15.04 -0.82 30.06
CA VAL B 217 -14.52 -2.15 30.39
C VAL B 217 -14.81 -3.07 29.21
N ARG B 218 -13.80 -3.82 28.80
CA ARG B 218 -13.94 -4.82 27.74
C ARG B 218 -13.91 -6.23 28.32
N ARG B 219 -14.52 -7.16 27.60
CA ARG B 219 -14.45 -8.57 27.95
C ARG B 219 -13.28 -9.20 27.19
N VAL B 220 -12.43 -9.93 27.89
CA VAL B 220 -11.30 -10.60 27.28
C VAL B 220 -11.22 -12.02 27.83
N LEU B 221 -10.53 -12.89 27.06
CA LEU B 221 -10.28 -14.26 27.50
C LEU B 221 -11.59 -14.93 27.86
N GLY B 222 -12.56 -14.84 26.95
CA GLY B 222 -13.92 -15.25 27.23
C GLY B 222 -14.10 -16.72 27.52
N ASP B 223 -13.16 -17.57 27.08
CA ASP B 223 -13.24 -19.00 27.36
C ASP B 223 -12.63 -19.38 28.70
N TYR B 224 -12.07 -18.43 29.44
CA TYR B 224 -11.43 -18.68 30.72
C TYR B 224 -12.45 -18.57 31.83
N GLY B 225 -12.50 -19.58 32.68
CA GLY B 225 -13.42 -19.60 33.79
C GLY B 225 -13.88 -21.02 34.06
N ARG B 226 -14.90 -21.13 34.93
CA ARG B 226 -15.46 -22.43 35.26
C ARG B 226 -16.46 -22.92 34.24
N GLY B 227 -16.89 -22.06 33.32
CA GLY B 227 -17.85 -22.50 32.31
C GLY B 227 -19.22 -22.71 32.94
N GLN B 228 -19.80 -23.87 32.67
CA GLN B 228 -21.05 -24.27 33.28
C GLN B 228 -20.86 -25.23 34.44
N ARG B 229 -19.61 -25.50 34.83
CA ARG B 229 -19.36 -26.31 36.01
C ARG B 229 -19.84 -25.57 37.25
N LYS B 230 -20.29 -26.35 38.24
CA LYS B 230 -20.79 -25.79 39.50
C LYS B 230 -19.70 -25.82 40.55
N LEU B 231 -18.58 -25.17 40.22
CA LEU B 231 -17.48 -24.98 41.17
C LEU B 231 -17.82 -23.86 42.15
N PRO B 232 -17.39 -23.97 43.40
CA PRO B 232 -17.56 -22.87 44.35
C PRO B 232 -16.50 -21.80 44.14
N VAL B 233 -16.84 -20.58 44.56
CA VAL B 233 -15.95 -19.45 44.33
C VAL B 233 -14.60 -19.66 45.01
N TYR B 234 -14.56 -20.44 46.08
CA TYR B 234 -13.30 -20.61 46.78
C TYR B 234 -12.39 -21.65 46.13
N LYS B 235 -12.74 -22.13 44.94
CA LYS B 235 -11.83 -22.96 44.14
C LYS B 235 -11.57 -22.33 42.78
N MET B 236 -11.98 -21.08 42.57
CA MET B 236 -11.46 -20.29 41.45
C MET B 236 -10.02 -19.90 41.73
N PRO B 237 -9.25 -19.56 40.71
CA PRO B 237 -7.81 -19.31 40.91
C PRO B 237 -7.54 -18.04 41.71
N HIS B 238 -6.36 -18.04 42.32
CA HIS B 238 -5.76 -16.82 42.87
C HIS B 238 -5.23 -15.99 41.70
N LEU B 239 -5.85 -14.84 41.44
CA LEU B 239 -5.37 -13.99 40.35
C LEU B 239 -3.97 -13.46 40.64
N GLU B 240 -3.58 -13.38 41.91
CA GLU B 240 -2.18 -13.14 42.23
C GLU B 240 -1.30 -14.29 41.75
N GLY B 241 -1.90 -15.43 41.44
CA GLY B 241 -1.16 -16.55 40.89
C GLY B 241 -0.85 -16.46 39.40
N TRP B 242 -1.34 -15.42 38.73
CA TRP B 242 -0.94 -15.17 37.36
C TRP B 242 0.47 -14.60 37.33
N THR B 243 1.10 -14.70 36.17
CA THR B 243 2.35 -14.01 35.89
C THR B 243 2.28 -13.53 34.45
N ILE B 244 2.55 -12.24 34.25
CA ILE B 244 2.37 -11.59 32.95
C ILE B 244 3.72 -11.04 32.52
N ALA B 245 4.22 -11.55 31.40
CA ALA B 245 5.47 -11.09 30.80
C ALA B 245 5.14 -10.13 29.65
N SER B 246 6.17 -9.74 28.89
CA SER B 246 5.97 -8.78 27.81
C SER B 246 4.91 -9.28 26.83
N ASP B 247 5.10 -10.50 26.30
CA ASP B 247 4.19 -11.07 25.32
C ASP B 247 3.36 -12.24 25.85
N GLN B 248 3.81 -12.91 26.89
CA GLN B 248 3.20 -14.15 27.36
C GLN B 248 2.74 -14.01 28.80
N ALA B 249 1.63 -14.66 29.12
CA ALA B 249 1.17 -14.82 30.49
C ALA B 249 1.07 -16.31 30.79
N PHE B 250 1.55 -16.72 31.95
CA PHE B 250 1.45 -18.09 32.42
C PHE B 250 0.51 -18.11 33.61
N VAL B 251 -0.62 -18.80 33.48
CA VAL B 251 -1.70 -18.66 34.45
C VAL B 251 -2.18 -20.05 34.85
N PRO B 252 -2.79 -20.18 36.04
CA PRO B 252 -3.34 -21.46 36.45
C PRO B 252 -4.66 -21.74 35.76
N ALA B 253 -4.84 -22.98 35.32
CA ALA B 253 -6.12 -23.41 34.79
C ALA B 253 -7.18 -23.41 35.89
N VAL B 254 -8.44 -23.31 35.48
CA VAL B 254 -9.57 -23.36 36.42
C VAL B 254 -10.03 -24.82 36.49
N GLY B 255 -9.55 -25.55 37.48
CA GLY B 255 -9.99 -26.91 37.67
C GLY B 255 -9.32 -27.94 36.83
N HIS B 256 -8.17 -27.63 36.25
CA HIS B 256 -7.42 -28.59 35.44
C HIS B 256 -5.96 -28.54 35.84
N HIS B 257 -5.26 -29.67 35.60
CA HIS B 257 -3.83 -29.77 35.91
C HIS B 257 -3.00 -29.20 34.76
N GLN B 258 -3.23 -27.91 34.48
CA GLN B 258 -2.60 -27.26 33.36
C GLN B 258 -2.15 -25.86 33.75
N VAL B 259 -1.01 -25.44 33.19
CA VAL B 259 -0.59 -24.04 33.16
C VAL B 259 -0.90 -23.51 31.77
N LEU B 260 -1.79 -22.54 31.68
CA LEU B 260 -2.14 -21.96 30.40
C LEU B 260 -1.15 -20.88 30.01
N VAL B 261 -0.74 -20.90 28.73
CA VAL B 261 0.04 -19.82 28.13
C VAL B 261 -0.92 -18.94 27.35
N LEU B 262 -0.92 -17.67 27.64
CA LEU B 262 -1.83 -16.74 26.99
C LEU B 262 -1.08 -15.73 26.15
N ASP B 263 -1.64 -15.40 25.01
CA ASP B 263 -1.19 -14.22 24.25
C ASP B 263 -1.58 -12.98 25.04
N ALA B 264 -0.60 -12.32 25.65
CA ALA B 264 -0.88 -11.20 26.52
C ALA B 264 -1.27 -9.93 25.78
N ARG B 265 -1.29 -9.94 24.45
CA ARG B 265 -1.72 -8.78 23.68
C ARG B 265 -3.18 -8.90 23.27
N ASP B 266 -3.56 -10.02 22.67
CA ASP B 266 -4.95 -10.28 22.33
C ASP B 266 -5.71 -10.97 23.46
N TRP B 267 -5.03 -11.42 24.50
CA TRP B 267 -5.64 -12.10 25.62
C TRP B 267 -6.49 -13.27 25.16
N LYS B 268 -5.81 -14.20 24.50
CA LYS B 268 -6.38 -15.51 24.14
C LYS B 268 -5.35 -16.59 24.44
N GLN B 269 -5.84 -17.77 24.74
CA GLN B 269 -4.95 -18.87 25.09
C GLN B 269 -4.26 -19.41 23.84
N THR B 270 -2.93 -19.61 23.93
CA THR B 270 -2.17 -20.18 22.83
C THR B 270 -1.65 -21.59 23.11
N ASP B 271 -1.47 -21.96 24.39
CA ASP B 271 -0.93 -23.27 24.74
C ASP B 271 -1.42 -23.66 26.10
N ALA B 272 -1.26 -24.94 26.43
CA ALA B 272 -1.64 -25.49 27.73
C ALA B 272 -0.62 -26.56 28.10
N ILE B 273 0.04 -26.38 29.21
CA ILE B 273 1.14 -27.24 29.63
C ILE B 273 0.64 -28.14 30.77
N ASP B 274 0.70 -29.45 30.56
CA ASP B 274 0.26 -30.38 31.58
C ASP B 274 1.27 -30.43 32.71
N VAL B 275 0.79 -30.30 33.94
CA VAL B 275 1.64 -30.24 35.12
C VAL B 275 1.18 -31.27 36.13
N ALA B 276 2.04 -31.53 37.12
CA ALA B 276 1.78 -32.55 38.13
C ALA B 276 0.98 -31.95 39.28
N GLY B 277 -0.25 -31.57 38.97
CA GLY B 277 -1.17 -31.04 39.96
C GLY B 277 -1.98 -29.84 39.49
N GLN B 278 -2.97 -29.45 40.27
CA GLN B 278 -3.75 -28.26 39.96
C GLN B 278 -2.98 -27.05 40.44
N PRO B 279 -2.56 -26.15 39.55
CA PRO B 279 -1.68 -25.05 39.98
C PRO B 279 -2.40 -24.04 40.84
N VAL B 280 -1.66 -23.46 41.77
CA VAL B 280 -2.14 -22.32 42.56
C VAL B 280 -1.42 -21.05 42.17
N PHE B 281 -0.10 -21.00 42.34
CA PHE B 281 0.73 -19.85 41.99
C PHE B 281 1.66 -20.21 40.84
N VAL B 282 1.62 -19.42 39.78
CA VAL B 282 2.52 -19.53 38.63
C VAL B 282 3.40 -18.29 38.66
N MET B 283 4.68 -18.46 38.90
CA MET B 283 5.62 -17.36 39.04
C MET B 283 6.70 -17.45 38.00
N THR B 284 7.38 -16.34 37.76
CA THR B 284 8.47 -16.25 36.79
C THR B 284 9.75 -15.87 37.50
N ARG B 285 10.83 -16.56 37.16
CA ARG B 285 12.15 -16.08 37.55
C ARG B 285 12.32 -14.66 37.02
N PRO B 286 12.97 -13.75 37.77
CA PRO B 286 13.03 -12.36 37.31
C PRO B 286 13.58 -12.16 35.92
N ASP B 287 14.33 -13.13 35.39
CA ASP B 287 14.88 -13.02 34.05
C ASP B 287 13.98 -13.62 32.98
N ASP B 288 12.82 -14.15 33.36
CA ASP B 288 11.76 -14.63 32.48
C ASP B 288 12.08 -15.95 31.77
N ARG B 289 13.22 -16.58 32.05
CA ARG B 289 13.55 -17.82 31.36
C ARG B 289 12.82 -19.02 31.93
N GLN B 290 12.31 -18.94 33.16
CA GLN B 290 11.70 -20.08 33.81
C GLN B 290 10.40 -19.68 34.50
N ILE B 291 9.44 -20.59 34.51
CA ILE B 291 8.19 -20.43 35.22
C ILE B 291 8.15 -21.46 36.32
N TRP B 292 7.74 -21.04 37.52
CA TRP B 292 7.71 -21.88 38.71
C TRP B 292 6.28 -22.03 39.18
N VAL B 293 5.88 -23.26 39.48
CA VAL B 293 4.49 -23.59 39.79
C VAL B 293 4.46 -24.41 41.08
N ASN B 294 3.65 -23.97 42.04
CA ASN B 294 3.25 -24.80 43.17
C ASN B 294 1.81 -25.28 42.95
N PHE B 295 1.38 -26.24 43.75
CA PHE B 295 0.14 -26.93 43.49
C PHE B 295 -0.72 -27.02 44.75
N ALA B 296 -1.98 -27.41 44.55
CA ALA B 296 -2.93 -27.57 45.63
C ALA B 296 -2.92 -29.01 46.14
N TYR B 297 -3.59 -29.22 47.28
CA TYR B 297 -3.72 -30.56 47.82
C TYR B 297 -4.42 -31.45 46.79
N PRO B 298 -3.97 -32.71 46.62
CA PRO B 298 -2.93 -33.45 47.33
C PRO B 298 -1.55 -33.43 46.68
N ASP B 299 -1.38 -32.57 45.66
CA ASP B 299 -0.10 -32.42 44.99
C ASP B 299 0.73 -31.29 45.59
N ASN B 300 0.43 -30.90 46.83
CA ASN B 300 1.08 -29.77 47.50
C ASN B 300 2.54 -30.02 47.82
N ASP B 301 3.07 -31.23 47.58
CA ASP B 301 4.46 -31.55 47.90
C ASP B 301 5.41 -31.28 46.76
N LYS B 302 4.95 -30.60 45.71
CA LYS B 302 5.69 -30.47 44.46
C LYS B 302 5.87 -29.02 44.08
N VAL B 303 6.96 -28.75 43.36
CA VAL B 303 7.18 -27.50 42.66
C VAL B 303 7.81 -27.86 41.31
N GLN B 304 7.19 -27.41 40.22
CA GLN B 304 7.64 -27.74 38.88
C GLN B 304 8.22 -26.50 38.22
N VAL B 305 9.28 -26.70 37.43
CA VAL B 305 9.98 -25.65 36.73
C VAL B 305 9.74 -25.83 35.25
N ILE B 306 9.30 -24.76 34.59
CA ILE B 306 8.91 -24.78 33.16
C ILE B 306 9.84 -23.85 32.40
N ASP B 307 10.20 -24.23 31.19
CA ASP B 307 10.95 -23.39 30.28
C ASP B 307 9.98 -22.49 29.53
N SER B 308 10.16 -21.18 29.64
CA SER B 308 9.23 -20.23 29.04
C SER B 308 9.30 -20.23 27.53
N GLU B 309 10.39 -20.70 26.94
CA GLU B 309 10.50 -20.76 25.49
C GLU B 309 9.89 -22.02 24.91
N THR B 310 10.28 -23.19 25.45
CA THR B 310 9.82 -24.45 24.93
C THR B 310 8.48 -24.89 25.51
N HIS B 311 8.08 -24.31 26.63
CA HIS B 311 6.87 -24.69 27.35
C HIS B 311 6.94 -26.10 27.91
N GLU B 312 8.15 -26.67 27.99
CA GLU B 312 8.35 -28.02 28.51
C GLU B 312 8.75 -27.97 29.97
N VAL B 313 8.14 -28.81 30.80
CA VAL B 313 8.58 -28.98 32.18
C VAL B 313 10.01 -29.51 32.16
N ILE B 314 10.93 -28.78 32.78
CA ILE B 314 12.34 -29.16 32.75
C ILE B 314 12.78 -29.85 34.04
N GLU B 315 12.07 -29.69 35.14
CA GLU B 315 12.37 -30.42 36.35
C GLU B 315 11.22 -30.31 37.31
N THR B 316 10.98 -31.39 38.07
CA THR B 316 9.99 -31.42 39.13
C THR B 316 10.73 -31.52 40.45
N LEU B 317 10.53 -30.53 41.32
CA LEU B 317 11.17 -30.49 42.62
C LEU B 317 10.18 -30.94 43.70
N ARG B 318 10.68 -31.69 44.68
CA ARG B 318 9.90 -32.13 45.83
C ARG B 318 10.52 -31.52 47.09
N PRO B 319 10.13 -30.31 47.47
CA PRO B 319 10.68 -29.73 48.71
C PRO B 319 10.20 -30.46 49.95
N GLY B 320 8.92 -30.79 50.03
CA GLY B 320 8.33 -31.40 51.19
C GLY B 320 6.84 -31.15 51.22
N PRO B 321 6.14 -31.73 52.18
CA PRO B 321 4.67 -31.61 52.18
C PRO B 321 4.22 -30.20 52.51
N GLY B 322 3.17 -29.75 51.82
CA GLY B 322 2.54 -28.48 52.14
C GLY B 322 3.31 -27.27 51.69
N VAL B 323 3.89 -27.31 50.49
CA VAL B 323 4.58 -26.15 49.93
C VAL B 323 3.51 -25.16 49.46
N LEU B 324 3.36 -24.06 50.21
CA LEU B 324 2.25 -23.12 49.97
C LEU B 324 2.63 -21.91 49.13
N HIS B 325 3.87 -21.43 49.21
CA HIS B 325 4.22 -20.17 48.57
C HIS B 325 5.69 -20.15 48.22
N MET B 326 6.03 -19.23 47.32
CA MET B 326 7.40 -19.05 46.84
C MET B 326 7.67 -17.56 46.61
N GLU B 327 8.94 -17.19 46.61
CA GLU B 327 9.31 -15.79 46.44
C GLU B 327 10.74 -15.71 45.92
N PHE B 328 10.95 -14.90 44.89
CA PHE B 328 12.27 -14.69 44.32
C PHE B 328 12.94 -13.47 44.92
N SER B 329 14.24 -13.41 44.80
CA SER B 329 14.99 -12.21 45.17
C SER B 329 14.81 -11.15 44.08
N GLY B 330 15.31 -9.95 44.36
CA GLY B 330 15.15 -8.86 43.42
C GLY B 330 15.81 -9.13 42.08
N ARG B 331 17.05 -9.62 42.11
CA ARG B 331 17.78 -9.87 40.88
C ARG B 331 17.66 -11.29 40.38
N GLY B 332 17.07 -12.18 41.16
CA GLY B 332 16.82 -13.55 40.72
C GLY B 332 17.84 -14.57 41.13
N ASP B 333 18.79 -14.23 41.99
CA ASP B 333 19.80 -15.19 42.43
C ASP B 333 19.23 -16.20 43.42
N GLN B 334 18.07 -15.94 44.00
CA GLN B 334 17.48 -16.80 45.00
C GLN B 334 16.01 -17.02 44.71
N VAL B 335 15.50 -18.18 45.10
CA VAL B 335 14.08 -18.44 45.24
C VAL B 335 13.85 -19.03 46.63
N TRP B 336 12.76 -18.63 47.26
CA TRP B 336 12.43 -19.05 48.61
C TRP B 336 11.13 -19.86 48.57
N ILE B 337 11.15 -21.04 49.18
CA ILE B 337 10.01 -21.96 49.14
C ILE B 337 9.61 -22.28 50.57
N SER B 338 8.38 -21.94 50.93
CA SER B 338 7.85 -22.23 52.26
C SER B 338 7.21 -23.61 52.26
N VAL B 339 7.54 -24.41 53.27
CA VAL B 339 7.15 -25.81 53.35
C VAL B 339 6.43 -26.00 54.68
N ARG B 340 5.09 -25.88 54.65
CA ARG B 340 4.28 -25.83 55.86
C ARG B 340 4.43 -27.08 56.71
N ASP B 341 3.97 -28.22 56.20
CA ASP B 341 3.91 -29.44 57.01
C ASP B 341 5.29 -29.95 57.39
N ALA B 342 6.36 -29.41 56.83
CA ALA B 342 7.72 -29.71 57.26
C ALA B 342 8.26 -28.71 58.26
N ASP B 343 7.47 -27.70 58.62
CA ASP B 343 7.89 -26.65 59.56
C ASP B 343 9.30 -26.17 59.19
N GLN B 344 9.39 -25.58 57.99
CA GLN B 344 10.69 -25.29 57.40
C GLN B 344 10.52 -24.32 56.25
N LEU B 345 11.55 -23.51 56.03
CA LEU B 345 11.62 -22.58 54.91
C LEU B 345 12.98 -22.76 54.23
N GLN B 346 12.97 -22.99 52.93
CA GLN B 346 14.17 -23.30 52.18
C GLN B 346 14.46 -22.22 51.14
N VAL B 347 15.75 -21.99 50.90
CA VAL B 347 16.24 -21.06 49.89
C VAL B 347 16.98 -21.87 48.84
N TRP B 348 16.61 -21.66 47.57
CA TRP B 348 17.16 -22.45 46.47
C TRP B 348 17.87 -21.53 45.48
N ASP B 349 18.92 -22.07 44.85
CA ASP B 349 19.53 -21.44 43.70
C ASP B 349 18.66 -21.76 42.48
N PRO B 350 18.04 -20.76 41.84
CA PRO B 350 17.11 -21.07 40.73
C PRO B 350 17.79 -21.36 39.41
N TYR B 351 19.07 -21.03 39.25
CA TYR B 351 19.78 -21.32 38.00
C TYR B 351 20.37 -22.72 37.98
N ARG B 352 20.56 -23.33 39.14
CA ARG B 352 20.97 -24.71 39.25
C ARG B 352 19.93 -25.59 39.92
N LEU B 353 18.86 -25.00 40.49
CA LEU B 353 17.77 -25.76 41.10
C LEU B 353 18.30 -26.64 42.22
N LYS B 354 19.17 -26.06 43.04
CA LYS B 354 19.77 -26.75 44.18
C LYS B 354 19.44 -25.98 45.44
N ARG B 355 19.14 -26.70 46.52
CA ARG B 355 18.87 -26.06 47.80
C ARG B 355 20.17 -25.53 48.39
N ILE B 356 20.09 -24.36 49.04
CA ILE B 356 21.29 -23.74 49.61
C ILE B 356 21.03 -23.23 51.01
N GLY B 357 20.05 -23.78 51.70
CA GLY B 357 19.80 -23.41 53.09
C GLY B 357 18.37 -23.65 53.49
N SER B 358 18.14 -23.56 54.80
CA SER B 358 16.82 -23.86 55.35
C SER B 358 16.67 -23.17 56.70
N LEU B 359 15.43 -22.82 57.04
CA LEU B 359 15.11 -22.15 58.30
C LEU B 359 13.90 -22.83 58.93
N PRO B 360 14.02 -23.38 60.13
CA PRO B 360 12.82 -23.90 60.80
C PRO B 360 11.78 -22.81 61.00
N ALA B 361 10.52 -23.22 61.03
CA ALA B 361 9.42 -22.29 61.23
C ALA B 361 8.17 -23.09 61.55
N ARG B 362 7.17 -22.40 62.08
CA ARG B 362 5.94 -23.03 62.58
C ARG B 362 4.88 -22.89 61.51
N SER B 363 4.73 -23.96 60.70
CA SER B 363 3.81 -23.98 59.57
C SER B 363 3.98 -22.70 58.76
N PRO B 364 5.11 -22.53 58.08
CA PRO B 364 5.35 -21.29 57.32
C PRO B 364 4.51 -21.24 56.05
N SER B 365 3.73 -20.18 55.90
CA SER B 365 2.91 -19.98 54.71
C SER B 365 3.61 -18.99 53.78
N GLY B 366 3.00 -17.84 53.53
CA GLY B 366 3.53 -16.92 52.55
C GLY B 366 4.83 -16.26 53.01
N ILE B 367 5.74 -16.05 52.06
CA ILE B 367 7.04 -15.44 52.30
C ILE B 367 7.16 -14.26 51.36
N PHE B 368 7.32 -13.06 51.93
CA PHE B 368 7.41 -11.83 51.16
C PHE B 368 8.75 -11.16 51.44
N PHE B 369 9.36 -10.56 50.41
CA PHE B 369 10.64 -9.89 50.55
C PHE B 369 10.48 -8.41 50.21
N SER B 370 11.37 -7.59 50.81
CA SER B 370 11.16 -6.15 50.89
C SER B 370 11.25 -5.44 49.54
N HIS B 371 11.81 -6.09 48.52
CA HIS B 371 11.92 -5.41 47.22
C HIS B 371 10.56 -5.11 46.63
N ARG B 372 9.48 -5.77 47.11
CA ARG B 372 8.14 -5.45 46.67
C ARG B 372 7.79 -3.99 46.92
N ALA B 373 8.45 -3.32 47.85
CA ALA B 373 8.12 -1.93 48.18
C ALA B 373 8.29 -1.00 46.99
N GLN B 374 9.03 -1.41 45.98
CA GLN B 374 9.40 -0.54 44.87
C GLN B 374 8.58 -0.78 43.61
N HIS B 375 7.51 -1.57 43.69
CA HIS B 375 6.77 -2.01 42.52
C HIS B 375 5.28 -1.78 42.72
N ILE B 376 4.66 -1.02 41.81
CA ILE B 376 3.22 -0.84 41.83
C ILE B 376 2.54 -2.20 41.80
N GLY B 377 1.49 -2.33 42.61
CA GLY B 377 0.72 -3.56 42.67
C GLY B 377 1.25 -4.60 43.62
N LEU B 378 2.34 -4.33 44.33
CA LEU B 378 2.90 -5.27 45.29
C LEU B 378 3.04 -4.60 46.68
N PRO C 7 -9.12 -0.77 -0.07
CA PRO C 7 -8.71 -2.16 0.15
C PRO C 7 -9.85 -3.03 0.68
N PRO C 8 -10.71 -3.52 -0.21
CA PRO C 8 -11.89 -4.26 0.24
C PRO C 8 -11.60 -5.73 0.47
N LEU C 9 -12.26 -6.29 1.47
CA LEU C 9 -12.03 -7.68 1.85
C LEU C 9 -12.16 -8.60 0.64
N ARG C 10 -11.24 -9.54 0.52
N ARG C 10 -11.20 -9.52 0.51
CA ARG C 10 -11.36 -10.54 -0.53
CA ARG C 10 -11.18 -10.47 -0.59
C ARG C 10 -10.50 -11.74 -0.18
C ARG C 10 -10.51 -11.75 -0.13
N GLY C 11 -10.83 -12.85 -0.81
CA GLY C 11 -10.08 -14.07 -0.61
C GLY C 11 -8.78 -14.06 -1.38
N SER C 12 -7.80 -14.82 -0.88
CA SER C 12 -6.49 -14.91 -1.50
C SER C 12 -6.34 -16.19 -2.30
N GLY C 13 -7.34 -17.07 -2.30
CA GLY C 13 -7.19 -18.37 -2.95
C GLY C 13 -7.14 -18.30 -4.45
N ASP C 14 -7.70 -17.25 -5.06
CA ASP C 14 -7.80 -17.14 -6.51
C ASP C 14 -7.04 -15.95 -7.04
N LEU C 15 -6.02 -15.49 -6.31
CA LEU C 15 -5.22 -14.35 -6.70
C LEU C 15 -4.07 -14.80 -7.59
N GLY C 16 -3.86 -14.08 -8.69
CA GLY C 16 -2.77 -14.35 -9.58
C GLY C 16 -1.84 -13.17 -9.74
N VAL C 17 -0.59 -13.41 -10.13
CA VAL C 17 0.38 -12.36 -10.36
C VAL C 17 0.91 -12.53 -11.79
N LEU C 18 0.86 -11.46 -12.57
CA LEU C 18 1.32 -11.44 -13.95
C LEU C 18 2.55 -10.57 -14.05
N ILE C 19 3.63 -11.13 -14.57
CA ILE C 19 4.84 -10.36 -14.81
C ILE C 19 4.68 -9.57 -16.11
N GLU C 20 4.95 -8.28 -16.06
CA GLU C 20 5.00 -7.43 -17.25
C GLU C 20 6.49 -7.24 -17.57
N ARG C 21 6.95 -7.94 -18.61
CA ARG C 21 8.38 -8.17 -18.81
C ARG C 21 9.14 -6.90 -19.11
N ALA C 22 8.49 -5.90 -19.72
CA ALA C 22 9.19 -4.73 -20.23
C ALA C 22 9.16 -3.51 -19.30
N ASP C 23 8.24 -3.46 -18.35
CA ASP C 23 8.03 -2.25 -17.55
C ASP C 23 8.29 -2.45 -16.07
N GLY C 24 8.87 -3.58 -15.67
CA GLY C 24 9.13 -3.78 -14.25
C GLY C 24 7.89 -3.66 -13.40
N SER C 25 6.79 -4.19 -13.86
CA SER C 25 5.51 -4.09 -13.17
C SER C 25 4.85 -5.44 -13.15
N VAL C 26 3.82 -5.58 -12.32
CA VAL C 26 3.02 -6.79 -12.24
C VAL C 26 1.56 -6.40 -12.19
N GLN C 27 0.70 -7.34 -12.54
CA GLN C 27 -0.74 -7.22 -12.31
C GLN C 27 -1.18 -8.24 -11.29
N ILE C 28 -2.07 -7.81 -10.40
CA ILE C 28 -2.69 -8.67 -9.41
C ILE C 28 -4.07 -9.03 -9.94
N LEU C 29 -4.36 -10.31 -10.08
CA LEU C 29 -5.51 -10.77 -10.81
C LEU C 29 -6.52 -11.47 -9.92
N ASP C 30 -7.79 -11.23 -10.18
CA ASP C 30 -8.88 -12.00 -9.58
C ASP C 30 -9.18 -13.17 -10.50
N GLY C 31 -8.82 -14.37 -10.07
CA GLY C 31 -8.95 -15.54 -10.95
C GLY C 31 -10.37 -15.97 -11.20
N THR C 32 -11.27 -15.71 -10.25
CA THR C 32 -12.66 -16.11 -10.40
C THR C 32 -13.41 -15.13 -11.30
N ALA C 33 -13.32 -13.84 -11.01
CA ALA C 33 -13.92 -12.84 -11.87
C ALA C 33 -13.18 -12.66 -13.17
N LYS C 34 -11.96 -13.19 -13.29
CA LYS C 34 -11.13 -13.02 -14.48
C LYS C 34 -10.87 -11.55 -14.76
N THR C 35 -10.45 -10.83 -13.72
CA THR C 35 -10.24 -9.39 -13.80
C THR C 35 -8.88 -9.05 -13.22
N SER C 36 -8.41 -7.85 -13.53
CA SER C 36 -7.20 -7.29 -12.93
C SER C 36 -7.60 -6.38 -11.79
N LEU C 37 -7.03 -6.63 -10.59
CA LEU C 37 -7.33 -5.82 -9.42
C LEU C 37 -6.46 -4.59 -9.34
N ALA C 38 -5.21 -4.66 -9.81
CA ALA C 38 -4.29 -3.56 -9.68
C ALA C 38 -3.09 -3.80 -10.54
N ARG C 39 -2.36 -2.74 -10.82
CA ARG C 39 -1.02 -2.79 -11.43
C ARG C 39 -0.05 -2.15 -10.44
N VAL C 40 0.97 -2.90 -10.05
CA VAL C 40 2.01 -2.40 -9.15
C VAL C 40 3.27 -2.22 -9.95
N GLU C 41 3.88 -1.04 -9.85
CA GLU C 41 5.11 -0.72 -10.55
C GLU C 41 6.26 -0.65 -9.57
N GLY C 42 7.47 -0.46 -10.11
CA GLY C 42 8.64 -0.29 -9.29
C GLY C 42 9.38 -1.55 -8.95
N LEU C 43 9.24 -2.61 -9.77
CA LEU C 43 9.96 -3.85 -9.53
C LEU C 43 11.21 -3.98 -10.39
N GLY C 44 11.66 -2.90 -11.01
CA GLY C 44 12.95 -2.92 -11.67
C GLY C 44 12.95 -3.76 -12.93
N ASP C 45 13.96 -4.60 -13.07
CA ASP C 45 14.15 -5.42 -14.28
C ASP C 45 13.49 -6.75 -14.09
N LEU C 46 12.26 -6.87 -14.58
CA LEU C 46 11.54 -8.14 -14.63
C LEU C 46 11.64 -8.80 -16.01
N SER C 47 12.66 -8.45 -16.80
CA SER C 47 12.82 -9.08 -18.11
C SER C 47 12.83 -10.57 -17.98
N HIS C 48 13.36 -11.08 -16.88
CA HIS C 48 13.27 -12.50 -16.50
C HIS C 48 12.99 -12.53 -15.02
N ALA C 49 11.94 -13.23 -14.61
CA ALA C 49 11.53 -13.20 -13.22
C ALA C 49 10.76 -14.45 -12.87
N SER C 50 10.86 -14.83 -11.59
CA SER C 50 10.02 -15.86 -11.01
C SER C 50 9.49 -15.35 -9.68
N LEU C 51 8.60 -16.12 -9.06
CA LEU C 51 8.06 -15.72 -7.77
C LEU C 51 7.53 -16.93 -7.03
N VAL C 52 7.47 -16.80 -5.70
CA VAL C 52 6.82 -17.74 -4.81
C VAL C 52 5.88 -16.95 -3.91
N PHE C 53 4.99 -17.67 -3.22
CA PHE C 53 3.97 -17.08 -2.38
C PHE C 53 4.17 -17.47 -0.92
N SER C 54 3.83 -16.53 -0.01
CA SER C 54 3.80 -16.84 1.41
C SER C 54 2.65 -17.80 1.72
N ARG C 55 2.75 -18.48 2.87
CA ARG C 55 1.86 -19.60 3.16
C ARG C 55 0.43 -19.15 3.39
N ASP C 56 0.19 -17.89 3.73
CA ASP C 56 -1.15 -17.36 3.85
C ASP C 56 -1.67 -16.83 2.52
N GLN C 57 -0.86 -16.85 1.48
CA GLN C 57 -1.21 -16.45 0.11
C GLN C 57 -1.43 -14.97 -0.01
N ARG C 58 -1.02 -14.19 0.98
CA ARG C 58 -1.18 -12.72 0.90
C ARG C 58 -0.03 -12.03 0.22
N TYR C 59 1.18 -12.64 0.17
CA TYR C 59 2.35 -12.03 -0.40
C TYR C 59 2.92 -12.90 -1.50
N ALA C 60 3.49 -12.24 -2.52
CA ALA C 60 4.36 -12.87 -3.48
C ALA C 60 5.77 -12.33 -3.33
N TYR C 61 6.74 -13.22 -3.41
CA TYR C 61 8.17 -12.83 -3.34
C TYR C 61 8.71 -12.93 -4.77
N VAL C 62 8.89 -11.77 -5.39
CA VAL C 62 9.30 -11.69 -6.79
C VAL C 62 10.80 -11.61 -6.87
N PHE C 63 11.40 -12.46 -7.72
CA PHE C 63 12.84 -12.51 -7.94
C PHE C 63 13.10 -11.98 -9.34
N GLY C 64 13.83 -10.87 -9.44
CA GLY C 64 14.04 -10.19 -10.69
C GLY C 64 15.44 -10.41 -11.23
N ARG C 65 15.58 -10.09 -12.52
CA ARG C 65 16.89 -10.24 -13.18
C ARG C 65 17.92 -9.28 -12.63
N ASP C 66 17.49 -8.17 -12.01
CA ASP C 66 18.37 -7.20 -11.38
C ASP C 66 18.81 -7.59 -9.98
N GLY C 67 18.58 -8.85 -9.57
CA GLY C 67 18.86 -9.25 -8.20
C GLY C 67 17.87 -8.69 -7.20
N GLY C 68 16.74 -8.19 -7.66
CA GLY C 68 15.77 -7.62 -6.77
C GLY C 68 14.88 -8.68 -6.18
N LEU C 69 14.61 -8.53 -4.88
CA LEU C 69 13.65 -9.36 -4.13
C LEU C 69 12.55 -8.43 -3.62
N THR C 70 11.34 -8.63 -4.08
CA THR C 70 10.21 -7.75 -3.80
C THR C 70 9.14 -8.52 -3.08
N LYS C 71 8.85 -8.11 -1.85
CA LYS C 71 7.72 -8.65 -1.08
C LYS C 71 6.48 -7.87 -1.49
N LEU C 72 5.63 -8.50 -2.31
CA LEU C 72 4.49 -7.85 -2.92
C LEU C 72 3.23 -8.19 -2.16
N ASP C 73 2.60 -7.18 -1.57
CA ASP C 73 1.36 -7.39 -0.81
C ASP C 73 0.19 -7.46 -1.77
N LEU C 74 -0.38 -8.65 -1.94
CA LEU C 74 -1.44 -8.83 -2.93
C LEU C 74 -2.77 -8.24 -2.46
N LEU C 75 -2.96 -8.03 -1.18
CA LEU C 75 -4.25 -7.56 -0.67
C LEU C 75 -4.28 -6.04 -0.51
N ALA C 76 -3.18 -5.44 -0.06
CA ALA C 76 -3.04 -3.99 -0.08
C ALA C 76 -2.61 -3.48 -1.45
N GLN C 77 -2.21 -4.37 -2.36
CA GLN C 77 -1.85 -4.02 -3.74
C GLN C 77 -0.71 -3.01 -3.74
N ARG C 78 0.40 -3.39 -3.12
CA ARG C 78 1.54 -2.52 -2.98
C ARG C 78 2.79 -3.36 -2.69
N ILE C 79 3.95 -2.74 -2.88
CA ILE C 79 5.21 -3.32 -2.44
C ILE C 79 5.30 -3.16 -0.93
N ASP C 80 5.51 -4.25 -0.22
CA ASP C 80 5.70 -4.21 1.22
C ASP C 80 7.16 -3.90 1.54
N LYS C 81 8.08 -4.64 0.94
CA LYS C 81 9.51 -4.42 1.10
C LYS C 81 10.20 -4.80 -0.19
N ARG C 82 11.34 -4.17 -0.47
CA ARG C 82 12.11 -4.46 -1.64
C ARG C 82 13.57 -4.27 -1.35
N LEU C 83 14.40 -5.21 -1.83
CA LEU C 83 15.84 -5.09 -1.78
C LEU C 83 16.40 -5.51 -3.12
N ILE C 84 17.62 -5.02 -3.42
CA ILE C 84 18.30 -5.33 -4.66
C ILE C 84 19.73 -5.76 -4.32
N GLN C 85 20.09 -6.98 -4.69
CA GLN C 85 21.45 -7.47 -4.51
C GLN C 85 21.98 -7.96 -5.85
N GLY C 86 22.89 -7.20 -6.44
CA GLY C 86 23.54 -7.64 -7.67
C GLY C 86 24.14 -9.02 -7.47
N GLY C 87 24.11 -9.82 -8.53
CA GLY C 87 24.59 -11.18 -8.44
C GLY C 87 23.55 -12.20 -8.07
N ASN C 88 22.41 -11.77 -7.52
CA ASN C 88 21.31 -12.68 -7.21
C ASN C 88 20.59 -13.08 -8.49
N SER C 89 20.26 -14.36 -8.59
CA SER C 89 19.53 -14.88 -9.73
C SER C 89 18.07 -15.14 -9.31
N ILE C 90 17.25 -15.51 -10.29
CA ILE C 90 15.85 -15.77 -10.04
C ILE C 90 15.68 -17.21 -9.62
N GLY C 91 14.45 -17.66 -9.50
CA GLY C 91 14.21 -19.04 -9.08
C GLY C 91 14.30 -19.27 -7.59
N GLY C 92 14.14 -18.24 -6.78
CA GLY C 92 14.14 -18.41 -5.35
C GLY C 92 13.06 -19.35 -4.88
N ALA C 93 13.11 -19.67 -3.58
CA ALA C 93 12.24 -20.66 -2.99
C ALA C 93 11.91 -20.22 -1.57
N ILE C 94 10.76 -20.70 -1.06
CA ILE C 94 10.32 -20.42 0.31
C ILE C 94 10.30 -21.73 1.11
N SER C 95 10.53 -21.62 2.41
CA SER C 95 10.72 -22.78 3.25
C SER C 95 9.41 -23.48 3.52
N GLN C 96 9.51 -24.69 4.11
CA GLN C 96 8.36 -25.50 4.40
C GLN C 96 7.44 -24.83 5.42
N ASP C 97 8.02 -24.17 6.42
CA ASP C 97 7.24 -23.46 7.44
C ASP C 97 6.99 -22.02 7.06
N GLY C 98 7.42 -21.58 5.88
CA GLY C 98 7.12 -20.24 5.39
C GLY C 98 7.94 -19.14 5.96
N ARG C 99 8.92 -19.44 6.82
CA ARG C 99 9.66 -18.38 7.51
C ARG C 99 10.82 -17.85 6.69
N LEU C 100 11.36 -18.64 5.77
CA LEU C 100 12.61 -18.32 5.09
C LEU C 100 12.42 -18.29 3.57
N VAL C 101 13.03 -17.31 2.93
CA VAL C 101 13.10 -17.21 1.47
C VAL C 101 14.55 -17.32 1.08
N ALA C 102 14.85 -18.24 0.16
CA ALA C 102 16.22 -18.50 -0.29
C ALA C 102 16.37 -18.05 -1.73
N VAL C 103 17.55 -17.48 -2.03
CA VAL C 103 17.85 -16.96 -3.38
C VAL C 103 19.27 -17.35 -3.71
N SER C 104 19.47 -17.87 -4.93
CA SER C 104 20.80 -18.16 -5.44
C SER C 104 21.48 -16.89 -5.96
N ASN C 105 22.81 -16.94 -6.03
CA ASN C 105 23.55 -15.86 -6.65
C ASN C 105 24.73 -16.45 -7.42
N TYR C 106 25.10 -15.78 -8.51
CA TYR C 106 26.29 -16.18 -9.28
C TYR C 106 27.52 -15.38 -8.94
N GLU C 107 27.36 -14.20 -8.34
CA GLU C 107 28.49 -13.37 -7.89
C GLU C 107 28.31 -13.11 -6.40
N PRO C 108 29.22 -13.59 -5.52
CA PRO C 108 30.40 -14.44 -5.76
C PRO C 108 30.02 -15.88 -6.12
N GLY C 109 28.80 -16.28 -5.73
CA GLY C 109 28.34 -17.63 -5.97
C GLY C 109 27.96 -18.29 -4.69
N GLY C 110 26.65 -18.58 -4.52
CA GLY C 110 26.19 -19.21 -3.30
C GLY C 110 24.67 -19.06 -3.15
N VAL C 111 24.23 -19.11 -1.92
CA VAL C 111 22.81 -18.96 -1.57
C VAL C 111 22.70 -17.98 -0.40
N LYS C 112 21.73 -17.09 -0.46
CA LYS C 112 21.36 -16.22 0.63
C LYS C 112 19.95 -16.52 1.07
N VAL C 113 19.73 -16.58 2.39
CA VAL C 113 18.42 -16.90 2.96
C VAL C 113 17.94 -15.68 3.76
N PHE C 114 16.68 -15.28 3.52
CA PHE C 114 16.12 -14.06 4.09
C PHE C 114 14.89 -14.36 4.93
N ASP C 115 14.65 -13.51 5.92
CA ASP C 115 13.46 -13.59 6.73
C ASP C 115 12.26 -13.21 5.86
N SER C 116 11.27 -14.10 5.78
CA SER C 116 10.14 -13.88 4.89
C SER C 116 9.30 -12.68 5.27
N ARG C 117 9.32 -12.25 6.51
CA ARG C 117 8.52 -11.12 6.94
C ARG C 117 9.25 -9.79 6.78
N THR C 118 10.52 -9.74 7.13
CA THR C 118 11.28 -8.50 7.12
C THR C 118 12.26 -8.40 5.98
N LEU C 119 12.58 -9.51 5.31
CA LEU C 119 13.58 -9.59 4.27
C LEU C 119 14.98 -9.29 4.80
N GLU C 120 15.19 -9.38 6.11
CA GLU C 120 16.52 -9.30 6.67
C GLU C 120 17.28 -10.57 6.37
N LEU C 121 18.58 -10.43 6.08
CA LEU C 121 19.41 -11.59 5.80
C LEU C 121 19.64 -12.36 7.09
N VAL C 122 19.34 -13.66 7.04
CA VAL C 122 19.55 -14.51 8.21
C VAL C 122 20.69 -15.49 8.01
N ALA C 123 21.01 -15.85 6.76
CA ALA C 123 22.17 -16.70 6.48
C ALA C 123 22.57 -16.55 5.03
N GLU C 124 23.89 -16.64 4.78
CA GLU C 124 24.40 -16.75 3.45
C GLU C 124 25.36 -17.93 3.40
N ILE C 125 25.29 -18.70 2.32
CA ILE C 125 26.04 -19.93 2.16
C ILE C 125 26.91 -19.80 0.92
N PRO C 126 28.19 -19.49 1.07
CA PRO C 126 29.05 -19.37 -0.11
C PRO C 126 29.31 -20.75 -0.73
N ALA C 127 29.37 -20.78 -2.06
CA ALA C 127 29.64 -22.00 -2.77
C ALA C 127 31.13 -22.30 -2.80
N THR C 128 31.48 -23.48 -3.30
CA THR C 128 32.89 -23.86 -3.42
C THR C 128 33.66 -22.81 -4.18
N ARG C 129 34.84 -22.44 -3.64
CA ARG C 129 35.71 -21.49 -4.30
C ARG C 129 36.22 -22.04 -5.62
N LEU C 130 36.50 -21.15 -6.54
CA LEU C 130 37.05 -21.49 -7.84
C LEU C 130 38.51 -21.07 -7.93
N PRO C 131 39.36 -21.85 -8.58
CA PRO C 131 40.78 -21.49 -8.65
C PRO C 131 41.02 -20.25 -9.49
N GLY C 132 41.88 -19.38 -8.98
CA GLY C 132 42.30 -18.20 -9.70
C GLY C 132 41.20 -17.33 -10.23
N GLN C 133 40.31 -16.83 -9.37
CA GLN C 133 39.21 -15.99 -9.81
C GLN C 133 38.76 -14.96 -8.80
N ASP C 134 38.79 -15.30 -7.51
CA ASP C 134 38.08 -14.52 -6.49
C ASP C 134 36.57 -14.64 -6.71
N ARG C 135 36.14 -15.86 -7.02
CA ARG C 135 34.76 -16.13 -7.39
C ARG C 135 34.43 -17.53 -6.92
N ASN C 136 33.16 -17.73 -6.51
CA ASN C 136 32.68 -19.03 -6.11
C ASN C 136 31.96 -19.70 -7.28
N SER C 137 31.68 -20.99 -7.12
CA SER C 137 30.87 -21.70 -8.09
C SER C 137 29.47 -21.12 -8.12
N ARG C 138 28.96 -20.78 -9.31
CA ARG C 138 27.61 -20.28 -9.39
C ARG C 138 26.64 -21.42 -9.09
N VAL C 139 25.50 -21.06 -8.46
CA VAL C 139 24.55 -22.03 -7.94
C VAL C 139 23.31 -22.00 -8.83
N VAL C 140 22.76 -23.20 -9.09
CA VAL C 140 21.57 -23.35 -9.91
C VAL C 140 20.67 -24.42 -9.27
N GLY C 141 19.46 -24.52 -9.77
CA GLY C 141 18.55 -25.57 -9.33
C GLY C 141 18.18 -25.52 -7.89
N LEU C 142 17.97 -24.31 -7.35
CA LEU C 142 17.58 -24.14 -5.96
C LEU C 142 16.10 -24.49 -5.78
N VAL C 143 15.82 -25.38 -4.81
CA VAL C 143 14.45 -25.74 -4.49
C VAL C 143 14.30 -25.81 -2.98
N ASP C 144 13.04 -25.71 -2.51
CA ASP C 144 12.68 -26.07 -1.15
C ASP C 144 12.36 -27.56 -1.09
N ALA C 145 12.61 -28.15 0.06
CA ALA C 145 12.38 -29.58 0.23
C ALA C 145 11.73 -29.83 1.58
N PRO C 146 11.02 -30.97 1.74
CA PRO C 146 10.46 -31.29 3.04
C PRO C 146 11.54 -31.36 4.08
N GLY C 147 11.17 -31.10 5.33
CA GLY C 147 12.13 -31.09 6.40
C GLY C 147 12.85 -29.80 6.60
N GLN C 148 12.28 -28.69 6.12
CA GLN C 148 12.89 -27.37 6.29
C GLN C 148 14.24 -27.32 5.64
N ARG C 149 14.33 -27.87 4.43
CA ARG C 149 15.57 -27.94 3.68
C ARG C 149 15.52 -27.03 2.46
N PHE C 150 16.71 -26.59 2.03
CA PHE C 150 16.93 -26.08 0.68
C PHE C 150 17.99 -26.95 0.03
N VAL C 151 17.81 -27.28 -1.26
CA VAL C 151 18.75 -28.11 -2.01
C VAL C 151 19.13 -27.38 -3.28
N PHE C 152 20.40 -27.43 -3.64
CA PHE C 152 20.89 -26.70 -4.81
C PHE C 152 22.14 -27.35 -5.35
N SER C 153 22.52 -26.96 -6.56
CA SER C 153 23.65 -27.54 -7.27
C SER C 153 24.68 -26.48 -7.60
N LEU C 154 25.92 -26.89 -7.76
CA LEU C 154 27.04 -26.00 -8.08
C LEU C 154 27.52 -26.28 -9.50
N PHE C 155 27.26 -25.36 -10.42
CA PHE C 155 27.52 -25.59 -11.82
C PHE C 155 29.00 -25.84 -12.08
N ASP C 156 29.86 -24.94 -11.65
CA ASP C 156 31.27 -25.01 -12.02
C ASP C 156 31.96 -26.17 -11.36
N SER C 157 31.62 -26.49 -10.11
CA SER C 157 32.35 -27.50 -9.33
C SER C 157 31.66 -28.85 -9.28
N GLY C 158 30.43 -28.97 -9.78
CA GLY C 158 29.75 -30.25 -9.86
C GLY C 158 29.37 -30.84 -8.54
N GLU C 159 28.47 -30.19 -7.79
CA GLU C 159 28.08 -30.62 -6.47
C GLU C 159 26.58 -30.41 -6.28
N ILE C 160 26.01 -31.13 -5.31
CA ILE C 160 24.66 -30.93 -4.83
C ILE C 160 24.74 -30.80 -3.33
N TRP C 161 24.15 -29.73 -2.78
CA TRP C 161 24.21 -29.44 -1.35
C TRP C 161 22.80 -29.44 -0.78
N ILE C 162 22.67 -29.86 0.46
CA ILE C 162 21.48 -29.72 1.26
C ILE C 162 21.76 -28.69 2.34
N ALA C 163 20.93 -27.66 2.46
CA ALA C 163 20.97 -26.72 3.56
C ALA C 163 19.77 -26.98 4.45
N ASP C 164 20.02 -27.58 5.63
CA ASP C 164 18.98 -28.00 6.56
C ASP C 164 18.82 -26.94 7.65
N PHE C 165 17.68 -26.25 7.64
CA PHE C 165 17.40 -25.19 8.59
C PHE C 165 16.44 -25.63 9.68
N SER C 166 16.34 -26.93 9.94
CA SER C 166 15.37 -27.41 10.93
C SER C 166 15.67 -26.90 12.31
N GLN C 167 16.93 -26.64 12.62
CA GLN C 167 17.35 -26.30 13.99
C GLN C 167 17.57 -24.83 14.20
N GLY C 168 17.33 -23.99 13.22
CA GLY C 168 17.44 -22.55 13.41
C GLY C 168 18.04 -21.90 12.19
N ASP C 169 18.49 -20.64 12.39
CA ASP C 169 19.01 -19.83 11.29
C ASP C 169 20.42 -20.22 10.86
N THR C 170 21.10 -21.11 11.57
CA THR C 170 22.40 -21.58 11.16
C THR C 170 22.24 -22.96 10.53
N PRO C 171 22.36 -23.13 9.22
CA PRO C 171 22.04 -24.40 8.61
C PRO C 171 23.12 -25.44 8.79
N HIS C 172 22.70 -26.71 8.80
CA HIS C 172 23.62 -27.83 8.70
C HIS C 172 23.69 -28.27 7.25
N LEU C 173 24.92 -28.36 6.71
CA LEU C 173 25.13 -28.58 5.29
C LEU C 173 25.62 -29.98 5.03
N THR C 174 25.01 -30.64 4.06
CA THR C 174 25.43 -31.93 3.53
C THR C 174 25.83 -31.71 2.07
N ARG C 175 27.09 -32.05 1.75
CA ARG C 175 27.67 -31.76 0.45
C ARG C 175 27.96 -33.07 -0.29
N PHE C 176 27.54 -33.12 -1.56
CA PHE C 176 27.75 -34.28 -2.42
C PHE C 176 28.64 -33.85 -3.59
N ARG C 177 29.86 -34.39 -3.66
CA ARG C 177 30.78 -34.08 -4.73
C ARG C 177 30.72 -35.12 -5.84
N ASP C 178 31.33 -34.76 -6.98
CA ASP C 178 31.39 -35.65 -8.14
C ASP C 178 30.02 -36.21 -8.47
N ILE C 179 29.01 -35.34 -8.41
CA ILE C 179 27.67 -35.73 -8.81
C ILE C 179 27.51 -35.76 -10.33
N GLY C 180 28.42 -35.11 -11.06
CA GLY C 180 28.32 -35.00 -12.51
C GLY C 180 28.82 -33.64 -12.97
N LYS C 181 29.20 -33.58 -14.25
CA LYS C 181 29.84 -32.40 -14.79
C LYS C 181 28.83 -31.33 -15.12
N GLN C 182 29.00 -30.14 -14.50
CA GLN C 182 28.27 -28.93 -14.82
C GLN C 182 26.77 -29.13 -14.80
N PRO C 183 26.14 -29.29 -13.62
CA PRO C 183 24.67 -29.27 -13.55
C PRO C 183 24.13 -27.89 -13.83
N TYR C 184 23.23 -27.79 -14.79
CA TYR C 184 22.72 -26.51 -15.25
C TYR C 184 21.40 -26.10 -14.61
N ASP C 185 20.66 -27.04 -14.02
CA ASP C 185 19.34 -26.78 -13.49
C ASP C 185 18.93 -28.00 -12.68
N ALA C 186 17.87 -27.85 -11.87
CA ALA C 186 17.39 -28.96 -11.10
C ALA C 186 15.90 -28.79 -10.81
N LEU C 187 15.30 -29.89 -10.35
CA LEU C 187 13.90 -29.91 -9.94
C LEU C 187 13.75 -30.87 -8.78
N ILE C 188 12.60 -30.77 -8.10
CA ILE C 188 12.24 -31.70 -7.04
C ILE C 188 10.94 -32.37 -7.44
N SER C 189 10.82 -33.68 -7.20
CA SER C 189 9.66 -34.39 -7.61
C SER C 189 8.44 -33.83 -6.88
N PRO C 190 7.24 -33.98 -7.45
CA PRO C 190 6.04 -33.43 -6.80
C PRO C 190 5.87 -33.86 -5.36
N ASP C 191 6.18 -35.11 -5.03
CA ASP C 191 6.08 -35.58 -3.65
C ASP C 191 7.17 -35.05 -2.76
N GLY C 192 8.18 -34.37 -3.30
CA GLY C 192 9.25 -33.82 -2.51
C GLY C 192 10.28 -34.81 -2.07
N ARG C 193 10.38 -35.96 -2.72
CA ARG C 193 11.31 -37.01 -2.33
C ARG C 193 12.61 -37.00 -3.11
N TYR C 194 12.59 -36.69 -4.40
CA TYR C 194 13.74 -36.83 -5.26
C TYR C 194 14.13 -35.49 -5.84
N TYR C 195 15.42 -35.16 -5.73
CA TYR C 195 16.01 -34.00 -6.37
C TYR C 195 16.83 -34.47 -7.55
N MET C 196 16.58 -33.89 -8.73
CA MET C 196 17.21 -34.29 -9.97
C MET C 196 17.80 -33.09 -10.64
N ALA C 197 19.13 -33.10 -10.84
CA ALA C 197 19.82 -32.04 -11.58
C ALA C 197 20.18 -32.56 -12.95
N GLY C 198 19.95 -31.73 -13.99
CA GLY C 198 20.40 -32.07 -15.32
C GLY C 198 21.84 -31.66 -15.52
N LEU C 199 22.56 -32.44 -16.32
CA LEU C 199 23.98 -32.27 -16.54
C LEU C 199 24.24 -31.67 -17.91
N PHE C 200 25.12 -30.66 -17.94
CA PHE C 200 25.48 -30.00 -19.19
C PHE C 200 26.83 -30.45 -19.74
N GLY C 201 27.78 -30.75 -18.87
CA GLY C 201 29.10 -31.21 -19.30
C GLY C 201 29.14 -32.67 -19.61
N GLU C 202 28.03 -33.38 -19.42
CA GLU C 202 27.87 -34.76 -19.85
C GLU C 202 26.36 -35.06 -19.79
N ASP C 203 26.00 -36.23 -20.24
CA ASP C 203 24.58 -36.60 -20.35
C ASP C 203 24.10 -37.28 -19.08
N GLY C 204 22.80 -37.19 -18.86
CA GLY C 204 22.16 -37.85 -17.73
C GLY C 204 21.72 -36.87 -16.68
N MET C 205 21.08 -37.42 -15.64
CA MET C 205 20.53 -36.66 -14.54
C MET C 205 21.12 -37.19 -13.24
N ALA C 206 21.46 -36.30 -12.33
CA ALA C 206 21.92 -36.67 -10.99
C ALA C 206 20.74 -36.71 -10.06
N GLN C 207 20.35 -37.91 -9.63
CA GLN C 207 19.20 -38.11 -8.78
C GLN C 207 19.65 -38.27 -7.32
N LEU C 208 18.98 -37.56 -6.41
CA LEU C 208 19.27 -37.61 -4.98
C LEU C 208 17.98 -37.96 -4.26
N ASP C 209 18.01 -39.03 -3.46
CA ASP C 209 16.87 -39.47 -2.67
C ASP C 209 16.90 -38.77 -1.33
N LEU C 210 16.09 -37.71 -1.19
CA LEU C 210 16.10 -36.92 0.02
C LEU C 210 15.65 -37.71 1.24
N TRP C 211 14.96 -38.83 1.04
CA TRP C 211 14.64 -39.69 2.16
C TRP C 211 15.89 -40.40 2.68
N HIS C 212 16.80 -40.75 1.79
CA HIS C 212 18.01 -41.51 2.13
C HIS C 212 19.23 -40.81 1.53
N PRO C 213 19.62 -39.65 2.07
CA PRO C 213 20.79 -38.98 1.56
C PRO C 213 22.06 -39.80 1.74
N GLU C 214 22.05 -40.79 2.64
CA GLU C 214 23.22 -41.63 2.86
C GLU C 214 23.55 -42.47 1.63
N ARG C 215 22.57 -42.73 0.75
CA ARG C 215 22.80 -43.52 -0.46
C ARG C 215 23.46 -42.72 -1.57
N GLY C 216 23.74 -41.43 -1.35
CA GLY C 216 24.44 -40.64 -2.34
C GLY C 216 23.58 -40.35 -3.57
N VAL C 217 24.27 -39.91 -4.61
CA VAL C 217 23.62 -39.51 -5.86
C VAL C 217 23.75 -40.64 -6.87
N ARG C 218 22.72 -40.80 -7.69
CA ARG C 218 22.63 -41.86 -8.69
C ARG C 218 22.37 -41.25 -10.06
N ARG C 219 23.02 -41.81 -11.07
CA ARG C 219 22.84 -41.35 -12.45
C ARG C 219 21.64 -42.06 -13.06
N VAL C 220 20.69 -41.29 -13.58
CA VAL C 220 19.50 -41.82 -14.20
C VAL C 220 19.31 -41.15 -15.56
N LEU C 221 18.62 -41.83 -16.46
CA LEU C 221 18.27 -41.28 -17.76
C LEU C 221 19.52 -40.83 -18.49
N GLY C 222 20.44 -41.78 -18.66
CA GLY C 222 21.78 -41.47 -19.16
C GLY C 222 21.83 -40.94 -20.56
N ASP C 223 20.80 -41.20 -21.38
CA ASP C 223 20.77 -40.76 -22.78
C ASP C 223 20.16 -39.36 -22.95
N TYR C 224 19.83 -38.67 -21.90
CA TYR C 224 19.19 -37.37 -21.96
C TYR C 224 20.22 -36.29 -21.76
N GLY C 225 20.35 -35.41 -22.75
CA GLY C 225 21.31 -34.32 -22.69
C GLY C 225 21.62 -33.85 -24.10
N ARG C 226 22.69 -33.05 -24.19
CA ARG C 226 23.10 -32.53 -25.49
C ARG C 226 24.05 -33.46 -26.21
N GLY C 227 24.47 -34.55 -25.59
CA GLY C 227 25.40 -35.47 -26.26
C GLY C 227 26.69 -34.77 -26.64
N GLN C 228 27.14 -35.05 -27.86
CA GLN C 228 28.34 -34.42 -28.40
C GLN C 228 28.04 -33.13 -29.16
N ARG C 229 26.78 -32.67 -29.17
CA ARG C 229 26.44 -31.43 -29.83
C ARG C 229 26.97 -30.25 -29.02
N LYS C 230 27.45 -29.23 -29.72
CA LYS C 230 28.03 -28.06 -29.07
C LYS C 230 26.95 -27.04 -28.75
N LEU C 231 25.86 -27.50 -28.12
CA LEU C 231 24.78 -26.62 -27.72
C LEU C 231 25.20 -25.77 -26.54
N PRO C 232 24.93 -24.46 -26.54
CA PRO C 232 25.24 -23.64 -25.38
C PRO C 232 24.35 -23.99 -24.20
N VAL C 233 24.84 -23.69 -23.00
CA VAL C 233 24.12 -24.08 -21.80
C VAL C 233 22.75 -23.42 -21.74
N TYR C 234 22.60 -22.23 -22.30
CA TYR C 234 21.31 -21.56 -22.28
C TYR C 234 20.35 -22.14 -23.32
N LYS C 235 20.76 -23.16 -24.05
CA LYS C 235 19.87 -23.90 -24.94
C LYS C 235 19.47 -25.24 -24.32
N MET C 236 19.83 -25.47 -23.06
CA MET C 236 19.33 -26.63 -22.34
C MET C 236 17.94 -26.32 -21.75
N PRO C 237 17.10 -27.33 -21.59
CA PRO C 237 15.71 -27.06 -21.20
C PRO C 237 15.56 -26.48 -19.80
N HIS C 238 14.40 -25.85 -19.58
CA HIS C 238 13.96 -25.46 -18.25
C HIS C 238 13.43 -26.72 -17.54
N LEU C 239 14.10 -27.14 -16.47
CA LEU C 239 13.60 -28.29 -15.72
C LEU C 239 12.28 -27.98 -14.99
N GLU C 240 11.90 -26.71 -14.88
CA GLU C 240 10.52 -26.38 -14.55
C GLU C 240 9.58 -26.75 -15.69
N GLY C 241 10.11 -26.92 -16.90
CA GLY C 241 9.32 -27.38 -18.04
C GLY C 241 9.03 -28.85 -18.03
N TRP C 242 9.63 -29.61 -17.14
CA TRP C 242 9.24 -30.99 -16.91
C TRP C 242 7.92 -31.07 -16.14
N THR C 243 7.20 -32.17 -16.31
CA THR C 243 6.08 -32.53 -15.45
CA THR C 243 6.09 -32.52 -15.44
C THR C 243 6.15 -34.01 -15.18
N ILE C 244 6.11 -34.40 -13.89
CA ILE C 244 6.25 -35.77 -13.45
C ILE C 244 4.91 -36.23 -12.87
N ALA C 245 4.44 -37.38 -13.32
CA ALA C 245 3.29 -38.06 -12.77
C ALA C 245 3.74 -39.26 -11.93
N SER C 246 2.83 -40.16 -11.62
CA SER C 246 3.19 -41.31 -10.80
C SER C 246 4.11 -42.26 -11.57
N ASP C 247 3.73 -42.62 -12.80
CA ASP C 247 4.50 -43.54 -13.61
C ASP C 247 4.98 -42.93 -14.92
N GLN C 248 4.68 -41.67 -15.19
CA GLN C 248 5.04 -41.04 -16.46
C GLN C 248 5.53 -39.62 -16.23
N ALA C 249 6.49 -39.21 -17.06
CA ALA C 249 6.96 -37.83 -17.07
C ALA C 249 7.01 -37.35 -18.51
N PHE C 250 6.54 -36.14 -18.74
CA PHE C 250 6.52 -35.52 -20.06
C PHE C 250 7.48 -34.35 -20.02
N VAL C 251 8.50 -34.39 -20.88
CA VAL C 251 9.63 -33.45 -20.75
C VAL C 251 10.04 -32.96 -22.12
N PRO C 252 10.58 -31.75 -22.19
CA PRO C 252 11.08 -31.26 -23.46
C PRO C 252 12.36 -31.97 -23.88
N ALA C 253 12.44 -32.32 -25.16
CA ALA C 253 13.67 -32.86 -25.70
C ALA C 253 14.75 -31.79 -25.72
N VAL C 254 16.00 -32.24 -25.72
CA VAL C 254 17.15 -31.34 -25.78
C VAL C 254 17.46 -31.11 -27.25
N GLY C 255 17.08 -29.94 -27.76
CA GLY C 255 17.40 -29.58 -29.13
C GLY C 255 16.69 -30.37 -30.21
N HIS C 256 15.48 -30.83 -29.95
CA HIS C 256 14.66 -31.48 -30.96
C HIS C 256 13.21 -31.08 -30.76
N HIS C 257 12.42 -31.20 -31.81
CA HIS C 257 11.00 -30.88 -31.77
C HIS C 257 10.21 -32.09 -31.30
N GLN C 258 10.46 -32.46 -30.04
CA GLN C 258 9.88 -33.65 -29.46
C GLN C 258 9.54 -33.41 -28.00
N VAL C 259 8.41 -33.96 -27.56
CA VAL C 259 8.08 -34.11 -26.16
C VAL C 259 8.33 -35.56 -25.80
N LEU C 260 9.24 -35.81 -24.87
CA LEU C 260 9.61 -37.17 -24.50
C LEU C 260 8.70 -37.68 -23.39
N VAL C 261 8.28 -38.94 -23.53
CA VAL C 261 7.54 -39.63 -22.49
C VAL C 261 8.54 -40.51 -21.76
N LEU C 262 8.73 -40.24 -20.47
CA LEU C 262 9.68 -40.97 -19.65
C LEU C 262 8.96 -41.90 -18.69
N ASP C 263 9.53 -43.08 -18.48
CA ASP C 263 9.13 -43.96 -17.40
C ASP C 263 9.68 -43.41 -16.09
N ALA C 264 8.80 -42.86 -15.25
CA ALA C 264 9.21 -42.16 -14.04
C ALA C 264 9.73 -43.10 -12.96
N ARG C 265 9.69 -44.40 -13.17
CA ARG C 265 10.14 -45.37 -12.17
C ARG C 265 11.53 -45.91 -12.46
N ASP C 266 11.85 -46.20 -13.72
CA ASP C 266 13.20 -46.54 -14.12
C ASP C 266 13.94 -45.36 -14.76
N TRP C 267 13.25 -44.29 -15.06
CA TRP C 267 13.85 -43.12 -15.72
C TRP C 267 14.56 -43.53 -16.98
N LYS C 268 13.74 -43.91 -17.96
CA LYS C 268 14.16 -44.29 -19.30
C LYS C 268 13.09 -43.83 -20.27
N GLN C 269 13.50 -43.26 -21.39
CA GLN C 269 12.55 -42.77 -22.38
C GLN C 269 11.79 -43.94 -23.00
N THR C 270 10.46 -43.84 -23.05
CA THR C 270 9.62 -44.83 -23.66
C THR C 270 8.97 -44.37 -24.95
N ASP C 271 8.81 -43.06 -25.18
CA ASP C 271 8.15 -42.54 -26.38
C ASP C 271 8.64 -41.14 -26.64
N ALA C 272 8.45 -40.70 -27.88
CA ALA C 272 8.79 -39.33 -28.28
C ALA C 272 7.70 -38.81 -29.20
N ILE C 273 7.13 -37.69 -28.85
CA ILE C 273 5.96 -37.16 -29.54
C ILE C 273 6.41 -35.98 -30.40
N ASP C 274 6.31 -36.11 -31.70
CA ASP C 274 6.65 -35.03 -32.60
C ASP C 274 5.69 -33.87 -32.37
N VAL C 275 6.25 -32.67 -32.18
CA VAL C 275 5.45 -31.47 -31.88
C VAL C 275 5.94 -30.33 -32.75
N ALA C 276 5.18 -29.23 -32.72
CA ALA C 276 5.31 -28.14 -33.68
C ALA C 276 6.44 -27.18 -33.36
N GLY C 277 7.38 -27.55 -32.50
CA GLY C 277 8.46 -26.66 -32.17
C GLY C 277 9.32 -27.25 -31.06
N GLN C 278 10.38 -26.54 -30.75
CA GLN C 278 11.24 -26.89 -29.61
C GLN C 278 10.47 -26.59 -28.33
N PRO C 279 9.98 -27.59 -27.59
CA PRO C 279 9.21 -27.29 -26.39
C PRO C 279 10.04 -26.56 -25.36
N VAL C 280 9.37 -25.74 -24.56
CA VAL C 280 10.01 -25.09 -23.42
C VAL C 280 9.36 -25.65 -22.15
N PHE C 281 8.11 -25.32 -21.92
CA PHE C 281 7.35 -25.79 -20.77
C PHE C 281 6.39 -26.86 -21.22
N VAL C 282 6.56 -28.05 -20.68
CA VAL C 282 5.64 -29.17 -20.90
C VAL C 282 4.86 -29.29 -19.61
N MET C 283 3.61 -28.85 -19.61
N MET C 283 3.59 -28.87 -19.62
CA MET C 283 2.77 -28.86 -18.42
CA MET C 283 2.75 -28.83 -18.44
C MET C 283 1.64 -29.86 -18.55
C MET C 283 1.64 -29.86 -18.56
N THR C 284 1.04 -30.18 -17.40
CA THR C 284 -0.03 -31.16 -17.32
C THR C 284 -1.26 -30.52 -16.76
N ARG C 285 -2.43 -30.86 -17.34
CA ARG C 285 -3.68 -30.43 -16.72
C ARG C 285 -3.80 -31.13 -15.38
N PRO C 286 -4.33 -30.46 -14.34
CA PRO C 286 -4.24 -31.04 -13.01
C PRO C 286 -4.83 -32.44 -12.88
N ASP C 287 -5.79 -32.83 -13.73
CA ASP C 287 -6.35 -34.17 -13.68
C ASP C 287 -5.52 -35.19 -14.44
N ASP C 288 -4.39 -34.77 -15.04
CA ASP C 288 -3.41 -35.61 -15.67
C ASP C 288 -3.83 -36.16 -17.03
N ARG C 289 -4.99 -35.74 -17.55
CA ARG C 289 -5.47 -36.25 -18.83
C ARG C 289 -4.78 -35.62 -20.01
N GLN C 290 -4.34 -34.37 -19.87
CA GLN C 290 -3.81 -33.61 -21.00
C GLN C 290 -2.46 -33.02 -20.66
N ILE C 291 -1.59 -32.96 -21.66
CA ILE C 291 -0.27 -32.36 -21.59
C ILE C 291 -0.33 -31.12 -22.46
N TRP C 292 0.00 -29.96 -21.90
CA TRP C 292 0.03 -28.70 -22.62
C TRP C 292 1.48 -28.28 -22.84
N VAL C 293 1.78 -27.78 -24.03
CA VAL C 293 3.16 -27.51 -24.44
C VAL C 293 3.22 -26.13 -25.11
N ASN C 294 4.19 -25.32 -24.73
CA ASN C 294 4.55 -24.13 -25.48
C ASN C 294 5.95 -24.32 -26.03
N PHE C 295 6.34 -23.45 -26.97
CA PHE C 295 7.53 -23.69 -27.78
C PHE C 295 8.43 -22.45 -27.77
N ALA C 296 9.61 -22.61 -28.36
CA ALA C 296 10.54 -21.53 -28.51
C ALA C 296 10.31 -20.81 -29.83
N TYR C 297 10.69 -19.53 -29.87
CA TYR C 297 10.70 -18.81 -31.16
C TYR C 297 11.44 -19.66 -32.18
N PRO C 298 10.99 -19.69 -33.44
CA PRO C 298 9.91 -18.93 -34.06
C PRO C 298 8.56 -19.64 -34.07
N ASP C 299 8.45 -20.77 -33.35
CA ASP C 299 7.19 -21.44 -33.14
C ASP C 299 6.45 -20.91 -31.91
N ASN C 300 6.73 -19.66 -31.54
CA ASN C 300 6.26 -19.04 -30.32
C ASN C 300 4.75 -18.83 -30.30
N ASP C 301 4.05 -19.09 -31.39
CA ASP C 301 2.66 -18.67 -31.55
C ASP C 301 1.67 -19.81 -31.37
N LYS C 302 2.12 -20.95 -30.84
CA LYS C 302 1.29 -22.14 -30.75
C LYS C 302 1.33 -22.75 -29.37
N VAL C 303 0.24 -23.37 -29.00
CA VAL C 303 0.15 -24.25 -27.84
C VAL C 303 -0.44 -25.57 -28.34
N GLN C 304 0.20 -26.68 -28.03
CA GLN C 304 -0.26 -28.00 -28.41
C GLN C 304 -0.76 -28.73 -27.19
N VAL C 305 -1.93 -29.36 -27.31
CA VAL C 305 -2.53 -30.16 -26.25
C VAL C 305 -2.40 -31.62 -26.65
N ILE C 306 -1.91 -32.45 -25.74
CA ILE C 306 -1.57 -33.84 -26.03
C ILE C 306 -2.34 -34.74 -25.08
N ASP C 307 -2.95 -35.78 -25.61
CA ASP C 307 -3.57 -36.81 -24.81
C ASP C 307 -2.49 -37.61 -24.10
N SER C 308 -2.52 -37.65 -22.78
CA SER C 308 -1.50 -38.35 -22.01
C SER C 308 -1.61 -39.85 -22.12
N GLU C 309 -2.70 -40.37 -22.65
CA GLU C 309 -2.88 -41.80 -22.83
C GLU C 309 -2.46 -42.27 -24.20
N THR C 310 -2.91 -41.58 -25.27
CA THR C 310 -2.57 -41.96 -26.62
C THR C 310 -1.29 -41.30 -27.12
N HIS C 311 -0.79 -40.26 -26.45
CA HIS C 311 0.41 -39.52 -26.82
C HIS C 311 0.22 -38.76 -28.13
N GLU C 312 -1.03 -38.50 -28.52
CA GLU C 312 -1.30 -37.83 -29.80
C GLU C 312 -1.68 -36.39 -29.56
N VAL C 313 -1.20 -35.51 -30.42
CA VAL C 313 -1.59 -34.10 -30.39
C VAL C 313 -3.05 -34.03 -30.77
N ILE C 314 -3.89 -33.54 -29.86
CA ILE C 314 -5.32 -33.45 -30.13
C ILE C 314 -5.75 -32.05 -30.55
N GLU C 315 -4.92 -31.03 -30.36
CA GLU C 315 -5.23 -29.70 -30.85
C GLU C 315 -3.97 -28.88 -30.88
N THR C 316 -3.85 -28.04 -31.92
CA THR C 316 -2.82 -27.03 -32.01
C THR C 316 -3.51 -25.67 -31.88
N LEU C 317 -3.37 -25.03 -30.73
CA LEU C 317 -3.96 -23.73 -30.52
C LEU C 317 -3.01 -22.64 -30.99
N ARG C 318 -3.58 -21.49 -31.38
CA ARG C 318 -2.83 -20.32 -31.81
C ARG C 318 -3.35 -19.12 -31.04
N PRO C 319 -2.95 -18.98 -29.77
CA PRO C 319 -3.45 -17.85 -28.97
C PRO C 319 -2.97 -16.52 -29.48
N GLY C 320 -1.79 -16.47 -30.08
CA GLY C 320 -1.21 -15.23 -30.53
C GLY C 320 0.30 -15.28 -30.52
N PRO C 321 0.94 -14.21 -30.97
CA PRO C 321 2.41 -14.21 -31.04
C PRO C 321 3.05 -14.10 -29.69
N GLY C 322 4.08 -14.91 -29.46
CA GLY C 322 4.87 -14.82 -28.24
C GLY C 322 4.21 -15.40 -27.02
N VAL C 323 3.76 -16.64 -27.11
CA VAL C 323 3.18 -17.34 -25.96
C VAL C 323 4.34 -17.79 -25.09
N LEU C 324 4.51 -17.14 -23.91
CA LEU C 324 5.65 -17.38 -23.06
C LEU C 324 5.37 -18.34 -21.90
N HIS C 325 4.19 -18.31 -21.30
CA HIS C 325 3.97 -19.09 -20.10
C HIS C 325 2.51 -19.47 -19.97
N MET C 326 2.26 -20.51 -19.18
N MET C 326 2.25 -20.49 -19.15
CA MET C 326 0.91 -21.03 -18.94
CA MET C 326 0.93 -21.03 -18.94
C MET C 326 0.81 -21.41 -17.48
C MET C 326 0.81 -21.42 -17.48
N GLU C 327 -0.42 -21.32 -16.94
CA GLU C 327 -0.66 -21.67 -15.55
C GLU C 327 -2.10 -22.14 -15.41
N PHE C 328 -2.28 -23.27 -14.70
CA PHE C 328 -3.58 -23.84 -14.46
C PHE C 328 -4.13 -23.37 -13.11
N SER C 329 -5.46 -23.29 -13.02
CA SER C 329 -6.08 -23.04 -11.74
C SER C 329 -5.90 -24.26 -10.85
N GLY C 330 -6.19 -24.08 -9.56
CA GLY C 330 -5.93 -25.15 -8.61
C GLY C 330 -6.60 -26.46 -8.98
N ARG C 331 -7.91 -26.40 -9.28
CA ARG C 331 -8.67 -27.60 -9.59
C ARG C 331 -8.73 -27.92 -11.06
N GLY C 332 -8.30 -27.02 -11.94
CA GLY C 332 -8.18 -27.30 -13.35
C GLY C 332 -9.26 -26.74 -14.23
N ASP C 333 -10.19 -25.97 -13.70
CA ASP C 333 -11.25 -25.40 -14.52
C ASP C 333 -10.75 -24.32 -15.46
N GLN C 334 -9.53 -23.81 -15.27
CA GLN C 334 -8.97 -22.79 -16.15
C GLN C 334 -7.51 -23.08 -16.44
N VAL C 335 -7.03 -22.57 -17.55
CA VAL C 335 -5.61 -22.43 -17.82
C VAL C 335 -5.37 -21.03 -18.36
N TRP C 336 -4.37 -20.32 -17.82
CA TRP C 336 -4.05 -18.97 -18.17
C TRP C 336 -2.83 -18.98 -19.08
N ILE C 337 -2.89 -18.24 -20.19
CA ILE C 337 -1.85 -18.29 -21.20
C ILE C 337 -1.40 -16.88 -21.49
N SER C 338 -0.10 -16.64 -21.36
CA SER C 338 0.50 -15.35 -21.61
C SER C 338 0.78 -15.19 -23.08
N VAL C 339 0.37 -14.05 -23.65
CA VAL C 339 0.63 -13.74 -25.07
C VAL C 339 1.42 -12.43 -25.09
N ARG C 340 2.75 -12.51 -25.16
CA ARG C 340 3.59 -11.35 -24.95
C ARG C 340 3.36 -10.31 -26.04
N ASP C 341 3.48 -10.72 -27.30
CA ASP C 341 3.48 -9.78 -28.43
C ASP C 341 2.08 -9.37 -28.83
N ALA C 342 1.05 -9.91 -28.20
CA ALA C 342 -0.31 -9.41 -28.35
C ALA C 342 -0.75 -8.63 -27.13
N ASP C 343 0.15 -8.36 -26.19
CA ASP C 343 -0.16 -7.62 -24.96
C ASP C 343 -1.47 -8.11 -24.37
N GLN C 344 -1.59 -9.44 -24.25
CA GLN C 344 -2.82 -10.06 -23.78
C GLN C 344 -2.52 -11.16 -22.79
N LEU C 345 -3.37 -11.30 -21.78
CA LEU C 345 -3.40 -12.45 -20.90
C LEU C 345 -4.72 -13.14 -21.12
N GLN C 346 -4.69 -14.35 -21.68
CA GLN C 346 -5.87 -15.10 -22.02
C GLN C 346 -6.19 -16.12 -20.97
N VAL C 347 -7.49 -16.38 -20.76
CA VAL C 347 -7.99 -17.46 -19.94
C VAL C 347 -8.72 -18.43 -20.85
N TRP C 348 -8.47 -19.73 -20.69
CA TRP C 348 -9.03 -20.77 -21.53
C TRP C 348 -9.70 -21.83 -20.69
N ASP C 349 -10.74 -22.46 -21.27
CA ASP C 349 -11.37 -23.63 -20.68
C ASP C 349 -10.60 -24.86 -21.16
N PRO C 350 -9.87 -25.56 -20.30
CA PRO C 350 -9.04 -26.68 -20.77
C PRO C 350 -9.82 -27.92 -21.17
N TYR C 351 -11.13 -27.97 -20.92
CA TYR C 351 -11.96 -29.11 -21.26
C TYR C 351 -12.69 -28.91 -22.58
N ARG C 352 -13.13 -27.69 -22.87
CA ARG C 352 -13.66 -27.35 -24.19
C ARG C 352 -12.57 -26.90 -25.15
N LEU C 353 -11.37 -26.56 -24.67
CA LEU C 353 -10.30 -26.01 -25.49
C LEU C 353 -10.79 -24.74 -26.18
N LYS C 354 -11.40 -23.86 -25.40
CA LYS C 354 -11.95 -22.61 -25.88
C LYS C 354 -11.49 -21.47 -24.97
N ARG C 355 -11.26 -20.31 -25.56
CA ARG C 355 -10.89 -19.14 -24.80
C ARG C 355 -12.13 -18.52 -24.17
N ILE C 356 -12.05 -18.20 -22.88
CA ILE C 356 -13.19 -17.68 -22.12
C ILE C 356 -12.92 -16.34 -21.48
N GLY C 357 -11.75 -15.74 -21.71
CA GLY C 357 -11.47 -14.43 -21.17
C GLY C 357 -10.18 -13.92 -21.73
N SER C 358 -9.98 -12.61 -21.59
CA SER C 358 -8.77 -11.96 -22.09
C SER C 358 -8.60 -10.64 -21.35
N LEU C 359 -7.37 -10.39 -20.86
CA LEU C 359 -7.04 -9.17 -20.14
C LEU C 359 -5.88 -8.45 -20.82
N PRO C 360 -5.88 -7.12 -20.85
CA PRO C 360 -4.74 -6.39 -21.41
C PRO C 360 -3.56 -6.40 -20.48
N ALA C 361 -2.37 -6.50 -21.05
CA ALA C 361 -1.15 -6.45 -20.26
C ALA C 361 -0.01 -6.00 -21.15
N ARG C 362 1.01 -5.39 -20.54
CA ARG C 362 2.19 -4.92 -21.26
C ARG C 362 3.22 -6.04 -21.29
N SER C 363 3.45 -6.62 -22.47
CA SER C 363 4.42 -7.69 -22.70
C SER C 363 4.34 -8.73 -21.59
N PRO C 364 3.19 -9.37 -21.41
CA PRO C 364 3.05 -10.34 -20.33
C PRO C 364 3.94 -11.54 -20.54
N SER C 365 4.42 -12.11 -19.42
CA SER C 365 5.20 -13.33 -19.46
C SER C 365 4.72 -14.30 -18.42
N GLY C 366 5.47 -14.46 -17.34
CA GLY C 366 5.10 -15.39 -16.27
C GLY C 366 3.77 -15.04 -15.62
N ILE C 367 2.92 -16.02 -15.45
CA ILE C 367 1.64 -15.89 -14.76
C ILE C 367 1.63 -16.94 -13.64
N PHE C 368 1.51 -16.48 -12.39
CA PHE C 368 1.61 -17.33 -11.23
C PHE C 368 0.36 -17.12 -10.36
N PHE C 369 -0.29 -18.20 -9.99
CA PHE C 369 -1.48 -18.13 -9.15
C PHE C 369 -1.14 -18.66 -7.75
N SER C 370 -1.84 -18.09 -6.74
CA SER C 370 -1.43 -18.22 -5.37
C SER C 370 -1.63 -19.62 -4.82
N HIS C 371 -2.21 -20.54 -5.56
CA HIS C 371 -2.32 -21.92 -5.04
C HIS C 371 -0.96 -22.56 -4.93
N ARG C 372 0.06 -22.03 -5.63
CA ARG C 372 1.42 -22.51 -5.44
C ARG C 372 1.85 -22.46 -4.00
N ALA C 373 1.23 -21.60 -3.17
CA ALA C 373 1.66 -21.43 -1.80
C ALA C 373 1.55 -22.70 -0.98
N GLN C 374 0.76 -23.67 -1.40
CA GLN C 374 0.51 -24.86 -0.59
C GLN C 374 1.35 -26.05 -1.02
N HIS C 375 2.24 -25.91 -2.00
CA HIS C 375 2.92 -27.05 -2.59
C HIS C 375 4.43 -26.89 -2.48
N ILE C 376 5.09 -27.93 -1.97
CA ILE C 376 6.56 -27.97 -1.96
C ILE C 376 7.07 -27.86 -3.39
N GLY C 377 8.11 -27.05 -3.57
CA GLY C 377 8.72 -26.87 -4.87
C GLY C 377 8.14 -25.76 -5.69
N LEU C 378 7.05 -25.14 -5.26
CA LEU C 378 6.45 -24.02 -5.96
C LEU C 378 6.36 -22.77 -5.05
N PRO D 7 39.48 6.64 -19.08
CA PRO D 7 40.37 5.68 -19.73
C PRO D 7 41.48 6.36 -20.51
N PRO D 8 42.45 5.60 -21.00
CA PRO D 8 43.58 6.20 -21.72
C PRO D 8 43.19 6.63 -23.13
N LEU D 9 43.99 7.56 -23.67
CA LEU D 9 43.74 8.06 -25.02
C LEU D 9 43.81 6.92 -26.03
N ARG D 10 42.89 6.92 -26.97
CA ARG D 10 42.91 5.94 -28.06
C ARG D 10 42.16 6.51 -29.25
N GLY D 11 42.55 6.08 -30.44
CA GLY D 11 41.78 6.42 -31.61
C GLY D 11 40.47 5.66 -31.66
N SER D 12 39.48 6.26 -32.35
CA SER D 12 38.16 5.66 -32.46
C SER D 12 37.88 5.11 -33.85
N GLY D 13 38.84 5.16 -34.76
CA GLY D 13 38.60 4.70 -36.12
C GLY D 13 38.47 3.20 -36.26
N ASP D 14 39.01 2.43 -35.31
CA ASP D 14 38.96 0.99 -35.33
C ASP D 14 38.11 0.41 -34.22
N LEU D 15 37.23 1.19 -33.62
CA LEU D 15 36.38 0.71 -32.53
C LEU D 15 35.11 0.10 -33.06
N GLY D 16 34.72 -1.04 -32.50
CA GLY D 16 33.52 -1.73 -32.87
C GLY D 16 32.58 -1.90 -31.70
N VAL D 17 31.35 -2.27 -32.01
CA VAL D 17 30.32 -2.54 -31.00
C VAL D 17 29.66 -3.86 -31.36
N LEU D 18 29.65 -4.81 -30.43
CA LEU D 18 29.04 -6.12 -30.58
C LEU D 18 27.77 -6.18 -29.75
N ILE D 19 26.67 -6.51 -30.37
CA ILE D 19 25.39 -6.66 -29.65
C ILE D 19 25.38 -8.04 -29.00
N GLU D 20 25.08 -8.07 -27.70
CA GLU D 20 24.86 -9.33 -26.97
C GLU D 20 23.35 -9.42 -26.75
N ARG D 21 22.68 -10.19 -27.61
CA ARG D 21 21.25 -10.03 -27.81
C ARG D 21 20.43 -10.53 -26.62
N ALA D 22 21.01 -11.35 -25.74
CA ALA D 22 20.25 -11.95 -24.64
C ALA D 22 20.40 -11.21 -23.32
N ASP D 23 21.44 -10.38 -23.16
CA ASP D 23 21.75 -9.79 -21.87
C ASP D 23 21.65 -8.27 -21.85
N GLY D 24 21.07 -7.66 -22.86
CA GLY D 24 20.97 -6.20 -22.87
C GLY D 24 22.31 -5.53 -22.69
N SER D 25 23.37 -6.10 -23.23
CA SER D 25 24.72 -5.59 -23.07
C SER D 25 25.42 -5.53 -24.41
N VAL D 26 26.56 -4.83 -24.45
CA VAL D 26 27.38 -4.71 -25.63
C VAL D 26 28.84 -4.79 -25.22
N GLN D 27 29.67 -5.17 -26.17
CA GLN D 27 31.12 -5.13 -25.99
C GLN D 27 31.72 -4.08 -26.94
N ILE D 28 32.65 -3.27 -26.41
CA ILE D 28 33.39 -2.30 -27.18
C ILE D 28 34.70 -2.91 -27.61
N LEU D 29 34.91 -3.02 -28.93
CA LEU D 29 36.01 -3.78 -29.49
C LEU D 29 37.13 -2.88 -29.99
N ASP D 30 38.36 -3.33 -29.83
CA ASP D 30 39.55 -2.72 -30.43
C ASP D 30 39.84 -3.47 -31.71
N GLY D 31 39.53 -2.84 -32.86
CA GLY D 31 39.59 -3.55 -34.11
C GLY D 31 40.99 -3.92 -34.53
N THR D 32 41.97 -3.08 -34.23
CA THR D 32 43.36 -3.41 -34.62
C THR D 32 43.93 -4.49 -33.72
N ALA D 33 43.71 -4.37 -32.42
CA ALA D 33 44.21 -5.38 -31.47
C ALA D 33 43.39 -6.65 -31.51
N LYS D 34 42.17 -6.60 -32.03
CA LYS D 34 41.27 -7.74 -32.05
C LYS D 34 40.94 -8.20 -30.64
N THR D 35 40.70 -7.22 -29.75
CA THR D 35 40.45 -7.46 -28.34
C THR D 35 39.15 -6.79 -27.94
N SER D 36 38.72 -7.03 -26.71
CA SER D 36 37.53 -6.40 -26.14
C SER D 36 37.95 -5.42 -25.08
N LEU D 37 37.58 -4.14 -25.26
CA LEU D 37 37.96 -3.10 -24.31
C LEU D 37 37.04 -3.05 -23.10
N ALA D 38 35.77 -3.42 -23.24
CA ALA D 38 34.85 -3.32 -22.12
C ALA D 38 33.49 -3.87 -22.46
N ARG D 39 32.76 -4.32 -21.46
CA ARG D 39 31.36 -4.69 -21.60
CA ARG D 39 31.36 -4.69 -21.60
C ARG D 39 30.52 -3.62 -20.93
N VAL D 40 29.46 -3.16 -21.63
CA VAL D 40 28.54 -2.16 -21.08
C VAL D 40 27.18 -2.83 -20.99
N GLU D 41 26.56 -2.76 -19.84
CA GLU D 41 25.27 -3.36 -19.59
C GLU D 41 24.22 -2.28 -19.39
N GLY D 42 22.97 -2.71 -19.24
CA GLY D 42 21.89 -1.78 -19.02
C GLY D 42 21.27 -1.23 -20.26
N LEU D 43 21.30 -1.98 -21.37
CA LEU D 43 20.69 -1.55 -22.62
C LEU D 43 19.36 -2.22 -22.88
N GLY D 44 18.83 -2.97 -21.92
CA GLY D 44 17.47 -3.45 -22.02
C GLY D 44 17.32 -4.59 -22.99
N ASP D 45 16.29 -4.50 -23.85
CA ASP D 45 15.94 -5.57 -24.76
C ASP D 45 16.66 -5.37 -26.09
N LEU D 46 17.85 -5.97 -26.22
CA LEU D 46 18.57 -6.04 -27.46
C LEU D 46 18.33 -7.37 -28.17
N SER D 47 17.15 -7.97 -27.98
CA SER D 47 16.79 -9.16 -28.74
C SER D 47 16.87 -8.88 -30.23
N HIS D 48 16.60 -7.63 -30.61
CA HIS D 48 16.82 -7.15 -31.97
C HIS D 48 17.26 -5.70 -31.84
N ALA D 49 18.38 -5.33 -32.49
CA ALA D 49 18.91 -3.99 -32.32
C ALA D 49 19.72 -3.57 -33.51
N SER D 50 19.78 -2.26 -33.73
CA SER D 50 20.64 -1.63 -34.72
C SER D 50 21.35 -0.46 -34.07
N LEU D 51 22.35 0.10 -34.76
CA LEU D 51 22.99 1.30 -34.25
C LEU D 51 23.63 2.11 -35.37
N VAL D 52 23.92 3.37 -35.06
CA VAL D 52 24.67 4.25 -35.91
C VAL D 52 25.70 4.93 -35.04
N PHE D 53 26.60 5.71 -35.67
CA PHE D 53 27.69 6.35 -34.98
C PHE D 53 27.68 7.86 -35.17
N SER D 54 28.12 8.58 -34.15
CA SER D 54 28.32 10.01 -34.27
C SER D 54 29.48 10.29 -35.21
N ARG D 55 29.53 11.54 -35.70
CA ARG D 55 30.47 11.89 -36.76
C ARG D 55 31.89 11.97 -36.29
N ASP D 56 32.13 12.16 -35.01
CA ASP D 56 33.47 12.05 -34.44
C ASP D 56 33.82 10.62 -34.06
N GLN D 57 32.88 9.69 -34.26
CA GLN D 57 33.05 8.26 -33.98
C GLN D 57 33.28 7.98 -32.48
N ARG D 58 32.88 8.89 -31.61
CA ARG D 58 33.00 8.66 -30.19
C ARG D 58 31.79 7.95 -29.60
N TYR D 59 30.62 8.13 -30.17
CA TYR D 59 29.38 7.59 -29.62
C TYR D 59 28.70 6.67 -30.61
N ALA D 60 27.97 5.68 -30.07
CA ALA D 60 27.09 4.84 -30.81
C ALA D 60 25.69 5.06 -30.29
N TYR D 61 24.73 5.21 -31.17
CA TYR D 61 23.31 5.34 -30.84
C TYR D 61 22.67 3.98 -31.11
N VAL D 62 22.39 3.24 -30.05
CA VAL D 62 21.87 1.87 -30.15
C VAL D 62 20.36 1.90 -30.01
N PHE D 63 19.66 1.28 -30.98
CA PHE D 63 18.21 1.21 -31.00
C PHE D 63 17.80 -0.23 -30.68
N GLY D 64 17.02 -0.40 -29.62
CA GLY D 64 16.64 -1.72 -29.16
C GLY D 64 15.18 -2.01 -29.31
N ARG D 65 14.81 -3.29 -29.20
CA ARG D 65 13.44 -3.70 -29.40
C ARG D 65 12.51 -3.18 -28.31
N ASP D 66 13.04 -2.83 -27.14
CA ASP D 66 12.24 -2.20 -26.08
C ASP D 66 11.93 -0.74 -26.38
N GLY D 67 12.26 -0.26 -27.57
CA GLY D 67 12.14 1.17 -27.84
C GLY D 67 13.19 2.02 -27.20
N GLY D 68 14.24 1.42 -26.67
CA GLY D 68 15.27 2.19 -26.02
C GLY D 68 16.25 2.77 -27.03
N LEU D 69 16.72 3.97 -26.74
CA LEU D 69 17.70 4.68 -27.55
C LEU D 69 18.86 5.03 -26.64
N THR D 70 20.00 4.36 -26.83
CA THR D 70 21.13 4.46 -25.92
C THR D 70 22.26 5.20 -26.61
N LYS D 71 22.70 6.30 -26.01
CA LYS D 71 23.87 7.05 -26.51
C LYS D 71 25.08 6.47 -25.76
N LEU D 72 25.78 5.55 -26.42
CA LEU D 72 26.88 4.81 -25.81
C LEU D 72 28.18 5.54 -26.06
N ASP D 73 28.89 5.89 -24.99
CA ASP D 73 30.20 6.51 -25.11
C ASP D 73 31.25 5.42 -25.30
N LEU D 74 31.83 5.36 -26.50
CA LEU D 74 32.81 4.31 -26.79
C LEU D 74 34.15 4.57 -26.13
N LEU D 75 34.49 5.84 -25.90
CA LEU D 75 35.81 6.16 -25.35
C LEU D 75 35.79 6.06 -23.82
N ALA D 76 34.78 6.62 -23.17
CA ALA D 76 34.62 6.48 -21.73
C ALA D 76 33.90 5.19 -21.34
N GLN D 77 33.45 4.40 -22.31
CA GLN D 77 32.93 3.05 -22.07
C GLN D 77 31.79 3.10 -21.07
N ARG D 78 30.74 3.80 -21.41
CA ARG D 78 29.63 4.00 -20.49
C ARG D 78 28.42 4.48 -21.28
N ILE D 79 27.24 4.25 -20.70
CA ILE D 79 26.03 4.88 -21.19
C ILE D 79 26.11 6.35 -20.88
N ASP D 80 26.08 7.18 -21.93
CA ASP D 80 26.08 8.63 -21.75
C ASP D 80 24.66 9.17 -21.58
N LYS D 81 23.73 8.73 -22.43
CA LYS D 81 22.33 9.07 -22.32
C LYS D 81 21.52 7.86 -22.75
N ARG D 82 20.32 7.72 -22.19
CA ARG D 82 19.41 6.65 -22.58
C ARG D 82 17.99 7.07 -22.32
N LEU D 83 17.12 6.84 -23.29
CA LEU D 83 15.68 6.98 -23.08
C LEU D 83 14.99 5.73 -23.62
N ILE D 84 13.76 5.53 -23.19
CA ILE D 84 12.97 4.38 -23.60
C ILE D 84 11.60 4.91 -24.00
N GLN D 85 11.25 4.79 -25.27
CA GLN D 85 9.95 5.21 -25.77
C GLN D 85 9.32 3.99 -26.42
N GLY D 86 8.68 3.15 -25.59
CA GLY D 86 7.87 2.06 -26.11
C GLY D 86 7.04 2.57 -27.26
N GLY D 87 6.98 1.80 -28.33
CA GLY D 87 6.42 2.27 -29.59
C GLY D 87 7.45 2.55 -30.65
N ASN D 88 8.70 2.79 -30.26
CA ASN D 88 9.77 3.04 -31.21
C ASN D 88 10.32 1.73 -31.77
N SER D 89 10.70 1.76 -33.03
CA SER D 89 11.29 0.63 -33.72
C SER D 89 12.80 0.82 -33.80
N ILE D 90 13.50 -0.21 -34.25
CA ILE D 90 14.92 -0.13 -34.47
C ILE D 90 15.16 0.41 -35.87
N GLY D 91 16.43 0.48 -36.29
CA GLY D 91 16.76 0.92 -37.63
C GLY D 91 16.77 2.42 -37.81
N GLY D 92 16.99 3.18 -36.76
CA GLY D 92 17.03 4.64 -36.85
C GLY D 92 18.26 5.09 -37.61
N ALA D 93 18.41 6.41 -37.70
CA ALA D 93 19.42 6.99 -38.55
C ALA D 93 19.88 8.30 -37.96
N ILE D 94 21.10 8.72 -38.37
CA ILE D 94 21.70 9.97 -37.92
C ILE D 94 21.89 10.90 -39.12
N SER D 95 21.67 12.19 -38.91
CA SER D 95 21.60 13.14 -39.99
C SER D 95 22.96 13.33 -40.64
N GLN D 96 22.94 14.06 -41.78
CA GLN D 96 24.15 14.29 -42.54
C GLN D 96 25.13 15.21 -41.80
N ASP D 97 24.61 16.15 -40.99
CA ASP D 97 25.48 16.98 -40.16
C ASP D 97 25.75 16.36 -38.81
N GLY D 98 25.07 15.27 -38.46
CA GLY D 98 25.31 14.59 -37.21
C GLY D 98 24.58 15.14 -36.01
N ARG D 99 23.72 16.16 -36.19
CA ARG D 99 23.02 16.78 -35.07
C ARG D 99 21.72 16.09 -34.73
N LEU D 100 21.14 15.35 -35.64
CA LEU D 100 19.81 14.78 -35.47
C LEU D 100 19.83 13.27 -35.63
N VAL D 101 19.13 12.58 -34.74
CA VAL D 101 18.95 11.13 -34.80
C VAL D 101 17.47 10.86 -34.90
N ALA D 102 17.07 10.12 -35.92
CA ALA D 102 15.67 9.83 -36.21
C ALA D 102 15.39 8.37 -35.90
N VAL D 103 14.16 8.12 -35.42
CA VAL D 103 13.71 6.76 -35.10
C VAL D 103 12.27 6.60 -35.54
N SER D 104 11.96 5.48 -36.19
CA SER D 104 10.61 5.19 -36.60
C SER D 104 9.83 4.70 -35.39
N ASN D 105 8.50 4.69 -35.51
CA ASN D 105 7.67 4.16 -34.45
C ASN D 105 6.36 3.65 -35.03
N TYR D 106 5.78 2.66 -34.36
CA TYR D 106 4.44 2.17 -34.68
C TYR D 106 3.39 2.70 -33.71
N GLU D 107 3.81 3.36 -32.64
CA GLU D 107 2.90 3.88 -31.61
C GLU D 107 3.30 5.32 -31.33
N PRO D 108 2.53 6.31 -31.83
CA PRO D 108 1.28 6.23 -32.59
C PRO D 108 1.46 5.92 -34.06
N GLY D 109 2.73 5.90 -34.53
CA GLY D 109 3.01 5.74 -35.94
C GLY D 109 3.54 7.01 -36.55
N GLY D 110 4.80 7.00 -36.92
CA GLY D 110 5.44 8.18 -37.48
C GLY D 110 6.93 8.12 -37.25
N VAL D 111 7.52 9.30 -37.05
CA VAL D 111 8.95 9.44 -36.85
C VAL D 111 9.19 10.48 -35.76
N LYS D 112 10.14 10.19 -34.87
CA LYS D 112 10.64 11.13 -33.89
C LYS D 112 12.09 11.44 -34.19
N VAL D 113 12.46 12.72 -34.09
CA VAL D 113 13.81 13.17 -34.36
C VAL D 113 14.36 13.78 -33.04
N PHE D 114 15.54 13.31 -32.63
CA PHE D 114 16.13 13.66 -31.38
C PHE D 114 17.46 14.36 -31.61
N ASP D 115 17.84 15.22 -30.65
CA ASP D 115 19.14 15.85 -30.67
C ASP D 115 20.20 14.81 -30.32
N SER D 116 21.24 14.69 -31.15
CA SER D 116 22.21 13.64 -31.00
C SER D 116 23.13 13.85 -29.79
N ARG D 117 23.12 15.03 -29.21
CA ARG D 117 23.96 15.29 -28.04
C ARG D 117 23.20 15.04 -26.74
N THR D 118 21.96 15.53 -26.63
CA THR D 118 21.19 15.44 -25.41
C THR D 118 20.06 14.43 -25.47
N LEU D 119 19.74 13.89 -26.65
CA LEU D 119 18.62 13.00 -26.87
C LEU D 119 17.28 13.67 -26.58
N GLU D 120 17.23 14.98 -26.58
CA GLU D 120 15.97 15.69 -26.40
C GLU D 120 15.21 15.73 -27.71
N LEU D 121 13.88 15.61 -27.60
CA LEU D 121 13.05 15.56 -28.79
C LEU D 121 12.98 16.93 -29.46
N VAL D 122 13.25 16.98 -30.77
CA VAL D 122 13.20 18.21 -31.51
C VAL D 122 12.08 18.24 -32.54
N ALA D 123 11.65 17.09 -33.06
CA ALA D 123 10.56 17.07 -34.03
C ALA D 123 9.84 15.74 -33.97
N GLU D 124 8.51 15.80 -34.08
CA GLU D 124 7.65 14.63 -34.19
C GLU D 124 6.90 14.73 -35.51
N ILE D 125 6.98 13.66 -36.31
CA ILE D 125 6.28 13.58 -37.60
C ILE D 125 5.27 12.44 -37.50
N PRO D 126 3.98 12.74 -37.34
CA PRO D 126 2.99 11.68 -37.34
C PRO D 126 2.65 11.26 -38.75
N ALA D 127 2.51 9.93 -38.95
CA ALA D 127 2.20 9.40 -40.26
C ALA D 127 0.70 9.55 -40.55
N THR D 128 0.29 9.09 -41.74
CA THR D 128 -1.10 9.17 -42.14
C THR D 128 -1.97 8.42 -41.15
N ARG D 129 -3.13 9.00 -40.83
CA ARG D 129 -4.08 8.36 -39.92
C ARG D 129 -4.67 7.11 -40.54
N LEU D 130 -4.85 6.10 -39.71
CA LEU D 130 -5.55 4.90 -40.17
C LEU D 130 -7.01 4.92 -39.68
N PRO D 131 -7.94 4.35 -40.44
CA PRO D 131 -9.34 4.37 -40.00
C PRO D 131 -9.56 3.36 -38.87
N GLY D 132 -10.28 3.81 -37.84
CA GLY D 132 -10.76 2.91 -36.81
C GLY D 132 -9.79 2.54 -35.74
N GLN D 133 -8.62 3.16 -35.69
CA GLN D 133 -7.67 2.95 -34.61
C GLN D 133 -7.24 4.29 -34.03
N ASP D 134 -6.65 4.23 -32.85
CA ASP D 134 -5.91 5.37 -32.30
C ASP D 134 -4.44 5.27 -32.71
N ARG D 135 -4.21 5.12 -34.02
CA ARG D 135 -2.87 4.92 -34.54
C ARG D 135 -2.76 5.50 -35.93
N ASN D 136 -1.53 5.84 -36.30
CA ASN D 136 -1.17 6.19 -37.65
C ASN D 136 -0.53 4.98 -38.32
N SER D 137 -0.22 5.12 -39.60
CA SER D 137 0.51 4.06 -40.29
C SER D 137 1.84 3.81 -39.62
N ARG D 138 2.24 2.55 -39.51
CA ARG D 138 3.58 2.26 -39.02
C ARG D 138 4.60 2.62 -40.09
N VAL D 139 5.76 3.04 -39.67
CA VAL D 139 6.82 3.54 -40.57
C VAL D 139 7.95 2.54 -40.60
N VAL D 140 8.49 2.32 -41.81
CA VAL D 140 9.56 1.36 -42.04
C VAL D 140 10.58 1.98 -42.99
N GLY D 141 11.71 1.31 -43.13
CA GLY D 141 12.74 1.73 -44.08
C GLY D 141 13.13 3.18 -43.94
N LEU D 142 13.44 3.61 -42.72
CA LEU D 142 13.91 4.97 -42.46
C LEU D 142 15.38 5.07 -42.72
N VAL D 143 15.78 6.01 -43.59
CA VAL D 143 17.17 6.25 -43.92
C VAL D 143 17.50 7.73 -43.79
N ASP D 144 18.78 8.03 -43.66
CA ASP D 144 19.28 9.38 -43.84
C ASP D 144 19.63 9.59 -45.31
N ALA D 145 19.58 10.83 -45.75
CA ALA D 145 19.83 11.17 -47.15
C ALA D 145 20.65 12.46 -47.22
N PRO D 146 21.37 12.68 -48.32
CA PRO D 146 22.03 13.97 -48.51
C PRO D 146 21.02 15.12 -48.49
N GLY D 147 21.50 16.28 -48.09
CA GLY D 147 20.65 17.44 -47.96
C GLY D 147 19.94 17.56 -46.63
N GLN D 148 20.43 16.92 -45.58
CA GLN D 148 19.84 17.03 -44.26
C GLN D 148 18.40 16.55 -44.30
N ARG D 149 18.20 15.36 -44.89
CA ARG D 149 16.88 14.80 -45.06
C ARG D 149 16.80 13.42 -44.41
N PHE D 150 15.57 13.04 -44.04
CA PHE D 150 15.22 11.68 -43.69
C PHE D 150 14.14 11.22 -44.64
N VAL D 151 14.23 9.96 -45.10
CA VAL D 151 13.26 9.38 -46.01
C VAL D 151 12.76 8.07 -45.42
N PHE D 152 11.44 7.86 -45.45
CA PHE D 152 10.82 6.69 -44.83
C PHE D 152 9.53 6.34 -45.53
N SER D 153 9.06 5.12 -45.29
CA SER D 153 7.89 4.58 -45.97
C SER D 153 6.79 4.24 -44.97
N LEU D 154 5.55 4.37 -45.40
CA LEU D 154 4.38 4.15 -44.57
C LEU D 154 3.75 2.81 -44.98
N PHE D 155 3.90 1.80 -44.14
CA PHE D 155 3.48 0.45 -44.50
C PHE D 155 1.99 0.38 -44.77
N ASP D 156 1.19 0.93 -43.87
CA ASP D 156 -0.26 0.73 -43.94
C ASP D 156 -0.92 1.56 -45.02
N SER D 157 -0.38 2.73 -45.33
CA SER D 157 -1.02 3.65 -46.29
C SER D 157 -0.32 3.68 -47.63
N GLY D 158 0.79 2.96 -47.79
CA GLY D 158 1.52 2.93 -49.05
C GLY D 158 2.05 4.28 -49.49
N GLU D 159 2.93 4.88 -48.70
CA GLU D 159 3.48 6.19 -49.00
C GLU D 159 4.97 6.21 -48.75
N ILE D 160 5.64 7.15 -49.40
CA ILE D 160 7.07 7.45 -49.15
C ILE D 160 7.14 8.93 -48.83
N TRP D 161 7.71 9.26 -47.67
CA TRP D 161 7.81 10.65 -47.23
C TRP D 161 9.27 11.08 -47.21
N ILE D 162 9.49 12.35 -47.54
CA ILE D 162 10.77 13.02 -47.32
C ILE D 162 10.57 14.05 -46.23
N ALA D 163 11.48 14.07 -45.27
CA ALA D 163 11.46 15.06 -44.18
C ALA D 163 12.78 15.82 -44.27
N ASP D 164 12.72 17.06 -44.76
CA ASP D 164 13.91 17.87 -44.99
C ASP D 164 14.11 18.82 -43.82
N PHE D 165 15.23 18.64 -43.12
CA PHE D 165 15.58 19.49 -41.98
C PHE D 165 16.62 20.55 -42.35
N SER D 166 16.72 20.90 -43.65
CA SER D 166 17.73 21.85 -44.10
C SER D 166 17.57 23.20 -43.45
N GLN D 167 16.34 23.60 -43.12
CA GLN D 167 16.05 24.97 -42.72
C GLN D 167 15.70 25.10 -41.23
N GLY D 168 15.86 24.05 -40.45
CA GLY D 168 15.65 24.16 -39.02
C GLY D 168 15.06 22.88 -38.45
N ASP D 169 14.57 22.99 -37.21
CA ASP D 169 14.02 21.86 -36.50
C ASP D 169 12.64 21.47 -36.99
N THR D 170 11.94 22.37 -37.68
CA THR D 170 10.63 22.06 -38.24
C THR D 170 10.80 21.57 -39.67
N PRO D 171 10.60 20.28 -39.95
CA PRO D 171 10.94 19.77 -41.29
C PRO D 171 9.93 20.19 -42.33
N HIS D 172 10.39 20.25 -43.58
CA HIS D 172 9.51 20.38 -44.74
C HIS D 172 9.21 18.99 -45.25
N LEU D 173 7.94 18.63 -45.28
CA LEU D 173 7.50 17.29 -45.64
C LEU D 173 7.10 17.24 -47.11
N THR D 174 7.65 16.28 -47.85
CA THR D 174 7.21 15.94 -49.19
C THR D 174 6.58 14.55 -49.12
N ARG D 175 5.35 14.43 -49.60
CA ARG D 175 4.59 13.19 -49.46
C ARG D 175 4.29 12.60 -50.83
N PHE D 176 4.62 11.34 -51.02
CA PHE D 176 4.33 10.59 -52.23
C PHE D 176 3.34 9.48 -51.87
N ARG D 177 2.14 9.54 -52.44
CA ARG D 177 1.12 8.57 -52.17
C ARG D 177 1.04 7.53 -53.28
N ASP D 178 0.41 6.39 -52.96
CA ASP D 178 0.16 5.34 -53.94
C ASP D 178 1.44 4.89 -54.61
N ILE D 179 2.47 4.65 -53.81
CA ILE D 179 3.75 4.15 -54.33
C ILE D 179 3.77 2.65 -54.47
N GLY D 180 2.76 1.96 -53.98
CA GLY D 180 2.71 0.51 -53.95
C GLY D 180 2.14 0.04 -52.63
N LYS D 181 1.62 -1.19 -52.63
CA LYS D 181 0.89 -1.70 -51.47
C LYS D 181 1.86 -2.26 -50.44
N GLN D 182 1.76 -1.74 -49.19
CA GLN D 182 2.46 -2.26 -48.05
C GLN D 182 3.96 -2.36 -48.26
N PRO D 183 4.67 -1.24 -48.34
CA PRO D 183 6.14 -1.28 -48.32
C PRO D 183 6.63 -1.72 -46.95
N TYR D 184 7.42 -2.79 -46.91
CA TYR D 184 7.86 -3.39 -45.67
C TYR D 184 9.22 -2.92 -45.23
N ASP D 185 10.06 -2.42 -46.13
CA ASP D 185 11.43 -2.06 -45.82
C ASP D 185 11.93 -1.19 -46.96
N ALA D 186 13.08 -0.55 -46.74
CA ALA D 186 13.66 0.27 -47.80
C ALA D 186 15.16 0.40 -47.60
N LEU D 187 15.83 0.75 -48.67
CA LEU D 187 17.28 1.01 -48.70
C LEU D 187 17.53 2.32 -49.40
N ILE D 188 18.75 2.83 -49.26
CA ILE D 188 19.21 3.97 -50.04
C ILE D 188 20.51 3.54 -50.73
N SER D 189 20.67 3.91 -51.98
CA SER D 189 21.84 3.50 -52.74
C SER D 189 23.09 4.05 -52.07
N PRO D 190 24.25 3.44 -52.33
CA PRO D 190 25.49 3.93 -51.71
C PRO D 190 25.75 5.40 -51.97
N ASP D 191 25.54 5.88 -53.18
CA ASP D 191 25.78 7.28 -53.52
C ASP D 191 24.80 8.22 -52.86
N GLY D 192 23.73 7.70 -52.24
CA GLY D 192 22.74 8.55 -51.60
C GLY D 192 21.73 9.17 -52.53
N ARG D 193 21.61 8.67 -53.76
CA ARG D 193 20.70 9.25 -54.74
C ARG D 193 19.33 8.59 -54.79
N TYR D 194 19.27 7.27 -54.68
CA TYR D 194 18.06 6.53 -54.92
C TYR D 194 17.55 5.88 -53.63
N TYR D 195 16.23 5.96 -53.43
CA TYR D 195 15.54 5.32 -52.32
C TYR D 195 14.64 4.26 -52.89
N MET D 196 14.79 3.03 -52.44
CA MET D 196 14.03 1.88 -52.97
C MET D 196 13.34 1.17 -51.82
N ALA D 197 12.01 1.11 -51.87
CA ALA D 197 11.21 0.41 -50.89
C ALA D 197 10.69 -0.90 -51.50
N GLY D 198 10.81 -1.98 -50.74
CA GLY D 198 10.28 -3.23 -51.16
C GLY D 198 8.81 -3.37 -50.77
N LEU D 199 8.03 -3.97 -51.66
CA LEU D 199 6.59 -4.06 -51.50
C LEU D 199 6.18 -5.45 -51.05
N PHE D 200 5.18 -5.51 -50.14
CA PHE D 200 4.68 -6.76 -49.59
C PHE D 200 3.31 -7.12 -50.10
N GLY D 201 2.47 -6.14 -50.44
CA GLY D 201 1.17 -6.41 -51.03
C GLY D 201 1.21 -6.70 -52.49
N GLU D 202 2.35 -6.46 -53.12
CA GLU D 202 2.59 -6.79 -54.51
C GLU D 202 4.09 -6.96 -54.70
N ASP D 203 4.49 -7.28 -55.92
CA ASP D 203 5.90 -7.47 -56.21
C ASP D 203 6.52 -6.15 -56.66
N GLY D 204 7.87 -6.11 -56.63
CA GLY D 204 8.62 -5.00 -57.19
C GLY D 204 9.10 -4.02 -56.12
N MET D 205 9.84 -3.02 -56.59
N MET D 205 9.85 -3.03 -56.59
CA MET D 205 10.41 -2.00 -55.74
CA MET D 205 10.41 -2.00 -55.75
C MET D 205 9.86 -0.64 -56.15
C MET D 205 9.83 -0.64 -56.15
N ALA D 206 9.70 0.24 -55.17
CA ALA D 206 9.30 1.63 -55.39
C ALA D 206 10.56 2.49 -55.34
N GLN D 207 10.98 3.01 -56.50
CA GLN D 207 12.23 3.74 -56.61
C GLN D 207 11.94 5.24 -56.68
N LEU D 208 12.60 6.01 -55.82
CA LEU D 208 12.49 7.45 -55.77
C LEU D 208 13.86 8.06 -56.04
N ASP D 209 13.92 8.99 -56.99
CA ASP D 209 15.15 9.70 -57.32
C ASP D 209 15.23 10.95 -56.43
N LEU D 210 16.04 10.88 -55.38
CA LEU D 210 16.14 12.01 -54.46
C LEU D 210 16.72 13.24 -55.12
N TRP D 211 17.39 13.11 -56.27
CA TRP D 211 17.86 14.28 -56.98
C TRP D 211 16.73 14.97 -57.73
N HIS D 212 15.68 14.25 -58.06
CA HIS D 212 14.55 14.77 -58.84
C HIS D 212 13.25 14.29 -58.23
N PRO D 213 12.95 14.73 -57.00
CA PRO D 213 11.70 14.27 -56.35
C PRO D 213 10.47 14.64 -57.14
N GLU D 214 10.56 15.61 -58.06
CA GLU D 214 9.40 16.03 -58.84
C GLU D 214 8.95 14.94 -59.82
N ARG D 215 9.81 13.99 -60.15
CA ARG D 215 9.45 12.94 -61.12
C ARG D 215 8.62 11.84 -60.49
N GLY D 216 8.49 11.81 -59.17
CA GLY D 216 7.66 10.80 -58.54
C GLY D 216 8.39 9.49 -58.35
N VAL D 217 7.61 8.48 -57.98
CA VAL D 217 8.11 7.14 -57.67
C VAL D 217 7.89 6.23 -58.88
N ARG D 218 8.86 5.36 -59.15
CA ARG D 218 8.80 4.42 -60.25
C ARG D 218 8.87 3.00 -59.74
N ARG D 219 8.19 2.10 -60.43
CA ARG D 219 8.23 0.66 -60.11
C ARG D 219 9.37 0.02 -60.88
N VAL D 220 10.25 -0.68 -60.17
CA VAL D 220 11.35 -1.41 -60.77
C VAL D 220 11.39 -2.83 -60.22
N LEU D 221 12.11 -3.69 -60.90
CA LEU D 221 12.33 -5.06 -60.46
C LEU D 221 10.98 -5.75 -60.13
N GLY D 222 10.04 -5.65 -61.07
CA GLY D 222 8.67 -6.03 -60.80
C GLY D 222 8.44 -7.52 -60.53
N ASP D 223 9.41 -8.37 -60.85
CA ASP D 223 9.28 -9.80 -60.62
C ASP D 223 9.91 -10.22 -59.29
N TYR D 224 10.26 -9.28 -58.44
CA TYR D 224 10.90 -9.56 -57.15
C TYR D 224 9.89 -9.36 -56.03
N GLY D 225 9.73 -10.37 -55.21
CA GLY D 225 8.75 -10.34 -54.14
C GLY D 225 8.16 -11.72 -53.92
N ARG D 226 7.17 -11.78 -53.05
CA ARG D 226 6.55 -13.04 -52.69
C ARG D 226 5.56 -13.51 -53.72
N GLY D 227 5.19 -12.66 -54.67
CA GLY D 227 4.24 -13.07 -55.70
C GLY D 227 2.89 -13.44 -55.08
N GLN D 228 2.41 -14.62 -55.42
CA GLN D 228 1.14 -15.14 -54.90
C GLN D 228 1.33 -16.04 -53.70
N ARG D 229 2.55 -16.31 -53.27
CA ARG D 229 2.79 -17.10 -52.07
C ARG D 229 2.42 -16.29 -50.84
N LYS D 230 1.67 -16.91 -49.94
CA LYS D 230 1.21 -16.23 -48.73
C LYS D 230 2.29 -16.28 -47.64
N LEU D 231 3.48 -15.78 -48.00
CA LEU D 231 4.55 -15.66 -47.03
C LEU D 231 4.21 -14.56 -46.02
N PRO D 232 4.55 -14.75 -44.75
CA PRO D 232 4.35 -13.68 -43.78
C PRO D 232 5.25 -12.49 -44.09
N VAL D 233 4.84 -11.32 -43.60
CA VAL D 233 5.62 -10.12 -43.82
C VAL D 233 7.00 -10.26 -43.22
N TYR D 234 7.13 -10.98 -42.12
CA TYR D 234 8.43 -11.17 -41.50
C TYR D 234 9.29 -12.16 -42.25
N LYS D 235 8.80 -12.76 -43.31
CA LYS D 235 9.59 -13.66 -44.13
C LYS D 235 10.13 -12.96 -45.37
N MET D 236 9.92 -11.64 -45.49
CA MET D 236 10.49 -10.84 -46.54
C MET D 236 11.93 -10.49 -46.21
N PRO D 237 12.78 -10.25 -47.21
CA PRO D 237 14.20 -10.04 -46.94
C PRO D 237 14.48 -8.78 -46.13
N HIS D 238 15.58 -8.81 -45.40
CA HIS D 238 16.21 -7.59 -44.88
C HIS D 238 16.80 -6.83 -46.05
N LEU D 239 16.29 -5.62 -46.32
CA LEU D 239 16.86 -4.85 -47.43
C LEU D 239 18.23 -4.28 -47.07
N GLU D 240 18.60 -4.25 -45.80
CA GLU D 240 20.00 -4.06 -45.46
C GLU D 240 20.84 -5.27 -45.86
N GLY D 241 20.21 -6.37 -46.26
CA GLY D 241 20.91 -7.52 -46.79
C GLY D 241 21.24 -7.44 -48.26
N TRP D 242 20.73 -6.43 -48.97
CA TRP D 242 21.20 -6.13 -50.31
C TRP D 242 22.60 -5.56 -50.26
N THR D 243 23.40 -5.87 -51.29
CA THR D 243 24.67 -5.18 -51.52
C THR D 243 24.67 -4.70 -52.97
N ILE D 244 25.03 -3.45 -53.18
CA ILE D 244 24.89 -2.76 -54.47
C ILE D 244 26.25 -2.25 -54.88
N ALA D 245 26.86 -2.90 -55.88
CA ALA D 245 28.08 -2.40 -56.50
C ALA D 245 27.73 -1.44 -57.64
N SER D 246 28.74 -0.98 -58.36
CA SER D 246 28.52 0.01 -59.42
C SER D 246 27.57 -0.54 -60.48
N ASP D 247 27.93 -1.66 -61.10
CA ASP D 247 27.12 -2.23 -62.17
C ASP D 247 26.17 -3.34 -61.70
N GLN D 248 26.48 -4.00 -60.59
CA GLN D 248 25.72 -5.17 -60.16
C GLN D 248 25.19 -5.01 -58.75
N ALA D 249 24.10 -5.68 -58.46
CA ALA D 249 23.55 -5.82 -57.12
C ALA D 249 23.41 -7.29 -56.81
N PHE D 250 23.88 -7.70 -55.63
CA PHE D 250 23.74 -9.08 -55.15
C PHE D 250 22.76 -9.09 -53.98
N VAL D 251 21.63 -9.76 -54.14
CA VAL D 251 20.52 -9.62 -53.21
C VAL D 251 19.97 -10.96 -52.79
N PRO D 252 19.37 -11.09 -51.61
CA PRO D 252 18.75 -12.37 -51.23
C PRO D 252 17.43 -12.59 -51.94
N ALA D 253 17.26 -13.76 -52.55
CA ALA D 253 15.98 -14.11 -53.13
C ALA D 253 14.93 -14.17 -52.02
N VAL D 254 13.66 -13.97 -52.41
CA VAL D 254 12.55 -14.07 -51.47
C VAL D 254 12.14 -15.54 -51.42
N GLY D 255 12.37 -16.19 -50.29
CA GLY D 255 11.94 -17.56 -50.09
C GLY D 255 12.56 -18.56 -51.01
N HIS D 256 13.80 -18.34 -51.42
CA HIS D 256 14.50 -19.29 -52.27
C HIS D 256 15.98 -19.29 -51.89
N HIS D 257 16.61 -20.46 -52.00
CA HIS D 257 18.01 -20.62 -51.63
C HIS D 257 18.91 -20.12 -52.77
N GLN D 258 18.76 -18.84 -53.09
CA GLN D 258 19.48 -18.22 -54.18
C GLN D 258 19.92 -16.81 -53.80
N VAL D 259 21.08 -16.41 -54.32
CA VAL D 259 21.49 -15.01 -54.37
C VAL D 259 21.26 -14.52 -55.79
N LEU D 260 20.46 -13.47 -55.95
CA LEU D 260 20.15 -12.92 -57.27
C LEU D 260 21.18 -11.88 -57.64
N VAL D 261 21.50 -11.82 -58.93
CA VAL D 261 22.38 -10.79 -59.48
C VAL D 261 21.51 -9.90 -60.37
N LEU D 262 21.51 -8.61 -60.08
CA LEU D 262 20.71 -7.65 -60.81
C LEU D 262 21.60 -6.64 -61.49
N ASP D 263 21.08 -6.04 -62.55
CA ASP D 263 21.71 -4.90 -63.19
C ASP D 263 21.26 -3.64 -62.48
N ALA D 264 22.22 -2.88 -61.95
CA ALA D 264 21.94 -1.75 -61.07
C ALA D 264 21.42 -0.51 -61.82
N ARG D 265 21.36 -0.54 -63.14
CA ARG D 265 20.87 0.57 -63.95
C ARG D 265 19.44 0.35 -64.41
N ASP D 266 19.18 -0.81 -64.99
CA ASP D 266 17.84 -1.17 -65.44
C ASP D 266 17.07 -1.94 -64.38
N TRP D 267 17.72 -2.32 -63.28
CA TRP D 267 17.09 -3.05 -62.19
C TRP D 267 16.30 -4.23 -62.73
N LYS D 268 17.03 -5.09 -63.44
CA LYS D 268 16.54 -6.37 -63.93
C LYS D 268 17.40 -7.47 -63.33
N GLN D 269 16.79 -8.60 -62.99
CA GLN D 269 17.57 -9.74 -62.58
C GLN D 269 18.25 -10.34 -63.82
N THR D 270 19.57 -10.59 -63.71
CA THR D 270 20.31 -11.18 -64.81
C THR D 270 20.92 -12.54 -64.48
N ASP D 271 20.97 -12.92 -63.22
CA ASP D 271 21.54 -14.21 -62.84
C ASP D 271 20.98 -14.60 -61.47
N ALA D 272 21.07 -15.89 -61.16
CA ALA D 272 20.65 -16.42 -59.88
C ALA D 272 21.63 -17.50 -59.49
N ILE D 273 22.22 -17.37 -58.32
CA ILE D 273 23.29 -18.25 -57.85
C ILE D 273 22.72 -19.12 -56.73
N ASP D 274 22.81 -20.42 -56.90
CA ASP D 274 22.33 -21.34 -55.88
C ASP D 274 23.30 -21.34 -54.70
N VAL D 275 22.75 -21.24 -53.50
CA VAL D 275 23.55 -21.18 -52.28
C VAL D 275 22.98 -22.20 -51.27
N ALA D 276 23.70 -22.36 -50.16
CA ALA D 276 23.41 -23.41 -49.19
C ALA D 276 22.44 -22.97 -48.12
N GLY D 277 21.35 -22.34 -48.51
CA GLY D 277 20.34 -21.92 -47.54
C GLY D 277 19.68 -20.63 -47.98
N GLN D 278 18.74 -20.17 -47.14
CA GLN D 278 18.04 -18.92 -47.39
C GLN D 278 18.93 -17.76 -46.99
N PRO D 279 19.53 -17.05 -47.94
CA PRO D 279 20.40 -15.92 -47.55
C PRO D 279 19.63 -14.86 -46.80
N VAL D 280 20.27 -14.26 -45.81
CA VAL D 280 19.77 -13.09 -45.10
C VAL D 280 20.56 -11.84 -45.49
N PHE D 281 21.85 -11.80 -45.18
CA PHE D 281 22.72 -10.69 -45.51
C PHE D 281 23.67 -11.10 -46.63
N VAL D 282 23.60 -10.42 -47.77
CA VAL D 282 24.51 -10.56 -48.86
C VAL D 282 25.38 -9.30 -48.85
N MET D 283 26.68 -9.47 -48.65
N MET D 283 26.68 -9.47 -48.65
CA MET D 283 27.59 -8.36 -48.44
CA MET D 283 27.58 -8.36 -48.46
C MET D 283 28.80 -8.49 -49.35
C MET D 283 28.80 -8.49 -49.35
N THR D 284 29.51 -7.39 -49.48
CA THR D 284 30.62 -7.26 -50.42
C THR D 284 31.91 -6.99 -49.67
N ARG D 285 32.97 -7.74 -50.00
CA ARG D 285 34.30 -7.32 -49.59
C ARG D 285 34.56 -5.92 -50.13
N PRO D 286 35.15 -5.01 -49.34
CA PRO D 286 35.21 -3.62 -49.77
C PRO D 286 35.82 -3.41 -51.13
N ASP D 287 36.62 -4.36 -51.64
CA ASP D 287 37.23 -4.24 -52.95
C ASP D 287 36.37 -4.83 -54.06
N ASP D 288 35.15 -5.25 -53.74
CA ASP D 288 34.12 -5.71 -54.69
C ASP D 288 34.45 -7.03 -55.35
N ARG D 289 35.56 -7.70 -54.99
CA ARG D 289 35.91 -8.92 -55.68
C ARG D 289 35.11 -10.12 -55.20
N GLN D 290 34.71 -10.14 -53.94
CA GLN D 290 33.99 -11.27 -53.35
C GLN D 290 32.68 -10.82 -52.78
N ILE D 291 31.71 -11.72 -52.72
CA ILE D 291 30.43 -11.50 -52.08
C ILE D 291 30.27 -12.56 -50.98
N TRP D 292 30.03 -12.11 -49.75
CA TRP D 292 29.89 -12.97 -48.59
C TRP D 292 28.41 -13.08 -48.22
N VAL D 293 27.96 -14.29 -47.92
CA VAL D 293 26.55 -14.60 -47.72
C VAL D 293 26.41 -15.38 -46.43
N ASN D 294 25.45 -14.98 -45.60
CA ASN D 294 25.03 -15.76 -44.42
C ASN D 294 23.58 -16.15 -44.60
N PHE D 295 23.14 -17.12 -43.82
CA PHE D 295 21.88 -17.80 -44.09
C PHE D 295 21.00 -17.84 -42.85
N ALA D 296 19.74 -18.19 -43.07
CA ALA D 296 18.76 -18.37 -42.00
C ALA D 296 18.79 -19.78 -41.49
N TYR D 297 18.41 -19.95 -40.23
CA TYR D 297 18.27 -21.29 -39.66
C TYR D 297 17.46 -22.17 -40.61
N PRO D 298 17.81 -23.44 -40.78
CA PRO D 298 18.80 -24.27 -40.10
C PRO D 298 20.17 -24.30 -40.76
N ASP D 299 20.42 -23.38 -41.69
CA ASP D 299 21.65 -23.37 -42.45
C ASP D 299 22.61 -22.28 -41.98
N ASN D 300 22.38 -21.70 -40.81
CA ASN D 300 23.15 -20.56 -40.34
C ASN D 300 24.42 -20.95 -39.63
N ASP D 301 24.96 -22.12 -39.90
CA ASP D 301 26.31 -22.49 -39.49
C ASP D 301 27.33 -22.37 -40.62
N LYS D 302 26.96 -21.70 -41.71
CA LYS D 302 27.79 -21.58 -42.88
C LYS D 302 27.88 -20.13 -43.32
N VAL D 303 29.02 -19.79 -43.95
CA VAL D 303 29.18 -18.55 -44.71
C VAL D 303 29.76 -18.92 -46.05
N GLN D 304 29.13 -18.47 -47.13
CA GLN D 304 29.57 -18.78 -48.50
C GLN D 304 30.11 -17.53 -49.15
N VAL D 305 31.26 -17.69 -49.85
CA VAL D 305 31.94 -16.61 -50.51
C VAL D 305 31.80 -16.82 -52.01
N ILE D 306 31.39 -15.77 -52.73
CA ILE D 306 31.08 -15.85 -54.16
C ILE D 306 32.03 -14.93 -54.91
N ASP D 307 32.44 -15.34 -56.10
CA ASP D 307 33.26 -14.50 -56.95
C ASP D 307 32.32 -13.59 -57.74
N SER D 308 32.48 -12.27 -57.56
CA SER D 308 31.56 -11.32 -58.17
C SER D 308 31.63 -11.34 -59.68
N GLU D 309 32.76 -11.73 -60.27
CA GLU D 309 32.88 -11.79 -61.71
C GLU D 309 32.25 -13.06 -62.28
N THR D 310 32.62 -14.22 -61.74
CA THR D 310 32.18 -15.49 -62.27
C THR D 310 30.84 -15.96 -61.70
N HIS D 311 30.39 -15.37 -60.59
CA HIS D 311 29.15 -15.74 -59.94
C HIS D 311 29.20 -17.15 -59.36
N GLU D 312 30.39 -17.72 -59.21
CA GLU D 312 30.57 -19.06 -58.65
C GLU D 312 30.95 -18.99 -57.18
N VAL D 313 30.40 -19.90 -56.38
CA VAL D 313 30.73 -19.97 -54.97
C VAL D 313 32.17 -20.40 -54.83
N ILE D 314 33.02 -19.53 -54.27
CA ILE D 314 34.43 -19.84 -54.08
C ILE D 314 34.59 -20.90 -53.00
N GLU D 315 33.98 -20.69 -51.84
CA GLU D 315 34.28 -21.45 -50.65
C GLU D 315 33.07 -21.42 -49.74
N THR D 316 32.95 -22.45 -48.90
CA THR D 316 31.90 -22.53 -47.89
C THR D 316 32.57 -22.63 -46.52
N LEU D 317 32.54 -21.52 -45.76
CA LEU D 317 33.11 -21.49 -44.44
C LEU D 317 32.10 -21.98 -43.41
N ARG D 318 32.62 -22.58 -42.35
CA ARG D 318 31.81 -23.10 -41.25
C ARG D 318 32.38 -22.57 -39.94
N PRO D 319 32.02 -21.34 -39.56
CA PRO D 319 32.59 -20.77 -38.34
C PRO D 319 32.03 -21.39 -37.08
N GLY D 320 30.78 -21.87 -37.10
CA GLY D 320 30.13 -22.39 -35.94
C GLY D 320 28.63 -22.15 -35.98
N PRO D 321 27.89 -22.68 -35.01
CA PRO D 321 26.44 -22.58 -35.05
C PRO D 321 25.95 -21.17 -34.78
N GLY D 322 24.96 -20.74 -35.57
CA GLY D 322 24.28 -19.49 -35.35
C GLY D 322 25.00 -18.24 -35.84
N VAL D 323 25.39 -18.22 -37.12
CA VAL D 323 26.08 -17.06 -37.69
C VAL D 323 25.01 -16.03 -38.04
N LEU D 324 24.95 -14.94 -37.24
CA LEU D 324 23.92 -13.94 -37.41
C LEU D 324 24.34 -12.77 -38.30
N HIS D 325 25.58 -12.30 -38.18
CA HIS D 325 25.97 -11.06 -38.82
C HIS D 325 27.44 -11.10 -39.17
N MET D 326 27.84 -10.23 -40.06
CA MET D 326 29.22 -10.07 -40.49
C MET D 326 29.49 -8.58 -40.69
N GLU D 327 30.77 -8.22 -40.73
CA GLU D 327 31.15 -6.82 -40.85
C GLU D 327 32.63 -6.74 -41.26
N PHE D 328 32.90 -5.95 -42.29
CA PHE D 328 34.27 -5.74 -42.75
C PHE D 328 34.88 -4.49 -42.10
N SER D 329 36.21 -4.48 -42.00
CA SER D 329 36.92 -3.28 -41.69
C SER D 329 36.80 -2.30 -42.84
N GLY D 330 37.20 -1.05 -42.57
CA GLY D 330 37.03 -0.02 -43.57
C GLY D 330 37.76 -0.32 -44.87
N ARG D 331 39.04 -0.75 -44.76
CA ARG D 331 39.84 -1.05 -45.95
C ARG D 331 39.72 -2.48 -46.38
N GLY D 332 39.14 -3.36 -45.57
CA GLY D 332 38.86 -4.72 -45.97
C GLY D 332 39.84 -5.76 -45.55
N ASP D 333 40.78 -5.44 -44.66
CA ASP D 333 41.76 -6.43 -44.21
C ASP D 333 41.16 -7.46 -43.29
N GLN D 334 39.97 -7.21 -42.74
CA GLN D 334 39.33 -8.09 -41.79
C GLN D 334 37.86 -8.20 -42.13
N VAL D 335 37.28 -9.36 -41.81
CA VAL D 335 35.82 -9.50 -41.71
C VAL D 335 35.52 -10.12 -40.35
N TRP D 336 34.55 -9.55 -39.63
CA TRP D 336 34.17 -9.99 -38.32
C TRP D 336 32.86 -10.77 -38.44
N ILE D 337 32.80 -11.95 -37.83
CA ILE D 337 31.66 -12.85 -37.95
C ILE D 337 31.23 -13.23 -36.55
N SER D 338 29.95 -12.96 -36.22
CA SER D 338 29.41 -13.28 -34.92
C SER D 338 28.79 -14.67 -34.98
N VAL D 339 29.27 -15.57 -34.11
CA VAL D 339 28.79 -16.95 -34.06
C VAL D 339 27.98 -17.10 -32.77
N ARG D 340 26.65 -16.94 -32.87
CA ARG D 340 25.83 -16.77 -31.68
C ARG D 340 25.93 -17.96 -30.73
N ASP D 341 25.58 -19.15 -31.22
CA ASP D 341 25.52 -20.32 -30.37
C ASP D 341 26.89 -20.86 -30.00
N ALA D 342 27.96 -20.32 -30.57
CA ALA D 342 29.30 -20.57 -30.06
C ALA D 342 29.73 -19.55 -29.03
N ASP D 343 28.88 -18.57 -28.71
CA ASP D 343 29.24 -17.48 -27.81
C ASP D 343 30.61 -16.91 -28.18
N GLN D 344 30.80 -16.67 -29.46
CA GLN D 344 32.10 -16.30 -29.99
C GLN D 344 31.93 -15.26 -31.08
N LEU D 345 32.82 -14.26 -31.08
CA LEU D 345 32.96 -13.31 -32.19
C LEU D 345 34.29 -13.57 -32.86
N GLN D 346 34.27 -13.97 -34.14
CA GLN D 346 35.45 -14.37 -34.84
C GLN D 346 35.92 -13.29 -35.80
N VAL D 347 37.25 -13.25 -36.03
CA VAL D 347 37.87 -12.37 -37.00
C VAL D 347 38.54 -13.22 -38.07
N TRP D 348 38.23 -12.96 -39.33
CA TRP D 348 38.76 -13.70 -40.44
C TRP D 348 39.56 -12.79 -41.37
N ASP D 349 40.52 -13.38 -42.07
CA ASP D 349 41.23 -12.71 -43.14
C ASP D 349 40.45 -12.97 -44.41
N PRO D 350 39.73 -11.99 -44.98
CA PRO D 350 38.92 -12.26 -46.17
C PRO D 350 39.70 -12.62 -47.39
N TYR D 351 41.04 -12.57 -47.37
CA TYR D 351 41.86 -12.90 -48.51
C TYR D 351 42.41 -14.32 -48.43
N ARG D 352 42.97 -14.69 -47.28
CA ARG D 352 43.33 -16.09 -47.06
C ARG D 352 42.15 -16.96 -46.67
N LEU D 353 41.02 -16.36 -46.32
CA LEU D 353 39.83 -17.08 -45.85
C LEU D 353 40.19 -17.98 -44.67
N LYS D 354 40.89 -17.39 -43.69
CA LYS D 354 41.31 -18.09 -42.48
C LYS D 354 40.97 -17.24 -41.27
N ARG D 355 40.62 -17.91 -40.18
CA ARG D 355 40.39 -17.22 -38.91
C ARG D 355 41.70 -16.71 -38.35
N ILE D 356 41.67 -15.49 -37.80
CA ILE D 356 42.88 -14.87 -37.26
C ILE D 356 42.61 -14.26 -35.90
N GLY D 357 41.51 -14.64 -35.27
CA GLY D 357 41.18 -14.09 -33.97
C GLY D 357 39.81 -14.50 -33.46
N SER D 358 39.62 -14.43 -32.15
CA SER D 358 38.33 -14.80 -31.55
C SER D 358 38.19 -14.09 -30.20
N LEU D 359 36.96 -13.87 -29.81
CA LEU D 359 36.65 -13.23 -28.53
C LEU D 359 35.39 -13.89 -27.96
N PRO D 360 35.38 -14.24 -26.67
CA PRO D 360 34.15 -14.72 -26.07
C PRO D 360 33.09 -13.64 -26.05
N ALA D 361 31.82 -14.06 -26.20
CA ALA D 361 30.72 -13.11 -26.21
C ALA D 361 29.47 -13.87 -25.83
N ARG D 362 28.52 -13.17 -25.21
CA ARG D 362 27.27 -13.77 -24.77
C ARG D 362 26.24 -13.61 -25.86
N SER D 363 25.84 -14.73 -26.49
CA SER D 363 24.85 -14.76 -27.57
C SER D 363 25.10 -13.58 -28.52
N PRO D 364 26.28 -13.51 -29.14
CA PRO D 364 26.60 -12.36 -29.98
C PRO D 364 25.71 -12.30 -31.20
N SER D 365 25.29 -11.08 -31.56
CA SER D 365 24.50 -10.90 -32.78
C SER D 365 25.12 -9.82 -33.66
N GLY D 366 24.54 -8.63 -33.69
CA GLY D 366 25.04 -7.61 -34.59
C GLY D 366 26.41 -7.14 -34.21
N ILE D 367 27.27 -6.91 -35.21
CA ILE D 367 28.63 -6.41 -35.04
C ILE D 367 28.80 -5.20 -35.96
N PHE D 368 29.04 -4.01 -35.38
CA PHE D 368 29.11 -2.76 -36.11
C PHE D 368 30.43 -2.07 -35.81
N PHE D 369 31.11 -1.58 -36.84
CA PHE D 369 32.36 -0.87 -36.66
C PHE D 369 32.20 0.60 -37.01
N SER D 370 33.03 1.44 -36.38
CA SER D 370 32.79 2.87 -36.34
C SER D 370 33.01 3.55 -37.69
N HIS D 371 33.67 2.90 -38.63
CA HIS D 371 33.83 3.54 -39.94
C HIS D 371 32.48 3.84 -40.59
N ARG D 372 31.39 3.29 -40.10
CA ARG D 372 30.07 3.61 -40.59
C ARG D 372 29.74 5.07 -40.41
N ALA D 373 30.38 5.76 -39.47
CA ALA D 373 30.04 7.14 -39.14
C ALA D 373 30.21 8.06 -40.32
N GLN D 374 31.04 7.69 -41.30
CA GLN D 374 31.38 8.59 -42.39
C GLN D 374 30.53 8.39 -43.63
N HIS D 375 29.57 7.47 -43.61
CA HIS D 375 28.88 7.03 -44.81
C HIS D 375 27.39 7.25 -44.68
N ILE D 376 26.80 7.95 -45.66
CA ILE D 376 25.36 8.10 -45.73
C ILE D 376 24.72 6.73 -45.71
N GLY D 377 23.63 6.60 -44.97
CA GLY D 377 22.91 5.36 -44.89
C GLY D 377 23.38 4.40 -43.82
N LEU D 378 24.57 4.62 -43.25
CA LEU D 378 25.10 3.79 -42.19
C LEU D 378 25.24 4.59 -40.89
N PRO E 7 24.02 7.20 64.10
CA PRO E 7 22.67 7.74 63.86
C PRO E 7 21.58 6.70 64.13
N PRO E 8 20.33 7.13 64.22
CA PRO E 8 19.25 6.22 64.61
C PRO E 8 18.87 5.29 63.46
N LEU E 9 17.84 4.48 63.72
CA LEU E 9 17.37 3.52 62.74
C LEU E 9 16.61 4.21 61.62
N ARG E 10 16.75 3.67 60.42
CA ARG E 10 16.01 4.17 59.27
C ARG E 10 16.04 3.12 58.18
N GLY E 11 15.02 3.11 57.34
CA GLY E 11 14.99 2.21 56.22
C GLY E 11 15.93 2.64 55.12
N SER E 12 16.34 1.67 54.29
CA SER E 12 17.24 1.89 53.18
C SER E 12 16.51 2.03 51.86
N GLY E 13 15.19 1.82 51.84
CA GLY E 13 14.47 1.71 50.57
C GLY E 13 14.26 3.02 49.84
N ASP E 14 14.36 4.15 50.56
CA ASP E 14 14.12 5.46 49.99
C ASP E 14 15.37 6.35 50.00
N LEU E 15 16.56 5.74 50.08
CA LEU E 15 17.79 6.49 50.20
C LEU E 15 18.33 6.86 48.83
N GLY E 16 18.71 8.13 48.67
CA GLY E 16 19.34 8.57 47.45
C GLY E 16 20.76 9.03 47.66
N VAL E 17 21.58 9.00 46.61
CA VAL E 17 22.94 9.49 46.66
C VAL E 17 23.11 10.50 45.53
N LEU E 18 23.54 11.71 45.88
CA LEU E 18 23.73 12.78 44.91
C LEU E 18 25.22 13.02 44.73
N ILE E 19 25.65 13.17 43.48
CA ILE E 19 27.04 13.43 43.15
C ILE E 19 27.24 14.95 43.08
N GLU E 20 28.15 15.47 43.90
CA GLU E 20 28.63 16.84 43.79
C GLU E 20 29.98 16.81 43.10
N ARG E 21 30.01 17.25 41.83
CA ARG E 21 31.09 16.84 40.94
C ARG E 21 32.34 17.67 41.07
N ALA E 22 32.24 18.90 41.57
CA ALA E 22 33.38 19.80 41.66
C ALA E 22 33.95 19.88 43.07
N ASP E 23 33.73 18.86 43.90
CA ASP E 23 34.29 18.83 45.23
C ASP E 23 34.69 17.45 45.72
N GLY E 24 34.37 16.38 44.99
CA GLY E 24 34.65 15.05 45.49
C GLY E 24 33.82 14.67 46.68
N SER E 25 32.55 15.13 46.73
CA SER E 25 31.66 14.82 47.82
C SER E 25 30.33 14.37 47.28
N VAL E 26 29.54 13.75 48.16
CA VAL E 26 28.19 13.28 47.81
C VAL E 26 27.26 13.64 48.96
N GLN E 27 25.97 13.65 48.65
CA GLN E 27 24.93 13.81 49.63
C GLN E 27 24.10 12.54 49.68
N ILE E 28 23.70 12.14 50.89
CA ILE E 28 22.79 11.04 51.11
C ILE E 28 21.45 11.63 51.51
N LEU E 29 20.38 11.18 50.87
CA LEU E 29 19.10 11.89 50.90
C LEU E 29 17.99 10.98 51.38
N ASP E 30 17.11 11.52 52.20
CA ASP E 30 15.89 10.83 52.63
C ASP E 30 14.81 11.13 51.61
N GLY E 31 14.45 10.13 50.80
CA GLY E 31 13.53 10.39 49.70
C GLY E 31 12.12 10.68 50.16
N THR E 32 11.66 10.03 51.24
CA THR E 32 10.29 10.25 51.70
C THR E 32 10.15 11.63 52.31
N ALA E 33 11.08 12.01 53.18
CA ALA E 33 11.05 13.32 53.83
C ALA E 33 11.52 14.44 52.91
N LYS E 34 12.13 14.12 51.77
CA LYS E 34 12.66 15.11 50.85
C LYS E 34 13.66 16.03 51.56
N THR E 35 14.61 15.40 52.25
CA THR E 35 15.64 16.12 53.00
C THR E 35 17.01 15.49 52.73
N SER E 36 18.05 16.19 53.11
CA SER E 36 19.42 15.72 53.01
C SER E 36 19.85 15.17 54.35
N LEU E 37 20.29 13.91 54.37
CA LEU E 37 20.72 13.29 55.62
C LEU E 37 22.14 13.72 55.99
N ALA E 38 23.05 13.72 55.02
CA ALA E 38 24.43 14.07 55.31
C ALA E 38 25.16 14.38 54.03
N ARG E 39 26.31 15.04 54.18
CA ARG E 39 27.30 15.18 53.12
C ARG E 39 28.52 14.35 53.50
N VAL E 40 28.99 13.52 52.57
CA VAL E 40 30.17 12.69 52.77
C VAL E 40 31.24 13.13 51.81
N GLU E 41 32.42 13.44 52.32
CA GLU E 41 33.51 14.01 51.54
C GLU E 41 34.62 13.01 51.38
N GLY E 42 35.59 13.38 50.55
CA GLY E 42 36.76 12.53 50.34
C GLY E 42 36.58 11.47 49.29
N LEU E 43 35.94 11.82 48.17
CA LEU E 43 35.76 10.91 47.06
C LEU E 43 36.51 11.36 45.79
N GLY E 44 37.37 12.37 45.91
CA GLY E 44 38.30 12.67 44.84
C GLY E 44 37.63 13.29 43.63
N ASP E 45 38.01 12.80 42.43
CA ASP E 45 37.52 13.37 41.18
C ASP E 45 36.17 12.73 40.84
N LEU E 46 35.09 13.50 40.97
CA LEU E 46 33.77 13.09 40.55
C LEU E 46 33.23 14.00 39.45
N SER E 47 34.13 14.67 38.72
CA SER E 47 33.67 15.45 37.56
C SER E 47 32.83 14.59 36.64
N HIS E 48 33.08 13.29 36.60
CA HIS E 48 32.21 12.33 35.94
C HIS E 48 32.19 11.06 36.80
N ALA E 49 30.99 10.61 37.19
CA ALA E 49 30.89 9.51 38.13
C ALA E 49 29.58 8.76 37.94
N SER E 50 29.54 7.54 38.49
CA SER E 50 28.36 6.70 38.49
C SER E 50 28.47 5.76 39.69
N LEU E 51 27.39 5.02 39.97
CA LEU E 51 27.38 4.17 41.14
C LEU E 51 26.31 3.08 41.01
N VAL E 52 26.46 2.05 41.84
CA VAL E 52 25.51 0.98 42.00
C VAL E 52 25.32 0.72 43.47
N PHE E 53 24.35 -0.12 43.81
CA PHE E 53 23.99 -0.39 45.19
C PHE E 53 24.14 -1.88 45.52
N SER E 54 24.51 -2.15 46.78
CA SER E 54 24.48 -3.52 47.28
C SER E 54 23.03 -3.98 47.47
N ARG E 55 22.83 -5.30 47.35
CA ARG E 55 21.49 -5.87 47.55
C ARG E 55 20.94 -5.54 48.93
N ASP E 56 21.78 -5.06 49.86
CA ASP E 56 21.33 -4.50 51.12
C ASP E 56 20.60 -3.18 50.93
N GLN E 57 21.02 -2.38 49.93
CA GLN E 57 20.73 -0.97 49.81
C GLN E 57 21.42 -0.16 50.91
N ARG E 58 22.28 -0.79 51.72
CA ARG E 58 23.03 -0.10 52.73
C ARG E 58 24.27 0.59 52.16
N TYR E 59 24.84 0.04 51.10
CA TYR E 59 26.08 0.55 50.55
C TYR E 59 25.90 0.99 49.10
N ALA E 60 26.65 2.02 48.73
CA ALA E 60 26.74 2.49 47.36
C ALA E 60 28.18 2.38 46.90
N TYR E 61 28.40 1.77 45.74
CA TYR E 61 29.72 1.62 45.16
C TYR E 61 29.88 2.72 44.12
N VAL E 62 30.67 3.73 44.45
CA VAL E 62 30.84 4.92 43.62
C VAL E 62 32.08 4.73 42.75
N PHE E 63 31.93 4.97 41.46
CA PHE E 63 33.05 4.92 40.53
C PHE E 63 33.30 6.33 39.99
N GLY E 64 34.55 6.79 40.10
CA GLY E 64 34.90 8.15 39.74
C GLY E 64 35.91 8.21 38.60
N ARG E 65 36.09 9.42 38.07
CA ARG E 65 37.00 9.62 36.95
C ARG E 65 38.45 9.40 37.31
N ASP E 66 38.78 9.41 38.60
CA ASP E 66 40.13 9.18 39.08
C ASP E 66 40.45 7.70 39.28
N GLY E 67 39.51 6.81 38.97
CA GLY E 67 39.71 5.40 39.24
C GLY E 67 39.39 5.01 40.66
N GLY E 68 38.71 5.87 41.40
CA GLY E 68 38.39 5.56 42.78
C GLY E 68 37.11 4.74 42.90
N LEU E 69 37.17 3.69 43.70
CA LEU E 69 36.01 2.87 44.01
C LEU E 69 35.74 3.02 45.50
N THR E 70 34.68 3.77 45.84
CA THR E 70 34.35 4.06 47.22
C THR E 70 33.12 3.25 47.62
N LYS E 71 33.28 2.39 48.61
CA LYS E 71 32.16 1.72 49.24
C LYS E 71 31.58 2.69 50.28
N LEU E 72 30.44 3.29 49.97
CA LEU E 72 29.84 4.32 50.79
C LEU E 72 28.77 3.70 51.67
N ASP E 73 28.83 3.96 52.98
CA ASP E 73 27.83 3.47 53.92
C ASP E 73 26.73 4.52 54.05
N LEU E 74 25.53 4.18 53.59
CA LEU E 74 24.42 5.15 53.60
C LEU E 74 23.79 5.27 54.98
N LEU E 75 23.81 4.18 55.77
CA LEU E 75 23.20 4.21 57.10
C LEU E 75 24.13 4.82 58.14
N ALA E 76 25.43 4.51 58.06
CA ALA E 76 26.43 5.11 58.91
C ALA E 76 26.95 6.43 58.37
N GLN E 77 26.68 6.74 57.10
CA GLN E 77 27.07 8.02 56.50
C GLN E 77 28.57 8.22 56.57
N ARG E 78 29.32 7.19 56.17
CA ARG E 78 30.78 7.25 56.17
C ARG E 78 31.29 6.35 55.03
N ILE E 79 32.58 6.48 54.75
CA ILE E 79 33.24 5.64 53.75
C ILE E 79 33.67 4.35 54.46
N ASP E 80 33.00 3.25 54.15
CA ASP E 80 33.42 1.96 54.70
C ASP E 80 34.78 1.58 54.13
N LYS E 81 34.90 1.56 52.80
CA LYS E 81 36.15 1.24 52.12
C LYS E 81 36.32 2.16 50.92
N ARG E 82 37.58 2.45 50.59
CA ARG E 82 37.90 3.20 49.39
C ARG E 82 39.20 2.70 48.82
N LEU E 83 39.22 2.52 47.49
CA LEU E 83 40.43 2.12 46.78
C LEU E 83 40.55 2.98 45.54
N ILE E 84 41.77 3.34 45.19
CA ILE E 84 42.05 4.14 44.00
C ILE E 84 42.94 3.30 43.09
N GLN E 85 42.37 2.82 41.99
CA GLN E 85 43.14 2.14 40.95
C GLN E 85 43.14 3.03 39.71
N GLY E 86 44.29 3.63 39.43
CA GLY E 86 44.40 4.49 38.26
C GLY E 86 44.12 3.73 36.98
N GLY E 87 43.43 4.38 36.06
CA GLY E 87 43.10 3.80 34.78
C GLY E 87 41.72 3.18 34.73
N ASN E 88 41.09 2.92 35.88
CA ASN E 88 39.73 2.41 35.90
C ASN E 88 38.76 3.48 35.45
N SER E 89 37.67 3.04 34.81
CA SER E 89 36.64 3.93 34.31
C SER E 89 35.43 3.93 35.25
N ILE E 90 34.43 4.74 34.90
CA ILE E 90 33.16 4.74 35.60
C ILE E 90 32.24 3.79 34.87
N GLY E 91 31.02 3.62 35.36
CA GLY E 91 30.08 2.71 34.74
C GLY E 91 30.19 1.28 35.20
N GLY E 92 30.64 1.04 36.42
CA GLY E 92 30.77 -0.29 36.94
C GLY E 92 29.43 -0.93 37.18
N ALA E 93 29.48 -2.18 37.68
CA ALA E 93 28.28 -2.96 37.92
C ALA E 93 28.52 -3.92 39.07
N ILE E 94 27.41 -4.36 39.69
CA ILE E 94 27.45 -5.34 40.77
C ILE E 94 26.74 -6.59 40.26
N SER E 95 27.16 -7.75 40.78
CA SER E 95 26.69 -9.01 40.25
C SER E 95 25.29 -9.35 40.74
N GLN E 96 24.73 -10.41 40.15
CA GLN E 96 23.34 -10.78 40.43
C GLN E 96 23.15 -11.21 41.88
N ASP E 97 24.14 -11.88 42.46
CA ASP E 97 24.07 -12.29 43.86
C ASP E 97 24.58 -11.23 44.81
N GLY E 98 25.16 -10.14 44.31
CA GLY E 98 25.55 -9.01 45.13
C GLY E 98 26.93 -9.10 45.75
N ARG E 99 27.69 -10.13 45.45
CA ARG E 99 28.99 -10.35 46.09
C ARG E 99 30.16 -9.95 45.21
N LEU E 100 29.92 -9.57 43.96
CA LEU E 100 30.98 -9.17 43.05
C LEU E 100 30.67 -7.81 42.44
N VAL E 101 31.71 -6.99 42.28
CA VAL E 101 31.62 -5.66 41.68
C VAL E 101 32.69 -5.56 40.62
N ALA E 102 32.31 -5.10 39.43
CA ALA E 102 33.20 -5.07 38.27
C ALA E 102 33.31 -3.67 37.73
N VAL E 103 34.54 -3.29 37.34
CA VAL E 103 34.81 -1.98 36.75
C VAL E 103 35.64 -2.18 35.49
N SER E 104 35.32 -1.44 34.43
CA SER E 104 36.11 -1.45 33.23
C SER E 104 37.42 -0.72 33.48
N ASN E 105 38.28 -0.71 32.46
CA ASN E 105 39.59 -0.08 32.56
C ASN E 105 40.06 0.28 31.17
N TYR E 106 40.41 1.55 30.96
CA TYR E 106 40.88 2.01 29.65
C TYR E 106 42.39 2.00 29.53
N GLU E 107 43.12 1.76 30.61
CA GLU E 107 44.57 1.62 30.55
C GLU E 107 45.01 0.57 31.56
N PRO E 108 45.62 -0.55 31.11
CA PRO E 108 45.91 -0.94 29.72
C PRO E 108 44.69 -1.31 28.90
N GLY E 109 43.67 -1.88 29.55
CA GLY E 109 42.47 -2.30 28.89
C GLY E 109 41.98 -3.65 29.38
N GLY E 110 40.76 -3.68 29.94
CA GLY E 110 40.24 -4.93 30.47
C GLY E 110 39.16 -4.66 31.51
N VAL E 111 39.01 -5.61 32.42
CA VAL E 111 38.01 -5.54 33.48
C VAL E 111 38.61 -6.18 34.73
N LYS E 112 38.18 -5.69 35.89
CA LYS E 112 38.63 -6.22 37.18
C LYS E 112 37.45 -6.30 38.12
N VAL E 113 37.36 -7.40 38.85
CA VAL E 113 36.21 -7.71 39.68
C VAL E 113 36.68 -7.76 41.13
N PHE E 114 35.99 -7.03 42.01
CA PHE E 114 36.37 -6.88 43.39
C PHE E 114 35.29 -7.42 44.31
N ASP E 115 35.70 -8.05 45.40
CA ASP E 115 34.75 -8.51 46.41
C ASP E 115 33.95 -7.32 46.95
N SER E 116 32.64 -7.51 47.09
CA SER E 116 31.77 -6.39 47.39
C SER E 116 31.91 -5.92 48.82
N ARG E 117 32.28 -6.80 49.74
CA ARG E 117 32.33 -6.43 51.16
C ARG E 117 33.69 -5.87 51.54
N THR E 118 34.77 -6.47 51.06
CA THR E 118 36.11 -6.01 51.40
C THR E 118 36.77 -5.21 50.30
N LEU E 119 36.27 -5.29 49.08
CA LEU E 119 36.92 -4.73 47.89
C LEU E 119 38.25 -5.41 47.60
N GLU E 120 38.46 -6.59 48.15
CA GLU E 120 39.66 -7.38 47.80
C GLU E 120 39.54 -7.90 46.39
N LEU E 121 40.59 -7.68 45.59
CA LEU E 121 40.57 -8.10 44.20
C LEU E 121 40.29 -9.60 44.10
N VAL E 122 39.43 -9.96 43.13
CA VAL E 122 39.05 -11.37 42.93
C VAL E 122 39.48 -11.86 41.55
N ALA E 123 39.46 -11.01 40.55
CA ALA E 123 39.84 -11.45 39.21
C ALA E 123 40.28 -10.26 38.37
N GLU E 124 41.14 -10.52 37.39
CA GLU E 124 41.57 -9.56 36.40
C GLU E 124 41.34 -10.15 35.01
N ILE E 125 40.82 -9.33 34.10
CA ILE E 125 40.48 -9.79 32.77
C ILE E 125 41.06 -8.83 31.75
N PRO E 126 42.24 -9.10 31.20
CA PRO E 126 42.80 -8.19 30.19
C PRO E 126 42.11 -8.33 28.86
N ALA E 127 41.88 -7.20 28.19
CA ALA E 127 41.35 -7.22 26.84
C ALA E 127 42.38 -7.83 25.89
N THR E 128 42.05 -7.88 24.61
CA THR E 128 43.01 -8.37 23.63
C THR E 128 44.12 -7.34 23.44
N ARG E 129 45.33 -7.84 23.18
CA ARG E 129 46.51 -6.99 23.12
C ARG E 129 46.57 -6.27 21.78
N LEU E 130 46.77 -4.95 21.82
CA LEU E 130 47.03 -4.21 20.60
C LEU E 130 48.51 -4.35 20.23
N PRO E 131 48.84 -4.75 19.01
CA PRO E 131 50.25 -5.06 18.70
C PRO E 131 51.18 -3.88 18.87
N GLY E 132 50.83 -2.72 18.32
CA GLY E 132 51.76 -1.60 18.29
C GLY E 132 52.10 -1.02 19.66
N GLN E 133 51.28 -1.29 20.67
CA GLN E 133 51.44 -0.72 21.99
C GLN E 133 51.63 -1.82 23.02
N ASP E 134 51.97 -1.42 24.25
CA ASP E 134 52.08 -2.34 25.37
C ASP E 134 50.79 -2.37 26.19
N ARG E 135 49.67 -2.04 25.55
CA ARG E 135 48.38 -1.93 26.21
C ARG E 135 47.37 -2.78 25.44
N ASN E 136 46.15 -2.83 25.95
CA ASN E 136 45.09 -3.63 25.37
C ASN E 136 44.02 -2.70 24.78
N SER E 137 42.95 -3.31 24.29
CA SER E 137 41.79 -2.55 23.82
C SER E 137 41.09 -1.91 25.00
N ARG E 138 40.57 -0.69 24.80
CA ARG E 138 39.67 -0.10 25.78
C ARG E 138 38.44 -0.99 25.93
N VAL E 139 37.89 -1.04 27.14
CA VAL E 139 36.66 -1.77 27.43
C VAL E 139 35.60 -0.76 27.79
N VAL E 140 34.49 -0.76 27.03
CA VAL E 140 33.38 0.16 27.22
C VAL E 140 32.09 -0.61 27.18
N GLY E 141 31.10 -0.14 27.93
CA GLY E 141 29.81 -0.80 27.96
C GLY E 141 29.75 -1.99 28.89
N LEU E 142 30.37 -1.91 30.05
CA LEU E 142 30.31 -2.99 31.02
C LEU E 142 28.93 -3.02 31.67
N VAL E 143 28.29 -4.19 31.66
CA VAL E 143 27.01 -4.39 32.34
C VAL E 143 27.09 -5.66 33.15
N ASP E 144 26.16 -5.80 34.09
CA ASP E 144 25.88 -7.07 34.76
C ASP E 144 24.70 -7.73 34.06
N ALA E 145 24.70 -9.05 34.04
CA ALA E 145 23.69 -9.80 33.32
C ALA E 145 23.16 -10.93 34.18
N PRO E 146 21.95 -11.41 33.91
CA PRO E 146 21.44 -12.59 34.64
C PRO E 146 22.38 -13.77 34.45
N GLY E 147 22.29 -14.71 35.40
CA GLY E 147 23.18 -15.85 35.39
C GLY E 147 24.53 -15.60 35.99
N GLN E 148 24.67 -14.57 36.82
CA GLN E 148 25.94 -14.24 37.47
C GLN E 148 27.04 -13.99 36.44
N ARG E 149 26.71 -13.19 35.42
CA ARG E 149 27.65 -12.89 34.37
C ARG E 149 27.88 -11.39 34.24
N PHE E 150 29.00 -11.03 33.64
CA PHE E 150 29.32 -9.67 33.24
C PHE E 150 29.58 -9.66 31.74
N VAL E 151 29.01 -8.65 31.06
CA VAL E 151 29.20 -8.49 29.61
C VAL E 151 29.80 -7.12 29.34
N PHE E 152 30.69 -7.03 28.37
CA PHE E 152 31.33 -5.78 28.03
C PHE E 152 31.85 -5.84 26.60
N SER E 153 32.22 -4.68 26.07
CA SER E 153 32.68 -4.54 24.69
C SER E 153 34.11 -4.03 24.67
N LEU E 154 34.81 -4.30 23.57
CA LEU E 154 36.19 -3.87 23.37
C LEU E 154 36.21 -2.84 22.24
N PHE E 155 36.49 -1.59 22.59
CA PHE E 155 36.36 -0.49 21.65
C PHE E 155 37.37 -0.60 20.53
N ASP E 156 38.61 -1.01 20.83
CA ASP E 156 39.67 -0.98 19.82
C ASP E 156 39.60 -2.20 18.92
N SER E 157 39.45 -3.40 19.50
CA SER E 157 39.37 -4.61 18.70
C SER E 157 38.04 -4.75 17.99
N GLY E 158 36.95 -4.28 18.60
CA GLY E 158 35.61 -4.50 18.06
C GLY E 158 35.08 -5.86 18.46
N GLU E 159 34.99 -6.11 19.75
CA GLU E 159 34.54 -7.40 20.27
C GLU E 159 33.54 -7.20 21.40
N ILE E 160 32.81 -8.27 21.70
CA ILE E 160 31.95 -8.34 22.88
C ILE E 160 32.31 -9.61 23.64
N TRP E 161 32.47 -9.51 24.93
CA TRP E 161 32.86 -10.62 25.77
C TRP E 161 31.80 -10.89 26.83
N ILE E 162 31.74 -12.13 27.28
CA ILE E 162 30.94 -12.52 28.44
C ILE E 162 31.88 -13.15 29.46
N ALA E 163 31.77 -12.71 30.71
CA ALA E 163 32.52 -13.28 31.82
C ALA E 163 31.54 -13.94 32.78
N ASP E 164 31.61 -15.26 32.89
CA ASP E 164 30.64 -16.04 33.66
C ASP E 164 31.28 -16.45 34.98
N PHE E 165 30.83 -15.80 36.07
CA PHE E 165 31.28 -16.12 37.41
C PHE E 165 30.32 -17.07 38.13
N SER E 166 29.62 -17.93 37.37
CA SER E 166 28.64 -18.83 37.97
C SER E 166 29.29 -19.95 38.76
N GLN E 167 30.50 -20.36 38.40
CA GLN E 167 31.16 -21.49 39.01
C GLN E 167 32.17 -21.10 40.07
N GLY E 168 32.32 -19.81 40.35
CA GLY E 168 33.29 -19.36 41.33
C GLY E 168 34.01 -18.09 40.93
N ASP E 169 35.23 -17.92 41.44
CA ASP E 169 35.95 -16.67 41.29
C ASP E 169 36.75 -16.58 39.99
N THR E 170 37.11 -17.71 39.39
CA THR E 170 37.83 -17.68 38.13
C THR E 170 36.84 -17.73 36.97
N PRO E 171 36.76 -16.68 36.15
CA PRO E 171 35.68 -16.61 35.17
C PRO E 171 35.87 -17.52 33.97
N HIS E 172 34.74 -17.87 33.36
CA HIS E 172 34.72 -18.49 32.04
C HIS E 172 34.35 -17.42 31.03
N LEU E 173 35.17 -17.25 29.99
CA LEU E 173 35.01 -16.16 29.05
C LEU E 173 34.52 -16.66 27.70
N THR E 174 33.65 -15.86 27.07
CA THR E 174 33.22 -16.06 25.70
C THR E 174 33.50 -14.79 24.94
N ARG E 175 34.17 -14.89 23.81
CA ARG E 175 34.58 -13.72 23.03
C ARG E 175 33.95 -13.76 21.65
N PHE E 176 33.21 -12.72 21.32
CA PHE E 176 32.56 -12.59 20.02
C PHE E 176 33.36 -11.60 19.20
N ARG E 177 34.05 -12.09 18.18
CA ARG E 177 34.91 -11.25 17.34
C ARG E 177 34.11 -10.60 16.22
N ASP E 178 34.68 -9.53 15.65
CA ASP E 178 34.12 -8.89 14.46
C ASP E 178 32.66 -8.47 14.66
N ILE E 179 32.35 -7.92 15.84
CA ILE E 179 31.00 -7.44 16.11
C ILE E 179 30.71 -6.15 15.37
N GLY E 180 31.72 -5.44 14.92
CA GLY E 180 31.56 -4.09 14.33
C GLY E 180 32.71 -3.23 14.81
N LYS E 181 32.86 -2.07 14.09
CA LYS E 181 34.04 -1.23 14.32
C LYS E 181 33.78 -0.24 15.45
N GLN E 182 34.62 -0.31 16.49
CA GLN E 182 34.66 0.66 17.56
C GLN E 182 33.30 0.84 18.23
N PRO E 183 32.86 -0.15 19.01
CA PRO E 183 31.70 0.06 19.88
C PRO E 183 32.11 0.91 21.07
N TYR E 184 31.41 2.03 21.26
CA TYR E 184 31.81 3.02 22.26
C TYR E 184 31.03 2.92 23.57
N ASP E 185 29.85 2.31 23.54
CA ASP E 185 29.00 2.21 24.74
C ASP E 185 28.11 0.99 24.57
N ALA E 186 27.31 0.71 25.57
CA ALA E 186 26.38 -0.41 25.46
C ALA E 186 25.33 -0.33 26.54
N LEU E 187 24.24 -1.06 26.31
CA LEU E 187 23.15 -1.19 27.27
C LEU E 187 22.73 -2.65 27.32
N ILE E 188 22.03 -3.02 28.40
CA ILE E 188 21.37 -4.30 28.52
C ILE E 188 19.88 -4.02 28.68
N SER E 189 19.05 -4.74 27.93
CA SER E 189 17.62 -4.53 28.00
C SER E 189 17.13 -4.64 29.43
N PRO E 190 16.02 -3.99 29.78
CA PRO E 190 15.53 -4.04 31.18
C PRO E 190 15.16 -5.45 31.63
N ASP E 191 14.85 -6.36 30.72
CA ASP E 191 14.60 -7.76 31.09
C ASP E 191 15.88 -8.55 31.21
N GLY E 192 17.04 -7.94 30.93
CA GLY E 192 18.30 -8.64 31.05
C GLY E 192 18.60 -9.63 29.95
N ARG E 193 17.88 -9.57 28.83
CA ARG E 193 18.07 -10.54 27.75
C ARG E 193 19.02 -10.09 26.68
N TYR E 194 18.94 -8.82 26.26
CA TYR E 194 19.66 -8.36 25.07
C TYR E 194 20.72 -7.33 25.43
N TYR E 195 21.95 -7.59 25.02
CA TYR E 195 23.06 -6.66 25.12
C TYR E 195 23.23 -5.95 23.78
N MET E 196 23.24 -4.61 23.80
CA MET E 196 23.33 -3.81 22.59
C MET E 196 24.47 -2.83 22.69
N ALA E 197 25.25 -2.71 21.62
CA ALA E 197 26.44 -1.85 21.58
C ALA E 197 26.31 -0.88 20.42
N GLY E 198 26.37 0.42 20.71
CA GLY E 198 26.38 1.42 19.66
C GLY E 198 27.78 1.51 19.06
N LEU E 199 27.81 1.75 17.74
CA LEU E 199 29.05 1.68 16.97
C LEU E 199 29.48 3.07 16.55
N PHE E 200 30.76 3.38 16.76
CA PHE E 200 31.36 4.62 16.32
C PHE E 200 32.06 4.49 14.98
N GLY E 201 32.73 3.37 14.73
CA GLY E 201 33.39 3.18 13.44
C GLY E 201 32.42 3.10 12.29
N GLU E 202 31.28 2.45 12.50
CA GLU E 202 30.21 2.35 11.51
C GLU E 202 28.87 2.59 12.19
N ASP E 203 27.81 2.61 11.39
CA ASP E 203 26.47 2.82 11.92
C ASP E 203 25.88 1.50 12.43
N GLY E 204 24.83 1.61 13.22
CA GLY E 204 24.09 0.46 13.71
C GLY E 204 24.51 0.06 15.11
N MET E 205 23.75 -0.88 15.67
CA MET E 205 24.04 -1.44 16.97
C MET E 205 24.41 -2.90 16.82
N ALA E 206 25.19 -3.41 17.75
CA ALA E 206 25.57 -4.82 17.81
C ALA E 206 24.78 -5.47 18.93
N GLN E 207 23.86 -6.37 18.57
CA GLN E 207 22.94 -6.98 19.53
C GLN E 207 23.34 -8.41 19.81
N LEU E 208 23.36 -8.78 21.08
CA LEU E 208 23.70 -10.13 21.51
C LEU E 208 22.54 -10.68 22.34
N ASP E 209 22.01 -11.83 21.94
CA ASP E 209 20.93 -12.47 22.69
C ASP E 209 21.54 -13.26 23.82
N LEU E 210 21.47 -12.73 25.03
CA LEU E 210 22.14 -13.38 26.15
C LEU E 210 21.50 -14.72 26.50
N TRP E 211 20.28 -14.98 26.04
CA TRP E 211 19.68 -16.32 26.21
C TRP E 211 20.34 -17.32 25.28
N HIS E 212 20.76 -16.88 24.10
CA HIS E 212 21.31 -17.77 23.07
C HIS E 212 22.59 -17.14 22.53
N PRO E 213 23.65 -17.13 23.31
CA PRO E 213 24.92 -16.58 22.81
C PRO E 213 25.49 -17.38 21.66
N GLU E 214 25.10 -18.65 21.51
CA GLU E 214 25.58 -19.45 20.39
C GLU E 214 25.13 -18.88 19.05
N ARG E 215 24.11 -18.04 19.04
CA ARG E 215 23.59 -17.47 17.82
C ARG E 215 24.45 -16.33 17.30
N GLY E 216 25.35 -15.80 18.11
CA GLY E 216 26.23 -14.74 17.68
C GLY E 216 25.61 -13.36 17.81
N VAL E 217 26.31 -12.39 17.23
CA VAL E 217 25.91 -10.99 17.28
C VAL E 217 25.20 -10.64 15.98
N ARG E 218 24.19 -9.77 16.08
CA ARG E 218 23.37 -9.38 14.94
C ARG E 218 23.31 -7.87 14.84
N ARG E 219 23.40 -7.36 13.63
CA ARG E 219 23.34 -5.92 13.36
C ARG E 219 21.90 -5.48 13.28
N VAL E 220 21.54 -4.48 14.09
CA VAL E 220 20.17 -3.96 14.15
C VAL E 220 20.18 -2.43 14.05
N LEU E 221 19.02 -1.87 13.73
CA LEU E 221 18.86 -0.43 13.63
C LEU E 221 19.97 0.16 12.77
N GLY E 222 19.83 0.05 11.45
CA GLY E 222 20.97 0.30 10.58
C GLY E 222 21.41 1.74 10.54
N ASP E 223 20.47 2.68 10.58
CA ASP E 223 20.79 4.09 10.34
C ASP E 223 21.20 4.84 11.60
N TYR E 224 21.27 4.19 12.75
CA TYR E 224 21.58 4.88 13.99
C TYR E 224 23.08 5.04 14.12
N GLY E 225 23.55 6.28 14.27
CA GLY E 225 24.97 6.58 14.34
C GLY E 225 25.27 7.89 13.65
N ARG E 226 26.56 8.27 13.59
CA ARG E 226 26.94 9.52 12.98
C ARG E 226 26.86 9.45 11.46
N GLY E 227 26.91 8.25 10.87
CA GLY E 227 26.90 8.12 9.44
C GLY E 227 28.21 8.59 8.83
N GLN E 228 28.14 9.54 7.91
CA GLN E 228 29.32 10.11 7.28
C GLN E 228 29.78 11.38 7.96
N ARG E 229 29.04 11.88 8.93
CA ARG E 229 29.48 13.01 9.73
C ARG E 229 30.68 12.59 10.57
N LYS E 230 31.57 13.54 10.82
CA LYS E 230 32.78 13.27 11.62
C LYS E 230 32.60 13.73 13.06
N LEU E 231 31.41 13.57 13.59
CA LEU E 231 31.19 13.80 15.01
C LEU E 231 32.20 12.99 15.82
N PRO E 232 32.78 13.57 16.87
CA PRO E 232 33.71 12.81 17.70
C PRO E 232 33.00 11.81 18.60
N VAL E 233 33.79 10.96 19.25
CA VAL E 233 33.21 9.96 20.16
C VAL E 233 32.49 10.64 21.30
N TYR E 234 32.96 11.81 21.73
CA TYR E 234 32.34 12.43 22.90
C TYR E 234 30.99 13.07 22.58
N LYS E 235 30.59 13.12 21.31
CA LYS E 235 29.24 13.53 20.95
C LYS E 235 28.34 12.35 20.64
N MET E 236 28.81 11.12 20.80
CA MET E 236 27.96 9.97 20.60
C MET E 236 27.08 9.76 21.83
N PRO E 237 25.84 9.28 21.64
CA PRO E 237 24.87 9.30 22.74
C PRO E 237 25.29 8.44 23.92
N HIS E 238 24.86 8.87 25.11
CA HIS E 238 24.84 7.99 26.27
C HIS E 238 23.81 6.88 26.03
N LEU E 239 24.25 5.64 25.95
CA LEU E 239 23.30 4.55 25.75
C LEU E 239 22.56 4.21 27.05
N GLU E 240 23.03 4.71 28.18
CA GLU E 240 22.20 4.71 29.39
C GLU E 240 21.12 5.79 29.31
N GLY E 241 21.16 6.65 28.29
CA GLY E 241 20.09 7.57 28.00
C GLY E 241 18.98 7.00 27.17
N TRP E 242 19.14 5.77 26.67
CA TRP E 242 18.07 5.05 26.04
C TRP E 242 17.04 4.60 27.05
N THR E 243 15.81 4.46 26.61
CA THR E 243 14.74 3.85 27.42
C THR E 243 13.98 2.88 26.53
N ILE E 244 13.97 1.61 26.91
CA ILE E 244 13.37 0.54 26.12
C ILE E 244 12.13 0.07 26.85
N ALA E 245 10.97 0.24 26.22
CA ALA E 245 9.72 -0.31 26.72
C ALA E 245 9.49 -1.68 26.09
N SER E 246 8.38 -2.32 26.46
CA SER E 246 8.10 -3.67 25.96
C SER E 246 8.04 -3.69 24.44
N ASP E 247 7.25 -2.79 23.84
CA ASP E 247 7.07 -2.76 22.40
C ASP E 247 7.84 -1.64 21.72
N GLN E 248 8.21 -0.59 22.45
CA GLN E 248 8.85 0.57 21.87
C GLN E 248 10.14 0.90 22.61
N ALA E 249 10.96 1.75 21.99
CA ALA E 249 12.12 2.34 22.62
C ALA E 249 12.17 3.81 22.23
N PHE E 250 12.47 4.66 23.20
CA PHE E 250 12.68 6.10 22.97
C PHE E 250 14.15 6.41 23.18
N VAL E 251 14.77 7.08 22.21
CA VAL E 251 16.21 7.24 22.17
C VAL E 251 16.54 8.63 21.71
N PRO E 252 17.72 9.14 22.09
CA PRO E 252 18.19 10.42 21.55
C PRO E 252 18.68 10.27 20.12
N ALA E 253 18.36 11.29 19.30
CA ALA E 253 18.91 11.33 17.96
C ALA E 253 20.39 11.72 18.02
N VAL E 254 21.16 11.26 17.03
CA VAL E 254 22.58 11.55 16.98
C VAL E 254 22.74 12.91 16.29
N GLY E 255 22.99 13.95 17.08
CA GLY E 255 23.24 15.26 16.50
C GLY E 255 22.02 15.95 15.95
N HIS E 256 20.83 15.59 16.39
CA HIS E 256 19.61 16.25 15.97
C HIS E 256 18.70 16.45 17.17
N HIS E 257 17.92 17.53 17.15
CA HIS E 257 17.00 17.85 18.21
C HIS E 257 15.71 17.02 18.07
N GLN E 258 15.86 15.71 18.19
CA GLN E 258 14.73 14.80 18.07
C GLN E 258 14.89 13.61 19.00
N VAL E 259 13.77 13.20 19.59
CA VAL E 259 13.64 11.90 20.27
C VAL E 259 13.09 10.91 19.25
N LEU E 260 13.83 9.85 18.98
CA LEU E 260 13.38 8.84 18.02
C LEU E 260 12.57 7.76 18.72
N VAL E 261 11.40 7.44 18.17
CA VAL E 261 10.59 6.34 18.62
C VAL E 261 10.91 5.13 17.74
N LEU E 262 11.27 4.01 18.36
CA LEU E 262 11.72 2.83 17.64
C LEU E 262 10.82 1.63 17.94
N ASP E 263 10.58 0.82 16.93
CA ASP E 263 10.00 -0.51 17.13
C ASP E 263 11.05 -1.37 17.81
N ALA E 264 10.83 -1.71 19.07
CA ALA E 264 11.83 -2.42 19.86
C ALA E 264 11.98 -3.88 19.48
N ARG E 265 11.10 -4.43 18.64
CA ARG E 265 11.18 -5.82 18.23
C ARG E 265 11.87 -6.00 16.87
N ASP E 266 11.58 -5.11 15.90
CA ASP E 266 12.27 -5.13 14.62
C ASP E 266 13.39 -4.10 14.54
N TRP E 267 13.47 -3.16 15.48
CA TRP E 267 14.50 -2.14 15.55
C TRP E 267 14.50 -1.28 14.29
N LYS E 268 13.40 -0.55 14.14
CA LYS E 268 13.22 0.40 13.06
C LYS E 268 12.51 1.62 13.61
N GLN E 269 12.69 2.75 12.95
CA GLN E 269 12.09 4.00 13.39
C GLN E 269 10.64 4.09 12.96
N THR E 270 9.75 4.35 13.90
CA THR E 270 8.33 4.51 13.61
C THR E 270 7.84 5.96 13.75
N ASP E 271 8.67 6.85 14.32
CA ASP E 271 8.26 8.23 14.52
C ASP E 271 9.47 9.03 14.98
N ALA E 272 9.36 10.36 14.85
CA ALA E 272 10.38 11.28 15.32
C ALA E 272 9.72 12.46 16.00
N ILE E 273 10.20 12.79 17.21
CA ILE E 273 9.61 13.85 18.03
C ILE E 273 10.61 15.00 18.10
N ASP E 274 10.22 16.15 17.55
CA ASP E 274 11.06 17.34 17.63
C ASP E 274 11.02 17.91 19.04
N VAL E 275 12.20 18.23 19.58
CA VAL E 275 12.34 18.66 20.95
C VAL E 275 13.08 20.00 20.98
N ALA E 276 13.36 20.47 22.20
CA ALA E 276 13.89 21.82 22.42
C ALA E 276 15.40 21.81 22.64
N GLY E 277 16.11 20.85 22.05
CA GLY E 277 17.54 20.79 22.21
C GLY E 277 18.08 19.46 21.74
N GLN E 278 19.34 19.21 22.10
CA GLN E 278 19.97 17.92 21.79
C GLN E 278 19.72 16.97 22.95
N PRO E 279 18.85 15.97 22.80
CA PRO E 279 18.56 15.08 23.93
C PRO E 279 19.81 14.39 24.44
N VAL E 280 19.85 14.15 25.74
CA VAL E 280 20.92 13.39 26.36
C VAL E 280 20.32 12.15 27.00
N PHE E 281 19.57 12.35 28.09
CA PHE E 281 18.91 11.27 28.79
C PHE E 281 17.41 11.28 28.42
N VAL E 282 16.97 10.24 27.72
CA VAL E 282 15.56 10.00 27.45
C VAL E 282 15.12 8.91 28.40
N MET E 283 14.18 9.25 29.29
N MET E 283 14.21 9.24 29.32
CA MET E 283 13.71 8.36 30.34
CA MET E 283 13.72 8.27 30.29
C MET E 283 12.19 8.29 30.28
C MET E 283 12.21 8.34 30.37
N THR E 284 11.64 7.34 31.04
CA THR E 284 10.20 7.20 31.16
C THR E 284 9.80 7.28 32.62
N ARG E 285 8.60 7.79 32.87
CA ARG E 285 7.98 7.63 34.18
C ARG E 285 7.79 6.14 34.41
N PRO E 286 7.92 5.68 35.66
CA PRO E 286 7.77 4.22 35.90
C PRO E 286 6.49 3.61 35.36
N ASP E 287 5.42 4.41 35.19
CA ASP E 287 4.18 3.90 34.62
C ASP E 287 4.15 3.97 33.11
N ASP E 288 5.25 4.37 32.48
CA ASP E 288 5.43 4.36 31.01
C ASP E 288 4.49 5.31 30.28
N ARG E 289 3.74 6.16 31.01
CA ARG E 289 2.82 7.09 30.38
C ARG E 289 3.52 8.30 29.82
N GLN E 290 4.69 8.64 30.34
CA GLN E 290 5.38 9.89 29.98
C GLN E 290 6.84 9.63 29.70
N ILE E 291 7.37 10.33 28.69
CA ILE E 291 8.80 10.38 28.41
C ILE E 291 9.33 11.68 28.98
N TRP E 292 10.47 11.62 29.69
CA TRP E 292 11.11 12.79 30.25
C TRP E 292 12.49 12.93 29.62
N VAL E 293 12.77 14.12 29.10
CA VAL E 293 13.98 14.38 28.32
C VAL E 293 14.68 15.59 28.88
N ASN E 294 16.00 15.44 29.12
CA ASN E 294 16.88 16.57 29.41
C ASN E 294 17.74 16.81 28.18
N PHE E 295 18.57 17.85 28.24
CA PHE E 295 19.21 18.36 27.02
C PHE E 295 20.65 18.75 27.29
N ALA E 296 21.36 18.98 26.19
CA ALA E 296 22.76 19.42 26.24
C ALA E 296 22.84 20.93 26.07
N TYR E 297 23.89 21.52 26.61
CA TYR E 297 24.15 22.94 26.42
C TYR E 297 24.06 23.27 24.94
N PRO E 298 23.49 24.42 24.56
CA PRO E 298 23.01 25.54 25.35
C PRO E 298 21.57 25.40 25.85
N ASP E 299 20.94 24.26 25.58
CA ASP E 299 19.55 24.05 25.94
C ASP E 299 19.38 23.24 27.22
N ASN E 300 20.43 23.16 28.04
CA ASN E 300 20.37 22.36 29.27
C ASN E 300 19.77 23.13 30.42
N ASP E 301 18.77 23.98 30.15
CA ASP E 301 17.98 24.60 31.19
C ASP E 301 16.54 24.18 31.15
N LYS E 302 16.20 23.15 30.32
CA LYS E 302 14.84 22.74 30.10
C LYS E 302 14.67 21.25 30.38
N VAL E 303 13.42 20.84 30.53
CA VAL E 303 13.05 19.44 30.62
C VAL E 303 11.71 19.30 29.97
N GLN E 304 11.64 18.52 28.89
CA GLN E 304 10.40 18.33 28.13
C GLN E 304 9.75 17.00 28.49
N VAL E 305 8.44 17.04 28.75
CA VAL E 305 7.65 15.86 29.07
C VAL E 305 6.83 15.52 27.85
N ILE E 306 6.84 14.24 27.47
CA ILE E 306 6.20 13.77 26.24
C ILE E 306 5.23 12.65 26.60
N ASP E 307 4.05 12.68 25.98
CA ASP E 307 3.10 11.59 26.11
C ASP E 307 3.55 10.41 25.28
N SER E 308 3.65 9.24 25.90
CA SER E 308 4.21 8.08 25.22
C SER E 308 3.29 7.53 24.16
N GLU E 309 1.99 7.80 24.25
CA GLU E 309 1.04 7.32 23.26
C GLU E 309 1.00 8.23 22.04
N THR E 310 0.75 9.52 22.26
CA THR E 310 0.56 10.47 21.18
C THR E 310 1.85 11.11 20.69
N HIS E 311 2.94 10.95 21.43
CA HIS E 311 4.22 11.58 21.09
C HIS E 311 4.12 13.10 21.13
N GLU E 312 3.10 13.63 21.81
CA GLU E 312 3.02 15.05 22.08
C GLU E 312 4.08 15.47 23.10
N VAL E 313 4.47 16.74 23.04
CA VAL E 313 5.23 17.36 24.12
C VAL E 313 4.23 18.02 25.06
N ILE E 314 4.02 17.43 26.24
CA ILE E 314 3.03 17.93 27.17
C ILE E 314 3.42 19.33 27.64
N GLU E 315 4.55 19.44 28.35
CA GLU E 315 5.00 20.69 28.90
C GLU E 315 6.51 20.78 28.84
N THR E 316 7.02 22.01 28.77
CA THR E 316 8.45 22.30 28.81
C THR E 316 8.77 22.89 30.17
N LEU E 317 9.44 22.12 31.02
CA LEU E 317 9.82 22.59 32.35
C LEU E 317 11.12 23.36 32.27
N ARG E 318 11.27 24.33 33.16
CA ARG E 318 12.45 25.20 33.23
C ARG E 318 12.92 25.26 34.68
N PRO E 319 13.56 24.19 35.18
CA PRO E 319 13.96 24.17 36.59
C PRO E 319 15.13 25.09 36.89
N GLY E 320 15.93 25.47 35.89
CA GLY E 320 17.07 26.31 36.09
C GLY E 320 18.22 25.89 35.22
N PRO E 321 19.33 26.62 35.28
CA PRO E 321 20.47 26.34 34.38
C PRO E 321 21.22 25.10 34.78
N GLY E 322 21.60 24.32 33.78
CA GLY E 322 22.45 23.17 33.98
C GLY E 322 21.76 21.93 34.51
N VAL E 323 20.64 21.56 33.91
CA VAL E 323 19.96 20.31 34.26
C VAL E 323 20.76 19.16 33.68
N LEU E 324 21.29 18.30 34.56
CA LEU E 324 22.21 17.25 34.16
C LEU E 324 21.62 15.85 34.21
N HIS E 325 20.83 15.52 35.21
CA HIS E 325 20.33 14.18 35.39
C HIS E 325 18.98 14.25 36.07
N MET E 326 18.24 13.16 35.96
CA MET E 326 16.92 13.02 36.58
C MET E 326 16.78 11.58 37.06
N GLU E 327 16.03 11.39 38.15
CA GLU E 327 15.83 10.06 38.72
C GLU E 327 14.45 9.98 39.36
N PHE E 328 13.68 8.95 39.02
CA PHE E 328 12.36 8.72 39.58
C PHE E 328 12.43 7.90 40.85
N SER E 329 11.37 8.01 41.66
CA SER E 329 11.18 7.10 42.77
C SER E 329 10.77 5.73 42.25
N GLY E 330 10.85 4.73 43.13
CA GLY E 330 10.53 3.37 42.72
C GLY E 330 9.17 3.26 42.06
N ARG E 331 8.16 3.88 42.67
CA ARG E 331 6.78 3.76 42.19
C ARG E 331 6.32 4.96 41.36
N GLY E 332 7.17 5.97 41.18
CA GLY E 332 6.85 7.05 40.27
C GLY E 332 6.15 8.23 40.89
N ASP E 333 6.07 8.32 42.21
CA ASP E 333 5.45 9.47 42.84
C ASP E 333 6.35 10.68 42.87
N GLN E 334 7.64 10.50 42.67
CA GLN E 334 8.60 11.61 42.62
C GLN E 334 9.50 11.49 41.41
N VAL E 335 10.02 12.63 40.96
CA VAL E 335 11.18 12.69 40.08
C VAL E 335 12.17 13.69 40.64
N TRP E 336 13.42 13.28 40.80
CA TRP E 336 14.48 14.11 41.31
C TRP E 336 15.31 14.64 40.18
N ILE E 337 15.51 15.94 40.16
CA ILE E 337 16.23 16.62 39.05
C ILE E 337 17.38 17.42 39.63
N SER E 338 18.57 17.29 39.02
CA SER E 338 19.76 17.99 39.44
CA SER E 338 19.75 18.00 39.43
C SER E 338 19.91 19.24 38.58
N VAL E 339 20.00 20.40 39.22
CA VAL E 339 20.20 21.67 38.53
C VAL E 339 21.59 22.19 38.92
N ARG E 340 22.59 21.88 38.11
CA ARG E 340 23.97 22.11 38.50
C ARG E 340 24.24 23.58 38.75
N ASP E 341 23.92 24.45 37.79
CA ASP E 341 24.29 25.84 37.87
C ASP E 341 23.41 26.65 38.81
N ALA E 342 22.35 26.07 39.33
CA ALA E 342 21.55 26.68 40.37
C ALA E 342 21.87 26.10 41.76
N ASP E 343 22.80 25.14 41.83
CA ASP E 343 23.17 24.52 43.08
C ASP E 343 21.94 24.02 43.82
N GLN E 344 21.08 23.30 43.09
CA GLN E 344 19.83 22.78 43.62
C GLN E 344 19.63 21.34 43.15
N LEU E 345 19.21 20.49 44.07
CA LEU E 345 18.62 19.18 43.75
C LEU E 345 17.12 19.31 44.01
N GLN E 346 16.32 19.31 42.95
CA GLN E 346 14.90 19.56 43.05
C GLN E 346 14.11 18.26 43.06
N VAL E 347 12.93 18.31 43.64
CA VAL E 347 11.97 17.20 43.62
C VAL E 347 10.69 17.74 43.02
N TRP E 348 10.14 17.01 42.07
CA TRP E 348 8.92 17.38 41.38
C TRP E 348 7.89 16.27 41.51
N ASP E 349 6.60 16.66 41.51
CA ASP E 349 5.50 15.72 41.35
C ASP E 349 5.32 15.48 39.86
N PRO E 350 5.63 14.28 39.35
CA PRO E 350 5.56 14.06 37.90
C PRO E 350 4.16 13.98 37.35
N TYR E 351 3.14 13.98 38.19
CA TYR E 351 1.75 13.98 37.74
C TYR E 351 1.20 15.41 37.67
N ARG E 352 1.34 16.17 38.75
CA ARG E 352 0.96 17.58 38.72
C ARG E 352 1.97 18.42 37.94
N LEU E 353 3.19 17.91 37.73
CA LEU E 353 4.25 18.66 37.06
C LEU E 353 4.53 19.97 37.81
N LYS E 354 4.65 19.87 39.12
CA LYS E 354 5.01 20.98 39.98
C LYS E 354 6.15 20.58 40.89
N ARG E 355 6.95 21.58 41.31
CA ARG E 355 8.09 21.32 42.17
C ARG E 355 7.65 21.28 43.62
N ILE E 356 8.04 20.23 44.34
CA ILE E 356 7.67 20.05 45.73
C ILE E 356 8.85 20.12 46.67
N GLY E 357 10.06 20.35 46.16
CA GLY E 357 11.22 20.50 47.01
C GLY E 357 12.44 20.98 46.24
N SER E 358 13.34 21.66 46.93
CA SER E 358 14.58 22.14 46.31
C SER E 358 15.66 22.14 47.39
N LEU E 359 16.60 21.21 47.28
CA LEU E 359 17.67 21.03 48.27
C LEU E 359 18.97 21.65 47.77
N PRO E 360 19.74 22.32 48.62
CA PRO E 360 20.98 22.92 48.17
C PRO E 360 22.04 21.86 47.91
N ALA E 361 22.86 22.11 46.88
CA ALA E 361 23.92 21.16 46.55
C ALA E 361 25.00 21.90 45.78
N ARG E 362 26.24 21.39 45.91
CA ARG E 362 27.39 22.00 45.25
C ARG E 362 27.60 21.34 43.89
N SER E 363 27.28 22.06 42.82
CA SER E 363 27.39 21.58 41.46
C SER E 363 26.86 20.15 41.35
N PRO E 364 25.58 19.93 41.65
CA PRO E 364 25.03 18.57 41.60
C PRO E 364 24.98 18.03 40.17
N SER E 365 25.25 16.73 40.03
CA SER E 365 25.19 16.06 38.74
C SER E 365 24.29 14.82 38.79
N GLY E 366 24.88 13.65 38.97
CA GLY E 366 24.09 12.43 38.97
C GLY E 366 23.35 12.22 40.28
N ILE E 367 22.15 11.66 40.18
CA ILE E 367 21.29 11.37 41.32
C ILE E 367 20.77 9.96 41.17
N PHE E 368 21.06 9.09 42.14
CA PHE E 368 20.74 7.67 42.09
C PHE E 368 20.06 7.28 43.38
N PHE E 369 18.98 6.51 43.29
CA PHE E 369 18.22 6.10 44.46
C PHE E 369 18.30 4.58 44.67
N SER E 370 18.13 4.19 45.92
CA SER E 370 18.49 2.85 46.37
C SER E 370 17.74 1.74 45.63
N HIS E 371 16.59 2.03 45.02
CA HIS E 371 15.80 0.97 44.41
C HIS E 371 16.49 0.35 43.22
N ARG E 372 17.59 0.95 42.72
CA ARG E 372 18.38 0.32 41.68
C ARG E 372 19.01 -0.99 42.13
N ALA E 373 19.12 -1.22 43.45
CA ALA E 373 19.80 -2.40 43.95
C ALA E 373 19.11 -3.69 43.51
N GLN E 374 17.79 -3.65 43.27
CA GLN E 374 17.00 -4.84 42.99
C GLN E 374 16.86 -5.13 41.50
N HIS E 375 17.37 -4.28 40.63
CA HIS E 375 17.17 -4.40 39.19
C HIS E 375 18.48 -4.77 38.50
N ILE E 376 18.41 -5.77 37.62
CA ILE E 376 19.56 -6.13 36.80
C ILE E 376 19.91 -4.97 35.89
N GLY E 377 21.22 -4.71 35.76
CA GLY E 377 21.69 -3.62 34.93
C GLY E 377 21.74 -2.27 35.57
N LEU E 378 21.35 -2.16 36.83
CA LEU E 378 21.44 -0.90 37.56
C LEU E 378 22.15 -1.09 38.91
N PRO F 7 -37.08 -3.84 -62.56
CA PRO F 7 -37.84 -4.46 -61.47
C PRO F 7 -39.31 -4.01 -61.46
N PRO F 8 -40.22 -4.90 -61.07
CA PRO F 8 -41.66 -4.53 -61.05
C PRO F 8 -42.02 -3.63 -59.88
N LEU F 9 -43.31 -3.41 -59.69
CA LEU F 9 -43.80 -2.45 -58.72
C LEU F 9 -43.94 -3.13 -57.35
N ARG F 10 -43.37 -2.50 -56.31
CA ARG F 10 -43.36 -3.09 -54.98
C ARG F 10 -43.31 -1.99 -53.93
N GLY F 11 -43.87 -2.30 -52.75
CA GLY F 11 -43.70 -1.44 -51.61
C GLY F 11 -42.26 -1.46 -51.11
N SER F 12 -41.90 -0.40 -50.41
CA SER F 12 -40.54 -0.21 -49.91
C SER F 12 -40.45 -0.29 -48.43
N GLY F 13 -41.57 -0.45 -47.72
CA GLY F 13 -41.53 -0.44 -46.24
C GLY F 13 -40.98 -1.70 -45.62
N ASP F 14 -40.78 -2.76 -46.40
CA ASP F 14 -40.22 -4.02 -45.88
C ASP F 14 -38.90 -4.38 -46.54
N LEU F 15 -38.16 -3.39 -47.05
CA LEU F 15 -36.93 -3.64 -47.76
C LEU F 15 -35.75 -3.67 -46.81
N GLY F 16 -34.88 -4.64 -47.00
CA GLY F 16 -33.66 -4.75 -46.22
C GLY F 16 -32.43 -4.66 -47.11
N VAL F 17 -31.34 -4.22 -46.52
CA VAL F 17 -30.06 -4.12 -47.22
C VAL F 17 -29.02 -4.88 -46.38
N LEU F 18 -28.39 -5.89 -47.00
CA LEU F 18 -27.41 -6.73 -46.33
C LEU F 18 -26.03 -6.42 -46.89
N ILE F 19 -25.08 -6.21 -46.01
CA ILE F 19 -23.70 -5.93 -46.40
C ILE F 19 -22.96 -7.26 -46.58
N GLU F 20 -22.32 -7.44 -47.72
CA GLU F 20 -21.43 -8.55 -48.00
C GLU F 20 -20.01 -7.98 -48.00
N ARG F 21 -19.30 -8.13 -46.91
CA ARG F 21 -18.20 -7.26 -46.58
C ARG F 21 -16.87 -7.71 -47.20
N ALA F 22 -16.87 -8.72 -48.04
CA ALA F 22 -15.64 -9.18 -48.67
C ALA F 22 -15.62 -8.96 -50.19
N ASP F 23 -16.76 -8.64 -50.80
CA ASP F 23 -16.82 -8.42 -52.23
C ASP F 23 -17.41 -7.06 -52.59
N GLY F 24 -17.50 -6.15 -51.65
CA GLY F 24 -18.05 -4.83 -51.95
C GLY F 24 -19.42 -4.88 -52.59
N SER F 25 -20.30 -5.73 -52.09
CA SER F 25 -21.63 -5.90 -52.65
C SER F 25 -22.64 -5.93 -51.53
N VAL F 26 -23.91 -5.74 -51.91
CA VAL F 26 -25.02 -5.78 -50.96
C VAL F 26 -26.13 -6.62 -51.57
N GLN F 27 -27.08 -7.00 -50.74
CA GLN F 27 -28.30 -7.66 -51.18
C GLN F 27 -29.48 -6.85 -50.74
N ILE F 28 -30.46 -6.72 -51.63
CA ILE F 28 -31.74 -6.10 -51.33
C ILE F 28 -32.72 -7.24 -51.07
N LEU F 29 -33.40 -7.17 -49.94
CA LEU F 29 -34.19 -8.30 -49.44
C LEU F 29 -35.65 -7.92 -49.30
N ASP F 30 -36.51 -8.86 -49.63
CA ASP F 30 -37.97 -8.73 -49.42
C ASP F 30 -38.28 -9.29 -48.05
N GLY F 31 -38.54 -8.40 -47.07
CA GLY F 31 -38.75 -8.83 -45.71
C GLY F 31 -40.01 -9.65 -45.53
N THR F 32 -41.07 -9.31 -46.25
CA THR F 32 -42.34 -10.05 -46.08
C THR F 32 -42.18 -11.46 -46.65
N ALA F 33 -41.64 -11.57 -47.85
CA ALA F 33 -41.49 -12.88 -48.49
C ALA F 33 -40.28 -13.64 -47.99
N LYS F 34 -39.37 -12.96 -47.31
CA LYS F 34 -38.12 -13.57 -46.80
C LYS F 34 -37.26 -14.06 -47.93
N THR F 35 -37.18 -13.26 -49.01
CA THR F 35 -36.38 -13.60 -50.18
C THR F 35 -35.40 -12.48 -50.47
N SER F 36 -34.41 -12.78 -51.32
CA SER F 36 -33.46 -11.81 -51.81
C SER F 36 -33.91 -11.36 -53.18
N LEU F 37 -34.01 -10.04 -53.37
CA LEU F 37 -34.48 -9.48 -54.64
C LEU F 37 -33.32 -9.22 -55.60
N ALA F 38 -32.12 -8.98 -55.12
CA ALA F 38 -31.01 -8.65 -55.99
C ALA F 38 -29.72 -8.50 -55.24
N ARG F 39 -28.61 -8.80 -55.89
CA ARG F 39 -27.27 -8.42 -55.43
C ARG F 39 -26.80 -7.26 -56.28
N VAL F 40 -26.33 -6.20 -55.62
CA VAL F 40 -25.78 -5.02 -56.29
C VAL F 40 -24.30 -4.94 -55.97
N GLU F 41 -23.47 -4.88 -56.99
CA GLU F 41 -22.02 -4.87 -56.85
C GLU F 41 -21.45 -3.49 -57.11
N GLY F 42 -20.19 -3.30 -56.80
CA GLY F 42 -19.49 -2.09 -57.12
C GLY F 42 -19.42 -1.06 -56.02
N LEU F 43 -19.51 -1.46 -54.75
CA LEU F 43 -19.46 -0.54 -53.64
C LEU F 43 -18.11 -0.49 -52.96
N GLY F 44 -17.09 -1.12 -53.55
CA GLY F 44 -15.72 -0.92 -53.06
C GLY F 44 -15.44 -1.69 -51.79
N ASP F 45 -14.92 -0.98 -50.78
CA ASP F 45 -14.46 -1.58 -49.52
C ASP F 45 -15.58 -1.49 -48.48
N LEU F 46 -16.32 -2.58 -48.32
CA LEU F 46 -17.35 -2.69 -47.29
C LEU F 46 -16.91 -3.60 -46.14
N SER F 47 -15.58 -3.76 -45.94
CA SER F 47 -15.09 -4.51 -44.79
C SER F 47 -15.65 -3.96 -43.51
N HIS F 48 -15.98 -2.66 -43.48
CA HIS F 48 -16.77 -2.04 -42.40
C HIS F 48 -17.66 -1.02 -43.08
N ALA F 49 -18.96 -1.04 -42.78
CA ALA F 49 -19.90 -0.18 -43.47
C ALA F 49 -21.12 0.04 -42.62
N SER F 50 -21.82 1.14 -42.90
CA SER F 50 -23.09 1.48 -42.30
C SER F 50 -23.92 2.21 -43.35
N LEU F 51 -25.21 2.40 -43.06
CA LEU F 51 -26.08 3.07 -44.02
C LEU F 51 -27.27 3.68 -43.33
N VAL F 52 -27.90 4.63 -44.02
CA VAL F 52 -29.16 5.25 -43.65
C VAL F 52 -30.05 5.32 -44.88
N PHE F 53 -31.33 5.61 -44.66
CA PHE F 53 -32.34 5.55 -45.70
C PHE F 53 -32.91 6.92 -45.99
N SER F 54 -33.41 7.10 -47.22
CA SER F 54 -34.13 8.33 -47.54
C SER F 54 -35.53 8.27 -46.93
N ARG F 55 -36.15 9.45 -46.77
CA ARG F 55 -37.42 9.52 -46.06
C ARG F 55 -38.50 8.80 -46.77
N ASP F 56 -38.35 8.51 -48.07
CA ASP F 56 -39.31 7.73 -48.82
C ASP F 56 -38.94 6.26 -48.91
N GLN F 57 -37.83 5.85 -48.29
CA GLN F 57 -37.37 4.46 -48.21
C GLN F 57 -37.00 3.88 -49.55
N ARG F 58 -36.89 4.69 -50.60
CA ARG F 58 -36.45 4.19 -51.88
C ARG F 58 -34.94 4.04 -51.97
N TYR F 59 -34.20 4.86 -51.21
CA TYR F 59 -32.76 4.92 -51.35
C TYR F 59 -32.09 4.63 -50.01
N ALA F 60 -30.99 3.89 -50.07
CA ALA F 60 -30.10 3.71 -48.94
C ALA F 60 -28.77 4.38 -49.26
N TYR F 61 -28.19 5.05 -48.25
CA TYR F 61 -26.94 5.75 -48.39
C TYR F 61 -25.90 4.93 -47.64
N VAL F 62 -24.99 4.30 -48.39
CA VAL F 62 -24.03 3.36 -47.83
C VAL F 62 -22.71 4.08 -47.62
N PHE F 63 -22.20 4.04 -46.39
CA PHE F 63 -20.90 4.63 -46.07
C PHE F 63 -19.91 3.49 -45.88
N GLY F 64 -18.88 3.46 -46.74
CA GLY F 64 -17.92 2.38 -46.73
C GLY F 64 -16.56 2.75 -46.16
N ARG F 65 -15.75 1.73 -45.83
CA ARG F 65 -14.45 1.98 -45.21
C ARG F 65 -13.49 2.69 -46.15
N ASP F 66 -13.70 2.61 -47.48
CA ASP F 66 -12.88 3.32 -48.43
C ASP F 66 -13.24 4.80 -48.55
N GLY F 67 -14.24 5.26 -47.82
CA GLY F 67 -14.72 6.61 -47.98
C GLY F 67 -15.73 6.77 -49.08
N GLY F 68 -16.25 5.68 -49.62
CA GLY F 68 -17.28 5.76 -50.64
C GLY F 68 -18.65 6.05 -50.05
N LEU F 69 -19.42 6.85 -50.79
CA LEU F 69 -20.81 7.17 -50.43
C LEU F 69 -21.67 6.79 -51.62
N THR F 70 -22.43 5.69 -51.48
CA THR F 70 -23.26 5.18 -52.57
C THR F 70 -24.73 5.46 -52.26
N LYS F 71 -25.40 6.18 -53.17
CA LYS F 71 -26.85 6.35 -53.14
C LYS F 71 -27.44 5.15 -53.87
N LEU F 72 -27.89 4.15 -53.11
CA LEU F 72 -28.35 2.88 -53.67
C LEU F 72 -29.85 2.94 -53.88
N ASP F 73 -30.28 2.67 -55.11
CA ASP F 73 -31.70 2.63 -55.46
C ASP F 73 -32.25 1.25 -55.15
N LEU F 74 -33.04 1.13 -54.09
CA LEU F 74 -33.57 -0.17 -53.69
C LEU F 74 -34.66 -0.65 -54.61
N LEU F 75 -35.37 0.28 -55.29
CA LEU F 75 -36.46 -0.10 -56.17
C LEU F 75 -35.96 -0.47 -57.55
N ALA F 76 -35.01 0.30 -58.10
CA ALA F 76 -34.43 -0.01 -59.38
C ALA F 76 -33.34 -1.07 -59.29
N GLN F 77 -32.85 -1.37 -58.08
CA GLN F 77 -31.83 -2.40 -57.88
C GLN F 77 -30.53 -2.04 -58.62
N ARG F 78 -30.03 -0.84 -58.36
CA ARG F 78 -28.86 -0.33 -59.04
C ARG F 78 -28.26 0.80 -58.20
N ILE F 79 -26.98 1.08 -58.46
CA ILE F 79 -26.34 2.27 -57.92
C ILE F 79 -26.86 3.49 -58.65
N ASP F 80 -27.37 4.47 -57.91
CA ASP F 80 -27.89 5.71 -58.51
C ASP F 80 -26.79 6.74 -58.66
N LYS F 81 -26.09 7.05 -57.56
CA LYS F 81 -24.92 7.91 -57.56
C LYS F 81 -23.89 7.26 -56.65
N ARG F 82 -22.61 7.60 -56.87
CA ARG F 82 -21.54 7.15 -56.01
C ARG F 82 -20.38 8.11 -56.08
N LEU F 83 -19.90 8.55 -54.90
CA LEU F 83 -18.66 9.31 -54.80
C LEU F 83 -17.74 8.60 -53.83
N ILE F 84 -16.44 8.91 -53.93
CA ILE F 84 -15.42 8.32 -53.08
C ILE F 84 -14.51 9.43 -52.59
N GLN F 85 -14.35 9.53 -51.27
CA GLN F 85 -13.49 10.53 -50.65
C GLN F 85 -12.67 9.84 -49.56
N GLY F 86 -11.40 9.56 -49.86
CA GLY F 86 -10.50 9.03 -48.85
C GLY F 86 -10.48 9.93 -47.64
N GLY F 87 -10.39 9.35 -46.45
CA GLY F 87 -10.48 10.10 -45.24
C GLY F 87 -11.87 10.12 -44.62
N ASN F 88 -12.89 9.84 -45.40
CA ASN F 88 -14.25 9.77 -44.85
C ASN F 88 -14.42 8.50 -44.03
N SER F 89 -15.06 8.64 -42.86
CA SER F 89 -15.39 7.50 -42.02
C SER F 89 -16.82 7.04 -42.32
N ILE F 90 -17.22 5.95 -41.68
CA ILE F 90 -18.57 5.43 -41.82
C ILE F 90 -19.42 6.01 -40.71
N GLY F 91 -20.67 5.55 -40.60
CA GLY F 91 -21.56 6.07 -39.61
C GLY F 91 -22.18 7.40 -39.94
N GLY F 92 -22.38 7.68 -41.23
CA GLY F 92 -23.02 8.91 -41.65
C GLY F 92 -24.47 8.98 -41.19
N ALA F 93 -25.08 10.13 -41.46
CA ALA F 93 -26.41 10.44 -40.94
C ALA F 93 -27.17 11.26 -41.96
N ILE F 94 -28.49 11.17 -41.91
CA ILE F 94 -29.37 11.90 -42.81
C ILE F 94 -30.23 12.84 -41.97
N SER F 95 -30.54 14.01 -42.54
CA SER F 95 -31.11 15.10 -41.77
C SER F 95 -32.62 14.87 -41.56
N GLN F 96 -33.20 15.69 -40.68
CA GLN F 96 -34.58 15.51 -40.29
C GLN F 96 -35.54 15.65 -41.46
N ASP F 97 -35.23 16.51 -42.42
CA ASP F 97 -36.07 16.70 -43.60
C ASP F 97 -35.62 15.83 -44.78
N GLY F 98 -34.61 15.01 -44.61
CA GLY F 98 -34.18 14.09 -45.65
C GLY F 98 -33.41 14.73 -46.76
N ARG F 99 -33.09 16.02 -46.67
CA ARG F 99 -32.40 16.72 -47.74
C ARG F 99 -30.89 16.59 -47.68
N LEU F 100 -30.31 16.41 -46.49
CA LEU F 100 -28.87 16.45 -46.29
C LEU F 100 -28.37 15.12 -45.73
N VAL F 101 -27.16 14.74 -46.13
CA VAL F 101 -26.48 13.55 -45.66
C VAL F 101 -25.11 13.97 -45.13
N ALA F 102 -24.82 13.67 -43.86
CA ALA F 102 -23.59 14.05 -43.22
C ALA F 102 -22.67 12.85 -43.08
N VAL F 103 -21.37 13.08 -43.30
CA VAL F 103 -20.36 12.04 -43.18
C VAL F 103 -19.16 12.61 -42.41
N SER F 104 -18.73 11.91 -41.36
CA SER F 104 -17.56 12.34 -40.62
C SER F 104 -16.31 12.03 -41.43
N ASN F 105 -15.21 12.70 -41.06
CA ASN F 105 -13.94 12.59 -41.76
C ASN F 105 -12.83 12.54 -40.73
N TYR F 106 -11.89 11.61 -40.91
CA TYR F 106 -10.80 11.45 -39.93
C TYR F 106 -9.50 12.11 -40.36
N GLU F 107 -9.28 12.30 -41.67
CA GLU F 107 -8.15 13.10 -42.13
C GLU F 107 -8.64 13.95 -43.29
N PRO F 108 -8.48 15.28 -43.22
CA PRO F 108 -7.81 16.04 -42.16
C PRO F 108 -8.54 16.04 -40.85
N GLY F 109 -9.84 15.69 -40.88
CA GLY F 109 -10.70 15.78 -39.71
C GLY F 109 -11.77 16.82 -39.89
N GLY F 110 -13.04 16.39 -39.78
CA GLY F 110 -14.14 17.31 -39.95
C GLY F 110 -15.40 16.55 -40.31
N VAL F 111 -16.33 17.26 -40.95
CA VAL F 111 -17.58 16.69 -41.41
C VAL F 111 -17.93 17.29 -42.76
N LYS F 112 -18.45 16.48 -43.66
CA LYS F 112 -18.92 16.93 -44.95
C LYS F 112 -20.41 16.63 -45.05
N VAL F 113 -21.16 17.54 -45.67
CA VAL F 113 -22.60 17.45 -45.80
C VAL F 113 -22.93 17.52 -47.29
N PHE F 114 -23.72 16.58 -47.78
CA PHE F 114 -24.05 16.45 -49.17
C PHE F 114 -25.55 16.55 -49.38
N ASP F 115 -25.93 16.92 -50.60
CA ASP F 115 -27.33 16.85 -51.01
C ASP F 115 -27.74 15.38 -51.12
N SER F 116 -28.91 15.03 -50.56
CA SER F 116 -29.33 13.66 -50.56
C SER F 116 -29.72 13.18 -51.94
N ARG F 117 -30.06 14.07 -52.86
N ARG F 117 -30.08 14.10 -52.84
CA ARG F 117 -30.51 13.66 -54.18
CA ARG F 117 -30.53 13.75 -54.18
C ARG F 117 -29.41 13.62 -55.21
C ARG F 117 -29.37 13.61 -55.16
N THR F 118 -28.49 14.59 -55.19
CA THR F 118 -27.38 14.64 -56.13
C THR F 118 -26.05 14.20 -55.54
N LEU F 119 -25.95 14.10 -54.22
CA LEU F 119 -24.69 13.85 -53.51
C LEU F 119 -23.64 14.92 -53.80
N GLU F 120 -24.05 16.10 -54.23
CA GLU F 120 -23.12 17.21 -54.37
C GLU F 120 -22.82 17.82 -53.01
N LEU F 121 -21.60 18.34 -52.86
CA LEU F 121 -21.18 18.89 -51.58
C LEU F 121 -21.96 20.16 -51.28
N VAL F 122 -22.54 20.24 -50.09
CA VAL F 122 -23.25 21.43 -49.64
C VAL F 122 -22.45 22.21 -48.61
N ALA F 123 -21.83 21.52 -47.66
CA ALA F 123 -21.04 22.17 -46.62
C ALA F 123 -19.84 21.31 -46.30
N GLU F 124 -18.78 21.96 -45.82
CA GLU F 124 -17.58 21.30 -45.35
C GLU F 124 -17.23 21.92 -44.02
N ILE F 125 -17.23 21.11 -42.96
CA ILE F 125 -16.97 21.60 -41.60
C ILE F 125 -15.67 21.00 -41.11
N PRO F 126 -14.55 21.74 -41.13
CA PRO F 126 -13.31 21.22 -40.56
C PRO F 126 -13.31 21.26 -39.05
N ALA F 127 -12.68 20.27 -38.45
CA ALA F 127 -12.52 20.23 -37.00
C ALA F 127 -11.37 21.13 -36.57
N THR F 128 -11.22 21.28 -35.25
CA THR F 128 -10.15 22.07 -34.69
C THR F 128 -8.80 21.63 -35.23
N ARG F 129 -8.02 22.58 -35.73
CA ARG F 129 -6.68 22.28 -36.22
C ARG F 129 -5.78 21.89 -35.07
N LEU F 130 -4.98 20.84 -35.29
CA LEU F 130 -4.05 20.37 -34.26
C LEU F 130 -2.66 20.92 -34.56
N PRO F 131 -2.07 21.72 -33.69
CA PRO F 131 -0.76 22.33 -34.00
C PRO F 131 0.29 21.29 -34.33
N GLY F 132 0.92 21.47 -35.49
CA GLY F 132 2.12 20.71 -35.84
C GLY F 132 1.89 19.35 -36.45
N GLN F 133 0.65 19.04 -36.87
CA GLN F 133 0.36 17.74 -37.47
C GLN F 133 -0.13 17.85 -38.90
N ASP F 134 -0.32 19.05 -39.43
CA ASP F 134 -0.89 19.24 -40.76
C ASP F 134 -2.25 18.56 -40.87
N ARG F 135 -3.03 18.64 -39.81
CA ARG F 135 -4.37 18.02 -39.83
C ARG F 135 -5.17 18.56 -38.65
N ASN F 136 -6.44 18.13 -38.60
CA ASN F 136 -7.38 18.51 -37.56
C ASN F 136 -7.70 17.28 -36.70
N SER F 137 -8.50 17.52 -35.68
CA SER F 137 -8.97 16.43 -34.81
C SER F 137 -9.91 15.51 -35.57
N ARG F 138 -9.78 14.20 -35.32
CA ARG F 138 -10.75 13.26 -35.87
C ARG F 138 -12.15 13.64 -35.40
N VAL F 139 -13.15 13.25 -36.17
CA VAL F 139 -14.55 13.44 -35.80
C VAL F 139 -15.18 12.05 -35.66
N VAL F 140 -15.91 11.83 -34.57
CA VAL F 140 -16.55 10.56 -34.30
C VAL F 140 -17.94 10.82 -33.73
N GLY F 141 -18.77 9.79 -33.69
CA GLY F 141 -20.07 9.88 -33.10
C GLY F 141 -20.96 10.91 -33.75
N LEU F 142 -21.01 10.91 -35.08
CA LEU F 142 -21.89 11.81 -35.81
C LEU F 142 -23.31 11.25 -35.78
N VAL F 143 -24.29 12.11 -35.44
CA VAL F 143 -25.70 11.76 -35.46
C VAL F 143 -26.51 12.91 -36.01
N ASP F 144 -27.68 12.61 -36.50
CA ASP F 144 -28.71 13.58 -36.81
C ASP F 144 -29.57 13.82 -35.57
N ALA F 145 -30.11 15.04 -35.46
CA ALA F 145 -30.88 15.42 -34.27
C ALA F 145 -32.06 16.24 -34.70
N PRO F 146 -33.13 16.26 -33.89
CA PRO F 146 -34.27 17.13 -34.19
C PRO F 146 -33.84 18.59 -34.30
N GLY F 147 -34.61 19.37 -35.07
CA GLY F 147 -34.23 20.72 -35.35
C GLY F 147 -33.27 20.85 -36.51
N GLN F 148 -33.21 19.87 -37.40
CA GLN F 148 -32.35 19.90 -38.57
C GLN F 148 -30.92 20.15 -38.18
N ARG F 149 -30.45 19.37 -37.20
CA ARG F 149 -29.11 19.53 -36.65
C ARG F 149 -28.33 18.25 -36.78
N PHE F 150 -27.01 18.39 -36.97
CA PHE F 150 -26.06 17.31 -36.79
C PHE F 150 -25.23 17.58 -35.57
N VAL F 151 -24.92 16.54 -34.81
CA VAL F 151 -24.08 16.67 -33.62
C VAL F 151 -22.95 15.65 -33.73
N PHE F 152 -21.75 16.05 -33.32
CA PHE F 152 -20.60 15.15 -33.42
C PHE F 152 -19.57 15.56 -32.39
N SER F 153 -18.62 14.64 -32.14
CA SER F 153 -17.56 14.85 -31.16
C SER F 153 -16.21 14.95 -31.85
N LEU F 154 -15.27 15.60 -31.17
CA LEU F 154 -13.89 15.72 -31.65
C LEU F 154 -12.99 14.88 -30.75
N PHE F 155 -12.46 13.80 -31.32
CA PHE F 155 -11.71 12.82 -30.53
C PHE F 155 -10.43 13.43 -29.96
N ASP F 156 -9.63 14.08 -30.80
CA ASP F 156 -8.30 14.51 -30.36
C ASP F 156 -8.38 15.72 -29.45
N SER F 157 -9.26 16.68 -29.75
CA SER F 157 -9.38 17.90 -28.95
C SER F 157 -10.45 17.82 -27.87
N GLY F 158 -11.21 16.72 -27.78
CA GLY F 158 -12.22 16.56 -26.76
C GLY F 158 -13.31 17.62 -26.80
N GLU F 159 -14.15 17.60 -27.83
CA GLU F 159 -15.20 18.60 -27.96
C GLU F 159 -16.47 17.96 -28.48
N ILE F 160 -17.56 18.67 -28.32
CA ILE F 160 -18.88 18.29 -28.87
C ILE F 160 -19.40 19.51 -29.61
N TRP F 161 -19.72 19.34 -30.88
CA TRP F 161 -20.21 20.43 -31.72
C TRP F 161 -21.62 20.13 -32.20
N ILE F 162 -22.41 21.19 -32.33
CA ILE F 162 -23.72 21.14 -32.98
C ILE F 162 -23.61 21.90 -34.29
N ALA F 163 -24.07 21.28 -35.39
CA ALA F 163 -24.17 21.94 -36.67
C ALA F 163 -25.66 22.09 -36.99
N ASP F 164 -26.13 23.32 -37.06
CA ASP F 164 -27.53 23.63 -37.22
C ASP F 164 -27.76 24.11 -38.64
N PHE F 165 -28.49 23.33 -39.43
CA PHE F 165 -28.82 23.66 -40.80
C PHE F 165 -30.26 24.16 -40.95
N SER F 166 -30.86 24.62 -39.85
CA SER F 166 -32.22 25.13 -39.90
C SER F 166 -32.35 26.42 -40.71
N GLN F 167 -31.26 27.17 -40.89
CA GLN F 167 -31.33 28.49 -41.49
C GLN F 167 -30.69 28.57 -42.87
N GLY F 168 -30.44 27.42 -43.52
CA GLY F 168 -29.87 27.41 -44.85
C GLY F 168 -28.75 26.41 -44.94
N ASP F 169 -28.01 26.46 -46.06
CA ASP F 169 -26.92 25.54 -46.33
C ASP F 169 -25.64 25.89 -45.59
N THR F 170 -25.57 27.07 -44.96
CA THR F 170 -24.42 27.44 -44.15
C THR F 170 -24.75 27.16 -42.69
N PRO F 171 -24.07 26.22 -42.04
CA PRO F 171 -24.50 25.82 -40.70
C PRO F 171 -24.12 26.84 -39.62
N HIS F 172 -25.01 26.93 -38.62
CA HIS F 172 -24.74 27.68 -37.40
C HIS F 172 -24.11 26.71 -36.40
N LEU F 173 -22.86 26.96 -36.04
CA LEU F 173 -22.07 26.01 -35.26
C LEU F 173 -22.04 26.41 -33.80
N THR F 174 -22.27 25.44 -32.92
CA THR F 174 -22.16 25.62 -31.48
C THR F 174 -21.09 24.63 -31.00
N ARG F 175 -20.06 25.15 -30.34
CA ARG F 175 -18.91 24.37 -29.95
C ARG F 175 -18.82 24.28 -28.44
N PHE F 176 -18.69 23.05 -27.93
CA PHE F 176 -18.49 22.78 -26.52
C PHE F 176 -17.10 22.21 -26.33
N ARG F 177 -16.30 22.86 -25.48
CA ARG F 177 -14.95 22.41 -25.19
C ARG F 177 -14.89 21.72 -23.83
N ASP F 178 -13.75 21.07 -23.57
CA ASP F 178 -13.47 20.49 -22.27
C ASP F 178 -14.57 19.54 -21.80
N ILE F 179 -15.12 18.77 -22.73
CA ILE F 179 -16.17 17.81 -22.39
C ILE F 179 -15.63 16.51 -21.86
N GLY F 180 -14.33 16.25 -22.03
CA GLY F 180 -13.72 15.02 -21.59
C GLY F 180 -12.67 14.56 -22.57
N LYS F 181 -11.80 13.66 -22.09
CA LYS F 181 -10.63 13.26 -22.85
C LYS F 181 -11.01 12.19 -23.87
N GLN F 182 -10.76 12.48 -25.14
CA GLN F 182 -10.86 11.51 -26.23
C GLN F 182 -12.23 10.84 -26.27
N PRO F 183 -13.28 11.56 -26.70
CA PRO F 183 -14.56 10.91 -26.96
C PRO F 183 -14.44 10.04 -28.20
N TYR F 184 -14.68 8.73 -28.02
CA TYR F 184 -14.42 7.75 -29.09
C TYR F 184 -15.68 7.39 -29.88
N ASP F 185 -16.87 7.66 -29.34
CA ASP F 185 -18.12 7.29 -30.00
C ASP F 185 -19.24 8.08 -29.35
N ALA F 186 -20.42 7.99 -29.92
CA ALA F 186 -21.56 8.71 -29.32
C ALA F 186 -22.86 8.10 -29.79
N LEU F 187 -23.92 8.42 -29.06
CA LEU F 187 -25.26 8.03 -29.38
C LEU F 187 -26.17 9.22 -29.19
N ILE F 188 -27.39 9.10 -29.66
CA ILE F 188 -28.46 10.04 -29.32
C ILE F 188 -29.62 9.25 -28.78
N SER F 189 -30.25 9.74 -27.72
CA SER F 189 -31.35 9.02 -27.11
C SER F 189 -32.43 8.74 -28.13
N PRO F 190 -33.21 7.66 -27.94
CA PRO F 190 -34.24 7.34 -28.94
C PRO F 190 -35.27 8.44 -29.13
N ASP F 191 -35.43 9.36 -28.18
CA ASP F 191 -36.35 10.48 -28.34
C ASP F 191 -35.69 11.69 -28.96
N GLY F 192 -34.38 11.64 -29.19
CA GLY F 192 -33.68 12.75 -29.84
C GLY F 192 -33.28 13.87 -28.93
N ARG F 193 -33.34 13.70 -27.61
CA ARG F 193 -33.07 14.80 -26.69
C ARG F 193 -31.65 14.83 -26.20
N TYR F 194 -31.06 13.69 -25.87
CA TYR F 194 -29.75 13.62 -25.22
C TYR F 194 -28.72 13.03 -26.16
N TYR F 195 -27.65 13.75 -26.34
CA TYR F 195 -26.44 13.25 -27.04
C TYR F 195 -25.46 12.81 -25.98
N MET F 196 -25.01 11.56 -26.06
CA MET F 196 -24.09 10.98 -25.08
C MET F 196 -22.85 10.50 -25.76
N ALA F 197 -21.71 11.09 -25.40
CA ALA F 197 -20.41 10.72 -25.96
C ALA F 197 -19.63 9.95 -24.92
N GLY F 198 -19.17 8.75 -25.28
CA GLY F 198 -18.34 7.97 -24.37
C GLY F 198 -16.89 8.41 -24.44
N LEU F 199 -16.18 8.25 -23.32
CA LEU F 199 -14.83 8.80 -23.17
C LEU F 199 -13.82 7.67 -23.13
N PHE F 200 -12.72 7.85 -23.88
CA PHE F 200 -11.63 6.87 -23.93
C PHE F 200 -10.44 7.28 -23.11
N GLY F 201 -10.16 8.58 -23.02
CA GLY F 201 -9.08 9.10 -22.21
C GLY F 201 -9.41 9.23 -20.76
N GLU F 202 -10.63 8.91 -20.37
CA GLU F 202 -11.05 8.89 -18.98
C GLU F 202 -12.42 8.20 -18.94
N ASP F 203 -12.98 8.08 -17.75
CA ASP F 203 -14.22 7.36 -17.58
C ASP F 203 -15.41 8.33 -17.66
N GLY F 204 -16.59 7.73 -17.83
CA GLY F 204 -17.84 8.48 -17.84
C GLY F 204 -18.36 8.72 -19.24
N MET F 205 -19.55 9.29 -19.29
N MET F 205 -19.53 9.33 -19.28
CA MET F 205 -20.19 9.67 -20.54
CA MET F 205 -20.21 9.68 -20.52
C MET F 205 -20.42 11.18 -20.52
C MET F 205 -20.47 11.18 -20.53
N ALA F 206 -20.12 11.84 -21.63
CA ALA F 206 -20.36 13.26 -21.80
C ALA F 206 -21.75 13.43 -22.38
N GLN F 207 -22.68 13.97 -21.57
CA GLN F 207 -24.08 14.08 -21.93
C GLN F 207 -24.43 15.54 -22.22
N LEU F 208 -25.10 15.77 -23.35
CA LEU F 208 -25.59 17.10 -23.74
C LEU F 208 -27.10 17.04 -23.93
N ASP F 209 -27.80 18.00 -23.34
CA ASP F 209 -29.26 18.11 -23.46
C ASP F 209 -29.56 18.99 -24.66
N LEU F 210 -30.02 18.40 -25.74
CA LEU F 210 -30.24 19.16 -26.98
C LEU F 210 -31.40 20.12 -26.85
N TRP F 211 -32.33 19.91 -25.91
CA TRP F 211 -33.37 20.90 -25.66
C TRP F 211 -32.80 22.15 -24.98
N HIS F 212 -31.71 21.99 -24.24
CA HIS F 212 -31.09 23.09 -23.48
C HIS F 212 -29.58 23.03 -23.66
N PRO F 213 -29.09 23.43 -24.84
CA PRO F 213 -27.65 23.46 -25.05
C PRO F 213 -26.97 24.50 -24.18
N GLU F 214 -27.68 25.53 -23.73
CA GLU F 214 -27.09 26.53 -22.86
C GLU F 214 -26.62 25.93 -21.55
N ARG F 215 -27.18 24.81 -21.12
CA ARG F 215 -26.79 24.18 -19.85
C ARG F 215 -25.43 23.49 -19.94
N GLY F 216 -24.87 23.35 -21.13
CA GLY F 216 -23.55 22.77 -21.28
C GLY F 216 -23.58 21.27 -21.26
N VAL F 217 -22.38 20.69 -21.21
CA VAL F 217 -22.20 19.24 -21.19
C VAL F 217 -22.01 18.80 -19.74
N ARG F 218 -22.53 17.62 -19.42
CA ARG F 218 -22.61 17.12 -18.05
C ARG F 218 -22.12 15.69 -18.02
N ARG F 219 -21.26 15.37 -17.06
CA ARG F 219 -20.70 14.02 -16.93
C ARG F 219 -21.67 13.12 -16.18
N VAL F 220 -21.96 11.95 -16.74
CA VAL F 220 -22.86 10.98 -16.13
C VAL F 220 -22.20 9.60 -16.20
N LEU F 221 -22.76 8.67 -15.43
CA LEU F 221 -22.28 7.29 -15.37
C LEU F 221 -20.76 7.24 -15.25
N GLY F 222 -20.31 7.73 -14.10
CA GLY F 222 -18.89 8.02 -13.94
C GLY F 222 -17.99 6.79 -14.01
N ASP F 223 -18.49 5.63 -13.62
CA ASP F 223 -17.65 4.43 -13.54
C ASP F 223 -17.68 3.58 -14.81
N TYR F 224 -18.18 4.13 -15.93
CA TYR F 224 -18.26 3.40 -17.18
C TYR F 224 -17.09 3.81 -18.06
N GLY F 225 -16.28 2.84 -18.44
CA GLY F 225 -15.09 3.09 -19.22
C GLY F 225 -14.08 1.99 -18.98
N ARG F 226 -12.90 2.18 -19.59
CA ARG F 226 -11.80 1.24 -19.36
C ARG F 226 -11.13 1.46 -18.03
N GLY F 227 -11.43 2.57 -17.34
CA GLY F 227 -10.88 2.79 -16.03
C GLY F 227 -9.36 2.79 -16.08
N GLN F 228 -8.76 1.98 -15.23
CA GLN F 228 -7.31 1.87 -15.15
C GLN F 228 -6.74 0.88 -16.16
N ARG F 229 -7.58 0.15 -16.86
CA ARG F 229 -7.09 -0.83 -17.82
C ARG F 229 -6.53 -0.13 -19.06
N LYS F 230 -5.73 -0.85 -19.82
CA LYS F 230 -5.12 -0.33 -21.03
C LYS F 230 -5.75 -1.00 -22.25
N LEU F 231 -7.08 -0.99 -22.33
CA LEU F 231 -7.76 -1.51 -23.51
C LEU F 231 -7.53 -0.57 -24.68
N PRO F 232 -7.26 -1.08 -25.87
CA PRO F 232 -7.16 -0.21 -27.03
C PRO F 232 -8.51 0.42 -27.37
N VAL F 233 -8.45 1.49 -28.18
CA VAL F 233 -9.65 2.20 -28.56
C VAL F 233 -10.65 1.25 -29.19
N TYR F 234 -10.17 0.25 -29.93
CA TYR F 234 -11.05 -0.59 -30.74
C TYR F 234 -11.66 -1.75 -29.95
N LYS F 235 -11.35 -1.87 -28.66
CA LYS F 235 -12.05 -2.80 -27.79
C LYS F 235 -13.05 -2.09 -26.88
N MET F 236 -13.20 -0.77 -27.03
CA MET F 236 -14.29 -0.07 -26.42
C MET F 236 -15.60 -0.45 -27.14
N PRO F 237 -16.75 -0.30 -26.48
CA PRO F 237 -17.99 -0.74 -27.08
C PRO F 237 -18.49 0.20 -28.15
N HIS F 238 -19.21 -0.38 -29.13
CA HIS F 238 -20.07 0.40 -30.03
C HIS F 238 -21.21 1.01 -29.21
N LEU F 239 -21.37 2.31 -29.28
CA LEU F 239 -22.50 2.94 -28.61
C LEU F 239 -23.79 2.78 -29.41
N GLU F 240 -23.75 2.16 -30.58
CA GLU F 240 -24.96 1.64 -31.21
C GLU F 240 -25.39 0.32 -30.61
N GLY F 241 -24.50 -0.35 -29.85
CA GLY F 241 -24.84 -1.50 -29.07
C GLY F 241 -25.62 -1.23 -27.84
N TRP F 242 -25.72 0.02 -27.41
CA TRP F 242 -26.61 0.41 -26.34
C TRP F 242 -28.06 0.34 -26.75
N THR F 243 -28.93 0.03 -25.79
CA THR F 243 -30.37 0.15 -25.96
C THR F 243 -30.91 0.95 -24.79
N ILE F 244 -31.42 2.15 -25.06
CA ILE F 244 -32.02 3.02 -24.06
C ILE F 244 -33.53 2.75 -24.16
N ALA F 245 -34.04 1.94 -23.26
CA ALA F 245 -35.43 1.49 -23.28
C ALA F 245 -36.20 2.16 -22.14
N SER F 246 -36.68 3.38 -22.39
CA SER F 246 -37.54 4.08 -21.43
C SER F 246 -36.76 4.44 -20.17
N ASP F 247 -37.12 3.85 -19.03
CA ASP F 247 -36.46 4.14 -17.76
C ASP F 247 -35.15 3.39 -17.57
N GLN F 248 -34.88 2.36 -18.39
CA GLN F 248 -33.70 1.55 -18.25
C GLN F 248 -32.84 1.62 -19.51
N ALA F 249 -31.58 1.24 -19.38
CA ALA F 249 -30.67 1.06 -20.50
C ALA F 249 -29.97 -0.26 -20.31
N PHE F 250 -29.89 -1.06 -21.38
CA PHE F 250 -29.13 -2.32 -21.40
C PHE F 250 -27.93 -2.09 -22.29
N VAL F 251 -26.72 -2.28 -21.75
CA VAL F 251 -25.51 -1.83 -22.41
C VAL F 251 -24.42 -2.88 -22.24
N PRO F 252 -23.49 -2.95 -23.18
CA PRO F 252 -22.36 -3.87 -23.04
C PRO F 252 -21.36 -3.34 -22.04
N ALA F 253 -20.89 -4.23 -21.17
CA ALA F 253 -19.79 -3.89 -20.28
C ALA F 253 -18.56 -3.52 -21.10
N VAL F 254 -17.67 -2.74 -20.49
CA VAL F 254 -16.42 -2.37 -21.13
C VAL F 254 -15.38 -3.42 -20.75
N GLY F 255 -15.14 -4.36 -21.65
CA GLY F 255 -14.14 -5.38 -21.41
C GLY F 255 -14.52 -6.46 -20.43
N HIS F 256 -15.82 -6.71 -20.24
CA HIS F 256 -16.28 -7.75 -19.34
C HIS F 256 -17.44 -8.49 -19.98
N HIS F 257 -17.59 -9.76 -19.64
CA HIS F 257 -18.63 -10.61 -20.20
C HIS F 257 -19.95 -10.41 -19.46
N GLN F 258 -20.41 -9.16 -19.46
CA GLN F 258 -21.64 -8.79 -18.77
C GLN F 258 -22.42 -7.78 -19.60
N VAL F 259 -23.73 -7.89 -19.53
CA VAL F 259 -24.65 -6.82 -19.92
C VAL F 259 -25.00 -6.04 -18.65
N LEU F 260 -24.79 -4.73 -18.68
CA LEU F 260 -25.14 -3.87 -17.55
C LEU F 260 -26.54 -3.31 -17.73
N VAL F 261 -27.31 -3.27 -16.65
CA VAL F 261 -28.63 -2.66 -16.62
C VAL F 261 -28.52 -1.37 -15.82
N LEU F 262 -28.86 -0.24 -16.44
CA LEU F 262 -28.67 1.06 -15.84
C LEU F 262 -30.00 1.77 -15.63
N ASP F 263 -30.05 2.66 -14.66
CA ASP F 263 -31.15 3.59 -14.47
C ASP F 263 -30.96 4.73 -15.44
N ALA F 264 -31.83 4.83 -16.45
CA ALA F 264 -31.67 5.85 -17.49
C ALA F 264 -31.88 7.25 -16.95
N ARG F 265 -32.59 7.42 -15.84
CA ARG F 265 -32.89 8.75 -15.33
C ARG F 265 -31.73 9.30 -14.51
N ASP F 266 -31.14 8.50 -13.64
CA ASP F 266 -30.03 8.91 -12.82
C ASP F 266 -28.69 8.37 -13.30
N TRP F 267 -28.68 7.47 -14.26
CA TRP F 267 -27.47 6.91 -14.85
C TRP F 267 -26.60 6.28 -13.76
N LYS F 268 -27.15 5.22 -13.18
CA LYS F 268 -26.49 4.40 -12.18
C LYS F 268 -26.78 2.94 -12.51
N GLN F 269 -25.76 2.09 -12.38
CA GLN F 269 -25.94 0.67 -12.66
C GLN F 269 -26.84 0.06 -11.61
N THR F 270 -27.93 -0.58 -12.05
CA THR F 270 -28.85 -1.27 -11.17
C THR F 270 -28.59 -2.76 -11.07
N ASP F 271 -28.08 -3.38 -12.13
CA ASP F 271 -27.90 -4.83 -12.16
C ASP F 271 -26.85 -5.17 -13.19
N ALA F 272 -26.43 -6.43 -13.19
CA ALA F 272 -25.44 -6.93 -14.14
C ALA F 272 -25.76 -8.38 -14.47
N ILE F 273 -25.66 -8.73 -15.75
CA ILE F 273 -26.07 -10.04 -16.24
C ILE F 273 -24.86 -10.72 -16.87
N ASP F 274 -24.52 -11.89 -16.35
CA ASP F 274 -23.44 -12.69 -16.93
C ASP F 274 -23.93 -13.32 -18.22
N VAL F 275 -23.22 -13.04 -19.32
CA VAL F 275 -23.55 -13.60 -20.61
C VAL F 275 -22.34 -14.37 -21.13
N ALA F 276 -22.53 -15.08 -22.25
CA ALA F 276 -21.55 -16.05 -22.73
C ALA F 276 -20.46 -15.44 -23.57
N GLY F 277 -20.01 -14.24 -23.25
CA GLY F 277 -18.94 -13.61 -24.01
C GLY F 277 -18.99 -12.09 -23.89
N GLN F 278 -18.10 -11.44 -24.63
CA GLN F 278 -18.02 -9.98 -24.63
C GLN F 278 -19.14 -9.43 -25.47
N PRO F 279 -20.16 -8.79 -24.88
CA PRO F 279 -21.27 -8.29 -25.68
C PRO F 279 -20.82 -7.21 -26.62
N VAL F 280 -21.39 -7.21 -27.83
CA VAL F 280 -21.12 -6.17 -28.83
C VAL F 280 -22.38 -5.33 -28.98
N PHE F 281 -23.44 -5.95 -29.50
CA PHE F 281 -24.73 -5.29 -29.69
C PHE F 281 -25.71 -5.82 -28.65
N VAL F 282 -26.22 -4.91 -27.80
CA VAL F 282 -27.29 -5.21 -26.88
C VAL F 282 -28.55 -4.59 -27.45
N MET F 283 -29.51 -5.43 -27.83
CA MET F 283 -30.69 -4.99 -28.52
C MET F 283 -31.94 -5.33 -27.70
N THR F 284 -33.05 -4.71 -28.07
CA THR F 284 -34.36 -4.98 -27.47
C THR F 284 -35.31 -5.42 -28.56
N ARG F 285 -36.04 -6.49 -28.32
CA ARG F 285 -37.19 -6.78 -29.16
C ARG F 285 -38.09 -5.56 -29.15
N PRO F 286 -38.75 -5.22 -30.27
CA PRO F 286 -39.48 -3.94 -30.30
C PRO F 286 -40.55 -3.80 -29.21
N ASP F 287 -41.07 -4.90 -28.65
CA ASP F 287 -42.02 -4.79 -27.56
C ASP F 287 -41.32 -4.65 -26.19
N ASP F 288 -40.02 -4.47 -26.17
CA ASP F 288 -39.22 -4.24 -24.98
C ASP F 288 -39.29 -5.40 -23.98
N ARG F 289 -39.79 -6.55 -24.39
CA ARG F 289 -39.96 -7.69 -23.49
CA ARG F 289 -39.96 -7.69 -23.49
C ARG F 289 -38.71 -8.53 -23.38
N GLN F 290 -37.85 -8.52 -24.40
CA GLN F 290 -36.65 -9.32 -24.43
C GLN F 290 -35.47 -8.47 -24.83
N ILE F 291 -34.29 -8.86 -24.34
CA ILE F 291 -33.01 -8.27 -24.77
C ILE F 291 -32.26 -9.32 -25.58
N TRP F 292 -31.77 -8.93 -26.74
CA TRP F 292 -31.01 -9.81 -27.63
C TRP F 292 -29.58 -9.33 -27.70
N VAL F 293 -28.63 -10.27 -27.62
CA VAL F 293 -27.22 -9.97 -27.45
C VAL F 293 -26.39 -10.85 -28.33
N ASN F 294 -25.44 -10.25 -29.04
CA ASN F 294 -24.42 -10.99 -29.81
C ASN F 294 -23.07 -10.64 -29.21
N PHE F 295 -22.04 -11.38 -29.62
CA PHE F 295 -20.76 -11.34 -28.92
C PHE F 295 -19.60 -11.16 -29.88
N ALA F 296 -18.50 -10.65 -29.35
CA ALA F 296 -17.26 -10.56 -30.10
C ALA F 296 -16.54 -11.90 -30.12
N TYR F 297 -15.69 -12.06 -31.13
CA TYR F 297 -14.81 -13.24 -31.18
C TYR F 297 -14.10 -13.40 -29.83
N PRO F 298 -13.93 -14.63 -29.33
CA PRO F 298 -14.20 -15.95 -29.89
C PRO F 298 -15.58 -16.53 -29.57
N ASP F 299 -16.51 -15.70 -29.13
CA ASP F 299 -17.82 -16.14 -28.68
C ASP F 299 -18.93 -15.78 -29.66
N ASN F 300 -18.57 -15.44 -30.90
CA ASN F 300 -19.53 -14.90 -31.85
C ASN F 300 -20.26 -15.99 -32.62
N ASP F 301 -20.38 -17.19 -32.04
CA ASP F 301 -21.21 -18.25 -32.59
C ASP F 301 -22.55 -18.36 -31.86
N LYS F 302 -22.83 -17.44 -30.93
CA LYS F 302 -23.98 -17.53 -30.05
C LYS F 302 -24.74 -16.20 -30.08
N VAL F 303 -26.02 -16.29 -29.74
CA VAL F 303 -26.88 -15.13 -29.47
C VAL F 303 -27.72 -15.48 -28.26
N GLN F 304 -27.79 -14.55 -27.29
CA GLN F 304 -28.49 -14.82 -26.05
C GLN F 304 -29.71 -13.91 -25.91
N VAL F 305 -30.82 -14.49 -25.49
CA VAL F 305 -32.09 -13.80 -25.28
C VAL F 305 -32.28 -13.66 -23.77
N ILE F 306 -32.53 -12.44 -23.32
CA ILE F 306 -32.68 -12.12 -21.90
C ILE F 306 -34.08 -11.56 -21.65
N ASP F 307 -34.65 -11.90 -20.51
CA ASP F 307 -35.94 -11.37 -20.11
C ASP F 307 -35.76 -9.96 -19.53
N SER F 308 -36.40 -8.98 -20.13
CA SER F 308 -36.19 -7.58 -19.73
C SER F 308 -36.57 -7.35 -18.29
N GLU F 309 -37.42 -8.20 -17.70
CA GLU F 309 -37.89 -7.99 -16.34
C GLU F 309 -37.03 -8.72 -15.32
N THR F 310 -36.91 -10.07 -15.45
CA THR F 310 -36.14 -10.86 -14.52
C THR F 310 -34.65 -10.76 -14.76
N HIS F 311 -34.21 -10.18 -15.87
CA HIS F 311 -32.81 -10.11 -16.25
C HIS F 311 -32.18 -11.48 -16.38
N GLU F 312 -32.99 -12.51 -16.58
CA GLU F 312 -32.50 -13.88 -16.67
C GLU F 312 -32.30 -14.30 -18.13
N VAL F 313 -31.21 -15.01 -18.41
CA VAL F 313 -30.98 -15.55 -19.72
C VAL F 313 -31.95 -16.68 -19.94
N ILE F 314 -32.77 -16.57 -20.98
CA ILE F 314 -33.82 -17.55 -21.23
C ILE F 314 -33.49 -18.52 -22.36
N GLU F 315 -32.53 -18.20 -23.23
CA GLU F 315 -32.09 -19.16 -24.23
C GLU F 315 -30.83 -18.65 -24.89
N THR F 316 -29.90 -19.57 -25.18
CA THR F 316 -28.69 -19.31 -25.93
C THR F 316 -28.87 -19.96 -27.30
N LEU F 317 -29.10 -19.14 -28.34
CA LEU F 317 -29.21 -19.60 -29.68
C LEU F 317 -27.83 -19.70 -30.32
N ARG F 318 -27.63 -20.71 -31.16
CA ARG F 318 -26.37 -20.94 -31.85
C ARG F 318 -26.66 -21.01 -33.35
N PRO F 319 -26.79 -19.87 -34.02
CA PRO F 319 -27.15 -19.88 -35.44
C PRO F 319 -26.04 -20.37 -36.32
N GLY F 320 -24.80 -20.21 -35.93
CA GLY F 320 -23.66 -20.56 -36.74
C GLY F 320 -22.48 -19.65 -36.44
N PRO F 321 -21.34 -19.89 -37.08
CA PRO F 321 -20.14 -19.13 -36.76
C PRO F 321 -20.15 -17.76 -37.40
N GLY F 322 -19.72 -16.76 -36.66
CA GLY F 322 -19.56 -15.42 -37.19
C GLY F 322 -20.81 -14.56 -37.18
N VAL F 323 -21.62 -14.66 -36.13
CA VAL F 323 -22.81 -13.81 -36.01
C VAL F 323 -22.35 -12.40 -35.70
N LEU F 324 -22.52 -11.49 -36.65
CA LEU F 324 -22.06 -10.13 -36.52
C LEU F 324 -23.14 -9.11 -36.17
N HIS F 325 -24.39 -9.31 -36.61
CA HIS F 325 -25.37 -8.25 -36.47
C HIS F 325 -26.76 -8.87 -36.49
N MET F 326 -27.71 -8.12 -35.94
CA MET F 326 -29.12 -8.49 -35.90
C MET F 326 -29.95 -7.24 -36.18
N GLU F 327 -31.15 -7.45 -36.71
CA GLU F 327 -32.06 -6.37 -37.03
C GLU F 327 -33.49 -6.89 -36.95
N PHE F 328 -34.35 -6.20 -36.25
CA PHE F 328 -35.75 -6.59 -36.08
C PHE F 328 -36.60 -5.93 -37.15
N SER F 329 -37.71 -6.58 -37.50
CA SER F 329 -38.73 -5.93 -38.30
C SER F 329 -39.35 -4.80 -37.48
N GLY F 330 -40.11 -3.93 -38.15
CA GLY F 330 -40.60 -2.74 -37.51
C GLY F 330 -41.52 -3.03 -36.35
N ARG F 331 -42.43 -3.99 -36.53
CA ARG F 331 -43.35 -4.37 -35.46
C ARG F 331 -42.86 -5.55 -34.63
N GLY F 332 -41.74 -6.19 -35.01
CA GLY F 332 -41.13 -7.19 -34.18
C GLY F 332 -41.51 -8.60 -34.45
N ASP F 333 -42.18 -8.87 -35.58
CA ASP F 333 -42.53 -10.25 -35.91
C ASP F 333 -41.35 -11.06 -36.40
N GLN F 334 -40.25 -10.40 -36.78
CA GLN F 334 -39.07 -11.07 -37.28
C GLN F 334 -37.83 -10.50 -36.62
N VAL F 335 -36.77 -11.30 -36.56
CA VAL F 335 -35.42 -10.82 -36.31
C VAL F 335 -34.52 -11.43 -37.35
N TRP F 336 -33.63 -10.61 -37.93
CA TRP F 336 -32.71 -11.04 -38.97
C TRP F 336 -31.31 -11.11 -38.40
N ILE F 337 -30.63 -12.24 -38.61
CA ILE F 337 -29.32 -12.52 -38.03
C ILE F 337 -28.38 -12.90 -39.13
N SER F 338 -27.25 -12.18 -39.24
CA SER F 338 -26.27 -12.42 -40.27
C SER F 338 -25.18 -13.31 -39.70
N VAL F 339 -24.93 -14.46 -40.35
CA VAL F 339 -23.95 -15.45 -39.90
C VAL F 339 -22.80 -15.44 -40.89
N ARG F 340 -21.76 -14.64 -40.59
CA ARG F 340 -20.73 -14.36 -41.59
C ARG F 340 -20.10 -15.64 -42.13
N ASP F 341 -19.62 -16.50 -41.25
CA ASP F 341 -18.81 -17.64 -41.67
C ASP F 341 -19.62 -18.82 -42.12
N ALA F 342 -20.94 -18.81 -41.93
CA ALA F 342 -21.83 -19.78 -42.55
C ALA F 342 -22.39 -19.29 -43.87
N ASP F 343 -22.06 -18.06 -44.27
CA ASP F 343 -22.56 -17.46 -45.50
C ASP F 343 -24.08 -17.52 -45.54
N GLN F 344 -24.70 -17.10 -44.45
CA GLN F 344 -26.16 -17.12 -44.36
C GLN F 344 -26.67 -15.84 -43.71
N LEU F 345 -27.77 -15.31 -44.24
CA LEU F 345 -28.59 -14.32 -43.57
C LEU F 345 -29.84 -15.05 -43.11
N GLN F 346 -30.03 -15.19 -41.80
CA GLN F 346 -31.10 -15.97 -41.26
C GLN F 346 -32.26 -15.11 -40.81
N VAL F 347 -33.45 -15.70 -40.81
CA VAL F 347 -34.67 -15.06 -40.33
C VAL F 347 -35.24 -15.93 -39.23
N TRP F 348 -35.47 -15.35 -38.05
CA TRP F 348 -36.00 -16.06 -36.91
C TRP F 348 -37.32 -15.45 -36.46
N ASP F 349 -38.15 -16.28 -35.82
CA ASP F 349 -39.34 -15.81 -35.12
C ASP F 349 -38.92 -15.55 -33.70
N PRO F 350 -38.82 -14.29 -33.23
CA PRO F 350 -38.34 -14.02 -31.88
C PRO F 350 -39.33 -14.31 -30.78
N TYR F 351 -40.54 -14.77 -31.10
CA TYR F 351 -41.49 -15.21 -30.08
C TYR F 351 -41.42 -16.72 -29.85
N ARG F 352 -41.32 -17.51 -30.92
CA ARG F 352 -41.09 -18.93 -30.81
C ARG F 352 -39.63 -19.30 -30.72
N LEU F 353 -38.72 -18.39 -31.09
CA LEU F 353 -37.28 -18.65 -31.09
C LEU F 353 -36.92 -19.80 -32.00
N LYS F 354 -37.56 -19.85 -33.18
CA LYS F 354 -37.25 -20.81 -34.23
C LYS F 354 -36.82 -20.07 -35.49
N ARG F 355 -36.00 -20.72 -36.30
CA ARG F 355 -35.53 -20.15 -37.56
C ARG F 355 -36.53 -20.46 -38.65
N ILE F 356 -36.95 -19.42 -39.38
CA ILE F 356 -37.95 -19.56 -40.44
C ILE F 356 -37.39 -19.30 -41.81
N GLY F 357 -36.09 -18.99 -41.95
CA GLY F 357 -35.49 -18.81 -43.24
C GLY F 357 -34.00 -18.66 -43.09
N SER F 358 -33.29 -18.93 -44.18
CA SER F 358 -31.83 -18.80 -44.22
C SER F 358 -31.41 -18.54 -45.64
N LEU F 359 -31.01 -17.32 -45.95
CA LEU F 359 -30.66 -16.91 -47.29
C LEU F 359 -29.15 -16.98 -47.49
N PRO F 360 -28.66 -17.39 -48.65
CA PRO F 360 -27.21 -17.40 -48.86
C PRO F 360 -26.69 -15.99 -49.02
N ALA F 361 -25.50 -15.75 -48.49
CA ALA F 361 -24.87 -14.43 -48.57
C ALA F 361 -23.36 -14.60 -48.46
N ARG F 362 -22.64 -13.71 -49.13
CA ARG F 362 -21.17 -13.76 -49.15
C ARG F 362 -20.65 -12.96 -47.99
N SER F 363 -20.16 -13.65 -46.94
CA SER F 363 -19.62 -13.05 -45.74
C SER F 363 -20.53 -11.91 -45.27
N PRO F 364 -21.78 -12.21 -44.90
CA PRO F 364 -22.70 -11.17 -44.50
C PRO F 364 -22.30 -10.48 -43.21
N SER F 365 -22.55 -9.19 -43.12
CA SER F 365 -22.31 -8.43 -41.90
C SER F 365 -23.54 -7.61 -41.53
N GLY F 366 -23.50 -6.30 -41.78
CA GLY F 366 -24.60 -5.45 -41.36
C GLY F 366 -25.87 -5.74 -42.13
N ILE F 367 -26.99 -5.79 -41.42
CA ILE F 367 -28.33 -5.94 -42.02
C ILE F 367 -29.20 -4.79 -41.51
N PHE F 368 -29.76 -4.00 -42.43
CA PHE F 368 -30.53 -2.82 -42.11
C PHE F 368 -31.81 -2.85 -42.89
N PHE F 369 -32.96 -2.60 -42.22
CA PHE F 369 -34.25 -2.57 -42.86
C PHE F 369 -34.77 -1.14 -42.95
N SER F 370 -35.56 -0.89 -44.01
CA SER F 370 -35.89 0.46 -44.44
C SER F 370 -36.73 1.23 -43.41
N HIS F 371 -37.31 0.58 -42.41
CA HIS F 371 -38.11 1.29 -41.44
C HIS F 371 -37.25 2.24 -40.58
N ARG F 372 -35.92 2.08 -40.57
CA ARG F 372 -35.04 3.04 -39.98
C ARG F 372 -35.26 4.44 -40.55
N ALA F 373 -35.80 4.56 -41.77
CA ALA F 373 -35.95 5.84 -42.42
C ALA F 373 -36.81 6.82 -41.63
N GLN F 374 -37.64 6.34 -40.73
CA GLN F 374 -38.62 7.16 -40.05
C GLN F 374 -38.16 7.64 -38.67
N HIS F 375 -36.96 7.28 -38.24
CA HIS F 375 -36.54 7.50 -36.87
C HIS F 375 -35.29 8.34 -36.80
N ILE F 376 -35.33 9.40 -35.98
CA ILE F 376 -34.15 10.21 -35.72
C ILE F 376 -33.05 9.34 -35.18
N GLY F 377 -31.84 9.53 -35.69
CA GLY F 377 -30.67 8.79 -35.24
C GLY F 377 -30.42 7.49 -35.96
N LEU F 378 -31.33 7.05 -36.83
CA LEU F 378 -31.13 5.86 -37.64
C LEU F 378 -31.15 6.22 -39.12
N PRO G 7 -12.69 -6.03 11.06
CA PRO G 7 -11.63 -7.05 10.83
C PRO G 7 -10.66 -6.64 9.73
N PRO G 8 -9.36 -6.66 10.02
CA PRO G 8 -8.39 -6.09 9.09
C PRO G 8 -8.03 -7.07 7.97
N LEU G 9 -7.24 -6.56 7.03
CA LEU G 9 -6.81 -7.37 5.90
C LEU G 9 -6.01 -8.57 6.38
N ARG G 10 -6.25 -9.71 5.76
CA ARG G 10 -5.45 -10.89 6.04
C ARG G 10 -5.59 -11.89 4.89
N GLY G 11 -4.52 -12.62 4.63
CA GLY G 11 -4.60 -13.71 3.70
C GLY G 11 -5.54 -14.80 4.19
N SER G 12 -6.05 -15.59 3.23
CA SER G 12 -6.99 -16.65 3.51
C SER G 12 -6.40 -18.02 3.31
N GLY G 13 -5.14 -18.12 2.90
CA GLY G 13 -4.57 -19.43 2.59
C GLY G 13 -4.13 -20.24 3.79
N ASP G 14 -4.13 -19.66 4.98
CA ASP G 14 -3.77 -20.33 6.21
C ASP G 14 -4.92 -20.37 7.20
N LEU G 15 -6.17 -20.14 6.75
CA LEU G 15 -7.31 -20.13 7.64
C LEU G 15 -7.83 -21.53 7.86
N GLY G 16 -8.11 -21.85 9.15
CA GLY G 16 -8.73 -23.12 9.47
C GLY G 16 -10.12 -22.94 10.03
N VAL G 17 -10.93 -23.96 9.96
CA VAL G 17 -12.28 -23.96 10.55
C VAL G 17 -12.40 -25.18 11.42
N LEU G 18 -12.70 -24.98 12.69
CA LEU G 18 -12.86 -26.05 13.68
C LEU G 18 -14.33 -26.20 14.03
N ILE G 19 -14.82 -27.42 13.99
CA ILE G 19 -16.22 -27.71 14.34
C ILE G 19 -16.30 -27.93 15.84
N GLU G 20 -17.17 -27.16 16.51
CA GLU G 20 -17.49 -27.36 17.92
C GLU G 20 -18.87 -28.00 17.96
N ARG G 21 -18.91 -29.32 18.17
CA ARG G 21 -20.06 -30.13 17.84
C ARG G 21 -21.11 -30.18 18.96
N ALA G 22 -20.94 -29.40 20.02
CA ALA G 22 -21.92 -29.38 21.10
C ALA G 22 -22.80 -28.15 21.11
N ASP G 23 -22.36 -27.03 20.55
CA ASP G 23 -23.06 -25.76 20.64
C ASP G 23 -23.42 -25.16 19.29
N GLY G 24 -23.27 -25.91 18.20
CA GLY G 24 -23.52 -25.35 16.89
C GLY G 24 -22.65 -24.17 16.57
N SER G 25 -21.34 -24.25 16.87
CA SER G 25 -20.42 -23.15 16.67
C SER G 25 -19.18 -23.66 15.98
N VAL G 26 -18.45 -22.73 15.34
CA VAL G 26 -17.16 -23.03 14.75
C VAL G 26 -16.17 -21.96 15.17
N GLN G 27 -14.88 -22.30 15.11
CA GLN G 27 -13.81 -21.37 15.33
C GLN G 27 -13.03 -21.18 14.03
N ILE G 28 -12.63 -19.95 13.77
CA ILE G 28 -11.83 -19.58 12.60
C ILE G 28 -10.42 -19.31 13.09
N LEU G 29 -9.45 -20.01 12.55
CA LEU G 29 -8.12 -20.10 13.12
C LEU G 29 -7.08 -19.52 12.18
N ASP G 30 -6.12 -18.81 12.76
CA ASP G 30 -4.94 -18.32 12.01
C ASP G 30 -3.86 -19.39 12.10
N GLY G 31 -3.61 -20.07 10.98
CA GLY G 31 -2.69 -21.20 11.01
C GLY G 31 -1.25 -20.81 11.19
N THR G 32 -0.85 -19.66 10.65
CA THR G 32 0.56 -19.24 10.80
C THR G 32 0.84 -18.80 12.22
N ALA G 33 -0.07 -18.02 12.82
CA ALA G 33 0.11 -17.54 14.16
C ALA G 33 -0.30 -18.57 15.22
N LYS G 34 -0.98 -19.64 14.81
CA LYS G 34 -1.46 -20.67 15.74
C LYS G 34 -2.34 -20.04 16.81
N THR G 35 -3.27 -19.18 16.38
CA THR G 35 -4.23 -18.54 17.25
C THR G 35 -5.63 -18.73 16.70
N SER G 36 -6.60 -18.35 17.50
CA SER G 36 -8.01 -18.37 17.12
C SER G 36 -8.47 -16.95 16.80
N LEU G 37 -9.08 -16.76 15.62
CA LEU G 37 -9.51 -15.45 15.17
C LEU G 37 -10.93 -15.13 15.64
N ALA G 38 -11.81 -16.10 15.76
CA ALA G 38 -13.18 -15.84 16.17
C ALA G 38 -13.92 -17.12 16.39
N ARG G 39 -15.05 -17.03 17.11
CA ARG G 39 -16.05 -18.06 17.18
C ARG G 39 -17.32 -17.54 16.52
N VAL G 40 -17.93 -18.36 15.66
CA VAL G 40 -19.18 -18.03 14.99
C VAL G 40 -20.24 -19.01 15.48
N GLU G 41 -21.36 -18.49 15.95
CA GLU G 41 -22.45 -19.32 16.44
C GLU G 41 -23.62 -19.27 15.48
N GLY G 42 -24.62 -20.14 15.77
CA GLY G 42 -25.85 -20.18 14.98
C GLY G 42 -25.88 -21.19 13.85
N LEU G 43 -25.08 -22.24 13.91
CA LEU G 43 -25.07 -23.26 12.87
C LEU G 43 -25.85 -24.51 13.26
N GLY G 44 -26.71 -24.43 14.26
CA GLY G 44 -27.61 -25.53 14.56
C GLY G 44 -26.90 -26.76 15.06
N ASP G 45 -27.21 -27.91 14.44
CA ASP G 45 -26.76 -29.22 14.90
C ASP G 45 -25.50 -29.60 14.13
N LEU G 46 -24.34 -29.52 14.80
CA LEU G 46 -23.07 -29.93 14.27
C LEU G 46 -22.56 -31.18 14.98
N SER G 47 -23.47 -31.97 15.56
CA SER G 47 -23.08 -33.26 16.13
C SER G 47 -22.34 -34.09 15.12
N HIS G 48 -22.64 -33.91 13.85
CA HIS G 48 -21.85 -34.45 12.75
C HIS G 48 -21.88 -33.41 11.64
N ALA G 49 -20.72 -33.14 11.04
CA ALA G 49 -20.65 -32.08 10.05
C ALA G 49 -19.40 -32.22 9.22
N SER G 50 -19.43 -31.58 8.04
CA SER G 50 -18.31 -31.55 7.13
C SER G 50 -18.33 -30.20 6.45
N LEU G 51 -17.32 -29.92 5.62
CA LEU G 51 -17.29 -28.64 4.96
C LEU G 51 -16.29 -28.66 3.80
N VAL G 52 -16.54 -27.77 2.84
CA VAL G 52 -15.66 -27.51 1.73
C VAL G 52 -15.50 -26.00 1.64
N PHE G 53 -14.46 -25.57 0.93
CA PHE G 53 -14.12 -24.16 0.80
C PHE G 53 -14.41 -23.68 -0.61
N SER G 54 -14.76 -22.40 -0.74
CA SER G 54 -14.85 -21.74 -2.03
C SER G 54 -13.46 -21.59 -2.64
N ARG G 55 -13.41 -21.52 -3.98
CA ARG G 55 -12.15 -21.53 -4.68
C ARG G 55 -11.25 -20.37 -4.32
N ASP G 56 -11.80 -19.28 -3.76
CA ASP G 56 -10.99 -18.16 -3.31
C ASP G 56 -10.69 -18.23 -1.82
N GLN G 57 -11.13 -19.30 -1.15
CA GLN G 57 -10.81 -19.59 0.25
C GLN G 57 -11.44 -18.59 1.21
N ARG G 58 -12.29 -17.69 0.74
CA ARG G 58 -12.96 -16.75 1.63
C ARG G 58 -14.08 -17.38 2.40
N TYR G 59 -14.79 -18.36 1.83
CA TYR G 59 -15.95 -18.95 2.46
C TYR G 59 -15.76 -20.44 2.71
N ALA G 60 -16.38 -20.93 3.74
CA ALA G 60 -16.55 -22.35 4.00
C ALA G 60 -18.02 -22.70 3.94
N TYR G 61 -18.35 -23.80 3.28
CA TYR G 61 -19.72 -24.32 3.21
C TYR G 61 -19.82 -25.48 4.19
N VAL G 62 -20.54 -25.27 5.28
CA VAL G 62 -20.66 -26.27 6.35
C VAL G 62 -21.95 -27.06 6.15
N PHE G 63 -21.85 -28.37 6.16
CA PHE G 63 -22.97 -29.27 6.05
C PHE G 63 -23.18 -29.93 7.40
N GLY G 64 -24.33 -29.66 8.04
CA GLY G 64 -24.60 -30.09 9.38
C GLY G 64 -25.65 -31.18 9.45
N ARG G 65 -25.71 -31.79 10.64
CA ARG G 65 -26.59 -32.95 10.84
C ARG G 65 -28.04 -32.59 10.66
N ASP G 66 -28.41 -31.34 10.93
CA ASP G 66 -29.80 -30.88 10.78
C ASP G 66 -30.16 -30.56 9.35
N GLY G 67 -29.35 -30.94 8.39
CA GLY G 67 -29.59 -30.54 7.01
C GLY G 67 -29.26 -29.10 6.74
N GLY G 68 -28.57 -28.43 7.66
CA GLY G 68 -28.20 -27.05 7.46
C GLY G 68 -27.02 -26.89 6.52
N LEU G 69 -27.13 -25.92 5.64
CA LEU G 69 -26.07 -25.53 4.72
C LEU G 69 -25.72 -24.09 5.03
N THR G 70 -24.54 -23.87 5.62
CA THR G 70 -24.10 -22.56 6.08
C THR G 70 -22.92 -22.12 5.23
N LYS G 71 -23.07 -20.98 4.55
CA LYS G 71 -21.97 -20.32 3.88
C LYS G 71 -21.32 -19.39 4.87
N LEU G 72 -20.12 -19.76 5.34
CA LEU G 72 -19.45 -19.06 6.43
C LEU G 72 -18.40 -18.15 5.84
N ASP G 73 -18.44 -16.89 6.23
CA ASP G 73 -17.44 -15.89 5.79
C ASP G 73 -16.28 -15.90 6.74
N LEU G 74 -15.14 -16.45 6.29
CA LEU G 74 -13.96 -16.53 7.14
C LEU G 74 -13.29 -15.18 7.37
N LEU G 75 -13.53 -14.19 6.50
CA LEU G 75 -12.86 -12.90 6.58
C LEU G 75 -13.67 -11.88 7.36
N ALA G 76 -14.97 -11.78 7.10
CA ALA G 76 -15.83 -10.99 7.96
C ALA G 76 -16.25 -11.74 9.21
N GLN G 77 -15.89 -13.01 9.34
CA GLN G 77 -16.17 -13.82 10.52
C GLN G 77 -17.65 -13.78 10.85
N ARG G 78 -18.46 -14.19 9.89
CA ARG G 78 -19.89 -14.14 10.03
C ARG G 78 -20.54 -15.17 9.14
N ILE G 79 -21.78 -15.53 9.46
CA ILE G 79 -22.60 -16.36 8.60
C ILE G 79 -23.11 -15.51 7.44
N ASP G 80 -22.71 -15.86 6.22
CA ASP G 80 -23.14 -15.07 5.06
C ASP G 80 -24.51 -15.54 4.60
N LYS G 81 -24.71 -16.84 4.46
CA LYS G 81 -25.98 -17.41 4.03
C LYS G 81 -26.18 -18.73 4.72
N ARG G 82 -27.43 -19.03 5.07
CA ARG G 82 -27.75 -20.29 5.71
C ARG G 82 -29.15 -20.72 5.33
N LEU G 83 -29.27 -21.95 4.82
CA LEU G 83 -30.55 -22.61 4.65
C LEU G 83 -30.55 -23.91 5.42
N ILE G 84 -31.72 -24.32 5.90
CA ILE G 84 -31.88 -25.56 6.64
C ILE G 84 -32.90 -26.41 5.89
N GLN G 85 -32.44 -27.52 5.31
CA GLN G 85 -33.24 -28.38 4.43
C GLN G 85 -33.23 -29.78 5.03
N GLY G 86 -34.18 -30.06 5.92
CA GLY G 86 -34.27 -31.36 6.54
C GLY G 86 -34.22 -32.48 5.53
N GLY G 87 -33.57 -33.59 5.89
CA GLY G 87 -33.34 -34.66 4.95
C GLY G 87 -32.03 -34.61 4.23
N ASN G 88 -31.29 -33.50 4.32
CA ASN G 88 -29.97 -33.39 3.69
C ASN G 88 -28.92 -34.06 4.54
N SER G 89 -28.02 -34.78 3.88
CA SER G 89 -26.88 -35.38 4.55
C SER G 89 -25.73 -34.38 4.63
N ILE G 90 -24.68 -34.76 5.34
CA ILE G 90 -23.44 -34.01 5.32
C ILE G 90 -22.55 -34.61 4.23
N GLY G 91 -21.31 -34.12 4.13
CA GLY G 91 -20.42 -34.61 3.09
C GLY G 91 -20.66 -34.00 1.72
N GLY G 92 -21.13 -32.75 1.66
CA GLY G 92 -21.35 -32.09 0.39
C GLY G 92 -20.03 -31.79 -0.31
N ALA G 93 -20.14 -31.30 -1.55
CA ALA G 93 -18.99 -31.11 -2.39
C ALA G 93 -19.18 -29.86 -3.22
N ILE G 94 -18.06 -29.28 -3.68
CA ILE G 94 -18.07 -28.09 -4.51
C ILE G 94 -17.47 -28.45 -5.87
N SER G 95 -18.03 -27.85 -6.93
CA SER G 95 -17.69 -28.26 -8.29
C SER G 95 -16.29 -27.75 -8.67
N GLN G 96 -15.84 -28.13 -9.86
CA GLN G 96 -14.49 -27.81 -10.30
C GLN G 96 -14.32 -26.34 -10.57
N ASP G 97 -15.36 -25.65 -11.05
CA ASP G 97 -15.29 -24.21 -11.26
C ASP G 97 -15.77 -23.42 -10.07
N GLY G 98 -16.10 -24.09 -8.95
CA GLY G 98 -16.48 -23.43 -7.72
C GLY G 98 -17.85 -22.81 -7.71
N ARG G 99 -18.67 -23.04 -8.71
CA ARG G 99 -19.96 -22.36 -8.80
C ARG G 99 -21.11 -23.17 -8.22
N LEU G 100 -20.95 -24.47 -8.08
CA LEU G 100 -22.03 -25.33 -7.61
C LEU G 100 -21.60 -26.09 -6.37
N VAL G 101 -22.49 -26.19 -5.40
CA VAL G 101 -22.29 -26.95 -4.18
C VAL G 101 -23.39 -27.99 -4.13
N ALA G 102 -22.99 -29.27 -4.07
CA ALA G 102 -23.94 -30.37 -4.06
C ALA G 102 -24.05 -30.97 -2.66
N VAL G 103 -25.26 -31.31 -2.26
CA VAL G 103 -25.53 -31.97 -0.99
C VAL G 103 -26.40 -33.19 -1.28
N SER G 104 -25.98 -34.36 -0.80
CA SER G 104 -26.81 -35.56 -0.95
C SER G 104 -27.99 -35.50 0.00
N ASN G 105 -29.02 -36.29 -0.31
CA ASN G 105 -30.25 -36.32 0.44
C ASN G 105 -30.63 -37.77 0.70
N TYR G 106 -30.98 -38.09 1.93
CA TYR G 106 -31.43 -39.44 2.28
C TYR G 106 -32.94 -39.54 2.43
N GLU G 107 -33.63 -38.41 2.45
CA GLU G 107 -35.09 -38.38 2.54
C GLU G 107 -35.59 -37.24 1.63
N PRO G 108 -36.22 -37.56 0.48
CA PRO G 108 -36.63 -38.89 -0.01
C PRO G 108 -35.52 -39.70 -0.63
N GLY G 109 -34.35 -39.09 -0.80
CA GLY G 109 -33.24 -39.73 -1.49
C GLY G 109 -32.89 -39.03 -2.78
N GLY G 110 -31.67 -38.51 -2.89
CA GLY G 110 -31.25 -37.84 -4.10
C GLY G 110 -30.08 -36.91 -3.83
N VAL G 111 -29.88 -35.97 -4.75
CA VAL G 111 -28.87 -34.95 -4.64
C VAL G 111 -29.48 -33.62 -5.05
N LYS G 112 -29.12 -32.55 -4.35
CA LYS G 112 -29.51 -31.20 -4.69
C LYS G 112 -28.28 -30.36 -4.88
N VAL G 113 -28.32 -29.47 -5.87
CA VAL G 113 -27.17 -28.64 -6.27
C VAL G 113 -27.57 -27.19 -6.13
N PHE G 114 -26.79 -26.42 -5.36
CA PHE G 114 -27.08 -25.04 -5.08
C PHE G 114 -26.02 -24.13 -5.70
N ASP G 115 -26.41 -22.89 -5.98
CA ASP G 115 -25.46 -21.89 -6.41
C ASP G 115 -24.52 -21.52 -5.25
N SER G 116 -23.23 -21.42 -5.54
CA SER G 116 -22.25 -21.17 -4.51
C SER G 116 -22.35 -19.76 -3.93
N ARG G 117 -22.86 -18.81 -4.71
CA ARG G 117 -22.93 -17.42 -4.28
C ARG G 117 -24.23 -17.11 -3.51
N THR G 118 -25.36 -17.63 -3.96
CA THR G 118 -26.65 -17.31 -3.37
C THR G 118 -27.27 -18.48 -2.63
N LEU G 119 -26.79 -19.69 -2.84
CA LEU G 119 -27.37 -20.90 -2.27
C LEU G 119 -28.80 -21.14 -2.78
N GLU G 120 -29.18 -20.51 -3.88
CA GLU G 120 -30.43 -20.83 -4.55
C GLU G 120 -30.30 -22.18 -5.25
N LEU G 121 -31.39 -22.94 -5.25
CA LEU G 121 -31.39 -24.29 -5.81
C LEU G 121 -31.21 -24.22 -7.32
N VAL G 122 -30.20 -24.90 -7.86
CA VAL G 122 -29.95 -24.96 -9.28
C VAL G 122 -30.55 -26.20 -9.91
N ALA G 123 -30.42 -27.35 -9.26
CA ALA G 123 -30.92 -28.60 -9.82
C ALA G 123 -31.21 -29.57 -8.70
N GLU G 124 -32.24 -30.38 -8.88
CA GLU G 124 -32.59 -31.45 -7.97
C GLU G 124 -32.53 -32.76 -8.73
N ILE G 125 -31.86 -33.74 -8.15
CA ILE G 125 -31.64 -35.03 -8.80
C ILE G 125 -32.22 -36.12 -7.92
N PRO G 126 -33.47 -36.55 -8.13
CA PRO G 126 -34.03 -37.59 -7.27
C PRO G 126 -33.47 -38.94 -7.64
N ALA G 127 -33.24 -39.76 -6.63
CA ALA G 127 -32.67 -41.09 -6.86
C ALA G 127 -33.76 -42.06 -7.29
N THR G 128 -33.34 -43.29 -7.61
CA THR G 128 -34.29 -44.32 -8.05
C THR G 128 -35.44 -44.45 -7.07
N ARG G 129 -36.65 -44.55 -7.59
CA ARG G 129 -37.84 -44.81 -6.77
C ARG G 129 -37.84 -46.26 -6.35
N LEU G 130 -37.96 -46.50 -5.05
CA LEU G 130 -37.88 -47.86 -4.55
C LEU G 130 -39.17 -48.63 -4.89
N PRO G 131 -39.05 -49.89 -5.34
CA PRO G 131 -40.24 -50.61 -5.82
C PRO G 131 -41.18 -50.95 -4.68
N GLY G 132 -42.35 -50.32 -4.70
CA GLY G 132 -43.34 -50.51 -3.67
C GLY G 132 -43.33 -49.47 -2.56
N GLN G 133 -42.68 -48.33 -2.78
CA GLN G 133 -42.57 -47.30 -1.76
C GLN G 133 -42.75 -45.94 -2.39
N ASP G 134 -42.94 -44.93 -1.53
CA ASP G 134 -43.18 -43.57 -1.94
C ASP G 134 -41.92 -42.71 -1.87
N ARG G 135 -40.75 -43.32 -1.66
CA ARG G 135 -39.51 -42.60 -1.51
C ARG G 135 -38.43 -43.25 -2.37
N ASN G 136 -37.26 -42.61 -2.41
CA ASN G 136 -36.17 -43.01 -3.26
C ASN G 136 -35.06 -43.64 -2.43
N SER G 137 -34.04 -44.13 -3.11
CA SER G 137 -32.89 -44.73 -2.44
C SER G 137 -32.07 -43.66 -1.74
N ARG G 138 -31.56 -43.97 -0.56
CA ARG G 138 -30.57 -43.13 0.08
C ARG G 138 -29.41 -42.92 -0.88
N VAL G 139 -28.82 -41.72 -0.80
CA VAL G 139 -27.61 -41.39 -1.53
C VAL G 139 -26.49 -41.21 -0.54
N VAL G 140 -25.29 -41.67 -0.91
CA VAL G 140 -24.11 -41.64 -0.05
C VAL G 140 -22.89 -41.45 -0.94
N GLY G 141 -21.74 -41.19 -0.32
CA GLY G 141 -20.49 -41.07 -1.07
C GLY G 141 -20.53 -40.08 -2.18
N LEU G 142 -21.14 -38.91 -1.96
CA LEU G 142 -21.12 -37.85 -2.96
C LEU G 142 -19.73 -37.22 -3.00
N VAL G 143 -19.22 -37.01 -4.22
CA VAL G 143 -17.91 -36.38 -4.43
C VAL G 143 -17.99 -35.48 -5.64
N ASP G 144 -17.11 -34.50 -5.67
CA ASP G 144 -16.84 -33.71 -6.88
C ASP G 144 -15.72 -34.38 -7.66
N ALA G 145 -15.76 -34.21 -8.98
CA ALA G 145 -14.83 -34.88 -9.88
C ALA G 145 -14.46 -33.96 -11.02
N PRO G 146 -13.30 -34.17 -11.65
CA PRO G 146 -12.91 -33.33 -12.77
C PRO G 146 -13.93 -33.39 -13.89
N GLY G 147 -13.92 -32.36 -14.74
CA GLY G 147 -14.90 -32.28 -15.79
C GLY G 147 -16.25 -31.76 -15.37
N GLN G 148 -16.32 -31.03 -14.26
CA GLN G 148 -17.55 -30.43 -13.77
C GLN G 148 -18.62 -31.49 -13.52
N ARG G 149 -18.25 -32.55 -12.77
CA ARG G 149 -19.13 -33.65 -12.50
C ARG G 149 -19.25 -33.88 -11.00
N PHE G 150 -20.40 -34.40 -10.60
CA PHE G 150 -20.60 -34.98 -9.28
C PHE G 150 -20.88 -36.47 -9.45
N VAL G 151 -20.36 -37.29 -8.54
CA VAL G 151 -20.52 -38.74 -8.61
C VAL G 151 -20.97 -39.23 -7.25
N PHE G 152 -22.01 -40.06 -7.21
CA PHE G 152 -22.59 -40.53 -5.97
C PHE G 152 -23.09 -41.95 -6.12
N SER G 153 -23.38 -42.57 -4.98
CA SER G 153 -23.83 -43.97 -4.94
C SER G 153 -25.22 -44.03 -4.34
N LEU G 154 -25.96 -45.09 -4.71
CA LEU G 154 -27.32 -45.32 -4.24
C LEU G 154 -27.31 -46.54 -3.31
N PHE G 155 -27.53 -46.30 -2.03
CA PHE G 155 -27.37 -47.35 -1.04
C PHE G 155 -28.40 -48.44 -1.23
N ASP G 156 -29.68 -48.08 -1.36
CA ASP G 156 -30.75 -49.08 -1.32
C ASP G 156 -30.80 -49.89 -2.60
N SER G 157 -30.54 -49.26 -3.76
CA SER G 157 -30.71 -49.93 -5.05
C SER G 157 -29.39 -50.32 -5.69
N GLY G 158 -28.25 -50.06 -5.05
CA GLY G 158 -26.96 -50.46 -5.55
C GLY G 158 -26.59 -49.88 -6.89
N GLU G 159 -26.40 -48.56 -6.97
CA GLU G 159 -26.07 -47.90 -8.21
C GLU G 159 -25.04 -46.81 -7.95
N ILE G 160 -24.31 -46.45 -9.00
CA ILE G 160 -23.44 -45.28 -9.01
C ILE G 160 -23.88 -44.40 -10.17
N TRP G 161 -24.07 -43.11 -9.92
CA TRP G 161 -24.47 -42.17 -10.94
C TRP G 161 -23.38 -41.12 -11.14
N ILE G 162 -23.29 -40.61 -12.35
CA ILE G 162 -22.50 -39.44 -12.66
C ILE G 162 -23.45 -38.33 -13.07
N ALA G 163 -23.34 -37.19 -12.41
CA ALA G 163 -24.09 -35.98 -12.78
C ALA G 163 -23.11 -34.98 -13.37
N ASP G 164 -23.29 -34.67 -14.66
CA ASP G 164 -22.38 -33.86 -15.44
C ASP G 164 -23.00 -32.50 -15.69
N PHE G 165 -22.42 -31.46 -15.11
CA PHE G 165 -22.91 -30.09 -15.24
C PHE G 165 -22.07 -29.28 -16.19
N SER G 166 -21.29 -29.93 -17.05
CA SER G 166 -20.38 -29.20 -17.94
C SER G 166 -21.14 -28.37 -18.97
N GLN G 167 -22.34 -28.79 -19.36
CA GLN G 167 -23.12 -28.08 -20.36
C GLN G 167 -24.05 -27.03 -19.76
N GLY G 168 -24.22 -27.02 -18.45
CA GLY G 168 -25.03 -26.00 -17.81
C GLY G 168 -25.79 -26.56 -16.64
N ASP G 169 -26.78 -25.79 -16.16
CA ASP G 169 -27.51 -26.09 -14.94
C ASP G 169 -28.35 -27.36 -15.05
N THR G 170 -28.57 -27.89 -16.24
CA THR G 170 -29.34 -29.11 -16.40
C THR G 170 -28.38 -30.26 -16.56
N PRO G 171 -28.27 -31.16 -15.57
CA PRO G 171 -27.24 -32.20 -15.64
C PRO G 171 -27.54 -33.27 -16.67
N HIS G 172 -26.47 -33.87 -17.19
CA HIS G 172 -26.56 -35.10 -17.97
C HIS G 172 -26.14 -36.28 -17.10
N LEU G 173 -27.06 -37.18 -16.82
CA LEU G 173 -26.85 -38.26 -15.87
C LEU G 173 -26.40 -39.53 -16.57
N THR G 174 -25.40 -40.18 -15.99
CA THR G 174 -24.97 -41.53 -16.39
C THR G 174 -25.24 -42.47 -15.22
N ARG G 175 -25.96 -43.55 -15.46
CA ARG G 175 -26.38 -44.45 -14.42
C ARG G 175 -25.76 -45.82 -14.61
N PHE G 176 -25.18 -46.37 -13.54
CA PHE G 176 -24.62 -47.71 -13.52
C PHE G 176 -25.37 -48.53 -12.48
N ARG G 177 -26.01 -49.61 -12.93
CA ARG G 177 -26.86 -50.43 -12.08
C ARG G 177 -26.15 -51.71 -11.69
N ASP G 178 -26.64 -52.31 -10.61
CA ASP G 178 -26.11 -53.58 -10.09
C ASP G 178 -24.60 -53.52 -9.92
N ILE G 179 -24.14 -52.42 -9.28
CA ILE G 179 -22.71 -52.25 -8.98
C ILE G 179 -22.29 -53.00 -7.72
N GLY G 180 -23.22 -53.52 -6.95
CA GLY G 180 -22.95 -54.12 -5.66
C GLY G 180 -24.09 -53.81 -4.70
N LYS G 181 -24.18 -54.61 -3.65
CA LYS G 181 -25.29 -54.51 -2.71
C LYS G 181 -24.93 -53.52 -1.60
N GLN G 182 -25.75 -52.47 -1.46
CA GLN G 182 -25.67 -51.50 -0.38
C GLN G 182 -24.30 -50.85 -0.33
N PRO G 183 -23.99 -49.98 -1.30
CA PRO G 183 -22.81 -49.13 -1.16
C PRO G 183 -23.02 -48.09 -0.10
N TYR G 184 -22.25 -48.14 0.99
CA TYR G 184 -22.46 -47.30 2.14
C TYR G 184 -21.66 -46.02 2.10
N ASP G 185 -20.55 -45.99 1.36
CA ASP G 185 -19.68 -44.82 1.30
C ASP G 185 -18.83 -44.95 0.05
N ALA G 186 -18.18 -43.86 -0.32
CA ALA G 186 -17.30 -43.86 -1.47
C ALA G 186 -16.25 -42.79 -1.33
N LEU G 187 -15.19 -42.91 -2.12
CA LEU G 187 -14.15 -41.89 -2.20
C LEU G 187 -13.79 -41.67 -3.66
N ILE G 188 -12.93 -40.68 -3.90
CA ILE G 188 -12.34 -40.45 -5.21
C ILE G 188 -10.84 -40.35 -5.02
N SER G 189 -10.07 -40.99 -5.90
CA SER G 189 -8.64 -41.00 -5.77
C SER G 189 -8.08 -39.59 -5.81
N PRO G 190 -6.88 -39.38 -5.23
CA PRO G 190 -6.30 -38.03 -5.21
C PRO G 190 -6.22 -37.36 -6.57
N ASP G 191 -5.96 -38.11 -7.63
CA ASP G 191 -5.86 -37.53 -8.98
C ASP G 191 -7.20 -37.32 -9.63
N GLY G 192 -8.31 -37.61 -8.95
CA GLY G 192 -9.62 -37.44 -9.50
C GLY G 192 -10.02 -38.41 -10.58
N ARG G 193 -9.33 -39.54 -10.70
CA ARG G 193 -9.62 -40.47 -11.78
C ARG G 193 -10.59 -41.57 -11.40
N TYR G 194 -10.38 -42.23 -10.26
CA TYR G 194 -11.12 -43.42 -9.89
C TYR G 194 -12.09 -43.14 -8.77
N TYR G 195 -13.33 -43.52 -8.96
CA TYR G 195 -14.37 -43.45 -7.92
C TYR G 195 -14.54 -44.83 -7.34
N MET G 196 -14.46 -44.94 -5.99
CA MET G 196 -14.55 -46.23 -5.33
C MET G 196 -15.62 -46.18 -4.28
N ALA G 197 -16.59 -47.07 -4.39
CA ALA G 197 -17.69 -47.18 -3.41
C ALA G 197 -17.54 -48.46 -2.62
N GLY G 198 -17.60 -48.35 -1.30
CA GLY G 198 -17.48 -49.51 -0.44
C GLY G 198 -18.84 -50.18 -0.22
N LEU G 199 -18.81 -51.51 -0.14
CA LEU G 199 -20.02 -52.30 -0.11
C LEU G 199 -20.30 -52.79 1.29
N PHE G 200 -21.58 -52.73 1.68
CA PHE G 200 -22.09 -53.24 2.95
C PHE G 200 -22.85 -54.52 2.82
N GLY G 201 -23.61 -54.69 1.74
CA GLY G 201 -24.34 -55.94 1.50
C GLY G 201 -23.47 -57.10 1.09
N GLU G 202 -22.22 -56.84 0.74
CA GLU G 202 -21.25 -57.87 0.41
C GLU G 202 -19.87 -57.24 0.51
N ASP G 203 -18.85 -58.02 0.24
CA ASP G 203 -17.48 -57.54 0.33
C ASP G 203 -17.00 -57.05 -1.03
N GLY G 204 -15.95 -56.24 -1.00
CA GLY G 204 -15.37 -55.68 -2.19
C GLY G 204 -15.66 -54.20 -2.32
N MET G 205 -15.05 -53.60 -3.33
CA MET G 205 -15.22 -52.18 -3.65
C MET G 205 -15.67 -52.05 -5.10
N ALA G 206 -16.58 -51.14 -5.36
CA ALA G 206 -17.08 -50.89 -6.71
C ALA G 206 -16.29 -49.75 -7.31
N GLN G 207 -15.41 -50.05 -8.24
CA GLN G 207 -14.49 -49.06 -8.79
C GLN G 207 -15.00 -48.58 -10.15
N LEU G 208 -14.95 -47.25 -10.35
CA LEU G 208 -15.35 -46.65 -11.63
C LEU G 208 -14.21 -45.78 -12.15
N ASP G 209 -13.82 -46.00 -13.40
CA ASP G 209 -12.76 -45.19 -14.04
C ASP G 209 -13.43 -43.99 -14.68
N LEU G 210 -13.36 -42.86 -14.03
CA LEU G 210 -14.02 -41.66 -14.54
C LEU G 210 -13.42 -41.17 -15.84
N TRP G 211 -12.20 -41.63 -16.21
CA TRP G 211 -11.67 -41.34 -17.53
C TRP G 211 -12.40 -42.13 -18.62
N HIS G 212 -12.87 -43.32 -18.30
CA HIS G 212 -13.51 -44.21 -19.27
C HIS G 212 -14.77 -44.81 -18.66
N PRO G 213 -15.82 -44.02 -18.50
CA PRO G 213 -17.07 -44.56 -17.93
C PRO G 213 -17.67 -45.61 -18.80
N GLU G 214 -17.40 -45.61 -20.12
CA GLU G 214 -17.99 -46.60 -21.01
C GLU G 214 -17.61 -48.01 -20.62
N ARG G 215 -16.49 -48.19 -19.94
CA ARG G 215 -16.06 -49.51 -19.48
C ARG G 215 -16.86 -50.00 -18.28
N GLY G 216 -17.62 -49.13 -17.63
CA GLY G 216 -18.48 -49.57 -16.55
C GLY G 216 -17.76 -49.70 -15.23
N VAL G 217 -18.41 -50.39 -14.30
CA VAL G 217 -17.94 -50.53 -12.93
C VAL G 217 -17.23 -51.88 -12.78
N ARG G 218 -16.24 -51.92 -11.90
CA ARG G 218 -15.31 -53.04 -11.78
C ARG G 218 -15.14 -53.34 -10.31
N ARG G 219 -15.21 -54.61 -9.95
CA ARG G 219 -15.13 -55.06 -8.56
C ARG G 219 -13.68 -55.27 -8.16
N VAL G 220 -13.23 -54.57 -7.11
CA VAL G 220 -11.85 -54.63 -6.64
C VAL G 220 -11.83 -54.90 -5.15
N LEU G 221 -10.67 -55.29 -4.64
CA LEU G 221 -10.45 -55.59 -3.23
C LEU G 221 -11.54 -56.50 -2.68
N GLY G 222 -11.68 -57.67 -3.32
CA GLY G 222 -12.80 -58.53 -3.03
C GLY G 222 -13.01 -58.80 -1.56
N ASP G 223 -11.93 -58.94 -0.79
CA ASP G 223 -12.04 -59.41 0.59
C ASP G 223 -12.37 -58.29 1.58
N TYR G 224 -12.40 -57.04 1.17
CA TYR G 224 -12.52 -55.92 2.10
C TYR G 224 -13.98 -55.69 2.46
N GLY G 225 -14.31 -55.86 3.74
CA GLY G 225 -15.67 -55.74 4.20
C GLY G 225 -15.86 -56.48 5.50
N ARG G 226 -17.12 -56.56 5.93
CA ARG G 226 -17.44 -57.24 7.18
C ARG G 226 -17.51 -58.76 7.03
N GLY G 227 -17.54 -59.26 5.82
CA GLY G 227 -17.69 -60.70 5.63
C GLY G 227 -19.06 -61.15 6.13
N GLN G 228 -19.05 -62.25 6.88
CA GLN G 228 -20.28 -62.76 7.49
C GLN G 228 -20.48 -62.23 8.91
N ARG G 229 -19.60 -61.36 9.38
CA ARG G 229 -19.83 -60.67 10.65
C ARG G 229 -21.01 -59.73 10.49
N LYS G 230 -21.91 -59.72 11.47
CA LYS G 230 -23.07 -58.83 11.41
C LYS G 230 -22.72 -57.52 12.12
N LEU G 231 -21.85 -56.75 11.46
CA LEU G 231 -21.52 -55.40 11.91
C LEU G 231 -22.56 -54.42 11.36
N PRO G 232 -23.08 -53.51 12.18
CA PRO G 232 -23.98 -52.49 11.64
C PRO G 232 -23.27 -51.65 10.58
N VAL G 233 -24.08 -50.96 9.76
CA VAL G 233 -23.53 -50.08 8.75
C VAL G 233 -22.62 -49.04 9.40
N TYR G 234 -22.93 -48.61 10.61
CA TYR G 234 -22.19 -47.53 11.26
C TYR G 234 -20.92 -48.01 11.93
N LYS G 235 -20.59 -49.31 11.86
CA LYS G 235 -19.26 -49.79 12.19
C LYS G 235 -18.37 -49.89 10.96
N MET G 236 -18.93 -49.73 9.75
N MET G 236 -18.93 -49.72 9.76
CA MET G 236 -18.12 -49.69 8.55
CA MET G 236 -18.12 -49.69 8.56
C MET G 236 -17.17 -48.50 8.62
C MET G 236 -17.18 -48.50 8.59
N PRO G 237 -16.04 -48.57 7.91
CA PRO G 237 -15.08 -47.48 7.97
C PRO G 237 -15.54 -46.24 7.19
N HIS G 238 -15.16 -45.07 7.71
CA HIS G 238 -15.17 -43.85 6.92
C HIS G 238 -14.20 -44.02 5.77
N LEU G 239 -14.69 -43.88 4.54
CA LEU G 239 -13.78 -43.98 3.39
C LEU G 239 -12.96 -42.70 3.21
N GLU G 240 -13.32 -41.62 3.88
CA GLU G 240 -12.37 -40.53 4.08
C GLU G 240 -11.21 -40.98 4.96
N GLY G 241 -11.39 -42.04 5.72
CA GLY G 241 -10.33 -42.62 6.51
C GLY G 241 -9.23 -43.30 5.71
N TRP G 242 -9.45 -43.50 4.41
CA TRP G 242 -8.42 -44.02 3.54
C TRP G 242 -7.42 -42.95 3.18
N THR G 243 -6.22 -43.39 2.79
CA THR G 243 -5.23 -42.49 2.18
C THR G 243 -4.55 -43.27 1.07
N ILE G 244 -4.69 -42.80 -0.18
CA ILE G 244 -4.08 -43.43 -1.33
C ILE G 244 -2.87 -42.62 -1.73
N ALA G 245 -1.72 -43.28 -1.86
CA ALA G 245 -0.50 -42.64 -2.33
C ALA G 245 -0.40 -42.74 -3.84
N SER G 246 0.64 -43.40 -4.35
CA SER G 246 0.76 -43.69 -5.77
C SER G 246 0.62 -45.19 -6.01
N ASP G 247 1.59 -45.98 -5.57
CA ASP G 247 1.49 -47.43 -5.68
C ASP G 247 0.78 -48.06 -4.49
N GLN G 248 0.55 -47.31 -3.40
CA GLN G 248 0.09 -47.88 -2.16
C GLN G 248 -1.11 -47.13 -1.62
N ALA G 249 -1.85 -47.80 -0.74
CA ALA G 249 -2.97 -47.23 -0.01
C ALA G 249 -2.90 -47.74 1.41
N PHE G 250 -3.01 -46.84 2.39
CA PHE G 250 -3.06 -47.20 3.79
C PHE G 250 -4.48 -46.98 4.28
N VAL G 251 -5.11 -48.04 4.77
CA VAL G 251 -6.55 -48.02 5.03
C VAL G 251 -6.83 -48.74 6.33
N PRO G 252 -7.93 -48.37 6.99
CA PRO G 252 -8.30 -49.03 8.25
C PRO G 252 -8.95 -50.37 7.98
N ALA G 253 -8.46 -51.41 8.64
CA ALA G 253 -9.13 -52.70 8.58
C ALA G 253 -10.57 -52.54 9.07
N VAL G 254 -11.41 -53.49 8.69
CA VAL G 254 -12.82 -53.47 9.11
C VAL G 254 -12.93 -54.34 10.34
N GLY G 255 -13.13 -53.70 11.49
CA GLY G 255 -13.33 -54.44 12.73
C GLY G 255 -12.10 -55.11 13.29
N HIS G 256 -10.92 -54.63 12.94
CA HIS G 256 -9.68 -55.20 13.43
C HIS G 256 -8.70 -54.06 13.73
N HIS G 257 -7.81 -54.30 14.70
CA HIS G 257 -6.84 -53.32 15.12
C HIS G 257 -5.61 -53.37 14.21
N GLN G 258 -5.82 -53.06 12.94
CA GLN G 258 -4.75 -53.11 11.96
C GLN G 258 -4.94 -52.03 10.91
N VAL G 259 -3.83 -51.55 10.37
CA VAL G 259 -3.79 -50.69 9.21
C VAL G 259 -3.30 -51.52 8.03
N LEU G 260 -4.15 -51.72 7.02
CA LEU G 260 -3.83 -52.53 5.86
C LEU G 260 -3.09 -51.73 4.82
N VAL G 261 -1.97 -52.25 4.33
CA VAL G 261 -1.22 -51.66 3.23
C VAL G 261 -1.63 -52.38 1.96
N LEU G 262 -2.12 -51.62 0.98
CA LEU G 262 -2.66 -52.20 -0.25
C LEU G 262 -1.81 -51.78 -1.45
N ASP G 263 -1.84 -52.63 -2.48
CA ASP G 263 -1.33 -52.28 -3.80
C ASP G 263 -2.42 -51.47 -4.51
N ALA G 264 -2.18 -50.19 -4.74
CA ALA G 264 -3.20 -49.32 -5.29
C ALA G 264 -3.46 -49.54 -6.77
N ARG G 265 -2.76 -50.47 -7.42
CA ARG G 265 -2.98 -50.78 -8.82
C ARG G 265 -3.83 -52.03 -8.99
N ASP G 266 -3.38 -53.17 -8.45
CA ASP G 266 -4.15 -54.40 -8.49
C ASP G 266 -5.08 -54.54 -7.31
N TRP G 267 -5.02 -53.63 -6.36
CA TRP G 267 -5.84 -53.69 -5.14
C TRP G 267 -5.68 -55.04 -4.44
N LYS G 268 -4.42 -55.36 -4.17
CA LYS G 268 -4.02 -56.57 -3.47
C LYS G 268 -3.29 -56.15 -2.20
N GLN G 269 -3.75 -56.66 -1.06
CA GLN G 269 -3.10 -56.32 0.20
C GLN G 269 -1.70 -56.90 0.26
N THR G 270 -0.72 -56.06 0.57
CA THR G 270 0.68 -56.48 0.61
C THR G 270 1.24 -56.55 2.03
N ASP G 271 0.56 -55.98 3.02
CA ASP G 271 1.06 -56.00 4.39
C ASP G 271 -0.06 -55.53 5.31
N ALA G 272 0.11 -55.77 6.59
CA ALA G 272 -0.81 -55.32 7.62
C ALA G 272 -0.02 -54.90 8.85
N ILE G 273 -0.39 -53.77 9.44
CA ILE G 273 0.30 -53.20 10.57
C ILE G 273 -0.63 -53.27 11.78
N ASP G 274 -0.15 -53.89 12.87
CA ASP G 274 -0.89 -53.93 14.11
C ASP G 274 -0.73 -52.60 14.81
N VAL G 275 -1.83 -51.85 14.93
CA VAL G 275 -1.80 -50.54 15.61
C VAL G 275 -2.49 -50.65 16.97
N ALA G 276 -2.48 -49.55 17.73
CA ALA G 276 -2.93 -49.57 19.12
C ALA G 276 -4.43 -49.38 19.27
N GLY G 277 -5.22 -49.84 18.33
CA GLY G 277 -6.66 -49.72 18.42
C GLY G 277 -7.31 -49.93 17.07
N GLN G 278 -8.62 -49.83 17.06
CA GLN G 278 -9.38 -49.86 15.82
C GLN G 278 -9.14 -48.56 15.08
N PRO G 279 -8.45 -48.55 13.94
CA PRO G 279 -8.21 -47.29 13.24
C PRO G 279 -9.48 -46.73 12.63
N VAL G 280 -9.58 -45.41 12.63
CA VAL G 280 -10.69 -44.72 11.96
C VAL G 280 -10.13 -43.92 10.78
N PHE G 281 -9.38 -42.86 11.07
CA PHE G 281 -8.77 -42.03 10.03
C PHE G 281 -7.31 -42.42 9.88
N VAL G 282 -6.95 -42.94 8.70
CA VAL G 282 -5.56 -43.18 8.32
C VAL G 282 -5.21 -42.10 7.32
N MET G 283 -4.19 -41.30 7.63
CA MET G 283 -3.81 -40.18 6.80
C MET G 283 -2.29 -40.20 6.62
N THR G 284 -1.81 -39.33 5.75
CA THR G 284 -0.41 -39.30 5.34
C THR G 284 0.14 -37.90 5.60
N ARG G 285 1.36 -37.83 6.13
CA ARG G 285 2.06 -36.55 6.14
C ARG G 285 2.28 -36.11 4.70
N PRO G 286 2.09 -34.84 4.38
CA PRO G 286 2.08 -34.44 2.97
C PRO G 286 3.31 -34.86 2.19
N ASP G 287 4.44 -35.15 2.84
CA ASP G 287 5.61 -35.66 2.13
C ASP G 287 5.56 -37.18 1.99
N ASP G 288 4.45 -37.81 2.39
CA ASP G 288 4.20 -39.25 2.25
C ASP G 288 5.16 -40.10 3.06
N ARG G 289 6.00 -39.51 3.90
CA ARG G 289 6.98 -40.30 4.62
CA ARG G 289 7.00 -40.24 4.67
C ARG G 289 6.40 -40.96 5.86
N GLN G 290 5.29 -40.46 6.39
CA GLN G 290 4.68 -41.02 7.57
C GLN G 290 3.18 -41.22 7.40
N ILE G 291 2.64 -42.20 8.12
CA ILE G 291 1.21 -42.47 8.20
C ILE G 291 0.76 -42.13 9.61
N TRP G 292 -0.27 -41.28 9.72
CA TRP G 292 -0.82 -40.87 11.01
C TRP G 292 -2.20 -41.46 11.19
N VAL G 293 -2.47 -42.03 12.37
CA VAL G 293 -3.64 -42.86 12.62
C VAL G 293 -4.27 -42.45 13.93
N ASN G 294 -5.59 -42.22 13.91
CA ASN G 294 -6.37 -42.08 15.14
C ASN G 294 -7.35 -43.23 15.21
N PHE G 295 -7.89 -43.46 16.41
CA PHE G 295 -8.58 -44.72 16.71
C PHE G 295 -9.96 -44.49 17.28
N ALA G 296 -10.76 -45.55 17.24
CA ALA G 296 -12.09 -45.53 17.84
C ALA G 296 -11.99 -45.74 19.35
N TYR G 297 -12.97 -45.21 20.07
CA TYR G 297 -13.06 -45.53 21.49
C TYR G 297 -12.94 -47.03 21.66
N PRO G 298 -12.22 -47.50 22.71
CA PRO G 298 -11.59 -46.82 23.83
C PRO G 298 -10.18 -46.31 23.61
N ASP G 299 -9.62 -46.50 22.43
CA ASP G 299 -8.23 -46.14 22.17
C ASP G 299 -8.09 -44.76 21.53
N ASN G 300 -9.13 -43.91 21.63
CA ASN G 300 -9.12 -42.61 20.98
C ASN G 300 -8.43 -41.54 21.80
N ASP G 301 -7.53 -41.91 22.70
CA ASP G 301 -6.61 -40.96 23.31
C ASP G 301 -5.22 -41.09 22.74
N LYS G 302 -5.06 -41.86 21.64
CA LYS G 302 -3.78 -42.14 21.02
C LYS G 302 -3.79 -41.69 19.57
N VAL G 303 -2.61 -41.30 19.09
CA VAL G 303 -2.35 -41.11 17.68
C VAL G 303 -0.99 -41.74 17.41
N GLN G 304 -0.96 -42.74 16.54
CA GLN G 304 0.27 -43.45 16.21
C GLN G 304 0.82 -42.94 14.88
N VAL G 305 2.14 -42.77 14.82
CA VAL G 305 2.85 -42.34 13.63
C VAL G 305 3.61 -43.55 13.11
N ILE G 306 3.43 -43.86 11.82
CA ILE G 306 3.99 -45.06 11.20
C ILE G 306 4.90 -44.64 10.05
N ASP G 307 5.97 -45.40 9.87
CA ASP G 307 6.91 -45.14 8.79
C ASP G 307 6.35 -45.70 7.48
N SER G 308 6.18 -44.82 6.50
CA SER G 308 5.63 -45.21 5.20
C SER G 308 6.43 -46.34 4.56
N GLU G 309 7.69 -46.52 4.94
CA GLU G 309 8.58 -47.44 4.24
C GLU G 309 8.75 -48.76 4.99
N THR G 310 9.17 -48.71 6.25
CA THR G 310 9.34 -49.92 7.04
C THR G 310 8.03 -50.43 7.61
N HIS G 311 6.96 -49.67 7.53
CA HIS G 311 5.62 -50.10 7.98
C HIS G 311 5.59 -50.36 9.48
N GLU G 312 6.46 -49.71 10.22
CA GLU G 312 6.53 -49.89 11.68
C GLU G 312 6.22 -48.59 12.39
N VAL G 313 5.57 -48.71 13.56
CA VAL G 313 5.25 -47.55 14.37
C VAL G 313 6.53 -46.86 14.79
N ILE G 314 6.53 -45.53 14.74
CA ILE G 314 7.67 -44.73 15.14
C ILE G 314 7.41 -44.16 16.53
N GLU G 315 6.15 -43.85 16.83
CA GLU G 315 5.81 -43.20 18.08
C GLU G 315 4.32 -43.30 18.31
N THR G 316 3.91 -43.24 19.58
CA THR G 316 2.51 -43.27 19.98
C THR G 316 2.26 -41.99 20.77
N LEU G 317 1.62 -41.01 20.13
CA LEU G 317 1.28 -39.77 20.79
C LEU G 317 0.04 -39.97 21.65
N ARG G 318 0.02 -39.30 22.81
CA ARG G 318 -1.13 -39.30 23.71
CA ARG G 318 -1.14 -39.30 23.71
C ARG G 318 -1.52 -37.85 23.95
N PRO G 319 -2.22 -37.21 23.00
CA PRO G 319 -2.54 -35.78 23.17
C PRO G 319 -3.61 -35.52 24.19
N GLY G 320 -4.55 -36.46 24.37
CA GLY G 320 -5.62 -36.28 25.31
C GLY G 320 -6.79 -37.16 24.96
N PRO G 321 -7.83 -37.15 25.78
CA PRO G 321 -8.99 -38.01 25.52
C PRO G 321 -9.87 -37.43 24.43
N GLY G 322 -10.32 -38.30 23.53
CA GLY G 322 -11.28 -37.92 22.51
C GLY G 322 -10.69 -37.31 21.26
N VAL G 323 -9.58 -37.87 20.76
CA VAL G 323 -8.95 -37.39 19.54
C VAL G 323 -9.78 -37.85 18.36
N LEU G 324 -10.52 -36.93 17.72
CA LEU G 324 -11.45 -37.27 16.68
C LEU G 324 -10.93 -37.01 15.26
N HIS G 325 -10.11 -36.00 15.06
CA HIS G 325 -9.73 -35.62 13.71
C HIS G 325 -8.36 -34.98 13.71
N MET G 326 -7.76 -34.96 12.54
CA MET G 326 -6.42 -34.37 12.33
C MET G 326 -6.37 -33.73 10.94
N GLU G 327 -5.57 -32.69 10.81
CA GLU G 327 -5.44 -31.98 9.54
C GLU G 327 -4.02 -31.43 9.43
N PHE G 328 -3.38 -31.70 8.30
CA PHE G 328 -2.04 -31.20 8.04
C PHE G 328 -2.10 -29.83 7.35
N SER G 329 -1.11 -29.00 7.65
CA SER G 329 -0.95 -27.79 6.85
C SER G 329 -0.58 -28.15 5.44
N GLY G 330 -0.69 -27.17 4.53
CA GLY G 330 -0.49 -27.45 3.12
C GLY G 330 0.84 -28.07 2.78
N ARG G 331 1.93 -27.53 3.30
CA ARG G 331 3.25 -28.07 3.01
C ARG G 331 3.74 -29.06 4.05
N GLY G 332 3.00 -29.28 5.13
CA GLY G 332 3.32 -30.33 6.09
C GLY G 332 4.11 -29.89 7.28
N ASP G 333 4.30 -28.59 7.50
CA ASP G 333 5.02 -28.14 8.66
C ASP G 333 4.23 -28.28 9.93
N GLN G 334 2.91 -28.33 9.85
CA GLN G 334 2.05 -28.46 11.02
C GLN G 334 1.08 -29.59 10.82
N VAL G 335 0.66 -30.19 11.92
CA VAL G 335 -0.53 -31.04 11.98
C VAL G 335 -1.41 -30.53 13.10
N TRP G 336 -2.71 -30.47 12.86
CA TRP G 336 -3.68 -29.98 13.81
C TRP G 336 -4.53 -31.15 14.26
N ILE G 337 -4.78 -31.24 15.57
CA ILE G 337 -5.43 -32.39 16.18
C ILE G 337 -6.53 -31.89 17.11
N SER G 338 -7.75 -32.40 16.92
CA SER G 338 -8.89 -32.09 17.77
C SER G 338 -8.92 -33.07 18.93
N VAL G 339 -9.01 -32.54 20.15
CA VAL G 339 -9.05 -33.35 21.37
C VAL G 339 -10.37 -33.02 22.06
N ARG G 340 -11.41 -33.81 21.77
CA ARG G 340 -12.79 -33.41 22.12
C ARG G 340 -12.95 -33.28 23.62
N ASP G 341 -12.55 -34.30 24.38
CA ASP G 341 -12.85 -34.38 25.81
C ASP G 341 -11.91 -33.55 26.65
N ALA G 342 -10.81 -33.06 26.08
CA ALA G 342 -9.97 -32.08 26.76
C ALA G 342 -10.27 -30.66 26.33
N ASP G 343 -11.24 -30.47 25.42
CA ASP G 343 -11.63 -29.13 24.96
C ASP G 343 -10.41 -28.38 24.41
N GLN G 344 -9.67 -29.06 23.54
CA GLN G 344 -8.45 -28.48 22.98
C GLN G 344 -8.35 -28.78 21.49
N LEU G 345 -7.81 -27.82 20.75
CA LEU G 345 -7.33 -28.01 19.40
C LEU G 345 -5.82 -27.78 19.43
N GLN G 346 -5.06 -28.85 19.25
CA GLN G 346 -3.62 -28.82 19.41
C GLN G 346 -2.91 -28.78 18.08
N VAL G 347 -1.72 -28.19 18.07
CA VAL G 347 -0.86 -28.14 16.91
C VAL G 347 0.45 -28.82 17.27
N TRP G 348 0.91 -29.73 16.40
CA TRP G 348 2.14 -30.46 16.60
C TRP G 348 3.08 -30.23 15.41
N ASP G 349 4.36 -30.24 15.68
CA ASP G 349 5.39 -30.34 14.65
C ASP G 349 5.47 -31.79 14.23
N PRO G 350 5.08 -32.17 13.02
CA PRO G 350 5.08 -33.58 12.63
C PRO G 350 6.44 -34.14 12.32
N TYR G 351 7.51 -33.34 12.43
CA TYR G 351 8.88 -33.82 12.22
C TYR G 351 9.60 -34.05 13.55
N ARG G 352 9.47 -33.13 14.51
CA ARG G 352 9.95 -33.34 15.87
C ARG G 352 8.96 -34.13 16.72
N LEU G 353 7.71 -34.28 16.28
CA LEU G 353 6.68 -34.93 17.05
C LEU G 353 6.56 -34.32 18.43
N LYS G 354 6.40 -32.99 18.47
CA LYS G 354 6.25 -32.23 19.69
C LYS G 354 5.08 -31.27 19.52
N ARG G 355 4.38 -31.01 20.63
CA ARG G 355 3.24 -30.11 20.62
C ARG G 355 3.74 -28.68 20.72
N ILE G 356 3.23 -27.81 19.84
CA ILE G 356 3.66 -26.43 19.79
C ILE G 356 2.51 -25.46 19.97
N GLY G 357 1.30 -25.96 20.28
CA GLY G 357 0.16 -25.10 20.57
C GLY G 357 -1.01 -25.92 21.02
N SER G 358 -1.91 -25.32 21.79
CA SER G 358 -3.11 -26.00 22.25
C SER G 358 -4.17 -24.96 22.55
N LEU G 359 -5.14 -24.83 21.69
CA LEU G 359 -6.16 -23.79 21.79
C LEU G 359 -7.43 -24.31 22.45
N PRO G 360 -8.12 -23.51 23.26
CA PRO G 360 -9.35 -23.97 23.86
C PRO G 360 -10.46 -24.10 22.81
N ALA G 361 -11.28 -25.14 22.98
CA ALA G 361 -12.42 -25.32 22.09
C ALA G 361 -13.49 -26.11 22.83
N ARG G 362 -14.74 -25.91 22.43
CA ARG G 362 -15.88 -26.57 23.07
C ARG G 362 -16.16 -27.86 22.30
N SER G 363 -15.83 -29.00 22.91
CA SER G 363 -15.96 -30.31 22.27
C SER G 363 -15.55 -30.24 20.82
N PRO G 364 -14.27 -29.97 20.52
CA PRO G 364 -13.83 -29.91 19.14
C PRO G 364 -13.90 -31.28 18.45
N SER G 365 -14.23 -31.24 17.16
CA SER G 365 -14.24 -32.44 16.33
C SER G 365 -13.48 -32.21 15.03
N GLY G 366 -14.19 -31.90 13.93
CA GLY G 366 -13.54 -31.76 12.66
C GLY G 366 -12.77 -30.47 12.58
N ILE G 367 -11.55 -30.57 12.02
CA ILE G 367 -10.68 -29.40 11.76
C ILE G 367 -10.33 -29.42 10.27
N PHE G 368 -10.64 -28.31 9.58
CA PHE G 368 -10.51 -28.21 8.13
C PHE G 368 -9.78 -26.95 7.77
N PHE G 369 -8.70 -27.07 6.97
CA PHE G 369 -7.91 -25.92 6.56
C PHE G 369 -8.10 -25.61 5.12
N SER G 370 -8.05 -24.31 4.80
CA SER G 370 -8.57 -23.76 3.54
C SER G 370 -7.80 -24.23 2.33
N HIS G 371 -6.64 -24.84 2.47
CA HIS G 371 -5.94 -25.31 1.29
C HIS G 371 -6.67 -26.46 0.64
N ARG G 372 -7.76 -26.95 1.22
CA ARG G 372 -8.62 -27.91 0.55
C ARG G 372 -9.32 -27.28 -0.65
N ALA G 373 -9.44 -25.96 -0.69
CA ALA G 373 -10.18 -25.29 -1.75
C ALA G 373 -9.59 -25.55 -3.12
N GLN G 374 -8.31 -25.96 -3.19
CA GLN G 374 -7.64 -26.11 -4.46
CA GLN G 374 -7.59 -26.12 -4.43
C GLN G 374 -7.53 -27.56 -4.93
N HIS G 375 -8.05 -28.51 -4.15
CA HIS G 375 -7.94 -29.93 -4.47
C HIS G 375 -9.30 -30.51 -4.83
N ILE G 376 -9.39 -31.17 -5.99
CA ILE G 376 -10.55 -31.98 -6.32
C ILE G 376 -10.77 -32.99 -5.20
N GLY G 377 -12.06 -33.18 -4.82
CA GLY G 377 -12.42 -34.13 -3.80
C GLY G 377 -12.39 -33.62 -2.38
N LEU G 378 -11.90 -32.41 -2.15
CA LEU G 378 -11.76 -31.87 -0.80
C LEU G 378 -12.50 -30.53 -0.66
N PRO H 7 14.35 68.78 -1.56
CA PRO H 7 15.69 68.76 -0.96
C PRO H 7 16.78 69.22 -1.93
N PRO H 8 18.03 69.23 -1.49
CA PRO H 8 19.12 69.77 -2.33
C PRO H 8 19.41 68.86 -3.52
N LEU H 9 20.21 69.41 -4.45
CA LEU H 9 20.65 68.64 -5.59
C LEU H 9 21.42 67.40 -5.13
N ARG H 10 21.24 66.30 -5.87
CA ARG H 10 22.02 65.09 -5.62
C ARG H 10 21.84 64.15 -6.79
N GLY H 11 22.75 63.21 -6.91
CA GLY H 11 22.65 62.18 -7.91
C GLY H 11 21.73 61.06 -7.48
N SER H 12 21.26 60.31 -8.46
CA SER H 12 20.36 59.19 -8.23
C SER H 12 21.04 57.85 -8.36
N GLY H 13 22.35 57.83 -8.66
CA GLY H 13 23.01 56.57 -8.98
C GLY H 13 23.25 55.67 -7.78
N ASP H 14 23.15 56.21 -6.56
CA ASP H 14 23.44 55.44 -5.35
C ASP H 14 22.25 55.37 -4.42
N LEU H 15 21.04 55.65 -4.88
CA LEU H 15 19.88 55.69 -4.03
C LEU H 15 19.31 54.31 -3.80
N GLY H 16 19.00 53.99 -2.56
CA GLY H 16 18.36 52.73 -2.22
C GLY H 16 16.97 52.97 -1.66
N VAL H 17 16.09 52.00 -1.85
CA VAL H 17 14.77 52.01 -1.26
C VAL H 17 14.61 50.77 -0.37
N LEU H 18 14.32 50.99 0.90
CA LEU H 18 14.12 49.92 1.87
C LEU H 18 12.63 49.79 2.17
N ILE H 19 12.13 48.57 2.11
CA ILE H 19 10.72 48.29 2.43
C ILE H 19 10.60 48.05 3.91
N GLU H 20 9.79 48.87 4.59
CA GLU H 20 9.44 48.67 5.98
C GLU H 20 8.05 48.04 5.99
N ARG H 21 8.00 46.73 6.20
CA ARG H 21 6.82 45.94 5.86
C ARG H 21 5.72 46.00 6.90
N ALA H 22 5.94 46.65 8.03
CA ALA H 22 4.95 46.65 9.11
C ALA H 22 4.09 47.90 9.15
N ASP H 23 4.60 49.03 8.66
CA ASP H 23 3.92 50.31 8.80
C ASP H 23 3.59 50.96 7.47
N GLY H 24 3.60 50.21 6.38
CA GLY H 24 3.35 50.76 5.07
C GLY H 24 4.24 51.93 4.73
N SER H 25 5.54 51.81 4.96
CA SER H 25 6.49 52.90 4.76
C SER H 25 7.76 52.37 4.14
N VAL H 26 8.54 53.28 3.55
CA VAL H 26 9.83 52.96 2.97
C VAL H 26 10.81 54.05 3.36
N GLN H 27 12.11 53.68 3.34
CA GLN H 27 13.19 54.60 3.57
C GLN H 27 13.99 54.78 2.30
N ILE H 28 14.42 56.00 2.04
CA ILE H 28 15.27 56.33 0.90
C ILE H 28 16.68 56.51 1.43
N LEU H 29 17.64 55.82 0.84
CA LEU H 29 18.98 55.71 1.42
C LEU H 29 20.03 56.30 0.52
N ASP H 30 21.00 56.99 1.11
CA ASP H 30 22.18 57.50 0.39
C ASP H 30 23.24 56.40 0.45
N GLY H 31 23.48 55.73 -0.67
CA GLY H 31 24.41 54.64 -0.65
C GLY H 31 25.84 55.05 -0.38
N THR H 32 26.27 56.18 -0.94
CA THR H 32 27.65 56.61 -0.75
C THR H 32 27.87 57.07 0.70
N ALA H 33 26.97 57.88 1.23
CA ALA H 33 27.10 58.34 2.61
C ALA H 33 26.68 57.27 3.62
N LYS H 34 26.03 56.21 3.19
CA LYS H 34 25.52 55.17 4.08
C LYS H 34 24.64 55.75 5.15
N THR H 35 23.70 56.59 4.73
CA THR H 35 22.74 57.19 5.65
C THR H 35 21.33 57.12 5.06
N SER H 36 20.36 57.49 5.87
CA SER H 36 18.97 57.54 5.46
C SER H 36 18.62 58.97 5.09
N LEU H 37 18.07 59.17 3.90
CA LEU H 37 17.64 60.48 3.47
C LEU H 37 16.23 60.81 3.94
N ALA H 38 15.31 59.85 3.93
CA ALA H 38 13.93 60.14 4.29
C ALA H 38 13.19 58.86 4.51
N ARG H 39 12.08 58.95 5.24
CA ARG H 39 11.04 57.92 5.28
C ARG H 39 9.80 58.49 4.62
N VAL H 40 9.18 57.71 3.75
CA VAL H 40 7.94 58.07 3.07
C VAL H 40 6.88 57.08 3.52
N GLU H 41 5.78 57.59 4.04
CA GLU H 41 4.70 56.76 4.58
C GLU H 41 3.52 56.76 3.64
N GLY H 42 2.54 55.89 3.95
CA GLY H 42 1.30 55.86 3.22
C GLY H 42 1.27 54.94 2.01
N LEU H 43 2.04 53.85 2.03
CA LEU H 43 2.00 52.87 0.95
C LEU H 43 1.17 51.65 1.30
N GLY H 44 0.41 51.67 2.39
CA GLY H 44 -0.53 50.63 2.67
C GLY H 44 0.15 49.34 3.12
N ASP H 45 -0.22 48.24 2.48
CA ASP H 45 0.20 46.89 2.92
C ASP H 45 1.48 46.49 2.19
N LEU H 46 2.63 46.67 2.84
CA LEU H 46 3.90 46.22 2.33
C LEU H 46 4.37 44.96 3.04
N SER H 47 3.46 44.18 3.61
CA SER H 47 3.82 42.90 4.22
C SER H 47 4.59 42.04 3.24
N HIS H 48 4.29 42.16 1.96
CA HIS H 48 5.11 41.62 0.89
C HIS H 48 5.11 42.65 -0.24
N ALA H 49 6.28 42.93 -0.79
CA ALA H 49 6.37 43.98 -1.79
C ALA H 49 7.63 43.83 -2.61
N SER H 50 7.60 44.43 -3.80
CA SER H 50 8.75 44.50 -4.69
C SER H 50 8.71 45.86 -5.39
N LEU H 51 9.77 46.19 -6.12
CA LEU H 51 9.78 47.46 -6.81
C LEU H 51 10.75 47.42 -8.01
N VAL H 52 10.53 48.36 -8.95
CA VAL H 52 11.41 48.60 -10.04
C VAL H 52 11.65 50.10 -10.16
N PHE H 53 12.74 50.48 -10.82
CA PHE H 53 13.15 51.86 -10.97
C PHE H 53 12.90 52.35 -12.38
N SER H 54 12.51 53.62 -12.52
CA SER H 54 12.42 54.26 -13.82
C SER H 54 13.83 54.40 -14.41
N ARG H 55 13.88 54.66 -15.72
CA ARG H 55 15.14 54.62 -16.44
C ARG H 55 16.04 55.77 -16.13
N ASP H 56 15.51 56.87 -15.59
CA ASP H 56 16.33 57.98 -15.09
C ASP H 56 16.69 57.80 -13.63
N GLN H 57 16.15 56.78 -12.97
CA GLN H 57 16.43 56.42 -11.58
C GLN H 57 15.83 57.40 -10.59
N ARG H 58 14.96 58.31 -11.03
CA ARG H 58 14.34 59.24 -10.10
C ARG H 58 13.14 58.63 -9.37
N TYR H 59 12.47 57.67 -9.96
CA TYR H 59 11.26 57.11 -9.39
C TYR H 59 11.40 55.61 -9.15
N ALA H 60 10.73 55.14 -8.11
CA ALA H 60 10.54 53.71 -7.84
C ALA H 60 9.06 53.37 -7.93
N TYR H 61 8.75 52.22 -8.50
CA TYR H 61 7.39 51.73 -8.61
C TYR H 61 7.25 50.55 -7.66
N VAL H 62 6.61 50.78 -6.54
CA VAL H 62 6.46 49.76 -5.49
C VAL H 62 5.15 49.02 -5.70
N PHE H 63 5.22 47.69 -5.66
CA PHE H 63 4.07 46.82 -5.78
C PHE H 63 3.80 46.19 -4.43
N GLY H 64 2.61 46.43 -3.88
CA GLY H 64 2.27 45.99 -2.55
C GLY H 64 1.27 44.84 -2.53
N ARG H 65 1.18 44.20 -1.35
CA ARG H 65 0.28 43.07 -1.19
C ARG H 65 -1.17 43.47 -1.39
N ASP H 66 -1.50 44.74 -1.12
CA ASP H 66 -2.85 45.26 -1.28
C ASP H 66 -3.20 45.56 -2.72
N GLY H 67 -2.36 45.16 -3.67
CA GLY H 67 -2.56 45.55 -5.05
C GLY H 67 -2.20 46.98 -5.36
N GLY H 68 -1.51 47.65 -4.44
CA GLY H 68 -1.15 49.04 -4.65
C GLY H 68 0.06 49.18 -5.54
N LEU H 69 0.04 50.23 -6.35
CA LEU H 69 1.14 50.56 -7.27
C LEU H 69 1.51 52.02 -7.02
N THR H 70 2.67 52.24 -6.40
CA THR H 70 3.07 53.55 -5.95
C THR H 70 4.27 54.03 -6.77
N LYS H 71 4.12 55.18 -7.41
CA LYS H 71 5.24 55.86 -8.08
C LYS H 71 5.89 56.79 -7.06
N LEU H 72 6.96 56.34 -6.44
CA LEU H 72 7.62 57.07 -5.36
C LEU H 72 8.73 57.92 -5.94
N ASP H 73 8.75 59.20 -5.56
CA ASP H 73 9.75 60.17 -6.04
C ASP H 73 10.89 60.22 -5.05
N LEU H 74 12.03 59.65 -5.43
CA LEU H 74 13.15 59.51 -4.52
C LEU H 74 13.94 60.81 -4.36
N LEU H 75 13.80 61.76 -5.29
CA LEU H 75 14.53 63.04 -5.19
C LEU H 75 13.69 64.09 -4.47
N ALA H 76 12.38 64.11 -4.71
CA ALA H 76 11.49 64.93 -3.91
C ALA H 76 11.04 64.22 -2.64
N GLN H 77 11.37 62.94 -2.49
CA GLN H 77 11.07 62.17 -1.28
C GLN H 77 9.58 62.26 -0.95
N ARG H 78 8.75 61.80 -1.87
CA ARG H 78 7.31 61.88 -1.71
C ARG H 78 6.64 60.93 -2.69
N ILE H 79 5.38 60.63 -2.41
CA ILE H 79 4.54 59.86 -3.30
C ILE H 79 4.11 60.76 -4.46
N ASP H 80 4.50 60.39 -5.68
CA ASP H 80 4.09 61.15 -6.85
C ASP H 80 2.72 60.71 -7.34
N LYS H 81 2.53 59.39 -7.54
CA LYS H 81 1.25 58.81 -7.89
C LYS H 81 1.10 57.48 -7.16
N ARG H 82 -0.14 57.17 -6.77
CA ARG H 82 -0.46 55.88 -6.18
C ARG H 82 -1.82 55.45 -6.65
N LEU H 83 -1.98 54.13 -6.86
CA LEU H 83 -3.28 53.55 -7.13
C LEU H 83 -3.35 52.19 -6.44
N ILE H 84 -4.58 51.77 -6.11
CA ILE H 84 -4.83 50.52 -5.42
C ILE H 84 -5.82 49.72 -6.27
N GLN H 85 -5.44 48.50 -6.65
CA GLN H 85 -6.31 47.60 -7.37
C GLN H 85 -6.21 46.22 -6.72
N GLY H 86 -7.22 45.87 -5.92
CA GLY H 86 -7.27 44.55 -5.32
C GLY H 86 -7.16 43.45 -6.34
N GLY H 87 -6.54 42.34 -5.97
CA GLY H 87 -6.26 41.28 -6.89
C GLY H 87 -4.95 41.38 -7.63
N ASN H 88 -4.32 42.56 -7.65
CA ASN H 88 -3.01 42.70 -8.26
C ASN H 88 -1.95 42.03 -7.39
N SER H 89 -0.95 41.46 -8.03
CA SER H 89 0.16 40.83 -7.37
C SER H 89 1.34 41.80 -7.32
N ILE H 90 2.37 41.41 -6.56
CA ILE H 90 3.62 42.16 -6.54
C ILE H 90 4.51 41.57 -7.62
N GLY H 91 5.78 41.99 -7.65
CA GLY H 91 6.69 41.49 -8.66
C GLY H 91 6.42 42.03 -10.04
N GLY H 92 6.01 43.28 -10.14
CA GLY H 92 5.81 43.90 -11.45
C GLY H 92 7.15 44.21 -12.12
N ALA H 93 7.04 44.59 -13.40
CA ALA H 93 8.20 44.85 -14.22
C ALA H 93 7.99 46.13 -15.02
N ILE H 94 9.09 46.65 -15.55
CA ILE H 94 9.08 47.89 -16.33
C ILE H 94 9.72 47.62 -17.68
N SER H 95 9.22 48.30 -18.71
CA SER H 95 9.56 47.97 -20.08
C SER H 95 10.96 48.45 -20.46
N GLN H 96 11.43 47.99 -21.60
CA GLN H 96 12.80 48.26 -22.03
C GLN H 96 13.03 49.74 -22.26
N ASP H 97 12.07 50.43 -22.87
CA ASP H 97 12.17 51.87 -23.06
C ASP H 97 11.67 52.67 -21.85
N GLY H 98 11.18 51.99 -20.81
CA GLY H 98 10.82 52.64 -19.56
C GLY H 98 9.46 53.31 -19.54
N ARG H 99 8.67 53.20 -20.61
CA ARG H 99 7.39 53.89 -20.68
C ARG H 99 6.23 53.06 -20.16
N LEU H 100 6.42 51.79 -19.87
CA LEU H 100 5.33 50.91 -19.50
C LEU H 100 5.67 50.10 -18.26
N VAL H 101 4.72 50.01 -17.35
CA VAL H 101 4.85 49.27 -16.08
C VAL H 101 3.78 48.20 -16.08
N ALA H 102 4.19 46.94 -15.94
CA ALA H 102 3.28 45.80 -15.95
C ALA H 102 3.16 45.18 -14.57
N VAL H 103 1.92 44.84 -14.20
CA VAL H 103 1.61 44.20 -12.94
C VAL H 103 0.69 43.02 -13.22
N SER H 104 0.99 41.87 -12.64
CA SER H 104 0.17 40.68 -12.86
C SER H 104 -1.05 40.70 -11.96
N ASN H 105 -2.05 39.92 -12.35
CA ASN H 105 -3.33 39.81 -11.64
C ASN H 105 -3.53 38.38 -11.17
N TYR H 106 -4.08 38.22 -9.98
CA TYR H 106 -4.55 36.89 -9.55
C TYR H 106 -6.06 36.85 -9.40
N GLU H 107 -6.75 37.98 -9.58
CA GLU H 107 -8.21 38.04 -9.61
C GLU H 107 -8.63 39.18 -10.52
N PRO H 108 -9.26 38.91 -11.67
CA PRO H 108 -9.67 37.60 -12.20
C PRO H 108 -8.53 36.76 -12.71
N GLY H 109 -7.36 37.37 -12.85
CA GLY H 109 -6.22 36.70 -13.46
C GLY H 109 -5.86 37.34 -14.78
N GLY H 110 -4.61 37.79 -14.94
CA GLY H 110 -4.20 38.45 -16.15
C GLY H 110 -3.00 39.34 -15.89
N VAL H 111 -2.84 40.35 -16.75
CA VAL H 111 -1.76 41.30 -16.63
C VAL H 111 -2.29 42.68 -17.04
N LYS H 112 -2.01 43.69 -16.23
CA LYS H 112 -2.35 45.07 -16.54
C LYS H 112 -1.07 45.86 -16.73
N VAL H 113 -1.07 46.77 -17.71
CA VAL H 113 0.09 47.56 -18.09
C VAL H 113 -0.28 49.03 -18.03
N PHE H 114 0.55 49.84 -17.37
CA PHE H 114 0.28 51.24 -17.14
C PHE H 114 1.37 52.11 -17.74
N ASP H 115 1.05 53.39 -17.94
CA ASP H 115 2.01 54.37 -18.41
C ASP H 115 2.90 54.80 -17.25
N SER H 116 4.20 54.85 -17.48
CA SER H 116 5.15 55.12 -16.41
C SER H 116 5.02 56.53 -15.85
N ARG H 117 4.46 57.47 -16.60
CA ARG H 117 4.41 58.85 -16.16
C ARG H 117 3.12 59.17 -15.42
N THR H 118 1.97 58.69 -15.91
CA THR H 118 0.66 59.02 -15.33
C THR H 118 0.03 57.86 -14.59
N LEU H 119 0.54 56.65 -14.74
CA LEU H 119 -0.07 55.44 -14.21
C LEU H 119 -1.42 55.14 -14.84
N GLU H 120 -1.80 55.86 -15.90
CA GLU H 120 -3.05 55.56 -16.61
C GLU H 120 -2.95 54.19 -17.27
N LEU H 121 -4.07 53.49 -17.31
CA LEU H 121 -4.09 52.15 -17.89
C LEU H 121 -3.80 52.23 -19.37
N VAL H 122 -3.02 51.25 -19.87
CA VAL H 122 -2.70 51.15 -21.29
C VAL H 122 -3.25 49.86 -21.88
N ALA H 123 -3.13 48.73 -21.19
CA ALA H 123 -3.52 47.45 -21.76
C ALA H 123 -3.95 46.49 -20.67
N GLU H 124 -5.09 45.84 -20.87
CA GLU H 124 -5.56 44.76 -20.03
C GLU H 124 -5.45 43.47 -20.84
N ILE H 125 -4.70 42.51 -20.32
CA ILE H 125 -4.53 41.21 -20.95
C ILE H 125 -5.11 40.16 -20.01
N PRO H 126 -6.33 39.69 -20.26
CA PRO H 126 -6.89 38.65 -19.40
C PRO H 126 -6.30 37.29 -19.71
N ALA H 127 -6.10 36.51 -18.66
CA ALA H 127 -5.54 35.18 -18.80
C ALA H 127 -6.59 34.22 -19.36
N THR H 128 -6.19 32.96 -19.53
CA THR H 128 -7.11 31.95 -20.05
C THR H 128 -8.27 31.73 -19.10
N ARG H 129 -9.49 31.88 -19.60
CA ARG H 129 -10.66 31.55 -18.81
C ARG H 129 -10.62 30.08 -18.43
N LEU H 130 -10.95 29.79 -17.18
CA LEU H 130 -10.90 28.42 -16.71
C LEU H 130 -12.19 27.69 -17.11
N PRO H 131 -12.11 26.46 -17.65
CA PRO H 131 -13.32 25.78 -18.10
C PRO H 131 -14.19 25.32 -16.94
N GLY H 132 -14.95 26.26 -16.38
CA GLY H 132 -15.78 25.97 -15.22
C GLY H 132 -16.12 27.19 -14.42
N GLN H 133 -15.10 27.87 -13.91
CA GLN H 133 -15.29 28.95 -12.96
C GLN H 133 -15.67 30.25 -13.68
N ASP H 134 -15.81 31.33 -12.90
CA ASP H 134 -16.06 32.65 -13.44
C ASP H 134 -14.79 33.46 -13.64
N ARG H 135 -13.62 32.87 -13.41
CA ARG H 135 -12.36 33.61 -13.44
C ARG H 135 -11.35 32.89 -14.32
N ASN H 136 -10.18 33.52 -14.47
CA ASN H 136 -9.11 33.03 -15.31
C ASN H 136 -8.00 32.39 -14.47
N SER H 137 -6.99 31.88 -15.15
CA SER H 137 -5.82 31.37 -14.44
C SER H 137 -5.09 32.51 -13.72
N ARG H 138 -4.49 32.18 -12.58
CA ARG H 138 -3.56 33.10 -11.94
C ARG H 138 -2.37 33.31 -12.86
N VAL H 139 -1.86 34.55 -12.89
CA VAL H 139 -0.63 34.87 -13.62
C VAL H 139 0.50 34.97 -12.61
N VAL H 140 1.62 34.32 -12.91
CA VAL H 140 2.79 34.33 -12.04
C VAL H 140 4.04 34.39 -12.90
N GLY H 141 5.10 34.98 -12.36
CA GLY H 141 6.38 35.03 -13.03
C GLY H 141 6.43 36.04 -14.14
N LEU H 142 6.03 37.27 -13.83
CA LEU H 142 6.05 38.34 -14.84
C LEU H 142 7.42 38.98 -14.90
N VAL H 143 7.94 39.17 -16.11
CA VAL H 143 9.27 39.77 -16.30
C VAL H 143 9.24 40.63 -17.54
N ASP H 144 10.11 41.62 -17.57
CA ASP H 144 10.39 42.37 -18.79
C ASP H 144 11.48 41.65 -19.58
N ALA H 145 11.43 41.80 -20.91
CA ALA H 145 12.39 41.14 -21.79
C ALA H 145 12.80 42.11 -22.88
N PRO H 146 13.93 41.86 -23.53
CA PRO H 146 14.35 42.73 -24.63
C PRO H 146 13.33 42.71 -25.76
N GLY H 147 13.38 43.75 -26.59
CA GLY H 147 12.41 43.90 -27.65
C GLY H 147 11.08 44.45 -27.21
N GLN H 148 11.00 45.09 -26.05
CA GLN H 148 9.77 45.69 -25.56
C GLN H 148 8.69 44.64 -25.34
N ARG H 149 9.03 43.61 -24.55
CA ARG H 149 8.14 42.50 -24.29
C ARG H 149 7.93 42.31 -22.80
N PHE H 150 6.77 41.76 -22.44
CA PHE H 150 6.51 41.23 -21.11
C PHE H 150 6.20 39.75 -21.24
N VAL H 151 6.77 38.92 -20.36
CA VAL H 151 6.64 37.49 -20.43
C VAL H 151 6.13 36.99 -19.09
N PHE H 152 5.06 36.20 -19.09
CA PHE H 152 4.46 35.71 -17.85
C PHE H 152 3.92 34.31 -18.05
N SER H 153 3.71 33.62 -16.94
CA SER H 153 3.20 32.26 -16.92
C SER H 153 1.79 32.24 -16.34
N LEU H 154 1.00 31.23 -16.77
CA LEU H 154 -0.37 31.05 -16.28
C LEU H 154 -0.40 29.81 -15.41
N PHE H 155 -0.59 30.02 -14.10
CA PHE H 155 -0.43 28.94 -13.12
C PHE H 155 -1.41 27.82 -13.39
N ASP H 156 -2.71 28.12 -13.37
CA ASP H 156 -3.72 27.08 -13.50
C ASP H 156 -3.69 26.43 -14.87
N SER H 157 -3.45 27.21 -15.92
CA SER H 157 -3.56 26.70 -17.30
C SER H 157 -2.30 25.97 -17.76
N GLY H 158 -1.14 26.33 -17.21
CA GLY H 158 0.12 25.78 -17.69
C GLY H 158 0.52 26.38 -19.02
N GLU H 159 0.55 27.71 -19.10
CA GLU H 159 0.86 28.42 -20.32
C GLU H 159 1.91 29.51 -20.07
N ILE H 160 2.70 29.80 -21.10
CA ILE H 160 3.63 30.92 -21.10
C ILE H 160 3.19 31.85 -22.21
N TRP H 161 2.96 33.12 -21.88
CA TRP H 161 2.58 34.13 -22.83
C TRP H 161 3.69 35.16 -23.02
N ILE H 162 3.76 35.73 -24.22
CA ILE H 162 4.62 36.84 -24.53
C ILE H 162 3.73 37.98 -25.02
N ALA H 163 3.78 39.11 -24.33
CA ALA H 163 3.08 40.32 -24.75
C ALA H 163 4.10 41.26 -25.37
N ASP H 164 3.85 41.67 -26.60
CA ASP H 164 4.81 42.44 -27.39
C ASP H 164 4.22 43.82 -27.68
N PHE H 165 4.78 44.84 -27.04
CA PHE H 165 4.35 46.22 -27.27
C PHE H 165 5.26 46.95 -28.26
N SER H 166 6.01 46.22 -29.10
CA SER H 166 6.88 46.85 -30.08
C SER H 166 6.08 47.78 -31.00
N GLN H 167 4.86 47.39 -31.36
CA GLN H 167 4.07 48.13 -32.33
C GLN H 167 3.15 49.17 -31.69
N GLY H 168 2.96 49.14 -30.38
CA GLY H 168 2.19 50.18 -29.73
C GLY H 168 1.49 49.64 -28.50
N ASP H 169 0.42 50.33 -28.12
CA ASP H 169 -0.31 50.01 -26.89
C ASP H 169 -1.04 48.68 -26.97
N THR H 170 -1.35 48.19 -28.18
CA THR H 170 -2.05 46.93 -28.33
C THR H 170 -1.02 45.83 -28.52
N PRO H 171 -0.82 44.94 -27.55
CA PRO H 171 0.24 43.94 -27.67
C PRO H 171 -0.10 42.82 -28.64
N HIS H 172 0.95 42.26 -29.22
CA HIS H 172 0.86 41.03 -30.02
C HIS H 172 1.23 39.87 -29.10
N LEU H 173 0.27 38.99 -28.84
CA LEU H 173 0.43 37.92 -27.86
C LEU H 173 0.79 36.61 -28.52
N THR H 174 1.75 35.90 -27.92
CA THR H 174 2.16 34.57 -28.35
C THR H 174 1.93 33.63 -27.19
N ARG H 175 1.14 32.59 -27.40
CA ARG H 175 0.72 31.70 -26.33
C ARG H 175 1.33 30.32 -26.51
N PHE H 176 1.97 29.82 -25.46
CA PHE H 176 2.54 28.49 -25.43
C PHE H 176 1.78 27.67 -24.40
N ARG H 177 1.09 26.63 -24.85
CA ARG H 177 0.23 25.80 -24.02
C ARG H 177 0.90 24.46 -23.75
N ASP H 178 0.37 23.73 -22.78
CA ASP H 178 0.92 22.44 -22.38
C ASP H 178 2.41 22.54 -22.09
N ILE H 179 2.80 23.58 -21.35
CA ILE H 179 4.21 23.78 -21.01
C ILE H 179 4.64 23.00 -19.77
N GLY H 180 3.70 22.43 -19.03
CA GLY H 180 3.98 21.81 -17.76
C GLY H 180 2.90 22.21 -16.76
N LYS H 181 2.80 21.45 -15.68
CA LYS H 181 1.70 21.59 -14.73
C LYS H 181 2.02 22.63 -13.67
N GLN H 182 1.10 23.59 -13.50
CA GLN H 182 1.15 24.57 -12.44
C GLN H 182 2.51 25.25 -12.32
N PRO H 183 2.88 26.09 -13.27
CA PRO H 183 4.07 26.93 -13.09
C PRO H 183 3.79 28.03 -12.09
N TYR H 184 4.64 28.11 -11.06
CA TYR H 184 4.37 28.99 -9.93
C TYR H 184 5.21 30.26 -9.92
N ASP H 185 6.32 30.30 -10.66
CA ASP H 185 7.23 31.43 -10.64
C ASP H 185 8.09 31.34 -11.89
N ALA H 186 8.86 32.38 -12.15
CA ALA H 186 9.74 32.37 -13.32
C ALA H 186 10.82 33.41 -13.16
N LEU H 187 11.93 33.17 -13.88
CA LEU H 187 13.01 34.13 -13.99
C LEU H 187 13.33 34.33 -15.46
N ILE H 188 14.08 35.40 -15.74
CA ILE H 188 14.67 35.65 -17.04
C ILE H 188 16.17 35.74 -16.84
N SER H 189 16.94 35.05 -17.67
CA SER H 189 18.38 35.05 -17.53
C SER H 189 18.91 36.47 -17.58
N PRO H 190 20.08 36.72 -16.99
CA PRO H 190 20.63 38.11 -16.99
C PRO H 190 20.80 38.70 -18.39
N ASP H 191 21.18 37.87 -19.38
CA ASP H 191 21.35 38.39 -20.72
C ASP H 191 20.02 38.72 -21.40
N GLY H 192 18.90 38.34 -20.81
CA GLY H 192 17.59 38.61 -21.39
C GLY H 192 17.16 37.63 -22.46
N ARG H 193 17.81 36.48 -22.59
CA ARG H 193 17.50 35.54 -23.65
C ARG H 193 16.55 34.42 -23.22
N TYR H 194 16.76 33.84 -22.04
CA TYR H 194 16.02 32.63 -21.64
C TYR H 194 15.05 32.94 -20.52
N TYR H 195 13.80 32.53 -20.71
CA TYR H 195 12.74 32.62 -19.72
C TYR H 195 12.51 31.24 -19.16
N MET H 196 12.54 31.11 -17.83
CA MET H 196 12.43 29.81 -17.16
C MET H 196 11.36 29.87 -16.10
N ALA H 197 10.36 29.01 -16.20
CA ALA H 197 9.26 28.94 -15.24
C ALA H 197 9.38 27.67 -14.43
N GLY H 198 9.35 27.79 -13.12
CA GLY H 198 9.38 26.62 -12.26
C GLY H 198 8.00 26.02 -12.10
N LEU H 199 7.96 24.68 -12.06
CA LEU H 199 6.73 23.93 -12.07
C LEU H 199 6.42 23.39 -10.68
N PHE H 200 5.19 23.62 -10.21
CA PHE H 200 4.70 23.09 -8.95
C PHE H 200 3.90 21.81 -9.12
N GLY H 201 3.14 21.68 -10.21
CA GLY H 201 2.38 20.49 -10.48
C GLY H 201 3.21 19.29 -10.92
N GLU H 202 4.46 19.52 -11.29
CA GLU H 202 5.36 18.45 -11.68
C GLU H 202 6.78 18.99 -11.59
N ASP H 203 7.75 18.07 -11.50
CA ASP H 203 9.14 18.45 -11.37
C ASP H 203 9.67 19.03 -12.69
N GLY H 204 10.65 19.92 -12.58
CA GLY H 204 11.34 20.48 -13.72
C GLY H 204 10.98 21.93 -13.96
N MET H 205 11.61 22.48 -15.00
CA MET H 205 11.45 23.86 -15.40
C MET H 205 11.13 23.95 -16.88
N ALA H 206 10.29 24.90 -17.25
CA ALA H 206 9.94 25.15 -18.63
C ALA H 206 10.77 26.31 -19.15
N GLN H 207 11.67 26.03 -20.09
CA GLN H 207 12.56 27.02 -20.65
C GLN H 207 12.06 27.51 -22.01
N LEU H 208 12.16 28.81 -22.23
CA LEU H 208 11.76 29.44 -23.48
C LEU H 208 12.89 30.30 -23.99
N ASP H 209 13.31 30.07 -25.24
CA ASP H 209 14.37 30.85 -25.87
C ASP H 209 13.72 32.08 -26.52
N LEU H 210 13.81 33.21 -25.87
CA LEU H 210 13.17 34.43 -26.37
C LEU H 210 13.75 34.90 -27.69
N TRP H 211 14.97 34.46 -28.05
CA TRP H 211 15.51 34.76 -29.37
C TRP H 211 14.79 33.99 -30.45
N HIS H 212 14.30 32.79 -30.13
CA HIS H 212 13.70 31.88 -31.10
C HIS H 212 12.38 31.36 -30.54
N PRO H 213 11.37 32.23 -30.43
CA PRO H 213 10.06 31.78 -29.93
C PRO H 213 9.40 30.77 -30.83
N GLU H 214 9.79 30.72 -32.11
CA GLU H 214 9.19 29.74 -33.03
C GLU H 214 9.51 28.32 -32.60
N ARG H 215 10.62 28.12 -31.87
CA ARG H 215 11.01 26.80 -31.42
C ARG H 215 10.17 26.31 -30.26
N GLY H 216 9.51 27.21 -29.54
CA GLY H 216 8.61 26.82 -28.48
C GLY H 216 9.30 26.50 -27.18
N VAL H 217 8.49 26.10 -26.21
CA VAL H 217 8.98 25.85 -24.85
C VAL H 217 9.67 24.49 -24.80
N ARG H 218 10.60 24.35 -23.86
CA ARG H 218 11.45 23.18 -23.75
C ARG H 218 11.66 22.86 -22.27
N ARG H 219 11.60 21.58 -21.93
CA ARG H 219 11.75 21.12 -20.55
C ARG H 219 13.22 20.95 -20.21
N VAL H 220 13.62 21.49 -19.05
CA VAL H 220 15.01 21.43 -18.61
C VAL H 220 15.06 21.21 -17.10
N LEU H 221 16.17 20.69 -16.63
CA LEU H 221 16.38 20.44 -15.21
C LEU H 221 15.20 19.68 -14.62
N GLY H 222 14.88 18.55 -15.24
CA GLY H 222 13.68 17.78 -14.89
C GLY H 222 13.65 17.24 -13.49
N ASP H 223 14.77 17.28 -12.77
CA ASP H 223 14.85 16.76 -11.40
C ASP H 223 14.63 17.84 -10.35
N TYR H 224 14.36 19.07 -10.75
CA TYR H 224 14.22 20.20 -9.82
C TYR H 224 12.76 20.39 -9.47
N GLY H 225 12.42 20.16 -8.19
CA GLY H 225 11.05 20.31 -7.75
C GLY H 225 10.80 19.48 -6.50
N ARG H 226 9.53 19.46 -6.09
CA ARG H 226 9.15 18.70 -4.90
C ARG H 226 9.04 17.21 -5.20
N GLY H 227 8.50 16.87 -6.36
CA GLY H 227 8.34 15.47 -6.74
C GLY H 227 7.33 14.74 -5.90
N GLN H 228 7.76 13.63 -5.27
CA GLN H 228 6.86 12.82 -4.47
C GLN H 228 6.37 13.56 -3.23
N ARG H 229 7.14 14.53 -2.75
CA ARG H 229 6.79 15.22 -1.51
C ARG H 229 5.56 16.09 -1.70
N LYS H 230 4.71 16.14 -0.67
CA LYS H 230 3.50 16.96 -0.68
C LYS H 230 3.82 18.32 -0.04
N LEU H 231 4.55 19.15 -0.80
CA LEU H 231 4.90 20.50 -0.33
C LEU H 231 3.91 21.52 -0.84
N PRO H 232 3.61 22.57 -0.08
CA PRO H 232 2.73 23.63 -0.60
C PRO H 232 3.47 24.52 -1.56
N VAL H 233 2.68 25.29 -2.33
CA VAL H 233 3.26 26.30 -3.22
C VAL H 233 4.24 27.17 -2.45
N TYR H 234 3.84 27.62 -1.27
CA TYR H 234 4.60 28.65 -0.55
C TYR H 234 5.86 28.10 0.13
N LYS H 235 6.17 26.82 -0.06
CA LYS H 235 7.48 26.29 0.28
C LYS H 235 8.34 26.05 -0.95
N MET H 236 7.80 26.31 -2.14
CA MET H 236 8.61 26.28 -3.34
C MET H 236 9.54 27.50 -3.37
N PRO H 237 10.68 27.40 -4.04
CA PRO H 237 11.68 28.45 -3.94
C PRO H 237 11.29 29.72 -4.67
N HIS H 238 11.83 30.84 -4.19
CA HIS H 238 11.80 32.10 -4.92
C HIS H 238 12.72 32.00 -6.13
N LEU H 239 12.15 31.94 -7.33
CA LEU H 239 13.00 31.90 -8.52
C LEU H 239 13.77 33.21 -8.69
N GLU H 240 13.45 34.23 -7.91
CA GLU H 240 14.30 35.38 -7.79
C GLU H 240 15.52 35.08 -6.91
N GLY H 241 15.46 33.99 -6.15
CA GLY H 241 16.57 33.52 -5.36
C GLY H 241 17.62 32.76 -6.13
N TRP H 242 17.43 32.58 -7.43
CA TRP H 242 18.44 31.99 -8.27
C TRP H 242 19.51 33.01 -8.63
N THR H 243 20.74 32.51 -8.86
CA THR H 243 21.82 33.30 -9.43
C THR H 243 22.40 32.51 -10.59
N ILE H 244 22.36 33.08 -11.78
CA ILE H 244 22.87 32.42 -12.98
C ILE H 244 24.17 33.13 -13.39
N ALA H 245 25.29 32.45 -13.21
CA ALA H 245 26.55 32.86 -13.79
C ALA H 245 26.58 32.43 -15.26
N SER H 246 27.68 32.70 -15.94
CA SER H 246 27.73 32.45 -17.37
C SER H 246 27.68 30.95 -17.67
N ASP H 247 28.51 30.16 -16.99
CA ASP H 247 28.51 28.71 -17.17
C ASP H 247 27.76 27.98 -16.06
N GLN H 248 27.55 28.60 -14.90
CA GLN H 248 27.01 27.92 -13.75
C GLN H 248 25.82 28.68 -13.19
N ALA H 249 24.99 27.95 -12.43
CA ALA H 249 23.85 28.51 -11.71
C ALA H 249 23.93 28.07 -10.27
N PHE H 250 23.70 29.01 -9.35
CA PHE H 250 23.68 28.73 -7.92
C PHE H 250 22.27 28.97 -7.42
N VAL H 251 21.62 27.91 -6.94
CA VAL H 251 20.18 27.92 -6.71
C VAL H 251 19.88 27.25 -5.38
N PRO H 252 18.74 27.58 -4.78
CA PRO H 252 18.31 26.89 -3.56
C PRO H 252 17.68 25.56 -3.87
N ALA H 253 18.05 24.54 -3.09
CA ALA H 253 17.41 23.24 -3.22
C ALA H 253 15.97 23.35 -2.75
N VAL H 254 15.10 22.48 -3.29
CA VAL H 254 13.68 22.50 -2.97
C VAL H 254 13.49 21.64 -1.72
N GLY H 255 13.27 22.29 -0.57
CA GLY H 255 13.01 21.58 0.65
C GLY H 255 14.22 20.95 1.30
N HIS H 256 15.42 21.44 1.01
CA HIS H 256 16.65 20.88 1.54
C HIS H 256 17.59 21.99 1.96
N HIS H 257 18.44 21.70 2.95
CA HIS H 257 19.47 22.64 3.39
C HIS H 257 20.68 22.51 2.49
N GLN H 258 20.49 22.90 1.22
CA GLN H 258 21.57 22.81 0.25
C GLN H 258 21.44 23.92 -0.79
N VAL H 259 22.60 24.40 -1.27
CA VAL H 259 22.70 25.25 -2.44
C VAL H 259 23.28 24.40 -3.55
N LEU H 260 22.56 24.29 -4.67
CA LEU H 260 22.97 23.42 -5.76
C LEU H 260 23.78 24.21 -6.78
N VAL H 261 24.89 23.64 -7.22
CA VAL H 261 25.66 24.19 -8.33
C VAL H 261 25.25 23.42 -9.59
N LEU H 262 24.77 24.14 -10.59
CA LEU H 262 24.28 23.54 -11.82
C LEU H 262 25.11 24.04 -12.99
N ASP H 263 25.07 23.27 -14.08
CA ASP H 263 25.66 23.64 -15.35
C ASP H 263 24.60 24.34 -16.17
N ALA H 264 24.78 25.66 -16.40
CA ALA H 264 23.75 26.45 -17.07
C ALA H 264 23.57 26.09 -18.54
N ARG H 265 24.57 25.46 -19.16
CA ARG H 265 24.47 25.09 -20.56
C ARG H 265 23.61 23.84 -20.74
N ASP H 266 23.92 22.79 -19.97
CA ASP H 266 23.16 21.54 -20.03
C ASP H 266 22.07 21.47 -18.97
N TRP H 267 22.04 22.39 -18.02
CA TRP H 267 21.07 22.42 -16.93
C TRP H 267 21.02 21.08 -16.23
N LYS H 268 22.16 20.69 -15.68
CA LYS H 268 22.27 19.51 -14.82
C LYS H 268 23.13 19.87 -13.62
N GLN H 269 22.88 19.20 -12.49
CA GLN H 269 23.59 19.51 -11.26
C GLN H 269 25.00 18.96 -11.29
N THR H 270 25.97 19.83 -11.02
CA THR H 270 27.39 19.43 -10.97
C THR H 270 27.96 19.43 -9.55
N ASP H 271 27.24 20.00 -8.57
CA ASP H 271 27.70 19.98 -7.19
C ASP H 271 26.54 20.35 -6.29
N ALA H 272 26.68 20.01 -5.01
CA ALA H 272 25.73 20.40 -3.99
C ALA H 272 26.50 20.85 -2.76
N ILE H 273 25.99 21.87 -2.08
CA ILE H 273 26.69 22.54 -0.99
C ILE H 273 25.81 22.51 0.25
N ASP H 274 26.33 21.91 1.33
CA ASP H 274 25.61 21.86 2.59
C ASP H 274 25.65 23.23 3.25
N VAL H 275 24.47 23.82 3.50
CA VAL H 275 24.35 25.14 4.08
C VAL H 275 23.66 25.02 5.44
N ALA H 276 23.70 26.13 6.21
CA ALA H 276 23.22 26.14 7.57
C ALA H 276 21.72 26.31 7.68
N GLY H 277 20.98 26.11 6.61
CA GLY H 277 19.53 26.26 6.66
C GLY H 277 18.92 26.10 5.26
N GLN H 278 17.61 26.27 5.21
CA GLN H 278 16.95 26.27 3.93
C GLN H 278 17.28 27.57 3.22
N PRO H 279 18.02 27.57 2.11
CA PRO H 279 18.30 28.83 1.42
C PRO H 279 17.03 29.39 0.81
N VAL H 280 16.88 30.70 0.88
CA VAL H 280 15.83 31.42 0.19
C VAL H 280 16.40 32.19 -0.99
N PHE H 281 17.35 33.10 -0.74
CA PHE H 281 18.02 33.87 -1.77
C PHE H 281 19.48 33.44 -1.85
N VAL H 282 19.89 32.91 -3.00
CA VAL H 282 21.29 32.66 -3.32
C VAL H 282 21.71 33.77 -4.27
N MET H 283 22.72 34.55 -3.85
CA MET H 283 23.17 35.72 -4.60
CA MET H 283 23.17 35.71 -4.61
C MET H 283 24.67 35.61 -4.85
N THR H 284 25.14 36.43 -5.78
CA THR H 284 26.56 36.50 -6.13
C THR H 284 27.07 37.90 -5.92
N ARG H 285 28.30 38.01 -5.41
CA ARG H 285 28.98 39.30 -5.43
C ARG H 285 29.16 39.69 -6.89
N PRO H 286 29.08 40.98 -7.21
CA PRO H 286 29.14 41.37 -8.62
C PRO H 286 30.37 40.88 -9.38
N ASP H 287 31.47 40.52 -8.71
CA ASP H 287 32.63 39.98 -9.38
C ASP H 287 32.56 38.46 -9.55
N ASP H 288 31.50 37.84 -9.05
CA ASP H 288 31.21 36.41 -9.23
C ASP H 288 32.13 35.50 -8.43
N ARG H 289 32.94 36.02 -7.53
CA ARG H 289 33.85 35.17 -6.77
C ARG H 289 33.25 34.66 -5.48
N GLN H 290 32.09 35.18 -5.08
CA GLN H 290 31.44 34.77 -3.83
C GLN H 290 29.97 34.57 -4.06
N ILE H 291 29.40 33.61 -3.36
CA ILE H 291 27.94 33.38 -3.30
C ILE H 291 27.47 33.73 -1.90
N TRP H 292 26.46 34.57 -1.80
CA TRP H 292 25.87 34.99 -0.53
C TRP H 292 24.50 34.37 -0.39
N VAL H 293 24.25 33.75 0.77
CA VAL H 293 23.06 32.94 0.99
C VAL H 293 22.39 33.37 2.28
N ASN H 294 21.09 33.59 2.23
CA ASN H 294 20.27 33.80 3.43
C ASN H 294 19.27 32.66 3.52
N PHE H 295 18.64 32.53 4.68
CA PHE H 295 17.87 31.32 4.99
C PHE H 295 16.49 31.66 5.51
N ALA H 296 15.63 30.65 5.51
CA ALA H 296 14.30 30.77 6.08
C ALA H 296 14.33 30.38 7.55
N TYR H 297 13.27 30.80 8.27
CA TYR H 297 13.16 30.45 9.69
C TYR H 297 13.33 28.95 9.87
N PRO H 298 14.00 28.49 10.94
CA PRO H 298 14.58 29.26 12.05
C PRO H 298 16.05 29.61 11.90
N ASP H 299 16.63 29.40 10.72
CA ASP H 299 18.03 29.71 10.46
C ASP H 299 18.20 31.06 9.79
N ASN H 300 17.17 31.91 9.81
CA ASN H 300 17.23 33.20 9.16
C ASN H 300 17.96 34.26 9.99
N ASP H 301 18.76 33.87 10.96
CA ASP H 301 19.67 34.79 11.63
C ASP H 301 21.08 34.70 11.05
N LYS H 302 21.25 34.05 9.90
CA LYS H 302 22.55 33.71 9.35
C LYS H 302 22.64 34.12 7.90
N VAL H 303 23.86 34.43 7.47
CA VAL H 303 24.20 34.61 6.07
C VAL H 303 25.50 33.86 5.84
N GLN H 304 25.53 32.99 4.82
CA GLN H 304 26.71 32.19 4.52
C GLN H 304 27.36 32.68 3.24
N VAL H 305 28.69 32.82 3.26
CA VAL H 305 29.46 33.29 2.12
C VAL H 305 30.24 32.10 1.58
N ILE H 306 30.04 31.77 0.31
CA ILE H 306 30.65 30.61 -0.32
C ILE H 306 31.64 31.08 -1.38
N ASP H 307 32.79 30.41 -1.45
CA ASP H 307 33.73 30.65 -2.52
C ASP H 307 33.15 30.05 -3.81
N SER H 308 32.97 30.87 -4.84
CA SER H 308 32.36 30.42 -6.08
C SER H 308 33.19 29.37 -6.79
N GLU H 309 34.48 29.25 -6.47
CA GLU H 309 35.36 28.29 -7.12
C GLU H 309 35.43 26.98 -6.34
N THR H 310 35.88 27.03 -5.08
CA THR H 310 36.01 25.82 -4.29
C THR H 310 34.67 25.30 -3.79
N HIS H 311 33.63 26.10 -3.85
CA HIS H 311 32.29 25.72 -3.37
C HIS H 311 32.28 25.43 -1.88
N GLU H 312 33.25 25.95 -1.14
CA GLU H 312 33.29 25.82 0.32
C GLU H 312 32.84 27.12 0.97
N VAL H 313 32.29 27.01 2.17
CA VAL H 313 31.78 28.17 2.90
C VAL H 313 32.96 28.95 3.46
N ILE H 314 33.11 30.20 3.03
CA ILE H 314 34.21 31.03 3.52
C ILE H 314 33.95 31.46 4.96
N GLU H 315 32.72 31.89 5.27
CA GLU H 315 32.37 32.32 6.60
C GLU H 315 30.86 32.26 6.74
N THR H 316 30.41 32.25 7.99
CA THR H 316 28.99 32.34 8.33
C THR H 316 28.79 33.61 9.14
N LEU H 317 28.08 34.56 8.58
CA LEU H 317 27.77 35.82 9.25
C LEU H 317 26.49 35.69 10.07
N ARG H 318 26.42 36.46 11.16
CA ARG H 318 25.24 36.49 12.03
C ARG H 318 24.86 37.94 12.27
N PRO H 319 24.27 38.61 11.26
CA PRO H 319 23.93 40.02 11.44
C PRO H 319 22.87 40.26 12.48
N GLY H 320 21.97 39.30 12.71
CA GLY H 320 20.89 39.48 13.64
C GLY H 320 19.68 38.65 13.25
N PRO H 321 18.64 38.67 14.06
CA PRO H 321 17.46 37.87 13.80
C PRO H 321 16.61 38.45 12.70
N GLY H 322 16.18 37.59 11.77
CA GLY H 322 15.24 37.98 10.73
C GLY H 322 15.89 38.55 9.50
N VAL H 323 17.04 38.01 9.09
CA VAL H 323 17.70 38.43 7.85
C VAL H 323 16.81 38.00 6.70
N LEU H 324 16.23 38.96 5.98
CA LEU H 324 15.26 38.71 4.93
C LEU H 324 15.81 38.88 3.53
N HIS H 325 16.66 39.90 3.28
CA HIS H 325 17.06 40.24 1.95
C HIS H 325 18.44 40.87 1.97
N MET H 326 19.05 40.92 0.79
CA MET H 326 20.39 41.47 0.61
C MET H 326 20.46 42.12 -0.75
N GLU H 327 21.32 43.13 -0.87
CA GLU H 327 21.51 43.85 -2.14
C GLU H 327 22.91 44.42 -2.17
N PHE H 328 23.58 44.27 -3.30
CA PHE H 328 24.92 44.77 -3.50
C PHE H 328 24.88 46.14 -4.16
N SER H 329 25.96 46.91 -3.97
CA SER H 329 26.20 48.05 -4.79
C SER H 329 26.52 47.61 -6.20
N GLY H 330 26.37 48.54 -7.16
CA GLY H 330 26.59 48.19 -8.55
C GLY H 330 27.96 47.62 -8.82
N ARG H 331 28.99 48.21 -8.22
CA ARG H 331 30.36 47.77 -8.45
C ARG H 331 30.86 46.75 -7.42
N GLY H 332 30.09 46.46 -6.38
CA GLY H 332 30.42 45.41 -5.46
C GLY H 332 31.15 45.83 -4.21
N ASP H 333 31.39 47.12 -4.00
CA ASP H 333 32.06 47.56 -2.79
C ASP H 333 31.19 47.46 -1.56
N GLN H 334 29.89 47.27 -1.71
CA GLN H 334 28.98 47.24 -0.58
C GLN H 334 27.99 46.11 -0.74
N VAL H 335 27.51 45.59 0.38
CA VAL H 335 26.35 44.70 0.42
C VAL H 335 25.46 45.15 1.56
N TRP H 336 24.17 45.32 1.29
CA TRP H 336 23.21 45.82 2.26
C TRP H 336 22.33 44.67 2.70
N ILE H 337 22.15 44.51 4.00
CA ILE H 337 21.49 43.35 4.60
C ILE H 337 20.39 43.83 5.51
N SER H 338 19.15 43.39 5.25
CA SER H 338 17.99 43.72 6.07
C SER H 338 17.88 42.74 7.22
N VAL H 339 17.74 43.26 8.44
CA VAL H 339 17.64 42.47 9.64
C VAL H 339 16.34 42.84 10.31
N ARG H 340 15.27 42.12 9.99
CA ARG H 340 13.92 42.54 10.34
C ARG H 340 13.77 42.71 11.85
N ASP H 341 14.01 41.65 12.62
CA ASP H 341 13.69 41.66 14.03
C ASP H 341 14.67 42.47 14.86
N ALA H 342 15.81 42.87 14.30
CA ALA H 342 16.71 43.80 14.97
C ALA H 342 16.42 45.25 14.60
N ASP H 343 15.50 45.49 13.66
CA ASP H 343 15.17 46.84 13.20
C ASP H 343 16.43 47.55 12.71
N GLN H 344 17.19 46.87 11.85
CA GLN H 344 18.46 47.38 11.34
C GLN H 344 18.62 47.02 9.88
N LEU H 345 18.97 48.01 9.05
CA LEU H 345 19.50 47.81 7.73
C LEU H 345 21.01 48.01 7.81
N GLN H 346 21.77 46.96 7.63
CA GLN H 346 23.20 46.98 7.81
C GLN H 346 23.92 47.07 6.48
N VAL H 347 25.08 47.70 6.49
CA VAL H 347 25.98 47.78 5.35
C VAL H 347 27.27 47.05 5.70
N TRP H 348 27.69 46.13 4.85
CA TRP H 348 28.88 45.34 5.06
C TRP H 348 29.87 45.57 3.93
N ASP H 349 31.14 45.29 4.23
CA ASP H 349 32.20 45.24 3.23
C ASP H 349 32.34 43.80 2.78
N PRO H 350 31.94 43.44 1.55
CA PRO H 350 31.96 42.01 1.16
C PRO H 350 33.35 41.46 0.91
N TYR H 351 34.40 42.29 0.89
CA TYR H 351 35.76 41.84 0.74
C TYR H 351 36.44 41.65 2.09
N ARG H 352 36.25 42.59 3.02
CA ARG H 352 36.70 42.42 4.40
C ARG H 352 35.72 41.60 5.22
N LEU H 353 34.47 41.47 4.78
CA LEU H 353 33.46 40.70 5.49
C LEU H 353 33.26 41.26 6.89
N LYS H 354 33.06 42.57 6.96
CA LYS H 354 32.88 43.24 8.25
C LYS H 354 31.81 44.31 8.12
N ARG H 355 31.00 44.44 9.17
CA ARG H 355 29.91 45.41 9.19
CA ARG H 355 29.91 45.41 9.20
C ARG H 355 30.48 46.82 9.27
N ILE H 356 30.08 47.68 8.33
CA ILE H 356 30.54 49.05 8.31
C ILE H 356 29.42 50.04 8.53
N GLY H 357 28.19 49.58 8.73
CA GLY H 357 27.09 50.47 9.00
C GLY H 357 25.87 49.71 9.46
N SER H 358 24.97 50.42 10.13
CA SER H 358 23.75 49.82 10.66
C SER H 358 22.74 50.92 10.90
N LEU H 359 21.71 50.98 10.06
CA LEU H 359 20.74 52.07 10.10
C LEU H 359 19.43 51.61 10.70
N PRO H 360 18.73 52.45 11.47
CA PRO H 360 17.49 52.02 12.08
C PRO H 360 16.38 51.90 11.08
N ALA H 361 15.55 50.88 11.24
CA ALA H 361 14.41 50.65 10.32
C ALA H 361 13.30 49.92 11.06
N ARG H 362 12.10 50.07 10.58
CA ARG H 362 10.90 49.44 11.17
C ARG H 362 10.61 48.17 10.40
N SER H 363 10.93 47.02 10.99
CA SER H 363 10.72 45.70 10.39
C SER H 363 11.17 45.71 8.93
N PRO H 364 12.46 45.99 8.67
CA PRO H 364 12.92 46.05 7.29
C PRO H 364 12.82 44.69 6.61
N SER H 365 12.54 44.74 5.31
CA SER H 365 12.55 43.52 4.47
C SER H 365 13.37 43.75 3.21
N GLY H 366 12.71 43.92 2.07
CA GLY H 366 13.43 44.06 0.81
C GLY H 366 14.18 45.36 0.72
N ILE H 367 15.41 45.28 0.17
CA ILE H 367 16.29 46.44 -0.03
C ILE H 367 16.69 46.49 -1.49
N PHE H 368 16.40 47.62 -2.16
CA PHE H 368 16.63 47.76 -3.59
C PHE H 368 17.42 49.02 -3.86
N PHE H 369 18.37 48.96 -4.79
CA PHE H 369 19.19 50.10 -5.15
C PHE H 369 19.00 50.48 -6.60
N SER H 370 19.18 51.78 -6.88
CA SER H 370 18.75 52.37 -8.13
C SER H 370 19.43 51.77 -9.34
N HIS H 371 20.55 51.07 -9.17
CA HIS H 371 21.25 50.57 -10.34
C HIS H 371 20.48 49.45 -11.04
N ARG H 372 19.42 48.92 -10.43
CA ARG H 372 18.53 48.01 -11.12
C ARG H 372 17.91 48.65 -12.35
N ALA H 373 17.80 49.98 -12.37
CA ALA H 373 17.11 50.66 -13.47
C ALA H 373 17.72 50.35 -14.83
N GLN H 374 19.02 50.00 -14.86
CA GLN H 374 19.75 49.86 -16.11
C GLN H 374 19.66 48.45 -16.71
N HIS H 375 19.20 47.46 -15.96
CA HIS H 375 19.33 46.07 -16.36
C HIS H 375 17.97 45.45 -16.65
N ILE H 376 17.91 44.66 -17.73
CA ILE H 376 16.73 43.89 -18.05
C ILE H 376 16.45 42.91 -16.92
N GLY H 377 15.17 42.77 -16.56
CA GLY H 377 14.74 41.83 -15.56
C GLY H 377 14.81 42.31 -14.14
N LEU H 378 15.19 43.58 -13.91
CA LEU H 378 15.31 44.12 -12.58
C LEU H 378 14.59 45.48 -12.47
FE DHE I . -19.33 24.37 17.77
CHA DHE I . -22.32 23.45 16.20
CHB DHE I . -18.18 26.10 14.89
CHC DHE I . -16.19 24.97 19.28
CHD DHE I . -20.53 23.05 20.77
NA DHE I . -20.06 24.70 15.94
C1A DHE I . -21.35 24.27 15.45
C2A DHE I . -21.62 24.75 14.07
C3A DHE I . -20.41 25.51 13.67
C4A DHE I . -19.50 25.46 14.86
CMA DHE I . -20.16 26.21 12.37
CAA DHE I . -22.85 24.48 13.25
CBA DHE I . -23.91 25.56 13.52
CGA DHE I . -24.98 25.45 12.48
O1A DHE I . -24.83 26.08 11.40
O2A DHE I . -25.97 24.74 12.72
NB DHE I . -17.54 25.35 17.18
C1B DHE I . -17.27 25.97 16.02
C2B DHE I . -15.90 26.49 16.08
OMB DHE I . -15.37 27.14 15.11
C3B DHE I . -15.23 26.23 17.34
CGB DHE I . -15.04 27.58 18.05
CAB DHE I . -13.94 25.46 17.18
CBB DHE I . -14.19 23.97 17.13
O1B DHE I . -14.65 23.48 16.06
O2B DHE I . -13.94 23.26 18.15
C4B DHE I . -16.38 25.48 17.92
NC DHE I . -18.52 24.07 19.67
C1C DHE I . -17.26 24.37 20.08
C2C DHE I . -17.14 23.97 21.49
OMC DHE I . -16.06 24.15 22.16
C3C DHE I . -18.37 23.43 22.06
CGC DHE I . -18.93 24.46 23.03
CAC DHE I . -18.24 22.05 22.74
CBC DHE I . -17.61 20.99 21.90
O1C DHE I . -17.69 19.82 22.32
O2C DHE I . -17.05 21.28 20.81
C4C DHE I . -19.14 23.51 20.76
ND DHE I . -21.11 23.42 18.36
C1D DHE I . -21.42 22.95 19.59
C2D DHE I . -22.74 22.33 19.73
C3D DHE I . -23.31 22.43 18.38
C4D DHE I . -22.21 23.13 17.64
CMD DHE I . -23.38 21.70 20.93
CAD DHE I . -24.71 21.94 18.02
CBD DHE I . -25.07 21.84 16.55
CGD DHE I . -25.68 23.10 16.00
O1D DHE I . -25.57 23.30 14.75
O2D DHE I . -26.26 23.90 16.76
HHA DHE I . -23.17 23.06 15.66
HHB DHE I . -17.88 26.69 14.04
HHC DHE I . -15.20 25.04 19.72
HHD DHE I . -20.93 22.75 21.73
HMA1 DHE I . -19.28 26.78 12.43
HMA2 DHE I . -20.99 26.85 12.15
HMA3 DHE I . -20.07 25.49 11.60
HAA1 DHE I . -23.27 23.49 13.51
HAA2 DHE I . -22.60 24.47 12.19
HBA1 DHE I . -23.44 26.55 13.47
HBA2 DHE I . -24.33 25.43 14.51
HGB1 DHE I . -14.56 27.42 18.98
HGB2 DHE I . -15.98 28.03 18.22
HGB3 DHE I . -14.45 28.22 17.45
HAB1 DHE I . -13.28 25.68 18.03
HAB2 DHE I . -13.42 25.77 16.27
HGC1 DHE I . -19.87 24.14 23.40
HGC2 DHE I . -19.04 25.39 22.53
HGC3 DHE I . -18.26 24.58 23.84
HAC1 DHE I . -19.23 21.72 23.04
HAC2 DHE I . -17.64 22.17 23.64
HMD1 DHE I . -24.36 21.39 20.68
HMD2 DHE I . -23.44 22.42 21.71
HMD3 DHE I . -22.80 20.88 21.25
HAD1 DHE I . -25.43 22.61 18.49
HAD2 DHE I . -24.84 20.95 18.46
HBD1 DHE I . -25.77 21.01 16.42
HBD2 DHE I . -24.16 21.60 15.99
FE DHE J . -5.84 -17.37 49.40
CHA DHE J . -3.31 -14.97 49.82
CHB DHE J . -8.22 -14.98 48.41
CHC DHE J . -8.36 -19.78 49.70
CHD DHE J . -3.39 -19.87 49.60
NA DHE J . -5.77 -15.40 49.16
C1A DHE J . -4.64 -14.53 49.38
C2A DHE J . -5.00 -13.10 49.12
C3A DHE J . -6.44 -13.10 48.72
C4A DHE J . -6.85 -14.53 48.75
CMA DHE J . -7.28 -11.90 48.34
CAA DHE J . -4.10 -11.90 49.23
CBA DHE J . -3.85 -11.27 47.84
CGA DHE J . -2.49 -10.64 47.80
O1A DHE J . -2.41 -9.44 47.44
O2A DHE J . -1.47 -11.31 48.12
NB DHE J . -7.90 -17.37 49.11
C1B DHE J . -8.68 -16.34 48.72
C2B DHE J . -10.06 -16.80 48.66
OMB DHE J . -11.04 -16.04 48.33
C3B DHE J . -10.22 -18.21 48.99
CGB DHE J . -10.62 -18.93 47.70
CAB DHE J . -11.17 -18.42 50.15
CBB DHE J . -10.64 -17.77 51.40
O1B DHE J . -9.78 -18.39 52.09
O2B DHE J . -11.06 -16.62 51.72
C4B DHE J . -8.76 -18.42 49.28
NC DHE J . -5.87 -19.44 49.62
C1C DHE J . -6.97 -20.24 49.72
C2C DHE J . -6.50 -21.62 49.84
OMC DHE J . -7.33 -22.60 49.95
C3C DHE J . -5.04 -21.78 49.82
CGC DHE J . -4.60 -22.52 48.57
CAC DHE J . -4.49 -22.45 51.09
CBC DHE J . -5.28 -22.05 52.30
O1C DHE J . -6.09 -22.88 52.79
O2C DHE J . -5.10 -20.89 52.79
C4C DHE J . -4.80 -20.30 49.68
ND DHE J . -3.74 -17.41 49.67
C1D DHE J . -2.92 -18.49 49.75
C2D DHE J . -1.47 -18.18 49.97
C3D DHE J . -1.45 -16.72 50.01
C4D DHE J . -2.88 -16.37 49.84
CMD DHE J . -0.32 -19.12 50.10
CAD DHE J . -0.27 -15.79 50.22
CBD DHE J . 0.40 -15.35 48.90
CGD DHE J . 0.10 -13.91 48.57
O1D DHE J . -0.25 -13.12 49.48
O2D DHE J . 0.24 -13.56 47.38
HHA DHE J . -2.62 -14.22 50.16
HHB DHE J . -8.88 -14.30 47.93
HHC DHE J . -9.14 -20.47 50.01
HHD DHE J . -2.66 -20.64 49.43
HMA1 DHE J . -8.25 -12.23 48.04
HMA2 DHE J . -6.82 -11.39 47.54
HMA3 DHE J . -7.37 -11.26 49.18
HAA1 DHE J . -3.14 -12.20 49.68
HAA2 DHE J . -4.56 -11.16 49.89
HBA1 DHE J . -4.62 -10.53 47.64
HBA2 DHE J . -3.92 -12.05 47.08
HGB1 DHE J . -10.87 -19.93 47.92
HGB2 DHE J . -9.81 -18.91 47.02
HGB3 DHE J . -11.45 -18.44 47.26
HAB1 DHE J . -11.30 -19.50 50.33
HAB2 DHE J . -12.15 -18.01 49.92
HGC1 DHE J . -3.54 -22.54 48.53
HGC2 DHE J . -4.97 -22.02 47.72
HGC3 DHE J . -4.97 -23.51 48.59
HAC1 DHE J . -3.45 -22.16 51.23
HAC2 DHE J . -4.53 -23.53 50.98
HMD1 DHE J . 0.59 -18.57 50.15
HMD2 DHE J . -0.29 -19.76 49.25
HMD3 DHE J . -0.42 -19.70 50.98
HAD1 DHE J . 0.46 -16.29 50.86
HAD2 DHE J . -0.62 -14.90 50.76
HBD1 DHE J . 0.05 -15.98 48.10
HBD2 DHE J . 1.48 -15.48 48.99
FE DHE K . 13.92 -18.82 -18.25
CHA DHE K . 11.83 -18.50 -15.50
CHB DHE K . 16.57 -20.18 -16.39
CHC DHE K . 16.14 -18.05 -20.86
CHD DHE K . 11.20 -18.54 -20.40
NA DHE K . 14.17 -19.21 -16.32
C1A DHE K . 13.16 -19.11 -15.29
C2A DHE K . 13.64 -19.66 -14.00
C3A DHE K . 15.02 -20.13 -14.25
C4A DHE K . 15.30 -19.85 -15.69
CMA DHE K . 15.96 -20.78 -13.26
CAA DHE K . 12.87 -19.71 -12.70
CBA DHE K . 12.22 -21.09 -12.53
CGA DHE K . 11.58 -21.16 -11.17
O1A DHE K . 12.22 -21.67 -10.23
O2A DHE K . 10.41 -20.71 -11.05
NB DHE K . 15.99 -19.07 -18.55
C1B DHE K . 16.89 -19.63 -17.70
C2B DHE K . 18.19 -19.60 -18.36
OMB DHE K . 19.25 -20.04 -17.79
C3B DHE K . 18.18 -19.01 -19.69
CGB DHE K . 18.48 -20.08 -20.75
CAB DHE K . 19.09 -17.80 -19.79
CBB DHE K . 19.07 -17.00 -18.50
O1B DHE K . 20.16 -16.73 -17.95
O2B DHE K . 17.97 -16.62 -18.04
C4B DHE K . 16.71 -18.71 -19.66
NC DHE K . 13.71 -18.38 -20.26
C1C DHE K . 14.69 -18.11 -21.16
C2C DHE K . 14.05 -17.85 -22.46
OMC DHE K . 14.73 -17.59 -23.51
C3C DHE K . 12.60 -17.98 -22.45
CGC DHE K . 12.23 -19.23 -23.24
CAC DHE K . 11.83 -16.74 -22.95
CBC DHE K . 12.34 -15.44 -22.42
O1C DHE K . 12.43 -14.48 -23.22
O2C DHE K . 12.63 -15.34 -21.20
C4C DHE K . 12.54 -18.29 -20.98
ND DHE K . 11.87 -18.56 -17.97
C1D DHE K . 10.90 -18.43 -18.94
C2D DHE K . 9.52 -18.25 -18.41
C3D DHE K . 9.71 -18.27 -16.96
C4D DHE K . 11.19 -18.45 -16.83
CMD DHE K . 8.23 -18.08 -19.14
CAD DHE K . 8.70 -18.12 -15.85
CBD DHE K . 8.09 -19.48 -15.49
CGD DHE K . 8.74 -20.05 -14.26
O1D DHE K . 9.16 -19.28 -13.34
O2D DHE K . 8.85 -21.29 -14.19
HHA DHE K . 11.32 -18.08 -14.65
HHB DHE K . 17.28 -20.83 -15.90
HHC DHE K . 16.79 -17.52 -21.54
HHD DHE K . 10.39 -18.79 -21.06
HMA1 DHE K . 16.85 -21.07 -13.75
HMA2 DHE K . 15.49 -21.63 -12.83
HMA3 DHE K . 16.19 -20.09 -12.49
HAA1 DHE K . 12.09 -18.95 -12.70
HAA2 DHE K . 13.54 -19.51 -11.87
HBA1 DHE K . 12.98 -21.88 -12.62
HBA2 DHE K . 11.47 -21.27 -13.30
HGB1 DHE K . 18.43 -19.65 -21.71
HGB2 DHE K . 17.77 -20.86 -20.66
HGB3 DHE K . 19.46 -20.47 -20.58
HAB1 DHE K . 18.77 -17.18 -20.62
HAB2 DHE K . 20.10 -18.14 -19.99
HGC1 DHE K . 11.18 -19.36 -23.21
HGC2 DHE K . 12.72 -20.07 -22.83
HGC3 DHE K . 12.54 -19.10 -24.25
HAC1 DHE K . 10.78 -16.84 -22.66
HAC2 DHE K . 11.87 -16.72 -24.04
HMD1 DHE K . 7.45 -17.98 -18.44
HMD2 DHE K . 8.07 -18.93 -19.75
HMD3 DHE K . 8.28 -17.22 -19.74
HAD1 DHE K . 7.90 -17.43 -16.18
HAD2 DHE K . 9.18 -17.68 -14.97
HBD1 DHE K . 8.22 -20.17 -16.32
HBD2 DHE K . 7.03 -19.36 -15.31
FE DHE L . 16.26 -8.50 -38.32
CHA DHE L . 18.56 -5.91 -37.81
CHB DHE L . 13.67 -6.30 -39.22
CHC DHE L . 13.92 -11.12 -38.10
CHD DHE L . 18.89 -10.82 -38.16
NA DHE L . 16.13 -6.52 -38.44
C1A DHE L . 17.19 -5.57 -38.27
C2A DHE L . 16.76 -4.19 -38.59
C3A DHE L . 15.33 -4.29 -38.98
C4A DHE L . 14.99 -5.74 -38.89
CMA DHE L . 14.41 -3.18 -39.43
CAA DHE L . 17.60 -2.94 -38.52
CBA DHE L . 18.45 -2.86 -39.79
CGA DHE L . 19.08 -1.50 -39.93
O1A DHE L . 18.43 -0.59 -40.52
O2A DHE L . 20.23 -1.33 -39.47
NB DHE L . 14.19 -8.67 -38.59
C1B DHE L . 13.32 -7.69 -38.96
C2B DHE L . 11.98 -8.27 -39.03
OMB DHE L . 10.96 -7.56 -39.36
C3B DHE L . 11.95 -9.70 -38.76
CGB DHE L . 11.64 -10.43 -40.09
CAB DHE L . 10.98 -10.11 -37.66
CBB DHE L . 11.31 -9.53 -36.31
O1B DHE L . 11.96 -8.46 -36.25
O2B DHE L . 10.89 -10.14 -35.30
C4B DHE L . 13.41 -9.79 -38.46
NC DHE L . 16.37 -10.57 -38.15
C1C DHE L . 15.35 -11.46 -38.09
C2C DHE L . 15.92 -12.80 -37.98
OMC DHE L . 15.17 -13.86 -37.93
C3C DHE L . 17.37 -12.85 -38.03
CGC DHE L . 17.78 -13.48 -39.32
CAC DHE L . 18.02 -13.55 -36.82
CBC DHE L . 17.33 -13.32 -35.52
O1C DHE L . 17.00 -12.15 -35.19
O2C DHE L . 17.10 -14.32 -34.79
C4C DHE L . 17.51 -11.34 -38.09
ND DHE L . 18.35 -8.37 -38.04
C1D DHE L . 19.25 -9.39 -37.97
C2D DHE L . 20.66 -8.96 -37.73
C3D DHE L . 20.56 -7.50 -37.66
C4D DHE L . 19.11 -7.28 -37.85
CMD DHE L . 21.89 -9.81 -37.62
CAD DHE L . 21.66 -6.49 -37.42
CBD DHE L . 22.30 -5.96 -38.73
CGD DHE L . 21.74 -4.63 -39.13
O1D DHE L . 21.33 -3.83 -38.25
O2D DHE L . 21.72 -4.35 -40.35
HHA DHE L . 19.18 -5.12 -37.42
HHB DHE L . 12.93 -5.65 -39.66
HHC DHE L . 13.21 -11.89 -37.84
HHD DHE L . 19.69 -11.52 -38.35
HMA1 DHE L . 13.49 -3.59 -39.74
HMA2 DHE L . 14.86 -2.65 -40.22
HMA3 DHE L . 14.24 -2.52 -38.61
HAA1 DHE L . 18.24 -2.97 -37.64
HAA2 DHE L . 16.95 -2.06 -38.44
HBA1 DHE L . 17.82 -3.05 -40.66
HBA2 DHE L . 19.23 -3.62 -39.76
HGB1 DHE L . 11.66 -11.48 -39.93
HGB2 DHE L . 12.37 -10.17 -40.80
HGB3 DHE L . 10.69 -10.14 -40.43
HAB1 DHE L . 10.97 -11.20 -37.58
HAB2 DHE L . 9.97 -9.79 -37.95
HGC1 DHE L . 18.83 -13.45 -39.43
HGC2 DHE L . 17.33 -12.96 -40.13
HGC3 DHE L . 17.46 -14.49 -39.35
HAC1 DHE L . 19.06 -13.21 -36.73
HAC2 DHE L . 18.05 -14.63 -37.01
HMD1 DHE L . 22.74 -9.19 -37.44
HMD2 DHE L . 22.03 -10.35 -38.51
HMD3 DHE L . 21.78 -10.48 -36.81
HAD1 DHE L . 22.43 -6.94 -36.81
HAD2 DHE L . 21.25 -5.65 -36.87
HBD1 DHE L . 22.11 -6.69 -39.54
HBD2 DHE L . 23.38 -5.88 -38.60
FE DHE M . 28.63 11.10 30.70
CHA DHE M . 27.60 9.20 33.46
CHB DHE M . 30.35 8.40 29.23
CHC DHE M . 30.23 13.33 28.49
CHD DHE M . 26.29 13.57 31.52
NA DHE M . 28.96 9.21 31.25
C1A DHE M . 28.38 8.54 32.38
C2A DHE M . 28.70 7.09 32.35
C3A DHE M . 29.51 6.85 31.13
C4A DHE M . 29.62 8.18 30.48
CMA DHE M . 30.06 5.54 30.65
CAA DHE M . 28.28 6.05 33.36
CBA DHE M . 26.82 5.63 33.00
CGA DHE M . 26.34 4.57 33.94
O1A DHE M . 26.54 3.37 33.65
O2A DHE M . 25.72 4.92 35.00
NB DHE M . 30.03 10.89 29.15
C1B DHE M . 30.61 9.76 28.69
C2B DHE M . 31.52 10.14 27.59
OMB DHE M . 32.23 9.30 26.94
C3B DHE M . 31.53 11.55 27.30
CGB DHE M . 30.92 11.77 25.90
CAB DHE M . 32.88 12.19 27.49
CBB DHE M . 33.30 12.18 28.94
O1B DHE M . 33.34 11.10 29.57
O2B DHE M . 33.60 13.28 29.48
C4B DHE M . 30.55 11.89 28.37
NC DHE M . 28.30 13.07 30.09
C1C DHE M . 29.03 13.81 29.22
C2C DHE M . 28.46 15.15 29.13
OMC DHE M . 28.93 16.05 28.35
C3C DHE M . 27.27 15.35 29.95
CGC DHE M . 26.08 15.47 29.05
CAC DHE M . 27.34 16.58 30.87
CBC DHE M . 28.44 16.61 31.88
O1C DHE M . 29.03 15.56 32.24
O2C DHE M . 28.72 17.74 32.34
C4C DHE M . 27.34 13.95 30.54
ND DHE M . 27.18 11.34 32.22
C1D DHE M . 26.37 12.40 32.43
C2D DHE M . 25.49 12.28 33.63
C3D DHE M . 25.86 10.97 34.18
C4D DHE M . 26.92 10.50 33.25
CMD DHE M . 24.46 13.22 34.16
CAD DHE M . 25.31 10.29 35.42
CBD DHE M . 24.02 9.48 35.13
CGD DHE M . 24.35 8.08 34.76
O1D DHE M . 23.70 7.55 33.82
O2D DHE M . 25.25 7.49 35.40
HHA DHE M . 27.54 8.73 34.43
HHB DHE M . 30.72 7.55 28.67
HHC DHE M . 30.88 14.05 28.03
HHD DHE M . 25.42 14.20 31.58
HMA1 DHE M . 30.50 5.67 29.70
HMA2 DHE M . 29.27 4.82 30.58
HMA3 DHE M . 30.79 5.19 31.34
HAA1 DHE M . 28.32 6.46 34.37
HAA2 DHE M . 28.95 5.19 33.32
HBA1 DHE M . 26.80 5.24 31.98
HBA2 DHE M . 26.17 6.50 33.05
HGB1 DHE M . 31.16 12.75 25.57
HGB2 DHE M . 29.87 11.66 25.95
HGB3 DHE M . 31.32 11.06 25.22
HAB1 DHE M . 32.85 13.23 27.13
HAB2 DHE M . 33.63 11.65 26.89
HGC1 DHE M . 25.19 15.55 29.63
HGC2 DHE M . 26.03 14.61 28.42
HGC3 DHE M . 26.18 16.34 28.45
HAC1 DHE M . 26.40 16.64 31.41
HAC2 DHE M . 27.43 17.46 30.24
HMD1 DHE M . 24.07 12.85 35.08
HMD2 DHE M . 23.66 13.31 33.46
HMD3 DHE M . 24.89 14.18 34.31
HAD1 DHE M . 25.11 11.05 36.18
HAD2 DHE M . 26.07 9.61 35.81
HBD1 DHE M . 23.47 9.96 34.32
HBD2 DHE M . 23.37 9.49 36.01
FE DHE N . -17.81 -1.62 -35.96
CHA DHE N . -20.69 -0.54 -37.61
CHB DHE N . -16.67 1.67 -35.38
CHC DHE N . -14.71 -2.85 -34.79
CHD DHE N . -19.11 -4.90 -35.89
NA DHE N . -18.50 0.17 -36.42
C1A DHE N . -19.77 0.47 -37.06
C2A DHE N . -20.02 1.93 -37.12
C3A DHE N . -18.86 2.58 -36.48
C4A DHE N . -17.96 1.47 -36.06
CMA DHE N . -18.64 4.06 -36.29
CAA DHE N . -21.23 2.61 -37.68
CBA DHE N . -22.39 2.43 -36.71
CGA DHE N . -23.63 3.09 -37.23
O1A DHE N . -24.59 2.38 -37.62
O2A DHE N . -23.66 4.35 -37.25
NB DHE N . -16.03 -0.74 -35.25
C1B DHE N . -15.76 0.56 -35.08
C2B DHE N . -14.40 0.68 -34.54
OMB DHE N . -13.85 1.81 -34.28
C3B DHE N . -13.75 -0.60 -34.30
CGB DHE N . -13.69 -0.78 -32.77
CAB DHE N . -12.43 -0.82 -35.00
CBB DHE N . -12.61 -0.88 -36.48
O1B DHE N . -12.01 -1.78 -37.11
O2B DHE N . -13.33 -0.03 -37.04
C4B DHE N . -14.91 -1.41 -34.83
NC DHE N . -17.07 -3.51 -35.43
C1C DHE N . -15.82 -3.81 -34.99
C2C DHE N . -15.73 -5.24 -34.76
OMC DHE N . -14.66 -5.78 -34.32
C3C DHE N . -16.98 -5.97 -35.01
CGC DHE N . -17.50 -6.38 -33.64
CAC DHE N . -16.89 -7.17 -35.96
CBC DHE N . -16.18 -6.93 -37.24
O1C DHE N . -16.11 -5.76 -37.70
O2C DHE N . -15.69 -7.91 -37.81
C4C DHE N . -17.71 -4.71 -35.47
ND DHE N . -19.58 -2.55 -36.62
C1D DHE N . -19.94 -3.86 -36.54
C2D DHE N . -21.26 -4.19 -37.13
C3D DHE N . -21.73 -2.89 -37.63
C4D DHE N . -20.61 -1.98 -37.27
CMD DHE N . -21.94 -5.51 -37.22
CAD DHE N . -23.03 -2.55 -38.36
CBD DHE N . -24.10 -2.13 -37.35
CGD DHE N . -24.33 -0.65 -37.36
O1D DHE N . -24.87 -0.12 -36.34
O2D DHE N . -24.00 0.01 -38.35
HHA DHE N . -21.45 -0.22 -38.29
HHB DHE N . -16.37 2.67 -35.12
HHC DHE N . -13.73 -3.25 -34.61
HHD DHE N . -19.57 -5.85 -35.69
HMA1 DHE N . -17.72 4.21 -35.80
HMA2 DHE N . -19.43 4.46 -35.70
HMA3 DHE N . -18.63 4.53 -37.24
HAA1 DHE N . -21.48 2.17 -38.66
HAA2 DHE N . -21.02 3.67 -37.84
HBA1 DHE N . -22.13 2.88 -35.74
HBA2 DHE N . -22.58 1.37 -36.56
HGB1 DHE N . -13.12 -1.64 -32.55
HGB2 DHE N . -14.67 -0.90 -32.38
HGB3 DHE N . -13.24 0.07 -32.33
HAB1 DHE N . -11.97 -1.74 -34.65
HAB2 DHE N . -11.75 0.00 -34.75
HGC1 DHE N . -18.47 -6.80 -33.75
HGC2 DHE N . -17.55 -5.54 -33.01
HGC3 DHE N . -16.86 -7.11 -33.22
HAC1 DHE N . -17.91 -7.51 -36.19
HAC2 DHE N . -16.38 -7.99 -35.43
HMD1 DHE N . -22.84 -5.41 -37.77
HMD2 DHE N . -22.15 -5.87 -36.24
HMD3 DHE N . -21.31 -6.20 -37.72
HAD1 DHE N . -23.37 -3.41 -38.93
HAD2 DHE N . -22.85 -1.73 -39.06
HBD1 DHE N . -23.80 -2.45 -36.35
HBD2 DHE N . -25.04 -2.65 -37.59
FE DHE O . -18.51 -39.63 10.81
CHA DHE O . -17.50 -36.78 9.06
CHB DHE O . -20.56 -40.79 8.11
CHC DHE O . -20.09 -41.96 12.94
CHD DHE O . -15.94 -39.21 13.07
NA DHE O . -18.98 -38.91 8.99
C1A DHE O . -18.39 -37.75 8.36
C2A DHE O . -18.79 -37.62 6.93
C3A DHE O . -19.70 -38.78 6.66
C4A DHE O . -19.76 -39.55 7.94
CMA DHE O . -20.39 -39.12 5.37
CAA DHE O . -18.38 -36.54 5.96
CBA DHE O . -16.99 -36.90 5.36
CGA DHE O . -16.57 -35.81 4.38
O1A DHE O . -15.84 -34.85 4.82
O2A DHE O . -16.94 -35.88 3.19
NB DHE O . -20.05 -41.08 10.57
C1B DHE O . -20.74 -41.41 9.44
C2B DHE O . -21.69 -42.49 9.77
OMB DHE O . -22.46 -42.99 8.89
C3B DHE O . -21.59 -42.94 11.16
CGB DHE O . -21.02 -44.39 11.13
CAB DHE O . -22.85 -42.85 11.98
CBB DHE O . -23.20 -41.42 12.27
O1B DHE O . -23.07 -40.57 11.36
O2B DHE O . -23.65 -41.14 13.40
C4B DHE O . -20.53 -41.93 11.53
NC DHE O . -18.08 -40.44 12.64
C1C DHE O . -18.81 -41.34 13.36
C2C DHE O . -18.12 -41.60 14.64
OMC DHE O . -18.55 -42.45 15.48
C3C DHE O . -16.85 -40.87 14.76
CGC DHE O . -15.77 -41.91 14.61
CAC DHE O . -16.64 -40.04 16.03
CBC DHE O . -17.82 -39.31 16.54
O1C DHE O . -18.72 -38.95 15.74
O2C DHE O . -17.84 -39.06 17.77
C4C DHE O . -17.01 -40.14 13.44
ND DHE O . -16.99 -38.25 11.02
C1D DHE O . -16.05 -38.20 11.99
C2D DHE O . -15.11 -37.08 11.90
C3D DHE O . -15.54 -36.36 10.70
C4D DHE O . -16.72 -37.16 10.25
CMD DHE O . -13.99 -36.76 12.83
CAD DHE O . -14.99 -35.11 10.04
CBD DHE O . -13.80 -35.46 9.11
CGD DHE O . -14.23 -35.50 7.66
O1D DHE O . -15.10 -34.70 7.26
O2D DHE O . -13.69 -36.33 6.94
HHA DHE O . -17.42 -35.77 8.68
HHB DHE O . -21.02 -41.23 7.25
HHC DHE O . -20.71 -42.43 13.67
HHD DHE O . -15.01 -39.25 13.63
HMA1 DHE O . -20.91 -40.03 5.47
HMA2 DHE O . -19.67 -39.20 4.60
HMA3 DHE O . -21.07 -38.35 5.13
HAA1 DHE O . -18.32 -35.58 6.48
HAA2 DHE O . -19.11 -36.45 5.17
HBA1 DHE O . -17.04 -37.86 4.85
HBA2 DHE O . -16.24 -36.99 6.16
HGB1 DHE O . -20.92 -44.73 12.12
HGB2 DHE O . -20.08 -44.37 10.66
HGB3 DHE O . -21.68 -45.01 10.60
HAB1 DHE O . -22.71 -43.39 12.93
HAB2 DHE O . -23.68 -43.32 11.44
HGC1 DHE O . -14.82 -41.44 14.58
HGC2 DHE O . -15.92 -42.44 13.70
HGC3 DHE O . -15.81 -42.59 15.42
HAC1 DHE O . -15.83 -39.32 15.85
HAC2 DHE O . -16.30 -40.71 16.83
HMD1 DHE O . -13.52 -35.86 12.53
HMD2 DHE O . -13.28 -37.55 12.82
HMD3 DHE O . -14.38 -36.65 13.82
HAD1 DHE O . -14.65 -34.41 10.82
HAD2 DHE O . -15.78 -34.61 9.47
HBD1 DHE O . -13.39 -36.43 9.39
HBD2 DHE O . -13.01 -34.72 9.23
FE DHE P . 8.35 36.37 -1.11
CHA DHE P . 9.72 39.06 -2.89
CHB DHE P . 6.11 35.57 -3.79
CHC DHE P . 6.80 33.87 0.82
CHD DHE P . 10.75 36.79 1.36
NA DHE P . 7.97 37.17 -2.93
C1A DHE P . 8.67 38.26 -3.55
C2A DHE P . 8.19 38.49 -4.96
C3A DHE P . 7.15 37.46 -5.21
C4A DHE P . 7.05 36.68 -3.95
CMA DHE P . 6.37 37.28 -6.47
CAA DHE P . 8.67 39.52 -5.94
CBA DHE P . 10.01 39.05 -6.58
CGA DHE P . 10.59 40.15 -7.45
O1A DHE P . 11.42 40.94 -6.96
O2A DHE P . 10.24 40.23 -8.67
NB DHE P . 6.76 35.00 -1.43
C1B DHE P . 6.00 34.81 -2.54
C2B DHE P . 5.04 33.75 -2.28
OMB DHE P . 4.19 33.38 -3.15
C3B DHE P . 5.17 33.17 -0.96
CGB DHE P . 5.68 31.73 -1.14
CAB DHE P . 3.92 33.31 -0.08
CBB DHE P . 3.54 34.75 0.17
O1B DHE P . 3.53 35.56 -0.77
O2B DHE P . 3.24 35.09 1.32
C4B DHE P . 6.29 34.08 -0.54
NC DHE P . 8.71 35.50 0.71
C1C DHE P . 7.99 34.52 1.35
C2C DHE P . 8.61 34.23 2.64
OMC DHE P . 8.18 33.34 3.43
C3C DHE P . 9.82 35.01 2.89
CGC DHE P . 10.97 34.02 2.71
CAC DHE P . 9.93 35.73 4.23
CBC DHE P . 8.84 36.72 4.52
O1C DHE P . 7.98 36.98 3.65
O2C DHE P . 8.87 37.25 5.65
C4C DHE P . 9.70 35.79 1.60
ND DHE P . 9.94 37.70 -0.84
C1D DHE P . 10.77 37.73 0.23
C2D DHE P . 11.80 38.77 0.20
C3D DHE P . 11.54 39.47 -1.05
C4D DHE P . 10.37 38.72 -1.62
CMD DHE P . 12.88 39.05 1.23
CAD DHE P . 12.39 40.63 -1.54
CBD DHE P . 11.72 41.55 -2.54
CGD DHE P . 12.17 41.23 -3.96
O1D DHE P . 12.72 40.13 -4.21
O2D DHE P . 11.99 42.07 -4.85
HHA DHE P . 10.02 39.98 -3.39
HHB DHE P . 5.47 35.29 -4.62
HHC DHE P . 6.26 33.19 1.47
HHD DHE P . 11.55 36.85 2.07
HMA1 DHE P . 5.79 36.39 -6.39
HMA2 DHE P . 7.03 37.20 -7.29
HMA3 DHE P . 5.72 38.09 -6.61
HAA1 DHE P . 8.83 40.48 -5.43
HAA2 DHE P . 7.92 39.67 -6.71
HBA1 DHE P . 9.84 38.15 -7.18
HBA2 DHE P . 10.73 38.79 -5.79
HGB1 DHE P . 5.71 31.25 -0.19
HGB2 DHE P . 6.64 31.75 -1.56
HGB3 DHE P . 5.01 31.20 -1.78
HAB1 DHE P . 4.09 32.80 0.87
HAB2 DHE P . 3.08 32.80 -0.57
HGC1 DHE P . 11.88 34.55 2.70
HGC2 DHE P . 10.84 33.50 1.79
HGC3 DHE P . 10.96 33.34 3.52
HAC1 DHE P . 10.89 36.25 4.26
HAC2 DHE P . 9.94 34.99 5.03
HMD1 DHE P . 13.52 39.82 0.87
HMD2 DHE P . 13.43 38.17 1.40
HMD3 DHE P . 12.42 39.36 2.13
HAD1 DHE P . 13.29 40.22 -2.00
HAD2 DHE P . 12.69 41.22 -0.67
HBD1 DHE P . 11.96 42.59 -2.30
HBD2 DHE P . 10.63 41.43 -2.47
#